data_8DEV
#
_entry.id   8DEV
#
_cell.length_a   1.00
_cell.length_b   1.00
_cell.length_c   1.00
_cell.angle_alpha   90.00
_cell.angle_beta   90.00
_cell.angle_gamma   90.00
#
_symmetry.space_group_name_H-M   'P 1'
#
loop_
_entity.id
_entity.type
_entity.pdbx_description
1 polymer 'Efflux pump membrane transporter'
2 polymer Colistin
3 non-polymer PHOSPHATIDYLETHANOLAMINE
#
loop_
_entity_poly.entity_id
_entity_poly.type
_entity_poly.pdbx_seq_one_letter_code
_entity_poly.pdbx_strand_id
1 'polypeptide(L)'
;MAKFFIDRPIFAWVISIFIIAAGIFGIKSLPVSQYPSVAAPTITLHAIYPGASAQVMEGSVLSVIERNMNGVEGLDYMST
SADSSGSGSVSLTFTPDTDENLAQVEVQNKLSEVLSTLPATVQQYGVTVSKARSNFLMIVMLSSDVQSTEEMNDYAQRNV
VPELQRIEGVGQVRLFGAQRAMRIWVDPKKLQNYNLSFADVGSALSAQNIQISAGSIGSLPAVRGQTVTATVTAQGQLGT
AEEFGNVILRANTDGSNIYLKDVAKVGLGMEDYSSSTRLNGVNTTGMAVMLSNSGNAMATAKAVKERLAVLEKYFPQGMS
WKTPYDTSKFVEISIEKVIHTLIEAMVLVFVVMYLFLQNIRYTLIPTIVVPISLLGGFAFISYMGMSINVLTMFAMILVI
GIVVDDAIVVVENVERIMAGEGLPPKEATKKAMGQISGAVIGITAVLISVFVPLAMFSGAAGNIYKQFALTMASSIAFSA
FLALTLTPALCATMLKTIPKGHHEEKKGFFGWFNKKFDSWTHGYEGRVAKVLRKTFRMMVVYIGLAVVGVFLFMRLPTSF
LPTEDQGFVMVSVQLPAGATKERTDATLAQVTQLAKSIPEIENIITVSGFSFSGSGQNMAMGFAILKDWNERTASGSDAV
AVAGKLTGMMMGTLKDGFGIAVVPPPILELGNGSGLSINLQDRNNTGHTALLAKRNELIQKMRASGLFDPSTVRAGGLED
SPQLKIDINRAAAAAQGVSFADIRTALASALSSSYVSDFPNQGRLQRVMVQADGDARMQPADILNLTVPNSSGIAVPLSS
IATVSWQMGTEQSVRFNGYPAMELSGSPATGVSTGQAMEAVQKMVDELGSGYSLEWGGQSREEAKGGSQTIALYALAAVA
VFLVLAALYESWSIPLAVLLVMPLGLAGAAAGVTGRNLFEGLLGSVPSFANDIYFQVGFVTVMGLSAKNAILIIEFAKDL
QAQGKSAVEAALEAARLRFRPIIMTSFAFILGVVPLYIAGGASSASQRAIGTTVFWGMLIGTLLSVFLVPLFYVVVRKFF
KETAHE
;
A,B,C
2 'polypeptide(L)' (RE6)(DAB)T(DAB)(DAB)(DAB)(DLE)L(DAB)(DAB)T D
#
loop_
_chem_comp.id
_chem_comp.type
_chem_comp.name
_chem_comp.formula
PTY non-polymer PHOSPHATIDYLETHANOLAMINE 'C40 H80 N O8 P'
RE6 non-polymer '(5R)-5-methylheptanoic acid' 'C8 H16 O2'
#
# COMPACT_ATOMS: atom_id res chain seq x y z
N MET A 1 -44.03 -4.86 8.03
CA MET A 1 -43.16 -5.30 6.95
C MET A 1 -43.86 -6.34 6.08
N ALA A 2 -44.72 -7.16 6.70
CA ALA A 2 -45.48 -8.15 5.96
C ALA A 2 -46.81 -7.62 5.45
N LYS A 3 -47.33 -6.54 6.05
CA LYS A 3 -48.59 -5.96 5.58
C LYS A 3 -48.38 -4.91 4.51
N PHE A 4 -47.22 -4.25 4.49
CA PHE A 4 -46.94 -3.28 3.43
C PHE A 4 -46.83 -3.96 2.08
N PHE A 5 -46.22 -5.15 2.04
CA PHE A 5 -45.99 -5.87 0.79
C PHE A 5 -47.15 -6.77 0.39
N ILE A 6 -48.21 -6.86 1.20
CA ILE A 6 -49.32 -7.71 0.83
C ILE A 6 -50.27 -7.01 -0.13
N ASP A 7 -50.54 -5.73 0.09
CA ASP A 7 -51.37 -4.93 -0.81
C ASP A 7 -50.55 -4.23 -1.88
N ARG A 8 -49.24 -4.44 -1.92
CA ARG A 8 -48.36 -3.91 -2.95
C ARG A 8 -47.56 -5.10 -3.51
N PRO A 9 -48.20 -5.95 -4.29
CA PRO A 9 -47.55 -7.20 -4.72
C PRO A 9 -46.54 -7.01 -5.84
N ILE A 10 -46.14 -5.77 -6.11
CA ILE A 10 -45.20 -5.53 -7.19
C ILE A 10 -43.88 -4.98 -6.64
N PHE A 11 -43.92 -4.37 -5.47
CA PHE A 11 -42.66 -4.05 -4.78
C PHE A 11 -41.86 -5.31 -4.51
N ALA A 12 -42.53 -6.37 -4.06
CA ALA A 12 -41.84 -7.63 -3.81
C ALA A 12 -41.20 -8.17 -5.07
N TRP A 13 -41.93 -8.11 -6.19
CA TRP A 13 -41.38 -8.61 -7.44
C TRP A 13 -40.18 -7.79 -7.89
N VAL A 14 -40.27 -6.46 -7.76
CA VAL A 14 -39.16 -5.61 -8.17
C VAL A 14 -37.92 -5.90 -7.32
N ILE A 15 -38.11 -6.03 -6.00
CA ILE A 15 -36.98 -6.31 -5.12
C ILE A 15 -36.37 -7.67 -5.45
N SER A 16 -37.21 -8.67 -5.68
CA SER A 16 -36.68 -10.00 -6.00
C SER A 16 -35.92 -9.97 -7.31
N ILE A 17 -36.42 -9.24 -8.31
CA ILE A 17 -35.72 -9.15 -9.58
C ILE A 17 -34.37 -8.45 -9.41
N PHE A 18 -34.33 -7.40 -8.58
CA PHE A 18 -33.06 -6.74 -8.33
C PHE A 18 -32.07 -7.68 -7.64
N ILE A 19 -32.57 -8.49 -6.69
CA ILE A 19 -31.69 -9.45 -6.02
C ILE A 19 -31.17 -10.49 -7.01
N ILE A 20 -32.02 -10.94 -7.93
CA ILE A 20 -31.58 -11.90 -8.93
C ILE A 20 -30.51 -11.30 -9.82
N ALA A 21 -30.70 -10.04 -10.23
CA ALA A 21 -29.70 -9.38 -11.07
C ALA A 21 -28.38 -9.24 -10.33
N ALA A 22 -28.43 -8.86 -9.06
CA ALA A 22 -27.20 -8.76 -8.28
C ALA A 22 -26.51 -10.11 -8.15
N GLY A 23 -27.29 -11.18 -7.94
CA GLY A 23 -26.70 -12.50 -7.86
C GLY A 23 -26.03 -12.93 -9.15
N ILE A 24 -26.66 -12.63 -10.29
CA ILE A 24 -26.04 -12.97 -11.56
C ILE A 24 -24.75 -12.18 -11.76
N PHE A 25 -24.77 -10.88 -11.45
CA PHE A 25 -23.55 -10.09 -11.59
C PHE A 25 -22.45 -10.61 -10.68
N GLY A 26 -22.80 -11.08 -9.48
CA GLY A 26 -21.83 -11.68 -8.59
C GLY A 26 -21.26 -12.98 -9.14
N ILE A 27 -22.13 -13.82 -9.70
CA ILE A 27 -21.67 -15.06 -10.29
C ILE A 27 -20.69 -14.79 -11.42
N LYS A 28 -20.96 -13.79 -12.24
CA LYS A 28 -20.06 -13.47 -13.35
C LYS A 28 -18.68 -13.08 -12.85
N SER A 29 -18.63 -12.25 -11.81
CA SER A 29 -17.37 -11.73 -11.27
C SER A 29 -16.92 -12.51 -10.04
N LEU A 30 -16.59 -13.78 -10.23
CA LEU A 30 -16.05 -14.61 -9.15
C LEU A 30 -14.98 -15.55 -9.70
N PRO A 31 -13.83 -15.66 -9.05
CA PRO A 31 -12.84 -16.66 -9.45
C PRO A 31 -13.20 -18.04 -8.92
N VAL A 32 -12.92 -19.05 -9.73
CA VAL A 32 -13.24 -20.43 -9.40
C VAL A 32 -11.97 -21.14 -8.96
N SER A 33 -12.04 -21.86 -7.85
CA SER A 33 -10.92 -22.63 -7.35
C SER A 33 -11.48 -23.88 -6.65
N GLN A 34 -10.61 -24.59 -5.94
CA GLN A 34 -11.00 -25.80 -5.23
C GLN A 34 -11.03 -25.63 -3.72
N TYR A 35 -10.06 -24.94 -3.14
CA TYR A 35 -10.04 -24.61 -1.73
C TYR A 35 -9.61 -23.16 -1.56
N PRO A 36 -10.01 -22.51 -0.46
CA PRO A 36 -9.53 -21.15 -0.17
C PRO A 36 -8.05 -21.18 0.19
N SER A 37 -7.31 -20.20 -0.31
CA SER A 37 -5.87 -20.16 -0.08
C SER A 37 -5.55 -20.10 1.41
N VAL A 38 -4.63 -20.95 1.85
CA VAL A 38 -4.22 -21.00 3.25
C VAL A 38 -2.71 -20.97 3.35
N ALA A 39 -2.04 -20.45 2.32
CA ALA A 39 -0.59 -20.42 2.27
C ALA A 39 -0.05 -19.07 2.73
N ALA A 40 1.26 -19.04 2.98
CA ALA A 40 1.94 -17.85 3.44
C ALA A 40 2.96 -17.37 2.40
N PRO A 41 3.28 -16.08 2.38
CA PRO A 41 4.21 -15.55 1.39
C PRO A 41 5.61 -16.11 1.60
N THR A 42 6.41 -16.06 0.53
CA THR A 42 7.78 -16.55 0.59
C THR A 42 8.59 -15.83 -0.48
N ILE A 43 9.75 -15.29 -0.08
CA ILE A 43 10.64 -14.57 -0.97
C ILE A 43 11.94 -15.37 -1.07
N THR A 44 12.38 -15.64 -2.30
CA THR A 44 13.55 -16.48 -2.53
C THR A 44 14.59 -15.71 -3.32
N LEU A 45 15.85 -15.87 -2.93
CA LEU A 45 16.99 -15.25 -3.61
C LEU A 45 17.86 -16.34 -4.20
N HIS A 46 18.19 -16.21 -5.47
CA HIS A 46 18.99 -17.21 -6.19
C HIS A 46 20.34 -16.62 -6.56
N ALA A 47 21.39 -17.42 -6.37
CA ALA A 47 22.75 -17.00 -6.70
C ALA A 47 23.44 -18.11 -7.48
N ILE A 48 24.34 -17.70 -8.37
CA ILE A 48 25.08 -18.64 -9.23
C ILE A 48 26.56 -18.36 -9.07
N TYR A 49 27.33 -19.40 -8.80
CA TYR A 49 28.78 -19.30 -8.62
C TYR A 49 29.40 -20.59 -9.13
N PRO A 50 29.58 -20.72 -10.44
CA PRO A 50 29.93 -22.02 -11.01
C PRO A 50 31.29 -22.51 -10.51
N GLY A 51 31.39 -23.83 -10.34
CA GLY A 51 32.61 -24.47 -9.91
C GLY A 51 32.80 -24.57 -8.42
N ALA A 52 31.91 -23.97 -7.63
CA ALA A 52 32.05 -23.96 -6.18
C ALA A 52 31.38 -25.18 -5.57
N SER A 53 31.96 -25.68 -4.49
CA SER A 53 31.36 -26.78 -3.75
C SER A 53 30.28 -26.23 -2.81
N ALA A 54 29.61 -27.12 -2.08
CA ALA A 54 28.56 -26.67 -1.17
C ALA A 54 29.12 -25.80 -0.06
N GLN A 55 30.27 -26.20 0.51
CA GLN A 55 30.86 -25.44 1.61
C GLN A 55 31.28 -24.05 1.15
N VAL A 56 31.99 -23.97 0.03
CA VAL A 56 32.47 -22.68 -0.45
C VAL A 56 31.31 -21.76 -0.79
N MET A 57 30.35 -22.25 -1.58
CA MET A 57 29.18 -21.45 -1.92
C MET A 57 28.47 -20.98 -0.68
N GLU A 58 28.16 -21.91 0.23
CA GLU A 58 27.45 -21.54 1.46
C GLU A 58 28.19 -20.43 2.18
N GLY A 59 29.41 -20.73 2.65
CA GLY A 59 30.12 -19.82 3.52
C GLY A 59 30.59 -18.54 2.87
N SER A 60 30.60 -18.47 1.54
CA SER A 60 31.06 -17.27 0.88
C SER A 60 29.95 -16.40 0.32
N VAL A 61 28.75 -16.95 0.10
CA VAL A 61 27.65 -16.20 -0.48
C VAL A 61 26.41 -16.25 0.41
N LEU A 62 25.95 -17.46 0.75
CA LEU A 62 24.62 -17.60 1.32
C LEU A 62 24.56 -17.08 2.74
N SER A 63 25.54 -17.45 3.57
CA SER A 63 25.57 -16.96 4.94
C SER A 63 25.73 -15.44 4.97
N VAL A 64 26.59 -14.91 4.10
CA VAL A 64 26.80 -13.47 4.05
C VAL A 64 25.51 -12.74 3.69
N ILE A 65 24.78 -13.27 2.70
CA ILE A 65 23.53 -12.63 2.30
C ILE A 65 22.50 -12.74 3.42
N GLU A 66 22.43 -13.89 4.08
CA GLU A 66 21.35 -14.11 5.04
C GLU A 66 21.59 -13.36 6.35
N ARG A 67 22.85 -13.15 6.73
CA ARG A 67 23.12 -12.44 7.97
C ARG A 67 22.57 -11.02 7.96
N ASN A 68 22.43 -10.41 6.78
CA ASN A 68 21.96 -9.03 6.68
C ASN A 68 20.45 -8.91 6.60
N MET A 69 19.74 -10.03 6.46
CA MET A 69 18.27 -10.01 6.40
C MET A 69 17.62 -10.15 7.76
N ASN A 70 18.41 -10.34 8.82
CA ASN A 70 17.86 -10.45 10.17
C ASN A 70 17.13 -9.16 10.54
N GLY A 71 15.82 -9.24 10.65
CA GLY A 71 15.02 -8.08 11.01
C GLY A 71 14.35 -7.46 9.80
N VAL A 72 13.09 -7.82 9.60
CA VAL A 72 12.26 -7.32 8.52
C VAL A 72 10.81 -7.51 8.96
N GLU A 73 9.99 -6.49 8.77
CA GLU A 73 8.62 -6.52 9.30
C GLU A 73 7.87 -7.74 8.77
N GLY A 74 7.55 -8.68 9.67
CA GLY A 74 6.75 -9.84 9.31
C GLY A 74 7.53 -11.12 9.09
N LEU A 75 8.84 -11.13 9.30
CA LEU A 75 9.63 -12.33 9.06
C LEU A 75 9.29 -13.41 10.08
N ASP A 76 9.04 -14.63 9.60
CA ASP A 76 8.74 -15.76 10.47
C ASP A 76 9.96 -16.65 10.68
N TYR A 77 10.56 -17.14 9.60
CA TYR A 77 11.79 -17.91 9.69
C TYR A 77 12.45 -17.91 8.31
N MET A 78 13.70 -18.38 8.26
CA MET A 78 14.44 -18.37 7.02
C MET A 78 15.35 -19.60 6.96
N SER A 79 15.76 -19.96 5.76
CA SER A 79 16.58 -21.15 5.54
C SER A 79 17.50 -20.93 4.36
N THR A 80 18.57 -21.72 4.31
CA THR A 80 19.57 -21.65 3.26
C THR A 80 19.86 -23.05 2.75
N SER A 81 19.97 -23.21 1.44
CA SER A 81 20.22 -24.50 0.81
C SER A 81 21.33 -24.35 -0.21
N ALA A 82 22.27 -25.29 -0.20
CA ALA A 82 23.40 -25.26 -1.12
C ALA A 82 23.78 -26.68 -1.49
N ASP A 83 24.14 -26.87 -2.76
CA ASP A 83 24.55 -28.17 -3.27
C ASP A 83 25.70 -27.97 -4.25
N SER A 84 26.37 -29.06 -4.59
CA SER A 84 27.55 -29.01 -5.45
C SER A 84 27.21 -28.79 -6.91
N SER A 85 25.95 -28.49 -7.23
CA SER A 85 25.58 -28.23 -8.62
C SER A 85 26.12 -26.90 -9.13
N GLY A 86 26.45 -25.98 -8.24
CA GLY A 86 26.96 -24.67 -8.62
C GLY A 86 26.04 -23.51 -8.31
N SER A 87 24.90 -23.76 -7.67
CA SER A 87 23.95 -22.70 -7.35
C SER A 87 23.31 -22.96 -5.99
N GLY A 88 22.83 -21.88 -5.36
CA GLY A 88 22.19 -21.98 -4.07
C GLY A 88 21.12 -20.92 -3.93
N SER A 89 20.32 -21.05 -2.87
CA SER A 89 19.18 -20.19 -2.66
C SER A 89 19.03 -19.86 -1.18
N VAL A 90 18.36 -18.75 -0.90
CA VAL A 90 18.01 -18.32 0.45
C VAL A 90 16.52 -18.03 0.47
N SER A 91 15.80 -18.63 1.40
CA SER A 91 14.34 -18.54 1.45
C SER A 91 13.89 -17.82 2.71
N LEU A 92 12.89 -16.95 2.56
CA LEU A 92 12.32 -16.18 3.65
C LEU A 92 10.82 -16.41 3.67
N THR A 93 10.29 -16.81 4.84
CA THR A 93 8.86 -17.06 5.00
C THR A 93 8.27 -16.03 5.96
N PHE A 94 7.18 -15.40 5.54
CA PHE A 94 6.56 -14.33 6.30
C PHE A 94 5.25 -14.80 6.92
N THR A 95 4.69 -13.95 7.78
CA THR A 95 3.42 -14.25 8.40
C THR A 95 2.29 -14.18 7.39
N PRO A 96 1.17 -14.83 7.67
CA PRO A 96 0.09 -14.94 6.66
C PRO A 96 -0.50 -13.61 6.23
N ASP A 97 -0.40 -12.56 7.05
CA ASP A 97 -1.06 -11.29 6.80
C ASP A 97 -0.06 -10.18 6.46
N THR A 98 0.93 -10.51 5.64
CA THR A 98 1.98 -9.57 5.27
C THR A 98 1.87 -9.23 3.79
N ASP A 99 2.05 -7.96 3.46
CA ASP A 99 2.04 -7.51 2.07
C ASP A 99 3.36 -7.87 1.41
N GLU A 100 3.29 -8.50 0.24
CA GLU A 100 4.51 -8.97 -0.41
C GLU A 100 5.31 -7.84 -1.06
N ASN A 101 4.66 -6.80 -1.55
CA ASN A 101 5.38 -5.74 -2.26
C ASN A 101 6.33 -4.99 -1.33
N LEU A 102 5.83 -4.59 -0.16
CA LEU A 102 6.69 -3.90 0.81
C LEU A 102 7.80 -4.81 1.30
N ALA A 103 7.48 -6.09 1.51
CA ALA A 103 8.51 -7.05 1.92
C ALA A 103 9.61 -7.16 0.88
N GLN A 104 9.23 -7.22 -0.41
CA GLN A 104 10.22 -7.27 -1.47
C GLN A 104 11.04 -5.99 -1.53
N VAL A 105 10.41 -4.83 -1.29
CA VAL A 105 11.17 -3.58 -1.26
C VAL A 105 12.23 -3.63 -0.17
N GLU A 106 11.84 -4.06 1.03
CA GLU A 106 12.80 -4.15 2.12
C GLU A 106 13.91 -5.15 1.81
N VAL A 107 13.55 -6.29 1.21
CA VAL A 107 14.55 -7.29 0.86
C VAL A 107 15.54 -6.73 -0.16
N GLN A 108 15.05 -6.01 -1.16
CA GLN A 108 15.94 -5.41 -2.14
C GLN A 108 16.87 -4.39 -1.49
N ASN A 109 16.33 -3.57 -0.59
CA ASN A 109 17.17 -2.59 0.10
C ASN A 109 18.27 -3.28 0.89
N LYS A 110 17.92 -4.36 1.61
CA LYS A 110 18.92 -5.08 2.38
C LYS A 110 19.96 -5.75 1.48
N LEU A 111 19.54 -6.26 0.32
CA LEU A 111 20.46 -6.91 -0.59
C LEU A 111 21.42 -5.92 -1.24
N SER A 112 20.94 -4.72 -1.57
CA SER A 112 21.80 -3.76 -2.26
C SER A 112 23.01 -3.34 -1.44
N GLU A 113 23.01 -3.59 -0.13
CA GLU A 113 24.10 -3.17 0.72
C GLU A 113 25.23 -4.19 0.80
N VAL A 114 25.06 -5.38 0.22
CA VAL A 114 26.07 -6.42 0.31
C VAL A 114 26.58 -6.90 -1.05
N LEU A 115 25.98 -6.46 -2.16
CA LEU A 115 26.44 -6.92 -3.47
C LEU A 115 27.90 -6.61 -3.70
N SER A 116 28.42 -5.54 -3.11
CA SER A 116 29.80 -5.15 -3.34
C SER A 116 30.81 -6.06 -2.66
N THR A 117 30.37 -6.94 -1.76
CA THR A 117 31.28 -7.78 -1.01
C THR A 117 31.28 -9.24 -1.48
N LEU A 118 30.36 -9.61 -2.36
CA LEU A 118 30.33 -10.97 -2.88
C LEU A 118 31.43 -11.18 -3.92
N PRO A 119 31.80 -12.44 -4.19
CA PRO A 119 32.87 -12.70 -5.15
C PRO A 119 32.61 -12.06 -6.51
N ALA A 120 33.66 -11.95 -7.33
CA ALA A 120 33.51 -11.30 -8.62
C ALA A 120 32.56 -12.06 -9.53
N THR A 121 32.66 -13.39 -9.56
CA THR A 121 31.82 -14.19 -10.44
C THR A 121 30.35 -14.05 -10.08
N VAL A 122 30.03 -14.05 -8.78
CA VAL A 122 28.64 -13.91 -8.37
C VAL A 122 28.07 -12.59 -8.84
N GLN A 123 28.83 -11.50 -8.72
CA GLN A 123 28.38 -10.22 -9.23
C GLN A 123 28.23 -10.25 -10.75
N GLN A 124 29.15 -10.94 -11.44
CA GLN A 124 29.11 -11.01 -12.89
C GLN A 124 27.82 -11.68 -13.35
N TYR A 125 27.42 -12.74 -12.66
CA TYR A 125 26.19 -13.44 -13.02
C TYR A 125 24.94 -12.77 -12.46
N GLY A 126 25.06 -12.08 -11.32
CA GLY A 126 23.92 -11.37 -10.76
C GLY A 126 23.11 -12.20 -9.78
N VAL A 127 22.33 -11.53 -8.94
CA VAL A 127 21.48 -12.17 -7.94
C VAL A 127 20.04 -11.83 -8.24
N THR A 128 19.18 -12.83 -8.29
CA THR A 128 17.79 -12.68 -8.66
C THR A 128 16.88 -12.91 -7.45
N VAL A 129 15.75 -12.22 -7.44
CA VAL A 129 14.75 -12.33 -6.38
C VAL A 129 13.42 -12.70 -7.01
N SER A 130 12.71 -13.64 -6.39
CA SER A 130 11.43 -14.08 -6.92
C SER A 130 10.48 -14.39 -5.77
N LYS A 131 9.18 -14.32 -6.07
CA LYS A 131 8.13 -14.67 -5.10
C LYS A 131 7.08 -15.47 -5.86
N ALA A 132 7.22 -16.79 -5.85
CA ALA A 132 6.30 -17.66 -6.57
C ALA A 132 6.24 -19.01 -5.87
N ARG A 133 5.24 -19.80 -6.25
CA ARG A 133 5.09 -21.14 -5.70
C ARG A 133 6.15 -22.08 -6.26
N SER A 134 6.34 -23.21 -5.58
CA SER A 134 7.39 -24.16 -5.93
C SER A 134 6.86 -25.41 -6.60
N ASN A 135 5.56 -25.50 -6.87
CA ASN A 135 4.98 -26.65 -7.53
C ASN A 135 4.49 -26.25 -8.92
N PHE A 136 4.79 -27.09 -9.91
CA PHE A 136 4.51 -26.76 -11.30
C PHE A 136 3.00 -26.70 -11.55
N LEU A 137 2.57 -25.64 -12.21
CA LEU A 137 1.18 -25.54 -12.66
C LEU A 137 0.94 -26.41 -13.89
N MET A 138 1.91 -26.48 -14.79
CA MET A 138 1.77 -27.23 -16.03
C MET A 138 3.13 -27.31 -16.70
N ILE A 139 3.25 -28.21 -17.67
CA ILE A 139 4.47 -28.40 -18.44
C ILE A 139 4.09 -28.42 -19.91
N VAL A 140 4.78 -27.63 -20.73
CA VAL A 140 4.51 -27.53 -22.16
C VAL A 140 5.73 -28.05 -22.92
N MET A 141 5.50 -28.97 -23.85
CA MET A 141 6.57 -29.54 -24.65
C MET A 141 6.55 -28.93 -26.05
N LEU A 142 7.68 -29.07 -26.76
CA LEU A 142 7.85 -28.48 -28.08
C LEU A 142 8.47 -29.50 -29.03
N SER A 143 7.91 -30.71 -29.07
CA SER A 143 8.48 -31.77 -29.88
C SER A 143 8.46 -31.39 -31.37
N SER A 144 9.49 -31.83 -32.08
CA SER A 144 9.59 -31.63 -33.53
C SER A 144 10.39 -32.80 -34.10
N ASP A 145 10.70 -32.72 -35.39
CA ASP A 145 11.36 -33.84 -36.05
C ASP A 145 12.53 -33.45 -36.94
N VAL A 146 12.74 -32.18 -37.25
CA VAL A 146 13.84 -31.75 -38.11
C VAL A 146 14.87 -30.91 -37.38
N GLN A 147 14.63 -30.53 -36.13
CA GLN A 147 15.58 -29.78 -35.34
C GLN A 147 15.97 -30.58 -34.10
N SER A 148 17.24 -30.45 -33.72
CA SER A 148 17.71 -31.07 -32.48
C SER A 148 17.12 -30.34 -31.28
N THR A 149 17.45 -30.81 -30.08
CA THR A 149 16.94 -30.18 -28.88
C THR A 149 17.64 -28.87 -28.56
N GLU A 150 18.88 -28.68 -29.00
CA GLU A 150 19.56 -27.40 -28.79
C GLU A 150 18.88 -26.29 -29.58
N GLU A 151 18.53 -26.56 -30.84
CA GLU A 151 17.85 -25.56 -31.64
C GLU A 151 16.49 -25.19 -31.04
N MET A 152 15.73 -26.19 -30.61
CA MET A 152 14.43 -25.90 -30.04
C MET A 152 14.55 -25.21 -28.69
N ASN A 153 15.58 -25.53 -27.91
CA ASN A 153 15.81 -24.80 -26.67
C ASN A 153 16.10 -23.33 -26.95
N ASP A 154 16.94 -23.06 -27.94
CA ASP A 154 17.23 -21.67 -28.29
C ASP A 154 15.97 -20.95 -28.75
N TYR A 155 15.17 -21.61 -29.59
CA TYR A 155 13.95 -20.98 -30.09
C TYR A 155 12.99 -20.69 -28.95
N ALA A 156 12.82 -21.65 -28.03
CA ALA A 156 11.93 -21.45 -26.90
C ALA A 156 12.40 -20.30 -26.02
N GLN A 157 13.71 -20.21 -25.79
CA GLN A 157 14.23 -19.11 -25.00
C GLN A 157 13.99 -17.77 -25.69
N ARG A 158 14.17 -17.72 -27.01
CA ARG A 158 14.06 -16.45 -27.74
C ARG A 158 12.61 -15.99 -27.86
N ASN A 159 11.70 -16.89 -28.22
CA ASN A 159 10.38 -16.49 -28.69
C ASN A 159 9.22 -16.88 -27.78
N VAL A 160 9.32 -17.98 -27.05
CA VAL A 160 8.19 -18.51 -26.30
C VAL A 160 8.22 -18.05 -24.85
N VAL A 161 9.38 -18.18 -24.18
CA VAL A 161 9.45 -17.86 -22.75
C VAL A 161 9.06 -16.42 -22.47
N PRO A 162 9.58 -15.41 -23.17
CA PRO A 162 9.16 -14.03 -22.88
C PRO A 162 7.66 -13.81 -22.99
N GLU A 163 7.02 -14.45 -23.97
CA GLU A 163 5.58 -14.28 -24.14
C GLU A 163 4.79 -14.85 -22.96
N LEU A 164 5.22 -16.01 -22.45
CA LEU A 164 4.47 -16.68 -21.41
C LEU A 164 4.60 -16.01 -20.06
N GLN A 165 5.70 -15.30 -19.82
CA GLN A 165 5.99 -14.79 -18.48
C GLN A 165 5.55 -13.34 -18.28
N ARG A 166 4.88 -12.73 -19.26
CA ARG A 166 4.15 -11.50 -19.01
C ARG A 166 2.64 -11.73 -19.15
N ILE A 167 2.19 -12.93 -18.84
CA ILE A 167 0.78 -13.26 -18.70
C ILE A 167 0.36 -12.98 -17.27
N GLU A 168 -0.92 -12.66 -17.09
CA GLU A 168 -1.43 -12.29 -15.78
C GLU A 168 -1.49 -13.53 -14.89
N GLY A 169 -0.77 -13.50 -13.78
CA GLY A 169 -0.78 -14.58 -12.81
C GLY A 169 0.42 -15.50 -12.86
N VAL A 170 1.21 -15.47 -13.91
CA VAL A 170 2.38 -16.33 -14.02
C VAL A 170 3.50 -15.77 -13.15
N GLY A 171 4.05 -16.63 -12.29
CA GLY A 171 5.08 -16.19 -11.36
C GLY A 171 6.48 -16.54 -11.79
N GLN A 172 6.63 -17.58 -12.60
CA GLN A 172 7.94 -17.98 -13.08
C GLN A 172 7.78 -19.09 -14.12
N VAL A 173 8.69 -19.10 -15.09
CA VAL A 173 8.74 -20.16 -16.10
C VAL A 173 10.15 -20.71 -16.13
N ARG A 174 10.28 -22.03 -16.04
CA ARG A 174 11.57 -22.70 -15.97
C ARG A 174 11.77 -23.54 -17.23
N LEU A 175 12.86 -23.30 -17.93
CA LEU A 175 13.21 -24.09 -19.11
C LEU A 175 14.22 -25.16 -18.72
N PHE A 176 13.87 -26.42 -18.98
CA PHE A 176 14.77 -27.54 -18.70
C PHE A 176 15.79 -27.62 -19.84
N GLY A 177 16.73 -26.68 -19.82
CA GLY A 177 17.73 -26.60 -20.86
C GLY A 177 18.59 -25.37 -20.71
N ALA A 178 18.98 -24.80 -21.84
CA ALA A 178 19.79 -23.59 -21.83
C ALA A 178 19.91 -23.06 -23.25
N GLN A 179 20.02 -21.74 -23.37
CA GLN A 179 20.16 -21.10 -24.66
C GLN A 179 21.54 -21.40 -25.24
N ARG A 180 21.78 -20.91 -26.45
CA ARG A 180 23.01 -21.21 -27.17
C ARG A 180 24.17 -20.40 -26.62
N ALA A 181 25.38 -20.85 -26.94
CA ALA A 181 26.60 -20.16 -26.56
C ALA A 181 27.73 -20.68 -27.43
N MET A 182 28.82 -19.91 -27.49
CA MET A 182 30.01 -20.30 -28.25
C MET A 182 30.96 -21.00 -27.29
N ARG A 183 31.09 -22.32 -27.45
CA ARG A 183 31.89 -23.15 -26.57
C ARG A 183 33.25 -23.40 -27.18
N ILE A 184 34.30 -23.24 -26.37
CA ILE A 184 35.68 -23.45 -26.79
C ILE A 184 36.28 -24.53 -25.90
N TRP A 185 36.82 -25.58 -26.53
CA TRP A 185 37.38 -26.73 -25.81
C TRP A 185 38.88 -26.77 -26.04
N VAL A 186 39.64 -26.40 -25.02
CA VAL A 186 41.10 -26.30 -25.12
C VAL A 186 41.72 -27.64 -24.78
N ASP A 187 42.80 -27.99 -25.50
CA ASP A 187 43.53 -29.22 -25.26
C ASP A 187 44.80 -28.89 -24.49
N PRO A 188 44.90 -29.25 -23.20
CA PRO A 188 46.09 -28.86 -22.44
C PRO A 188 47.38 -29.46 -22.95
N LYS A 189 47.32 -30.57 -23.69
CA LYS A 189 48.54 -31.18 -24.22
C LYS A 189 49.10 -30.42 -25.41
N LYS A 190 48.34 -29.48 -25.98
CA LYS A 190 48.83 -28.65 -27.08
C LYS A 190 49.29 -27.27 -26.61
N LEU A 191 48.83 -26.81 -25.45
CA LEU A 191 49.34 -25.59 -24.87
C LEU A 191 50.78 -25.73 -24.40
N GLN A 192 51.31 -26.94 -24.33
CA GLN A 192 52.70 -27.17 -23.95
C GLN A 192 53.64 -27.18 -25.14
N ASN A 193 53.22 -27.75 -26.27
CA ASN A 193 54.03 -27.73 -27.47
C ASN A 193 54.26 -26.32 -27.99
N TYR A 194 53.44 -25.35 -27.56
CA TYR A 194 53.61 -23.95 -27.92
C TYR A 194 53.92 -23.06 -26.72
N ASN A 195 53.84 -23.57 -25.50
CA ASN A 195 54.16 -22.80 -24.30
C ASN A 195 53.14 -21.68 -24.07
N LEU A 196 51.87 -22.03 -24.17
CA LEU A 196 50.77 -21.10 -23.93
C LEU A 196 50.08 -21.46 -22.61
N SER A 197 48.99 -20.75 -22.31
CA SER A 197 48.24 -21.01 -21.08
C SER A 197 46.82 -20.51 -21.26
N PHE A 198 45.95 -20.92 -20.33
CA PHE A 198 44.55 -20.53 -20.41
C PHE A 198 44.38 -19.01 -20.36
N ALA A 199 45.20 -18.34 -19.55
CA ALA A 199 45.11 -16.89 -19.45
C ALA A 199 45.40 -16.22 -20.79
N ASP A 200 46.34 -16.78 -21.56
CA ASP A 200 46.61 -16.24 -22.90
C ASP A 200 45.37 -16.35 -23.78
N VAL A 201 44.69 -17.49 -23.74
CA VAL A 201 43.49 -17.67 -24.55
C VAL A 201 42.43 -16.67 -24.14
N GLY A 202 42.21 -16.51 -22.83
CA GLY A 202 41.21 -15.57 -22.36
C GLY A 202 41.52 -14.14 -22.78
N SER A 203 42.78 -13.72 -22.61
CA SER A 203 43.16 -12.37 -22.98
C SER A 203 43.00 -12.13 -24.48
N ALA A 204 43.42 -13.11 -25.29
CA ALA A 204 43.27 -12.96 -26.73
C ALA A 204 41.81 -12.84 -27.13
N LEU A 205 40.94 -13.66 -26.53
CA LEU A 205 39.52 -13.56 -26.83
C LEU A 205 38.95 -12.22 -26.41
N SER A 206 39.37 -11.69 -25.26
CA SER A 206 38.83 -10.42 -24.78
C SER A 206 39.42 -9.21 -25.49
N ALA A 207 40.55 -9.36 -26.17
CA ALA A 207 41.21 -8.23 -26.83
C ALA A 207 41.01 -8.23 -28.34
N GLN A 208 40.11 -9.06 -28.85
CA GLN A 208 39.84 -9.10 -30.27
C GLN A 208 38.36 -9.23 -30.59
N ASN A 209 37.48 -9.22 -29.59
CA ASN A 209 36.03 -9.32 -29.77
C ASN A 209 35.35 -8.16 -29.06
N ILE A 210 35.86 -6.96 -29.29
CA ILE A 210 35.40 -5.76 -28.61
C ILE A 210 34.62 -4.89 -29.58
N GLN A 211 33.73 -4.08 -29.03
CA GLN A 211 32.83 -3.24 -29.81
C GLN A 211 33.39 -1.81 -29.90
N ILE A 212 33.20 -1.18 -31.05
CA ILE A 212 33.81 0.11 -31.36
C ILE A 212 32.70 1.14 -31.57
N SER A 213 32.87 2.30 -30.94
CA SER A 213 31.97 3.45 -31.11
C SER A 213 32.80 4.58 -31.71
N ALA A 214 32.63 4.81 -33.01
CA ALA A 214 33.50 5.75 -33.72
C ALA A 214 33.11 7.20 -33.44
N GLY A 215 31.90 7.59 -33.82
CA GLY A 215 31.46 8.96 -33.65
C GLY A 215 30.75 9.51 -34.86
N SER A 216 31.10 10.71 -35.29
CA SER A 216 30.50 11.32 -36.46
C SER A 216 31.49 12.31 -37.06
N ILE A 217 31.51 12.39 -38.39
CA ILE A 217 32.38 13.31 -39.09
C ILE A 217 31.61 14.61 -39.29
N GLY A 218 32.22 15.73 -38.91
CA GLY A 218 31.52 17.00 -38.88
C GLY A 218 30.66 17.10 -37.64
N SER A 219 31.29 16.93 -36.48
CA SER A 219 30.56 16.87 -35.22
C SER A 219 29.95 18.24 -34.91
N LEU A 220 29.30 18.33 -33.76
CA LEU A 220 28.40 19.44 -33.49
C LEU A 220 29.10 20.76 -33.22
N PRO A 221 29.98 20.85 -32.23
CA PRO A 221 30.70 22.11 -32.02
C PRO A 221 31.70 22.35 -33.14
N ALA A 222 31.19 22.58 -34.34
CA ALA A 222 31.98 22.54 -35.55
C ALA A 222 32.38 23.94 -36.01
N VAL A 223 33.30 23.98 -36.97
CA VAL A 223 33.73 25.24 -37.55
C VAL A 223 32.66 25.78 -38.49
N ARG A 224 32.77 27.06 -38.80
CA ARG A 224 31.80 27.72 -39.67
C ARG A 224 32.05 27.34 -41.12
N GLY A 225 30.97 27.12 -41.86
CA GLY A 225 31.06 26.70 -43.25
C GLY A 225 30.84 25.22 -43.50
N GLN A 226 30.52 24.45 -42.46
CA GLN A 226 30.26 23.02 -42.60
C GLN A 226 28.88 22.82 -43.21
N THR A 227 28.77 21.82 -44.10
CA THR A 227 27.51 21.59 -44.80
C THR A 227 27.09 20.13 -44.84
N VAL A 228 27.81 19.21 -44.22
CA VAL A 228 27.49 17.79 -44.25
C VAL A 228 27.81 17.17 -42.90
N THR A 229 27.17 16.03 -42.63
CA THR A 229 27.40 15.27 -41.42
C THR A 229 27.17 13.80 -41.72
N ALA A 230 28.10 12.95 -41.29
CA ALA A 230 28.04 11.53 -41.59
C ALA A 230 28.41 10.72 -40.35
N THR A 231 27.67 9.64 -40.11
CA THR A 231 28.00 8.74 -39.03
C THR A 231 29.08 7.75 -39.47
N VAL A 232 29.93 7.37 -38.52
CA VAL A 232 31.03 6.45 -38.80
C VAL A 232 30.80 5.16 -38.03
N THR A 233 31.05 4.03 -38.69
CA THR A 233 30.76 2.73 -38.11
C THR A 233 31.88 1.76 -38.44
N ALA A 234 32.28 0.96 -37.45
CA ALA A 234 33.21 -0.15 -37.64
C ALA A 234 32.72 -1.34 -36.82
N GLN A 235 32.86 -2.54 -37.38
CA GLN A 235 32.34 -3.74 -36.71
C GLN A 235 33.31 -4.24 -35.64
N GLY A 236 34.48 -4.69 -36.05
CA GLY A 236 35.49 -5.12 -35.08
C GLY A 236 34.99 -6.13 -34.08
N GLN A 237 34.12 -7.05 -34.50
CA GLN A 237 33.54 -8.03 -33.60
C GLN A 237 33.25 -9.31 -34.38
N LEU A 238 33.30 -10.43 -33.67
CA LEU A 238 33.23 -11.76 -34.28
C LEU A 238 31.85 -12.37 -34.08
N GLY A 239 31.41 -13.13 -35.09
CA GLY A 239 30.08 -13.71 -35.03
C GLY A 239 29.93 -15.12 -35.56
N THR A 240 31.02 -15.75 -36.01
CA THR A 240 30.94 -17.09 -36.59
C THR A 240 32.08 -17.94 -36.06
N ALA A 241 31.91 -19.26 -36.20
CA ALA A 241 32.88 -20.20 -35.66
C ALA A 241 34.24 -20.07 -36.35
N GLU A 242 34.26 -19.86 -37.66
CA GLU A 242 35.53 -19.73 -38.38
C GLU A 242 36.29 -18.50 -37.91
N GLU A 243 35.58 -17.38 -37.75
CA GLU A 243 36.21 -16.15 -37.28
C GLU A 243 36.84 -16.35 -35.91
N PHE A 244 36.13 -17.02 -35.01
CA PHE A 244 36.71 -17.33 -33.71
C PHE A 244 37.91 -18.26 -33.83
N GLY A 245 37.83 -19.24 -34.72
CA GLY A 245 38.94 -20.16 -34.92
C GLY A 245 40.17 -19.49 -35.48
N ASN A 246 40.03 -18.34 -36.13
CA ASN A 246 41.17 -17.64 -36.72
C ASN A 246 41.72 -16.54 -35.81
N VAL A 247 41.45 -16.60 -34.51
CA VAL A 247 42.03 -15.63 -33.59
C VAL A 247 43.52 -15.89 -33.44
N ILE A 248 44.27 -14.83 -33.18
CA ILE A 248 45.73 -14.89 -33.09
C ILE A 248 46.14 -14.90 -31.62
N LEU A 249 47.01 -15.83 -31.27
CA LEU A 249 47.56 -15.90 -29.91
C LEU A 249 49.03 -15.53 -29.83
N ARG A 250 49.79 -15.71 -30.90
CA ARG A 250 51.21 -15.39 -30.87
C ARG A 250 51.71 -15.02 -32.27
N ALA A 251 52.09 -13.75 -32.44
CA ALA A 251 52.52 -13.25 -33.74
C ALA A 251 53.80 -13.93 -34.22
N ASN A 252 54.89 -13.74 -33.46
CA ASN A 252 56.24 -14.25 -33.72
C ASN A 252 56.83 -13.60 -34.96
N THR A 253 58.16 -13.58 -35.05
CA THR A 253 58.82 -12.84 -36.13
C THR A 253 58.79 -13.62 -37.44
N ASP A 254 58.84 -14.96 -37.37
CA ASP A 254 58.93 -15.75 -38.58
C ASP A 254 57.74 -15.51 -39.51
N GLY A 255 56.64 -15.00 -38.96
CA GLY A 255 55.42 -14.79 -39.73
C GLY A 255 54.44 -15.94 -39.69
N SER A 256 54.78 -17.05 -39.06
CA SER A 256 53.86 -18.17 -38.88
C SER A 256 53.12 -17.98 -37.56
N ASN A 257 51.95 -17.36 -37.66
CA ASN A 257 51.13 -17.05 -36.49
C ASN A 257 50.53 -18.31 -35.87
N ILE A 258 50.14 -18.22 -34.61
CA ILE A 258 49.50 -19.31 -33.89
C ILE A 258 48.04 -18.91 -33.69
N TYR A 259 47.13 -19.62 -34.33
CA TYR A 259 45.71 -19.29 -34.29
C TYR A 259 45.06 -19.95 -33.09
N LEU A 260 43.74 -19.78 -32.96
CA LEU A 260 42.98 -20.45 -31.91
C LEU A 260 42.47 -21.81 -32.34
N LYS A 261 42.41 -22.07 -33.64
CA LYS A 261 42.02 -23.38 -34.14
C LYS A 261 43.13 -24.40 -34.04
N ASP A 262 44.34 -23.98 -33.69
CA ASP A 262 45.47 -24.88 -33.58
C ASP A 262 45.57 -25.56 -32.22
N VAL A 263 44.99 -24.96 -31.17
CA VAL A 263 45.09 -25.53 -29.84
C VAL A 263 43.71 -25.62 -29.18
N ALA A 264 42.66 -25.68 -30.00
CA ALA A 264 41.31 -25.71 -29.45
C ALA A 264 40.34 -26.17 -30.52
N LYS A 265 39.10 -26.42 -30.09
CA LYS A 265 38.01 -26.80 -30.97
C LYS A 265 36.81 -25.94 -30.61
N VAL A 266 36.31 -25.18 -31.58
CA VAL A 266 35.33 -24.13 -31.33
C VAL A 266 34.06 -24.41 -32.13
N GLY A 267 32.92 -24.30 -31.47
CA GLY A 267 31.64 -24.49 -32.14
C GLY A 267 30.51 -24.06 -31.23
N LEU A 268 29.32 -23.95 -31.82
CA LEU A 268 28.14 -23.55 -31.08
C LEU A 268 27.68 -24.66 -30.16
N GLY A 269 27.18 -24.28 -28.98
CA GLY A 269 26.67 -25.24 -28.03
C GLY A 269 25.89 -24.58 -26.91
N MET A 270 25.28 -25.39 -26.05
CA MET A 270 24.53 -24.86 -24.92
C MET A 270 25.47 -24.25 -23.89
N GLU A 271 24.96 -23.28 -23.15
CA GLU A 271 25.75 -22.64 -22.11
C GLU A 271 25.72 -23.40 -20.79
N ASP A 272 24.88 -24.41 -20.66
CA ASP A 272 24.77 -25.16 -19.41
C ASP A 272 24.17 -26.51 -19.74
N TYR A 273 24.96 -27.56 -19.62
CA TYR A 273 24.52 -28.94 -19.91
C TYR A 273 24.02 -29.62 -18.65
N SER A 274 23.07 -29.02 -17.93
CA SER A 274 22.68 -29.52 -16.61
C SER A 274 21.48 -30.48 -16.67
N SER A 275 20.34 -29.99 -17.14
CA SER A 275 19.09 -30.74 -17.07
C SER A 275 18.63 -31.18 -18.45
N SER A 276 17.64 -32.07 -18.45
CA SER A 276 17.12 -32.66 -19.67
C SER A 276 15.66 -33.05 -19.44
N THR A 277 14.98 -33.42 -20.53
CA THR A 277 13.58 -33.79 -20.46
C THR A 277 13.26 -34.82 -21.53
N ARG A 278 12.28 -35.67 -21.22
CA ARG A 278 11.81 -36.69 -22.14
C ARG A 278 10.30 -36.83 -22.00
N LEU A 279 9.65 -37.24 -23.09
CA LEU A 279 8.20 -37.48 -23.09
C LEU A 279 7.96 -38.83 -23.74
N ASN A 280 7.64 -39.84 -22.92
CA ASN A 280 7.36 -41.19 -23.38
C ASN A 280 8.58 -41.88 -23.95
N GLY A 281 9.78 -41.35 -23.69
CA GLY A 281 11.02 -41.96 -24.12
C GLY A 281 11.81 -41.10 -25.12
N VAL A 282 11.13 -40.26 -25.88
CA VAL A 282 11.78 -39.44 -26.89
C VAL A 282 12.13 -38.09 -26.30
N ASN A 283 13.28 -37.56 -26.69
CA ASN A 283 13.71 -36.26 -26.19
C ASN A 283 12.80 -35.15 -26.72
N THR A 284 12.50 -34.18 -25.85
CA THR A 284 11.69 -33.04 -26.22
C THR A 284 12.22 -31.82 -25.47
N THR A 285 11.57 -30.68 -25.71
CA THR A 285 11.88 -29.43 -25.02
C THR A 285 10.70 -29.07 -24.13
N GLY A 286 10.96 -28.90 -22.84
CA GLY A 286 9.91 -28.62 -21.89
C GLY A 286 10.25 -27.44 -21.01
N MET A 287 9.22 -26.77 -20.52
CA MET A 287 9.37 -25.61 -19.66
C MET A 287 8.23 -25.58 -18.67
N ALA A 288 8.55 -25.59 -17.38
CA ALA A 288 7.56 -25.68 -16.32
C ALA A 288 7.08 -24.29 -15.93
N VAL A 289 5.77 -24.13 -15.81
CA VAL A 289 5.15 -22.87 -15.42
C VAL A 289 4.71 -22.99 -13.96
N MET A 290 5.14 -22.04 -13.13
CA MET A 290 4.76 -22.01 -11.73
C MET A 290 3.91 -20.79 -11.45
N LEU A 291 2.83 -21.00 -10.71
CA LEU A 291 1.92 -19.92 -10.38
C LEU A 291 2.60 -18.92 -9.45
N SER A 292 1.88 -17.86 -9.10
CA SER A 292 2.38 -16.85 -8.19
C SER A 292 1.38 -16.66 -7.06
N ASN A 293 1.87 -16.17 -5.93
CA ASN A 293 1.01 -15.91 -4.78
C ASN A 293 -0.12 -14.98 -5.19
N SER A 294 -1.35 -15.34 -4.82
CA SER A 294 -2.54 -14.56 -5.18
C SER A 294 -2.80 -14.65 -6.68
N GLY A 295 -2.75 -15.85 -7.22
CA GLY A 295 -3.05 -16.07 -8.62
C GLY A 295 -3.95 -17.27 -8.79
N ASN A 296 -4.87 -17.17 -9.75
CA ASN A 296 -5.81 -18.24 -10.04
C ASN A 296 -5.18 -19.26 -10.97
N ALA A 297 -5.66 -20.50 -10.87
CA ALA A 297 -5.13 -21.59 -11.69
C ALA A 297 -5.87 -21.75 -13.00
N MET A 298 -7.20 -21.81 -12.97
CA MET A 298 -7.96 -22.01 -14.20
C MET A 298 -7.76 -20.85 -15.17
N ALA A 299 -7.81 -19.62 -14.67
CA ALA A 299 -7.62 -18.46 -15.54
C ALA A 299 -6.22 -18.45 -16.12
N THR A 300 -5.21 -18.74 -15.31
CA THR A 300 -3.84 -18.76 -15.80
C THR A 300 -3.65 -19.81 -16.87
N ALA A 301 -4.17 -21.02 -16.64
CA ALA A 301 -4.03 -22.08 -17.63
C ALA A 301 -4.74 -21.73 -18.92
N LYS A 302 -5.95 -21.17 -18.83
CA LYS A 302 -6.68 -20.76 -20.02
C LYS A 302 -5.90 -19.72 -20.81
N ALA A 303 -5.36 -18.72 -20.11
CA ALA A 303 -4.58 -17.68 -20.78
C ALA A 303 -3.34 -18.27 -21.46
N VAL A 304 -2.64 -19.17 -20.77
CA VAL A 304 -1.44 -19.77 -21.34
C VAL A 304 -1.79 -20.54 -22.60
N LYS A 305 -2.85 -21.34 -22.56
CA LYS A 305 -3.22 -22.13 -23.73
C LYS A 305 -3.66 -21.24 -24.89
N GLU A 306 -4.40 -20.18 -24.61
CA GLU A 306 -4.82 -19.27 -25.68
C GLU A 306 -3.60 -18.58 -26.31
N ARG A 307 -2.66 -18.12 -25.48
CA ARG A 307 -1.48 -17.47 -26.02
C ARG A 307 -0.64 -18.45 -26.85
N LEU A 308 -0.53 -19.70 -26.39
CA LEU A 308 0.20 -20.69 -27.18
C LEU A 308 -0.48 -20.95 -28.52
N ALA A 309 -1.82 -21.02 -28.51
CA ALA A 309 -2.53 -21.19 -29.78
C ALA A 309 -2.29 -20.03 -30.72
N VAL A 310 -2.23 -18.81 -30.18
CA VAL A 310 -1.91 -17.65 -31.02
C VAL A 310 -0.49 -17.76 -31.58
N LEU A 311 0.47 -18.12 -30.72
CA LEU A 311 1.87 -18.18 -31.14
C LEU A 311 2.12 -19.27 -32.16
N GLU A 312 1.33 -20.35 -32.13
CA GLU A 312 1.58 -21.47 -33.03
C GLU A 312 1.72 -21.07 -34.49
N LYS A 313 1.25 -19.88 -34.86
CA LYS A 313 1.27 -19.48 -36.27
C LYS A 313 2.68 -19.25 -36.79
N TYR A 314 3.59 -18.75 -35.94
CA TYR A 314 4.92 -18.37 -36.36
C TYR A 314 5.97 -19.43 -36.06
N PHE A 315 5.56 -20.64 -35.69
CA PHE A 315 6.51 -21.70 -35.40
C PHE A 315 7.29 -22.04 -36.67
N PRO A 316 8.51 -22.54 -36.55
CA PRO A 316 9.24 -22.97 -37.74
C PRO A 316 8.57 -24.16 -38.40
N GLN A 317 9.14 -24.65 -39.49
CA GLN A 317 8.52 -25.72 -40.27
C GLN A 317 8.87 -27.07 -39.65
N GLY A 318 8.00 -27.56 -38.78
CA GLY A 318 8.15 -28.91 -38.28
C GLY A 318 7.81 -29.15 -36.83
N MET A 319 7.77 -28.11 -35.99
CA MET A 319 7.57 -28.30 -34.57
C MET A 319 6.13 -28.03 -34.18
N SER A 320 5.69 -28.71 -33.13
CA SER A 320 4.35 -28.59 -32.57
C SER A 320 4.46 -28.45 -31.06
N TRP A 321 3.33 -28.15 -30.42
CA TRP A 321 3.27 -27.97 -28.99
C TRP A 321 2.18 -28.86 -28.39
N LYS A 322 2.34 -29.18 -27.11
CA LYS A 322 1.34 -29.93 -26.37
C LYS A 322 1.58 -29.71 -24.88
N THR A 323 0.51 -29.88 -24.09
CA THR A 323 0.58 -29.70 -22.64
C THR A 323 0.05 -30.98 -21.98
N PRO A 324 0.89 -32.00 -21.79
CA PRO A 324 0.38 -33.27 -21.26
C PRO A 324 0.10 -33.27 -19.77
N TYR A 325 0.73 -32.37 -19.00
CA TYR A 325 0.52 -32.30 -17.57
C TYR A 325 -0.10 -30.94 -17.23
N ASP A 326 -1.35 -30.96 -16.78
CA ASP A 326 -2.07 -29.75 -16.45
C ASP A 326 -2.94 -30.02 -15.23
N THR A 327 -2.94 -29.10 -14.27
CA THR A 327 -3.58 -29.32 -12.98
C THR A 327 -4.92 -28.60 -12.84
N SER A 328 -5.48 -28.06 -13.93
CA SER A 328 -6.77 -27.40 -13.86
C SER A 328 -7.93 -28.29 -14.30
N LYS A 329 -7.64 -29.37 -15.03
CA LYS A 329 -8.70 -30.26 -15.47
C LYS A 329 -9.44 -30.86 -14.28
N PHE A 330 -8.72 -31.23 -13.23
CA PHE A 330 -9.36 -31.78 -12.04
C PHE A 330 -10.30 -30.78 -11.41
N VAL A 331 -9.88 -29.52 -11.32
CA VAL A 331 -10.73 -28.49 -10.73
C VAL A 331 -12.00 -28.33 -11.55
N GLU A 332 -11.86 -28.26 -12.87
CA GLU A 332 -13.02 -28.10 -13.73
C GLU A 332 -14.00 -29.26 -13.55
N ILE A 333 -13.49 -30.49 -13.56
CA ILE A 333 -14.36 -31.65 -13.44
C ILE A 333 -15.03 -31.69 -12.08
N SER A 334 -14.30 -31.34 -11.02
CA SER A 334 -14.89 -31.32 -9.69
C SER A 334 -16.04 -30.33 -9.62
N ILE A 335 -15.85 -29.13 -10.18
CA ILE A 335 -16.92 -28.14 -10.15
C ILE A 335 -18.13 -28.63 -10.93
N GLU A 336 -17.89 -29.24 -12.10
CA GLU A 336 -19.02 -29.73 -12.89
C GLU A 336 -19.81 -30.79 -12.12
N LYS A 337 -19.10 -31.73 -11.50
CA LYS A 337 -19.79 -32.77 -10.74
C LYS A 337 -20.56 -32.20 -9.55
N VAL A 338 -19.99 -31.20 -8.87
CA VAL A 338 -20.69 -30.59 -7.74
C VAL A 338 -21.98 -29.94 -8.23
N ILE A 339 -21.92 -29.24 -9.36
CA ILE A 339 -23.13 -28.59 -9.87
C ILE A 339 -24.18 -29.62 -10.27
N HIS A 340 -23.76 -30.73 -10.87
CA HIS A 340 -24.71 -31.78 -11.22
C HIS A 340 -25.38 -32.33 -9.97
N THR A 341 -24.61 -32.55 -8.90
CA THR A 341 -25.18 -33.02 -7.64
C THR A 341 -26.17 -32.01 -7.09
N LEU A 342 -25.86 -30.72 -7.21
CA LEU A 342 -26.78 -29.68 -6.76
C LEU A 342 -28.11 -29.77 -7.49
N ILE A 343 -28.05 -29.94 -8.81
CA ILE A 343 -29.29 -30.05 -9.60
C ILE A 343 -30.09 -31.27 -9.16
N GLU A 344 -29.42 -32.40 -8.98
CA GLU A 344 -30.12 -33.62 -8.56
C GLU A 344 -30.80 -33.40 -7.20
N ALA A 345 -30.09 -32.76 -6.28
CA ALA A 345 -30.66 -32.53 -4.96
C ALA A 345 -31.90 -31.64 -5.03
N MET A 346 -31.84 -30.58 -5.84
CA MET A 346 -33.02 -29.72 -5.98
C MET A 346 -34.20 -30.50 -6.53
N VAL A 347 -33.96 -31.33 -7.55
CA VAL A 347 -35.06 -32.09 -8.14
C VAL A 347 -35.67 -33.03 -7.11
N LEU A 348 -34.82 -33.74 -6.35
CA LEU A 348 -35.34 -34.67 -5.35
C LEU A 348 -36.15 -33.95 -4.30
N VAL A 349 -35.66 -32.80 -3.82
CA VAL A 349 -36.40 -32.05 -2.81
C VAL A 349 -37.74 -31.60 -3.35
N PHE A 350 -37.78 -31.11 -4.59
CA PHE A 350 -39.05 -30.70 -5.19
C PHE A 350 -40.04 -31.85 -5.22
N VAL A 351 -39.59 -33.02 -5.67
CA VAL A 351 -40.50 -34.16 -5.76
C VAL A 351 -41.01 -34.56 -4.39
N VAL A 352 -40.14 -34.61 -3.39
CA VAL A 352 -40.58 -35.02 -2.07
C VAL A 352 -41.56 -34.02 -1.49
N MET A 353 -41.32 -32.72 -1.69
CA MET A 353 -42.25 -31.71 -1.21
C MET A 353 -43.61 -31.84 -1.88
N TYR A 354 -43.61 -32.07 -3.20
CA TYR A 354 -44.88 -32.28 -3.90
C TYR A 354 -45.64 -33.46 -3.34
N LEU A 355 -44.92 -34.54 -3.01
CA LEU A 355 -45.60 -35.73 -2.49
C LEU A 355 -46.47 -35.37 -1.29
N PHE A 356 -45.91 -34.69 -0.30
CA PHE A 356 -46.64 -34.39 0.92
C PHE A 356 -47.69 -33.30 0.69
N LEU A 357 -47.31 -32.23 -0.02
CA LEU A 357 -48.27 -31.17 -0.29
C LEU A 357 -49.42 -31.67 -1.16
N GLN A 358 -49.14 -32.56 -2.11
CA GLN A 358 -50.16 -33.18 -2.94
C GLN A 358 -50.88 -32.14 -3.80
N ASN A 359 -50.11 -31.22 -4.37
CA ASN A 359 -50.63 -30.30 -5.37
C ASN A 359 -49.47 -29.56 -6.00
N ILE A 360 -49.74 -28.91 -7.12
CA ILE A 360 -48.70 -28.23 -7.90
C ILE A 360 -48.63 -26.74 -7.59
N ARG A 361 -49.79 -26.09 -7.51
CA ARG A 361 -49.81 -24.64 -7.30
C ARG A 361 -49.16 -24.28 -5.97
N TYR A 362 -49.43 -25.07 -4.92
CA TYR A 362 -48.80 -24.80 -3.63
C TYR A 362 -47.30 -25.01 -3.70
N THR A 363 -46.86 -26.06 -4.39
CA THR A 363 -45.43 -26.33 -4.52
C THR A 363 -44.72 -25.29 -5.39
N LEU A 364 -45.47 -24.51 -6.16
CA LEU A 364 -44.83 -23.49 -6.98
C LEU A 364 -44.17 -22.40 -6.13
N ILE A 365 -44.54 -22.31 -4.86
CA ILE A 365 -43.97 -21.26 -4.00
C ILE A 365 -42.50 -21.55 -3.66
N PRO A 366 -42.17 -22.64 -2.96
CA PRO A 366 -40.75 -22.89 -2.64
C PRO A 366 -39.87 -23.00 -3.87
N THR A 367 -40.41 -23.56 -4.96
CA THR A 367 -39.72 -23.68 -6.22
C THR A 367 -39.33 -22.32 -6.79
N ILE A 368 -40.03 -21.26 -6.40
CA ILE A 368 -39.66 -19.90 -6.79
C ILE A 368 -38.85 -19.21 -5.70
N VAL A 369 -38.93 -19.66 -4.45
CA VAL A 369 -38.25 -18.98 -3.36
C VAL A 369 -36.80 -19.41 -3.17
N VAL A 370 -36.49 -20.70 -3.32
CA VAL A 370 -35.14 -21.17 -2.99
C VAL A 370 -34.08 -20.57 -3.92
N PRO A 371 -34.28 -20.56 -5.24
CA PRO A 371 -33.23 -20.02 -6.11
C PRO A 371 -32.88 -18.58 -5.83
N ILE A 372 -33.87 -17.77 -5.41
CA ILE A 372 -33.58 -16.37 -5.09
C ILE A 372 -32.67 -16.28 -3.87
N SER A 373 -32.91 -17.13 -2.88
CA SER A 373 -32.02 -17.17 -1.72
C SER A 373 -30.61 -17.59 -2.12
N LEU A 374 -30.49 -18.57 -3.00
CA LEU A 374 -29.17 -19.01 -3.42
C LEU A 374 -28.46 -17.88 -4.13
N LEU A 375 -29.17 -17.15 -4.99
CA LEU A 375 -28.58 -16.02 -5.70
C LEU A 375 -28.16 -14.91 -4.74
N GLY A 376 -28.96 -14.66 -3.71
CA GLY A 376 -28.60 -13.66 -2.72
C GLY A 376 -27.31 -14.07 -2.04
N GLY A 377 -27.19 -15.33 -1.67
CA GLY A 377 -25.95 -15.82 -1.09
C GLY A 377 -24.77 -15.63 -2.03
N PHE A 378 -24.99 -15.90 -3.32
CA PHE A 378 -23.94 -15.68 -4.31
C PHE A 378 -23.49 -14.23 -4.31
N ALA A 379 -24.44 -13.30 -4.32
CA ALA A 379 -24.11 -11.88 -4.33
C ALA A 379 -23.33 -11.49 -3.08
N PHE A 380 -23.78 -11.97 -1.92
CA PHE A 380 -23.08 -11.62 -0.68
C PHE A 380 -21.66 -12.15 -0.68
N ILE A 381 -21.46 -13.40 -1.09
CA ILE A 381 -20.10 -13.93 -1.11
C ILE A 381 -19.23 -13.22 -2.13
N SER A 382 -19.79 -12.83 -3.27
CA SER A 382 -19.03 -12.06 -4.24
C SER A 382 -18.60 -10.71 -3.68
N TYR A 383 -19.50 -10.03 -2.98
CA TYR A 383 -19.17 -8.73 -2.42
C TYR A 383 -18.02 -8.83 -1.42
N MET A 384 -18.06 -9.85 -0.56
CA MET A 384 -17.04 -9.99 0.49
C MET A 384 -15.66 -10.27 -0.07
N GLY A 385 -15.57 -10.69 -1.33
CA GLY A 385 -14.28 -11.00 -1.91
C GLY A 385 -13.82 -12.42 -1.69
N MET A 386 -14.67 -13.37 -2.04
CA MET A 386 -14.38 -14.79 -1.92
C MET A 386 -14.32 -15.44 -3.30
N SER A 387 -14.18 -16.76 -3.32
CA SER A 387 -14.13 -17.49 -4.58
C SER A 387 -15.20 -18.58 -4.61
N ILE A 388 -15.21 -19.39 -5.65
CA ILE A 388 -16.15 -20.50 -5.80
C ILE A 388 -15.35 -21.78 -5.61
N ASN A 389 -15.38 -22.33 -4.40
CA ASN A 389 -14.65 -23.55 -4.07
C ASN A 389 -15.66 -24.65 -3.70
N VAL A 390 -15.13 -25.81 -3.31
CA VAL A 390 -16.00 -26.96 -3.09
C VAL A 390 -16.86 -26.81 -1.84
N LEU A 391 -16.49 -25.95 -0.90
CA LEU A 391 -17.29 -25.84 0.32
C LEU A 391 -18.43 -24.84 0.17
N THR A 392 -18.20 -23.75 -0.55
CA THR A 392 -19.30 -22.84 -0.83
C THR A 392 -20.38 -23.48 -1.68
N MET A 393 -20.18 -24.72 -2.13
CA MET A 393 -21.19 -25.49 -2.84
C MET A 393 -21.93 -26.46 -1.93
N PHE A 394 -21.22 -27.14 -1.03
CA PHE A 394 -21.90 -27.95 -0.03
C PHE A 394 -22.77 -27.08 0.87
N ALA A 395 -22.31 -25.88 1.18
CA ALA A 395 -23.12 -24.96 1.96
C ALA A 395 -24.46 -24.70 1.27
N MET A 396 -24.42 -24.46 -0.04
CA MET A 396 -25.66 -24.25 -0.78
C MET A 396 -26.52 -25.50 -0.80
N ILE A 397 -25.88 -26.66 -0.96
CA ILE A 397 -26.63 -27.92 -1.02
C ILE A 397 -27.41 -28.15 0.27
N LEU A 398 -26.85 -27.75 1.41
CA LEU A 398 -27.57 -27.91 2.68
C LEU A 398 -28.58 -26.78 2.93
N VAL A 399 -28.20 -25.55 2.62
CA VAL A 399 -29.10 -24.43 2.79
C VAL A 399 -30.35 -24.62 1.93
N ILE A 400 -30.26 -25.38 0.84
CA ILE A 400 -31.46 -25.66 0.05
C ILE A 400 -32.54 -26.26 0.93
N GLY A 401 -32.21 -27.37 1.60
CA GLY A 401 -33.19 -28.01 2.47
C GLY A 401 -33.62 -27.11 3.60
N ILE A 402 -32.67 -26.41 4.22
CA ILE A 402 -33.03 -25.56 5.36
C ILE A 402 -34.05 -24.49 4.93
N VAL A 403 -33.77 -23.79 3.83
CA VAL A 403 -34.64 -22.71 3.38
C VAL A 403 -35.97 -23.24 2.87
N VAL A 404 -35.95 -24.38 2.19
CA VAL A 404 -37.21 -24.95 1.72
C VAL A 404 -38.11 -25.24 2.90
N ASP A 405 -37.55 -25.79 3.98
CA ASP A 405 -38.33 -25.99 5.20
C ASP A 405 -38.84 -24.65 5.75
N ASP A 406 -37.97 -23.64 5.74
CA ASP A 406 -38.36 -22.34 6.30
C ASP A 406 -39.59 -21.77 5.61
N ALA A 407 -39.62 -21.83 4.28
CA ALA A 407 -40.79 -21.34 3.55
C ALA A 407 -41.97 -22.29 3.62
N ILE A 408 -41.70 -23.59 3.65
CA ILE A 408 -42.77 -24.59 3.71
C ILE A 408 -43.57 -24.44 4.99
N VAL A 409 -42.93 -23.98 6.08
CA VAL A 409 -43.68 -23.82 7.32
C VAL A 409 -44.85 -22.87 7.12
N VAL A 410 -44.59 -21.69 6.55
CA VAL A 410 -45.66 -20.71 6.35
C VAL A 410 -46.63 -21.17 5.28
N VAL A 411 -46.12 -21.77 4.19
CA VAL A 411 -47.05 -22.20 3.15
C VAL A 411 -47.99 -23.27 3.69
N GLU A 412 -47.48 -24.24 4.44
CA GLU A 412 -48.32 -25.26 5.05
C GLU A 412 -49.27 -24.66 6.06
N ASN A 413 -48.81 -23.69 6.86
CA ASN A 413 -49.71 -23.02 7.79
C ASN A 413 -50.92 -22.46 7.06
N VAL A 414 -50.66 -21.68 6.00
CA VAL A 414 -51.76 -21.03 5.30
C VAL A 414 -52.65 -22.07 4.63
N GLU A 415 -52.05 -23.09 4.00
CA GLU A 415 -52.84 -24.06 3.26
C GLU A 415 -53.70 -24.92 4.18
N ARG A 416 -53.13 -25.36 5.30
CA ARG A 416 -53.90 -26.16 6.26
C ARG A 416 -54.99 -25.33 6.92
N ILE A 417 -54.73 -24.05 7.22
CA ILE A 417 -55.80 -23.20 7.73
C ILE A 417 -56.89 -23.01 6.69
N MET A 418 -56.52 -22.91 5.40
CA MET A 418 -57.53 -22.83 4.34
C MET A 418 -58.35 -24.11 4.27
N ALA A 419 -57.69 -25.26 4.39
CA ALA A 419 -58.40 -26.53 4.33
C ALA A 419 -59.32 -26.71 5.53
N GLY A 420 -58.93 -26.19 6.69
CA GLY A 420 -59.77 -26.28 7.87
C GLY A 420 -60.92 -25.31 7.86
N GLU A 421 -60.63 -24.01 7.88
CA GLU A 421 -61.66 -22.97 7.82
C GLU A 421 -61.80 -22.41 6.41
N GLY A 422 -60.72 -21.89 5.84
CA GLY A 422 -60.75 -21.40 4.48
C GLY A 422 -61.21 -19.96 4.32
N LEU A 423 -60.55 -19.04 4.99
CA LEU A 423 -60.83 -17.62 4.84
C LEU A 423 -60.20 -17.10 3.56
N PRO A 424 -60.61 -15.92 3.10
CA PRO A 424 -60.02 -15.35 1.89
C PRO A 424 -58.52 -15.20 2.05
N PRO A 425 -57.75 -15.33 0.96
CA PRO A 425 -56.29 -15.37 1.10
C PRO A 425 -55.70 -14.19 1.82
N LYS A 426 -56.22 -12.98 1.61
CA LYS A 426 -55.61 -11.79 2.19
C LYS A 426 -55.61 -11.84 3.71
N GLU A 427 -56.78 -12.06 4.31
CA GLU A 427 -56.88 -12.06 5.77
C GLU A 427 -56.10 -13.21 6.39
N ALA A 428 -56.18 -14.40 5.78
CA ALA A 428 -55.43 -15.53 6.30
C ALA A 428 -53.93 -15.25 6.28
N THR A 429 -53.44 -14.70 5.16
CA THR A 429 -52.02 -14.37 5.07
C THR A 429 -51.63 -13.32 6.09
N LYS A 430 -52.46 -12.29 6.26
CA LYS A 430 -52.14 -11.23 7.21
C LYS A 430 -52.08 -11.77 8.64
N LYS A 431 -53.06 -12.59 9.02
CA LYS A 431 -53.04 -13.16 10.37
C LYS A 431 -51.83 -14.08 10.55
N ALA A 432 -51.52 -14.90 9.55
CA ALA A 432 -50.37 -15.79 9.65
C ALA A 432 -49.09 -14.99 9.86
N MET A 433 -48.91 -13.93 9.08
CA MET A 433 -47.71 -13.11 9.22
C MET A 433 -47.66 -12.47 10.61
N GLY A 434 -48.78 -11.90 11.05
CA GLY A 434 -48.79 -11.24 12.35
C GLY A 434 -48.48 -12.20 13.48
N GLN A 435 -48.88 -13.46 13.34
CA GLN A 435 -48.63 -14.43 14.40
C GLN A 435 -47.26 -15.09 14.29
N ILE A 436 -46.65 -15.14 13.11
CA ILE A 436 -45.42 -15.90 12.92
C ILE A 436 -44.19 -15.03 12.71
N SER A 437 -44.34 -13.70 12.70
CA SER A 437 -43.17 -12.85 12.56
C SER A 437 -42.14 -13.13 13.66
N GLY A 438 -42.62 -13.20 14.91
CA GLY A 438 -41.71 -13.45 16.02
C GLY A 438 -41.05 -14.82 15.92
N ALA A 439 -41.81 -15.83 15.54
CA ALA A 439 -41.25 -17.18 15.43
C ALA A 439 -40.16 -17.22 14.37
N VAL A 440 -40.41 -16.60 13.21
CA VAL A 440 -39.40 -16.60 12.16
C VAL A 440 -38.16 -15.84 12.58
N ILE A 441 -38.35 -14.69 13.25
CA ILE A 441 -37.19 -13.93 13.72
C ILE A 441 -36.37 -14.75 14.69
N GLY A 442 -37.03 -15.42 15.63
CA GLY A 442 -36.31 -16.23 16.60
C GLY A 442 -35.57 -17.39 15.96
N ILE A 443 -36.20 -18.06 15.00
CA ILE A 443 -35.55 -19.18 14.33
C ILE A 443 -34.32 -18.69 13.57
N THR A 444 -34.45 -17.58 12.85
CA THR A 444 -33.31 -17.04 12.13
C THR A 444 -32.18 -16.67 13.09
N ALA A 445 -32.51 -16.06 14.22
CA ALA A 445 -31.50 -15.71 15.19
C ALA A 445 -30.79 -16.94 15.72
N VAL A 446 -31.55 -18.00 16.02
CA VAL A 446 -30.96 -19.23 16.52
C VAL A 446 -29.98 -19.81 15.49
N LEU A 447 -30.41 -19.86 14.23
CA LEU A 447 -29.54 -20.42 13.20
C LEU A 447 -28.28 -19.59 13.02
N ILE A 448 -28.42 -18.26 13.05
CA ILE A 448 -27.24 -17.40 12.93
C ILE A 448 -26.29 -17.63 14.09
N SER A 449 -26.83 -17.73 15.30
CA SER A 449 -25.99 -17.98 16.47
C SER A 449 -25.27 -19.31 16.35
N VAL A 450 -25.94 -20.33 15.82
CA VAL A 450 -25.29 -21.62 15.63
C VAL A 450 -24.16 -21.53 14.62
N PHE A 451 -24.38 -20.81 13.51
CA PHE A 451 -23.43 -20.83 12.40
C PHE A 451 -22.34 -19.76 12.50
N VAL A 452 -22.44 -18.83 13.43
CA VAL A 452 -21.46 -17.74 13.53
C VAL A 452 -20.14 -18.23 14.13
N PRO A 453 -20.15 -18.98 15.24
CA PRO A 453 -18.88 -19.31 15.90
C PRO A 453 -17.89 -20.06 15.05
N LEU A 454 -18.31 -20.56 13.88
CA LEU A 454 -17.36 -21.22 12.99
C LEU A 454 -16.43 -20.25 12.29
N ALA A 455 -16.84 -19.00 12.10
CA ALA A 455 -16.03 -18.01 11.40
C ALA A 455 -15.14 -17.21 12.35
N MET A 456 -14.85 -17.71 13.54
CA MET A 456 -14.06 -16.99 14.52
C MET A 456 -12.69 -17.63 14.75
N PHE A 457 -12.64 -18.91 15.12
CA PHE A 457 -11.36 -19.54 15.38
C PHE A 457 -10.54 -19.60 14.10
N SER A 458 -9.28 -19.17 14.19
CA SER A 458 -8.41 -19.03 13.04
C SER A 458 -7.27 -20.05 13.12
N GLY A 459 -6.36 -19.94 12.15
CA GLY A 459 -5.25 -20.84 11.97
C GLY A 459 -5.09 -21.20 10.51
N ALA A 460 -4.31 -22.24 10.25
CA ALA A 460 -4.11 -22.69 8.88
C ALA A 460 -5.39 -23.20 8.24
N ALA A 461 -6.40 -23.56 9.03
CA ALA A 461 -7.65 -24.10 8.52
C ALA A 461 -8.86 -23.28 8.92
N GLY A 462 -8.65 -22.03 9.39
CA GLY A 462 -9.78 -21.21 9.78
C GLY A 462 -10.54 -20.61 8.61
N ASN A 463 -9.85 -20.38 7.49
CA ASN A 463 -10.52 -19.78 6.34
C ASN A 463 -11.58 -20.69 5.77
N ILE A 464 -11.36 -22.00 5.82
CA ILE A 464 -12.32 -22.97 5.28
C ILE A 464 -13.64 -22.88 6.06
N TYR A 465 -13.55 -22.96 7.39
CA TYR A 465 -14.74 -22.84 8.22
C TYR A 465 -15.38 -21.47 8.03
N LYS A 466 -14.56 -20.43 7.94
CA LYS A 466 -15.11 -19.08 7.77
C LYS A 466 -15.94 -18.98 6.51
N GLN A 467 -15.42 -19.49 5.39
CA GLN A 467 -16.15 -19.42 4.13
C GLN A 467 -17.45 -20.22 4.20
N PHE A 468 -17.37 -21.45 4.70
CA PHE A 468 -18.58 -22.27 4.81
C PHE A 468 -19.64 -21.57 5.64
N ALA A 469 -19.25 -21.10 6.83
CA ALA A 469 -20.21 -20.48 7.73
C ALA A 469 -20.80 -19.21 7.15
N LEU A 470 -19.97 -18.38 6.51
CA LEU A 470 -20.48 -17.13 5.94
C LEU A 470 -21.48 -17.41 4.83
N THR A 471 -21.17 -18.37 3.95
CA THR A 471 -22.13 -18.72 2.91
C THR A 471 -23.45 -19.17 3.50
N MET A 472 -23.39 -20.09 4.48
CA MET A 472 -24.62 -20.60 5.07
C MET A 472 -25.43 -19.48 5.72
N ALA A 473 -24.76 -18.60 6.48
CA ALA A 473 -25.48 -17.54 7.19
C ALA A 473 -26.11 -16.56 6.22
N SER A 474 -25.38 -16.16 5.17
CA SER A 474 -25.95 -15.24 4.20
C SER A 474 -27.17 -15.83 3.51
N SER A 475 -27.07 -17.10 3.09
CA SER A 475 -28.22 -17.73 2.45
C SER A 475 -29.41 -17.80 3.40
N ILE A 476 -29.17 -18.14 4.66
CA ILE A 476 -30.27 -18.24 5.62
C ILE A 476 -30.93 -16.89 5.84
N ALA A 477 -30.13 -15.83 5.99
CA ALA A 477 -30.70 -14.51 6.21
C ALA A 477 -31.54 -14.06 5.01
N PHE A 478 -31.01 -14.26 3.80
CA PHE A 478 -31.78 -13.90 2.62
C PHE A 478 -33.06 -14.71 2.52
N SER A 479 -33.01 -15.99 2.87
CA SER A 479 -34.21 -16.82 2.83
C SER A 479 -35.27 -16.28 3.79
N ALA A 480 -34.85 -15.92 5.01
CA ALA A 480 -35.82 -15.40 5.98
C ALA A 480 -36.44 -14.10 5.47
N PHE A 481 -35.61 -13.19 4.97
CA PHE A 481 -36.15 -11.92 4.46
C PHE A 481 -37.11 -12.17 3.29
N LEU A 482 -36.71 -13.02 2.35
CA LEU A 482 -37.55 -13.30 1.20
C LEU A 482 -38.88 -13.89 1.62
N ALA A 483 -38.86 -14.83 2.56
CA ALA A 483 -40.11 -15.36 3.08
C ALA A 483 -40.97 -14.21 3.57
N LEU A 484 -40.48 -13.53 4.62
CA LEU A 484 -41.31 -12.54 5.30
C LEU A 484 -41.82 -11.46 4.37
N THR A 485 -41.11 -11.19 3.27
CA THR A 485 -41.52 -10.15 2.33
C THR A 485 -42.43 -10.65 1.23
N LEU A 486 -41.98 -11.63 0.45
CA LEU A 486 -42.66 -12.01 -0.78
C LEU A 486 -43.63 -13.17 -0.61
N THR A 487 -43.48 -14.02 0.40
CA THR A 487 -44.41 -15.14 0.52
C THR A 487 -45.83 -14.63 0.70
N PRO A 488 -46.05 -13.65 1.57
CA PRO A 488 -47.42 -13.15 1.77
C PRO A 488 -48.10 -12.70 0.49
N ALA A 489 -47.45 -11.84 -0.30
CA ALA A 489 -48.09 -11.33 -1.50
C ALA A 489 -48.37 -12.45 -2.49
N LEU A 490 -47.41 -13.35 -2.68
CA LEU A 490 -47.58 -14.45 -3.63
C LEU A 490 -48.73 -15.36 -3.21
N CYS A 491 -48.83 -15.65 -1.91
CA CYS A 491 -49.93 -16.46 -1.42
C CYS A 491 -51.26 -15.75 -1.50
N ALA A 492 -51.28 -14.43 -1.36
CA ALA A 492 -52.54 -13.69 -1.43
C ALA A 492 -53.05 -13.54 -2.86
N THR A 493 -52.15 -13.42 -3.84
CA THR A 493 -52.56 -13.24 -5.23
C THR A 493 -52.40 -14.53 -6.04
N MET A 494 -51.22 -15.13 -6.02
CA MET A 494 -50.96 -16.30 -6.87
C MET A 494 -51.85 -17.47 -6.48
N LEU A 495 -52.17 -17.61 -5.21
CA LEU A 495 -53.00 -18.71 -4.73
C LEU A 495 -54.44 -18.57 -5.23
N LYS A 496 -55.06 -19.72 -5.49
CA LYS A 496 -56.48 -19.79 -5.84
C LYS A 496 -57.24 -20.38 -4.66
N THR A 497 -58.30 -19.69 -4.24
CA THR A 497 -59.09 -20.15 -3.11
C THR A 497 -59.74 -21.49 -3.38
N ILE A 498 -59.42 -22.49 -2.56
CA ILE A 498 -59.96 -23.83 -2.74
C ILE A 498 -61.16 -24.05 -1.82
N GLY A 508 -56.78 -43.98 -5.02
CA GLY A 508 -55.53 -43.82 -5.76
C GLY A 508 -54.30 -43.86 -4.88
N PHE A 509 -53.18 -43.37 -5.40
CA PHE A 509 -51.95 -43.35 -4.63
C PHE A 509 -52.08 -42.46 -3.40
N PHE A 510 -52.68 -41.28 -3.55
CA PHE A 510 -52.75 -40.33 -2.45
C PHE A 510 -53.60 -40.85 -1.30
N GLY A 511 -54.73 -41.50 -1.61
CA GLY A 511 -55.54 -42.07 -0.54
C GLY A 511 -54.81 -43.17 0.21
N TRP A 512 -54.10 -44.03 -0.51
CA TRP A 512 -53.32 -45.09 0.12
C TRP A 512 -52.25 -44.50 1.03
N PHE A 513 -51.52 -43.51 0.53
CA PHE A 513 -50.48 -42.87 1.33
C PHE A 513 -51.07 -42.22 2.58
N ASN A 514 -52.22 -41.55 2.42
CA ASN A 514 -52.85 -40.88 3.56
C ASN A 514 -53.30 -41.88 4.61
N LYS A 515 -53.90 -42.99 4.20
CA LYS A 515 -54.32 -44.00 5.18
C LYS A 515 -53.12 -44.58 5.91
N LYS A 516 -52.05 -44.88 5.16
CA LYS A 516 -50.85 -45.39 5.80
C LYS A 516 -50.32 -44.39 6.82
N PHE A 517 -50.27 -43.11 6.46
CA PHE A 517 -49.71 -42.12 7.36
C PHE A 517 -50.59 -41.95 8.60
N ASP A 518 -51.91 -42.05 8.44
CA ASP A 518 -52.80 -42.00 9.61
C ASP A 518 -52.52 -43.15 10.55
N SER A 519 -52.36 -44.37 10.01
CA SER A 519 -52.04 -45.50 10.86
C SER A 519 -50.70 -45.28 11.57
N TRP A 520 -49.71 -44.78 10.85
CA TRP A 520 -48.40 -44.54 11.45
C TRP A 520 -48.49 -43.52 12.58
N THR A 521 -49.25 -42.44 12.37
CA THR A 521 -49.37 -41.41 13.40
C THR A 521 -50.14 -41.92 14.62
N HIS A 522 -51.17 -42.74 14.41
CA HIS A 522 -51.86 -43.33 15.55
C HIS A 522 -50.94 -44.23 16.35
N GLY A 523 -50.14 -45.06 15.67
CA GLY A 523 -49.17 -45.86 16.39
C GLY A 523 -48.15 -45.01 17.13
N TYR A 524 -47.74 -43.90 16.51
CA TYR A 524 -46.77 -43.00 17.14
C TYR A 524 -47.33 -42.42 18.43
N GLU A 525 -48.57 -41.95 18.39
CA GLU A 525 -49.19 -41.41 19.60
C GLU A 525 -49.34 -42.47 20.67
N GLY A 526 -49.75 -43.68 20.28
CA GLY A 526 -49.85 -44.77 21.23
C GLY A 526 -48.52 -45.09 21.89
N ARG A 527 -47.43 -45.02 21.14
CA ARG A 527 -46.11 -45.26 21.71
C ARG A 527 -45.67 -44.13 22.62
N VAL A 528 -45.94 -42.88 22.24
CA VAL A 528 -45.50 -41.74 23.03
C VAL A 528 -46.22 -41.71 24.38
N ALA A 529 -47.49 -42.12 24.40
CA ALA A 529 -48.20 -42.19 25.68
C ALA A 529 -47.39 -42.99 26.70
N LYS A 530 -46.94 -44.19 26.30
CA LYS A 530 -46.19 -45.03 27.23
C LYS A 530 -44.77 -44.52 27.43
N VAL A 531 -44.17 -43.88 26.41
CA VAL A 531 -42.81 -43.39 26.58
C VAL A 531 -42.76 -42.32 27.65
N LEU A 532 -43.79 -41.46 27.70
CA LEU A 532 -43.87 -40.46 28.76
C LEU A 532 -44.61 -40.98 29.99
N ARG A 533 -45.13 -42.21 29.94
CA ARG A 533 -45.60 -42.85 31.17
C ARG A 533 -44.45 -43.17 32.11
N LYS A 534 -43.35 -43.68 31.58
CA LYS A 534 -42.14 -43.92 32.35
C LYS A 534 -41.17 -42.77 32.11
N THR A 535 -40.99 -41.93 33.13
CA THR A 535 -40.09 -40.80 33.04
C THR A 535 -38.73 -41.03 33.67
N PHE A 536 -38.64 -41.87 34.70
CA PHE A 536 -37.36 -42.10 35.35
C PHE A 536 -36.46 -42.99 34.49
N ARG A 537 -37.04 -43.96 33.79
CA ARG A 537 -36.25 -44.91 33.03
C ARG A 537 -35.82 -44.33 31.67
N MET A 538 -36.70 -43.57 31.02
CA MET A 538 -36.32 -42.99 29.75
C MET A 538 -35.22 -41.93 29.91
N MET A 539 -35.19 -41.25 31.05
CA MET A 539 -34.09 -40.32 31.31
C MET A 539 -32.76 -41.07 31.43
N VAL A 540 -32.75 -42.22 32.11
CA VAL A 540 -31.51 -42.97 32.23
C VAL A 540 -31.09 -43.53 30.88
N VAL A 541 -32.06 -43.99 30.07
CA VAL A 541 -31.69 -44.46 28.73
C VAL A 541 -31.14 -43.32 27.89
N TYR A 542 -31.69 -42.11 28.05
CA TYR A 542 -31.14 -40.94 27.37
C TYR A 542 -29.69 -40.69 27.79
N ILE A 543 -29.43 -40.77 29.09
CA ILE A 543 -28.06 -40.58 29.56
C ILE A 543 -27.14 -41.64 28.96
N GLY A 544 -27.60 -42.89 28.92
CA GLY A 544 -26.80 -43.94 28.34
C GLY A 544 -26.49 -43.69 26.87
N LEU A 545 -27.50 -43.25 26.11
CA LEU A 545 -27.28 -42.94 24.71
C LEU A 545 -26.28 -41.81 24.54
N ALA A 546 -26.38 -40.77 25.39
CA ALA A 546 -25.44 -39.66 25.30
C ALA A 546 -24.01 -40.13 25.56
N VAL A 547 -23.83 -40.96 26.60
CA VAL A 547 -22.48 -41.43 26.90
C VAL A 547 -21.95 -42.33 25.79
N VAL A 548 -22.81 -43.17 25.20
CA VAL A 548 -22.38 -44.02 24.10
C VAL A 548 -21.96 -43.17 22.91
N GLY A 549 -22.73 -42.14 22.59
CA GLY A 549 -22.36 -41.26 21.49
C GLY A 549 -21.04 -40.55 21.75
N VAL A 550 -20.82 -40.09 22.97
CA VAL A 550 -19.55 -39.44 23.28
C VAL A 550 -18.39 -40.43 23.17
N PHE A 551 -18.56 -41.66 23.66
CA PHE A 551 -17.50 -42.64 23.55
C PHE A 551 -17.17 -42.96 22.10
N LEU A 552 -18.21 -43.12 21.27
CA LEU A 552 -17.97 -43.37 19.85
C LEU A 552 -17.27 -42.19 19.19
N PHE A 553 -17.66 -40.97 19.54
CA PHE A 553 -17.00 -39.79 18.98
C PHE A 553 -15.52 -39.74 19.37
N MET A 554 -15.21 -40.05 20.63
CA MET A 554 -13.82 -39.98 21.09
C MET A 554 -12.94 -41.04 20.48
N ARG A 555 -13.50 -42.05 19.82
CA ARG A 555 -12.75 -43.17 19.29
C ARG A 555 -12.45 -43.02 17.79
N LEU A 556 -12.69 -41.85 17.21
CA LEU A 556 -12.52 -41.68 15.78
C LEU A 556 -11.15 -41.07 15.46
N PRO A 557 -10.54 -41.49 14.35
CA PRO A 557 -9.24 -40.93 13.97
C PRO A 557 -9.37 -39.44 13.64
N THR A 558 -8.30 -38.70 13.91
CA THR A 558 -8.26 -37.28 13.57
C THR A 558 -7.38 -37.06 12.35
N SER A 559 -7.90 -36.31 11.39
CA SER A 559 -7.21 -36.05 10.14
C SER A 559 -7.51 -34.63 9.70
N PHE A 560 -7.08 -34.27 8.49
CA PHE A 560 -7.30 -32.95 7.93
C PHE A 560 -8.15 -32.97 6.68
N LEU A 561 -7.78 -33.79 5.69
CA LEU A 561 -8.54 -33.86 4.45
C LEU A 561 -8.23 -35.18 3.77
N PRO A 562 -9.22 -35.87 3.20
CA PRO A 562 -8.94 -37.13 2.52
C PRO A 562 -8.08 -36.90 1.28
N THR A 563 -7.30 -37.92 0.93
CA THR A 563 -6.47 -37.88 -0.26
C THR A 563 -7.32 -38.16 -1.48
N GLU A 564 -7.21 -37.30 -2.49
CA GLU A 564 -8.04 -37.40 -3.68
C GLU A 564 -7.32 -38.15 -4.79
N ASP A 565 -8.09 -38.60 -5.77
CA ASP A 565 -7.56 -39.25 -6.98
C ASP A 565 -7.52 -38.18 -8.07
N GLN A 566 -6.43 -37.40 -8.07
CA GLN A 566 -6.32 -36.24 -8.95
C GLN A 566 -5.89 -36.61 -10.36
N GLY A 567 -5.62 -37.87 -10.63
CA GLY A 567 -5.32 -38.31 -11.98
C GLY A 567 -3.86 -38.40 -12.36
N PHE A 568 -2.95 -38.40 -11.39
CA PHE A 568 -1.53 -38.56 -11.70
C PHE A 568 -0.80 -38.98 -10.43
N VAL A 569 0.36 -39.61 -10.62
CA VAL A 569 1.23 -40.01 -9.53
C VAL A 569 2.64 -39.49 -9.84
N MET A 570 3.40 -39.24 -8.78
CA MET A 570 4.74 -38.67 -8.89
C MET A 570 5.76 -39.74 -8.53
N VAL A 571 6.78 -39.90 -9.38
CA VAL A 571 7.85 -40.88 -9.19
C VAL A 571 9.16 -40.15 -9.06
N SER A 572 10.04 -40.66 -8.19
CA SER A 572 11.35 -40.07 -7.97
C SER A 572 12.38 -41.19 -7.89
N VAL A 573 13.51 -41.00 -8.57
CA VAL A 573 14.59 -41.97 -8.62
C VAL A 573 15.81 -41.38 -7.95
N GLN A 574 16.65 -42.25 -7.38
CA GLN A 574 17.87 -41.81 -6.71
C GLN A 574 18.89 -42.92 -6.75
N LEU A 575 20.03 -42.65 -7.37
CA LEU A 575 21.13 -43.59 -7.49
C LEU A 575 22.15 -43.36 -6.39
N PRO A 576 23.07 -44.31 -6.18
CA PRO A 576 24.09 -44.13 -5.14
C PRO A 576 24.87 -42.84 -5.30
N ALA A 577 25.63 -42.45 -4.29
CA ALA A 577 26.38 -41.20 -4.32
C ALA A 577 27.57 -41.33 -5.24
N GLY A 578 27.76 -40.33 -6.10
CA GLY A 578 28.85 -40.34 -7.05
C GLY A 578 28.54 -40.97 -8.40
N ALA A 579 27.27 -41.25 -8.69
CA ALA A 579 26.89 -41.78 -9.98
C ALA A 579 26.85 -40.66 -11.02
N THR A 580 27.06 -41.03 -12.27
CA THR A 580 27.05 -40.09 -13.37
C THR A 580 25.64 -39.98 -13.94
N LYS A 581 25.51 -39.25 -15.06
CA LYS A 581 24.22 -39.06 -15.69
C LYS A 581 23.86 -40.17 -16.67
N GLU A 582 24.84 -40.89 -17.21
CA GLU A 582 24.55 -41.99 -18.12
C GLU A 582 23.84 -43.12 -17.39
N ARG A 583 24.29 -43.46 -16.18
CA ARG A 583 23.64 -44.49 -15.39
C ARG A 583 22.21 -44.08 -15.04
N THR A 584 22.02 -42.82 -14.67
CA THR A 584 20.67 -42.34 -14.36
C THR A 584 19.78 -42.40 -15.59
N ASP A 585 20.33 -42.06 -16.76
CA ASP A 585 19.54 -42.15 -17.97
C ASP A 585 19.12 -43.58 -18.27
N ALA A 586 20.03 -44.53 -18.07
CA ALA A 586 19.67 -45.93 -18.28
C ALA A 586 18.57 -46.37 -17.31
N THR A 587 18.68 -45.96 -16.05
CA THR A 587 17.65 -46.32 -15.07
C THR A 587 16.31 -45.71 -15.43
N LEU A 588 16.30 -44.45 -15.89
CA LEU A 588 15.05 -43.84 -16.32
C LEU A 588 14.45 -44.55 -17.52
N ALA A 589 15.29 -44.98 -18.47
CA ALA A 589 14.76 -45.74 -19.60
C ALA A 589 14.11 -47.02 -19.13
N GLN A 590 14.74 -47.73 -18.20
CA GLN A 590 14.17 -48.96 -17.67
C GLN A 590 12.85 -48.69 -16.96
N VAL A 591 12.80 -47.59 -16.19
CA VAL A 591 11.57 -47.23 -15.48
C VAL A 591 10.45 -46.93 -16.45
N THR A 592 10.75 -46.20 -17.53
CA THR A 592 9.71 -45.91 -18.53
C THR A 592 9.22 -47.20 -19.19
N GLN A 593 10.14 -48.11 -19.51
CA GLN A 593 9.70 -49.40 -20.05
C GLN A 593 8.78 -50.11 -19.09
N LEU A 594 9.07 -50.05 -17.78
CA LEU A 594 8.19 -50.67 -16.79
C LEU A 594 6.82 -50.02 -16.79
N ALA A 595 6.77 -48.69 -16.72
CA ALA A 595 5.51 -47.97 -16.64
C ALA A 595 4.69 -48.06 -17.92
N LYS A 596 5.31 -48.43 -19.04
CA LYS A 596 4.52 -48.65 -20.26
C LYS A 596 3.56 -49.81 -20.10
N SER A 597 3.96 -50.87 -19.40
CA SER A 597 3.14 -52.08 -19.32
C SER A 597 1.81 -51.81 -18.62
N ILE A 598 1.81 -51.01 -17.57
CA ILE A 598 0.60 -50.77 -16.79
C ILE A 598 -0.45 -50.10 -17.68
N PRO A 599 -1.63 -50.69 -17.85
CA PRO A 599 -2.63 -50.11 -18.75
C PRO A 599 -3.33 -48.88 -18.20
N GLU A 600 -3.25 -48.62 -16.90
CA GLU A 600 -3.91 -47.46 -16.31
C GLU A 600 -3.16 -46.16 -16.53
N ILE A 601 -1.95 -46.22 -17.09
CA ILE A 601 -1.11 -45.03 -17.29
C ILE A 601 -1.14 -44.66 -18.76
N GLU A 602 -1.30 -43.37 -19.03
CA GLU A 602 -1.44 -42.86 -20.39
C GLU A 602 -0.14 -42.27 -20.94
N ASN A 603 0.42 -41.28 -20.24
CA ASN A 603 1.67 -40.64 -20.64
C ASN A 603 2.62 -40.61 -19.45
N ILE A 604 3.88 -40.34 -19.74
CA ILE A 604 4.89 -40.26 -18.69
C ILE A 604 5.99 -39.27 -19.09
N ILE A 605 6.25 -38.30 -18.22
CA ILE A 605 7.30 -37.30 -18.41
C ILE A 605 8.38 -37.53 -17.38
N THR A 606 9.63 -37.44 -17.79
CA THR A 606 10.77 -37.64 -16.90
C THR A 606 11.74 -36.48 -17.04
N VAL A 607 12.34 -36.09 -15.93
CA VAL A 607 13.29 -34.98 -15.87
C VAL A 607 14.57 -35.50 -15.24
N SER A 608 15.69 -35.35 -15.95
CA SER A 608 16.97 -35.84 -15.46
C SER A 608 17.79 -34.69 -14.87
N GLY A 609 18.46 -34.98 -13.76
CA GLY A 609 19.27 -34.01 -13.08
C GLY A 609 18.52 -33.06 -12.17
N PHE A 610 17.24 -33.30 -11.93
CA PHE A 610 16.44 -32.41 -11.10
C PHE A 610 15.44 -33.24 -10.30
N SER A 611 15.45 -33.06 -8.99
CA SER A 611 14.46 -33.69 -8.12
C SER A 611 14.13 -32.70 -7.00
N PHE A 612 12.94 -32.85 -6.42
CA PHE A 612 12.55 -31.98 -5.32
C PHE A 612 13.44 -32.18 -4.11
N SER A 613 13.96 -33.39 -3.92
CA SER A 613 14.90 -33.64 -2.82
C SER A 613 16.17 -32.82 -2.98
N GLY A 614 16.71 -32.76 -4.19
CA GLY A 614 17.92 -32.00 -4.44
C GLY A 614 18.52 -32.27 -5.80
N SER A 615 19.13 -31.25 -6.40
CA SER A 615 19.69 -31.39 -7.73
C SER A 615 20.99 -32.19 -7.71
N GLY A 616 21.22 -32.94 -8.79
CA GLY A 616 22.43 -33.73 -8.93
C GLY A 616 22.37 -34.66 -10.12
N GLN A 617 23.50 -35.21 -10.53
CA GLN A 617 23.51 -36.14 -11.66
C GLN A 617 22.96 -37.51 -11.30
N ASN A 618 22.78 -37.82 -10.02
CA ASN A 618 22.22 -39.09 -9.59
C ASN A 618 20.77 -38.96 -9.16
N MET A 619 20.13 -37.83 -9.46
CA MET A 619 18.75 -37.59 -9.04
C MET A 619 17.90 -37.31 -10.27
N ALA A 620 16.70 -37.88 -10.30
CA ALA A 620 15.76 -37.67 -11.39
C ALA A 620 14.35 -37.82 -10.83
N MET A 621 13.35 -37.55 -11.67
CA MET A 621 11.97 -37.72 -11.27
C MET A 621 11.08 -37.59 -12.50
N GLY A 622 9.88 -38.15 -12.39
CA GLY A 622 8.95 -38.16 -13.50
C GLY A 622 7.51 -38.01 -13.03
N PHE A 623 6.64 -37.70 -13.98
CA PHE A 623 5.20 -37.58 -13.75
C PHE A 623 4.49 -38.59 -14.62
N ALA A 624 3.63 -39.41 -14.00
CA ALA A 624 2.85 -40.41 -14.72
C ALA A 624 1.39 -39.97 -14.69
N ILE A 625 0.84 -39.69 -15.87
CA ILE A 625 -0.53 -39.21 -15.99
C ILE A 625 -1.45 -40.37 -16.32
N LEU A 626 -2.42 -40.61 -15.44
CA LEU A 626 -3.39 -41.68 -15.64
C LEU A 626 -4.48 -41.23 -16.60
N LYS A 627 -5.10 -42.21 -17.26
CA LYS A 627 -6.19 -41.92 -18.18
C LYS A 627 -7.44 -41.51 -17.39
N ASP A 628 -8.51 -41.21 -18.13
CA ASP A 628 -9.68 -40.58 -17.54
C ASP A 628 -10.36 -41.51 -16.54
N TRP A 629 -11.08 -40.88 -15.60
CA TRP A 629 -11.73 -41.64 -14.53
C TRP A 629 -12.71 -42.66 -15.08
N ASN A 630 -13.48 -42.28 -16.11
CA ASN A 630 -14.53 -43.15 -16.62
C ASN A 630 -14.00 -44.53 -17.00
N GLU A 631 -12.75 -44.60 -17.45
CA GLU A 631 -12.15 -45.87 -17.82
C GLU A 631 -11.58 -46.63 -16.63
N ARG A 632 -11.26 -45.93 -15.54
CA ARG A 632 -10.70 -46.57 -14.34
C ARG A 632 -11.81 -46.83 -13.32
N THR A 633 -12.72 -47.72 -13.70
CA THR A 633 -13.81 -48.16 -12.82
C THR A 633 -13.60 -49.65 -12.57
N ALA A 634 -12.81 -49.96 -11.55
CA ALA A 634 -12.54 -51.35 -11.19
C ALA A 634 -11.79 -51.41 -9.85
N SER A 635 -11.38 -52.60 -9.45
CA SER A 635 -10.70 -52.77 -8.17
C SER A 635 -9.35 -52.09 -8.18
N GLY A 636 -8.46 -52.52 -9.06
CA GLY A 636 -7.10 -51.99 -9.09
C GLY A 636 -6.89 -50.83 -10.04
N SER A 637 -7.72 -49.80 -9.93
CA SER A 637 -7.58 -48.62 -10.77
C SER A 637 -7.41 -47.33 -10.00
N ASP A 638 -7.57 -47.35 -8.67
CA ASP A 638 -7.33 -46.16 -7.88
C ASP A 638 -5.85 -45.75 -7.98
N ALA A 639 -5.61 -44.45 -7.81
CA ALA A 639 -4.24 -43.96 -7.92
C ALA A 639 -3.32 -44.66 -6.93
N VAL A 640 -3.82 -44.96 -5.74
CA VAL A 640 -3.00 -45.64 -4.74
C VAL A 640 -2.61 -47.03 -5.21
N ALA A 641 -3.54 -47.75 -5.84
CA ALA A 641 -3.22 -49.08 -6.37
C ALA A 641 -2.15 -49.00 -7.43
N VAL A 642 -2.23 -48.01 -8.32
CA VAL A 642 -1.23 -47.85 -9.36
C VAL A 642 0.13 -47.51 -8.76
N ALA A 643 0.14 -46.65 -7.73
CA ALA A 643 1.40 -46.34 -7.07
C ALA A 643 2.00 -47.58 -6.42
N GLY A 644 1.17 -48.40 -5.79
CA GLY A 644 1.67 -49.64 -5.20
C GLY A 644 2.24 -50.58 -6.24
N LYS A 645 1.55 -50.70 -7.38
CA LYS A 645 2.07 -51.53 -8.46
C LYS A 645 3.40 -51.03 -8.98
N LEU A 646 3.52 -49.71 -9.16
CA LEU A 646 4.78 -49.14 -9.63
C LEU A 646 5.90 -49.41 -8.65
N THR A 647 5.66 -49.20 -7.36
CA THR A 647 6.71 -49.44 -6.38
C THR A 647 7.12 -50.91 -6.37
N GLY A 648 6.13 -51.81 -6.43
CA GLY A 648 6.45 -53.23 -6.43
C GLY A 648 7.25 -53.65 -7.64
N MET A 649 6.90 -53.14 -8.83
CA MET A 649 7.65 -53.49 -10.03
C MET A 649 9.05 -52.89 -10.02
N MET A 650 9.19 -51.66 -9.53
CA MET A 650 10.50 -51.02 -9.45
C MET A 650 11.42 -51.80 -8.52
N MET A 651 10.88 -52.21 -7.37
CA MET A 651 11.72 -52.96 -6.42
C MET A 651 12.26 -54.24 -7.04
N GLY A 652 11.51 -54.85 -7.95
CA GLY A 652 11.92 -56.11 -8.53
C GLY A 652 12.67 -56.01 -9.84
N THR A 653 12.67 -54.83 -10.47
CA THR A 653 13.33 -54.65 -11.75
C THR A 653 14.58 -53.80 -11.68
N LEU A 654 14.52 -52.65 -11.00
CA LEU A 654 15.63 -51.71 -11.03
C LEU A 654 16.89 -52.34 -10.45
N LYS A 655 18.04 -51.84 -10.90
CA LYS A 655 19.34 -52.36 -10.51
C LYS A 655 20.20 -51.35 -9.76
N ASP A 656 20.13 -50.07 -10.12
CA ASP A 656 20.99 -49.06 -9.50
C ASP A 656 20.30 -48.36 -8.33
N GLY A 657 19.19 -47.68 -8.60
CA GLY A 657 18.46 -46.95 -7.59
C GLY A 657 17.28 -47.74 -7.07
N PHE A 658 16.40 -47.06 -6.33
CA PHE A 658 15.17 -47.67 -5.86
C PHE A 658 13.93 -47.02 -6.47
N GLY A 659 13.77 -45.71 -6.33
CA GLY A 659 12.60 -45.06 -6.87
C GLY A 659 11.34 -45.39 -6.10
N ILE A 660 10.45 -44.41 -5.92
CA ILE A 660 9.21 -44.62 -5.20
C ILE A 660 8.13 -43.73 -5.80
N ALA A 661 6.96 -44.30 -6.02
CA ALA A 661 5.81 -43.57 -6.56
C ALA A 661 4.85 -43.23 -5.42
N VAL A 662 4.43 -41.97 -5.37
CA VAL A 662 3.54 -41.49 -4.32
C VAL A 662 2.43 -40.65 -4.97
N VAL A 663 1.32 -40.55 -4.26
CA VAL A 663 0.16 -39.76 -4.69
C VAL A 663 0.18 -38.44 -3.92
N PRO A 664 0.30 -37.30 -4.60
CA PRO A 664 0.45 -36.02 -3.90
C PRO A 664 -0.75 -35.74 -3.02
N PRO A 665 -0.55 -35.03 -1.91
CA PRO A 665 -1.66 -34.76 -0.99
C PRO A 665 -2.58 -33.69 -1.56
N PRO A 666 -3.78 -33.53 -1.00
CA PRO A 666 -4.72 -32.54 -1.57
C PRO A 666 -4.21 -31.12 -1.52
N ILE A 667 -3.52 -30.74 -0.45
CA ILE A 667 -2.92 -29.41 -0.32
C ILE A 667 -1.45 -29.60 -0.01
N LEU A 668 -0.59 -29.17 -0.93
CA LEU A 668 0.85 -29.40 -0.77
C LEU A 668 1.43 -28.58 0.37
N GLU A 669 0.81 -27.46 0.70
CA GLU A 669 1.30 -26.58 1.76
C GLU A 669 1.13 -27.17 3.15
N LEU A 670 0.66 -28.42 3.26
CA LEU A 670 0.58 -29.09 4.55
C LEU A 670 0.32 -30.58 4.35
N GLY A 671 1.09 -31.42 5.05
CA GLY A 671 0.92 -32.86 4.91
C GLY A 671 -0.27 -33.38 5.68
N ASN A 672 -0.56 -34.67 5.47
CA ASN A 672 -1.65 -35.34 6.16
C ASN A 672 -1.17 -36.45 7.10
N GLY A 673 -0.09 -37.15 6.76
CA GLY A 673 0.38 -38.23 7.58
C GLY A 673 1.29 -37.76 8.71
N SER A 674 1.95 -38.73 9.34
CA SER A 674 2.90 -38.45 10.41
C SER A 674 4.07 -37.67 9.81
N GLY A 675 4.18 -36.39 10.16
CA GLY A 675 5.15 -35.53 9.52
C GLY A 675 6.03 -34.75 10.48
N LEU A 676 6.40 -35.36 11.61
CA LEU A 676 7.33 -34.71 12.52
C LEU A 676 8.65 -34.43 11.81
N SER A 677 8.98 -33.16 11.60
CA SER A 677 10.21 -32.75 10.94
C SER A 677 11.02 -31.93 11.94
N ILE A 678 12.15 -32.49 12.37
CA ILE A 678 13.00 -31.86 13.37
C ILE A 678 14.27 -31.36 12.70
N ASN A 679 14.65 -30.13 13.00
CA ASN A 679 15.88 -29.53 12.49
C ASN A 679 16.84 -29.38 13.67
N LEU A 680 17.91 -30.17 13.66
CA LEU A 680 18.91 -30.10 14.72
C LEU A 680 19.95 -29.05 14.38
N GLN A 681 20.15 -28.10 15.28
CA GLN A 681 21.11 -27.02 15.09
C GLN A 681 22.25 -27.17 16.09
N ASP A 682 23.43 -26.70 15.69
CA ASP A 682 24.55 -26.53 16.61
C ASP A 682 24.87 -25.05 16.73
N ARG A 683 25.07 -24.59 17.96
CA ARG A 683 25.25 -23.17 18.25
C ARG A 683 26.71 -22.79 18.50
N ASN A 684 27.59 -23.77 18.66
CA ASN A 684 29.01 -23.50 18.88
C ASN A 684 29.85 -23.75 17.64
N ASN A 685 29.23 -24.11 16.52
CA ASN A 685 29.95 -24.36 15.27
C ASN A 685 31.09 -25.36 15.49
N THR A 686 30.75 -26.47 16.15
CA THR A 686 31.73 -27.53 16.37
C THR A 686 32.21 -28.12 15.05
N GLY A 687 31.28 -28.38 14.13
CA GLY A 687 31.61 -28.92 12.84
C GLY A 687 30.49 -29.77 12.31
N HIS A 688 30.78 -30.47 11.21
CA HIS A 688 29.81 -31.34 10.56
C HIS A 688 29.84 -32.76 11.11
N THR A 689 31.03 -33.28 11.40
CA THR A 689 31.13 -34.64 11.92
C THR A 689 30.42 -34.77 13.26
N ALA A 690 30.61 -33.80 14.15
CA ALA A 690 29.95 -33.84 15.45
C ALA A 690 28.43 -33.76 15.31
N LEU A 691 27.94 -32.88 14.44
CA LEU A 691 26.51 -32.75 14.24
C LEU A 691 25.93 -34.04 13.66
N LEU A 692 26.64 -34.66 12.72
CA LEU A 692 26.18 -35.93 12.17
C LEU A 692 26.13 -37.02 13.24
N ALA A 693 27.16 -37.08 14.09
CA ALA A 693 27.17 -38.06 15.16
C ALA A 693 26.02 -37.84 16.12
N LYS A 694 25.75 -36.59 16.48
CA LYS A 694 24.62 -36.30 17.35
C LYS A 694 23.30 -36.68 16.71
N ARG A 695 23.16 -36.41 15.40
CA ARG A 695 21.93 -36.80 14.71
C ARG A 695 21.75 -38.31 14.73
N ASN A 696 22.82 -39.06 14.47
CA ASN A 696 22.71 -40.52 14.50
C ASN A 696 22.35 -41.01 15.89
N GLU A 697 22.96 -40.42 16.92
CA GLU A 697 22.65 -40.82 18.29
C GLU A 697 21.20 -40.53 18.64
N LEU A 698 20.70 -39.35 18.25
CA LEU A 698 19.30 -39.02 18.51
C LEU A 698 18.36 -39.95 17.75
N ILE A 699 18.71 -40.32 16.52
CA ILE A 699 17.87 -41.26 15.78
C ILE A 699 17.80 -42.60 16.49
N GLN A 700 18.95 -43.11 16.93
CA GLN A 700 18.94 -44.38 17.65
C GLN A 700 18.16 -44.28 18.95
N LYS A 701 18.27 -43.16 19.65
CA LYS A 701 17.50 -42.95 20.88
C LYS A 701 16.01 -42.94 20.59
N MET A 702 15.60 -42.28 19.51
CA MET A 702 14.19 -42.29 19.12
C MET A 702 13.71 -43.71 18.83
N ARG A 703 14.52 -44.50 18.12
CA ARG A 703 14.09 -45.85 17.76
C ARG A 703 14.02 -46.78 18.97
N ALA A 704 14.60 -46.39 20.11
CA ALA A 704 14.66 -47.22 21.30
C ALA A 704 13.76 -46.73 22.41
N SER A 705 12.59 -46.18 22.07
CA SER A 705 11.64 -45.71 23.08
C SER A 705 10.24 -46.29 22.95
N GLY A 706 9.82 -46.71 21.76
CA GLY A 706 8.51 -47.27 21.55
C GLY A 706 7.43 -46.26 21.21
N LEU A 707 7.72 -44.97 21.33
CA LEU A 707 6.76 -43.94 20.95
C LEU A 707 6.56 -43.85 19.45
N PHE A 708 7.51 -44.34 18.67
CA PHE A 708 7.49 -44.27 17.22
C PHE A 708 7.64 -45.66 16.63
N ASP A 709 7.21 -45.81 15.38
CA ASP A 709 7.47 -47.04 14.65
C ASP A 709 8.88 -46.98 14.05
N PRO A 710 9.76 -47.93 14.37
CA PRO A 710 11.15 -47.80 13.93
C PRO A 710 11.33 -47.75 12.42
N SER A 711 10.35 -48.22 11.66
CA SER A 711 10.45 -48.22 10.20
C SER A 711 10.39 -46.82 9.59
N THR A 712 9.74 -45.87 10.26
CA THR A 712 9.56 -44.55 9.67
C THR A 712 10.65 -43.57 10.10
N VAL A 713 11.27 -43.79 11.27
CA VAL A 713 12.29 -42.88 11.77
C VAL A 713 13.51 -43.00 10.88
N ARG A 714 13.79 -41.97 10.08
CA ARG A 714 14.96 -41.98 9.22
C ARG A 714 15.35 -40.53 8.91
N ALA A 715 16.64 -40.34 8.66
CA ALA A 715 17.21 -39.03 8.39
C ALA A 715 17.04 -38.65 6.93
N GLY A 716 16.89 -37.35 6.69
CA GLY A 716 16.68 -36.82 5.36
C GLY A 716 17.94 -36.18 4.79
N GLY A 717 17.78 -35.64 3.59
CA GLY A 717 18.87 -34.98 2.90
C GLY A 717 19.59 -35.94 1.97
N LEU A 718 20.92 -35.83 1.93
CA LEU A 718 21.76 -36.66 1.09
C LEU A 718 22.74 -37.44 1.95
N GLU A 719 23.68 -38.11 1.30
CA GLU A 719 24.73 -38.86 1.97
C GLU A 719 26.09 -38.37 1.50
N ASP A 720 27.10 -38.57 2.35
CA ASP A 720 28.44 -38.15 2.04
C ASP A 720 28.96 -38.89 0.80
N SER A 721 29.79 -38.20 0.03
CA SER A 721 30.36 -38.76 -1.19
C SER A 721 31.87 -38.55 -1.15
N PRO A 722 32.63 -39.45 -1.75
CA PRO A 722 34.09 -39.25 -1.80
C PRO A 722 34.46 -37.97 -2.52
N GLN A 723 35.56 -37.36 -2.08
CA GLN A 723 36.03 -36.11 -2.65
C GLN A 723 37.55 -36.14 -2.71
N LEU A 724 38.11 -35.21 -3.49
CA LEU A 724 39.55 -35.07 -3.62
C LEU A 724 40.01 -33.83 -2.86
N LYS A 725 41.05 -34.00 -2.04
CA LYS A 725 41.61 -32.92 -1.24
C LYS A 725 43.06 -32.70 -1.64
N ILE A 726 43.43 -31.45 -1.89
CA ILE A 726 44.75 -31.11 -2.41
C ILE A 726 45.72 -30.74 -1.30
N ASP A 727 45.33 -29.82 -0.41
CA ASP A 727 46.14 -29.46 0.75
C ASP A 727 47.51 -28.90 0.33
N ILE A 728 47.47 -27.74 -0.32
CA ILE A 728 48.70 -27.10 -0.76
C ILE A 728 49.64 -26.88 0.42
N ASN A 729 50.94 -26.87 0.13
CA ASN A 729 51.97 -26.66 1.15
C ASN A 729 52.69 -25.35 0.83
N ARG A 730 52.45 -24.32 1.64
CA ARG A 730 53.08 -23.03 1.41
C ARG A 730 54.55 -23.04 1.79
N ALA A 731 54.92 -23.84 2.80
CA ALA A 731 56.33 -23.91 3.19
C ALA A 731 57.19 -24.49 2.08
N ALA A 732 56.69 -25.48 1.36
CA ALA A 732 57.41 -26.07 0.24
C ALA A 732 57.15 -25.35 -1.08
N ALA A 733 56.01 -24.68 -1.21
CA ALA A 733 55.78 -23.87 -2.39
C ALA A 733 56.88 -22.83 -2.56
N ALA A 734 57.23 -22.15 -1.46
CA ALA A 734 58.45 -21.37 -1.42
C ALA A 734 59.64 -22.32 -1.29
N ALA A 735 60.84 -21.77 -1.53
CA ALA A 735 62.08 -22.52 -1.64
C ALA A 735 62.18 -23.17 -3.01
N GLN A 736 61.16 -23.03 -3.86
CA GLN A 736 61.21 -23.49 -5.23
C GLN A 736 60.76 -22.42 -6.22
N GLY A 737 60.42 -21.23 -5.74
CA GLY A 737 59.99 -20.16 -6.61
C GLY A 737 58.55 -20.23 -7.07
N VAL A 738 57.76 -21.17 -6.55
CA VAL A 738 56.37 -21.31 -6.96
C VAL A 738 55.53 -20.34 -6.13
N SER A 739 54.82 -19.45 -6.83
CA SER A 739 53.97 -18.47 -6.18
C SER A 739 52.68 -19.14 -5.72
N PHE A 740 51.75 -18.34 -5.22
CA PHE A 740 50.42 -18.84 -4.86
C PHE A 740 49.35 -18.46 -5.86
N ALA A 741 49.46 -17.30 -6.49
CA ALA A 741 48.54 -16.94 -7.56
C ALA A 741 48.63 -17.94 -8.71
N ASP A 742 49.85 -18.39 -9.02
CA ASP A 742 50.02 -19.40 -10.05
C ASP A 742 49.29 -20.69 -9.68
N ILE A 743 49.43 -21.13 -8.44
CA ILE A 743 48.77 -22.34 -8.00
C ILE A 743 47.26 -22.20 -8.11
N ARG A 744 46.72 -21.07 -7.63
CA ARG A 744 45.28 -20.87 -7.68
C ARG A 744 44.78 -20.84 -9.12
N THR A 745 45.50 -20.16 -10.01
CA THR A 745 45.08 -20.08 -11.40
C THR A 745 45.09 -21.45 -12.06
N ALA A 746 46.15 -22.22 -11.83
CA ALA A 746 46.22 -23.56 -12.43
C ALA A 746 45.09 -24.43 -11.92
N LEU A 747 44.84 -24.42 -10.61
CA LEU A 747 43.79 -25.27 -10.05
C LEU A 747 42.43 -24.86 -10.59
N ALA A 748 42.15 -23.55 -10.64
CA ALA A 748 40.86 -23.09 -11.11
C ALA A 748 40.65 -23.33 -12.59
N SER A 749 41.73 -23.36 -13.38
CA SER A 749 41.59 -23.53 -14.82
C SER A 749 41.58 -25.00 -15.25
N ALA A 750 42.20 -25.88 -14.48
CA ALA A 750 42.34 -27.27 -14.91
C ALA A 750 41.00 -27.97 -15.11
N LEU A 751 39.95 -27.57 -14.39
CA LEU A 751 38.72 -28.35 -14.41
C LEU A 751 37.43 -27.55 -14.54
N SER A 752 37.46 -26.23 -14.59
CA SER A 752 36.24 -25.44 -14.61
C SER A 752 36.23 -24.51 -15.81
N SER A 753 35.02 -24.05 -16.16
CA SER A 753 34.82 -23.19 -17.31
C SER A 753 34.94 -21.72 -16.90
N SER A 754 34.99 -20.85 -17.91
CA SER A 754 35.20 -19.43 -17.68
C SER A 754 34.37 -18.63 -18.67
N TYR A 755 33.66 -17.63 -18.18
CA TYR A 755 32.87 -16.74 -19.04
C TYR A 755 33.71 -15.52 -19.39
N VAL A 756 33.92 -15.31 -20.68
CA VAL A 756 34.93 -14.36 -21.17
C VAL A 756 34.28 -13.10 -21.73
N SER A 757 33.50 -13.23 -22.80
CA SER A 757 32.96 -12.07 -23.50
C SER A 757 31.60 -12.43 -24.08
N ASP A 758 31.13 -11.60 -25.02
CA ASP A 758 29.86 -11.80 -25.69
C ASP A 758 30.04 -11.62 -27.19
N PHE A 759 29.18 -12.28 -27.95
CA PHE A 759 29.24 -12.21 -29.40
C PHE A 759 27.82 -12.10 -29.95
N PRO A 760 27.64 -11.44 -31.09
CA PRO A 760 26.30 -11.26 -31.67
C PRO A 760 25.88 -12.47 -32.48
N ASN A 761 24.85 -13.17 -32.01
CA ASN A 761 24.34 -14.36 -32.68
C ASN A 761 22.92 -14.08 -33.16
N GLN A 762 22.82 -13.50 -34.36
CA GLN A 762 21.54 -13.24 -35.01
C GLN A 762 20.63 -12.39 -34.13
N GLY A 763 21.09 -11.18 -33.86
CA GLY A 763 20.29 -10.21 -33.13
C GLY A 763 20.30 -10.32 -31.63
N ARG A 764 21.24 -11.06 -31.05
CA ARG A 764 21.34 -11.17 -29.61
C ARG A 764 22.79 -11.41 -29.23
N LEU A 765 23.20 -10.84 -28.10
CA LEU A 765 24.52 -11.10 -27.54
C LEU A 765 24.45 -12.34 -26.66
N GLN A 766 25.34 -13.29 -26.91
CA GLN A 766 25.36 -14.54 -26.17
C GLN A 766 26.77 -14.80 -25.66
N ARG A 767 26.86 -15.59 -24.59
CA ARG A 767 28.09 -15.75 -23.85
C ARG A 767 29.14 -16.51 -24.66
N VAL A 768 30.40 -16.28 -24.32
CA VAL A 768 31.54 -17.02 -24.84
C VAL A 768 32.23 -17.66 -23.64
N MET A 769 32.35 -18.99 -23.65
CA MET A 769 32.86 -19.73 -22.51
C MET A 769 34.01 -20.62 -22.94
N VAL A 770 34.99 -20.77 -22.05
CA VAL A 770 36.19 -21.55 -22.31
C VAL A 770 36.30 -22.63 -21.24
N GLN A 771 36.57 -23.86 -21.67
CA GLN A 771 36.77 -24.97 -20.75
C GLN A 771 37.70 -25.98 -21.40
N ALA A 772 38.29 -26.83 -20.56
CA ALA A 772 39.22 -27.83 -21.05
C ALA A 772 38.48 -28.90 -21.85
N ASP A 773 39.24 -29.66 -22.62
CA ASP A 773 38.67 -30.73 -23.43
C ASP A 773 37.97 -31.75 -22.54
N GLY A 774 37.07 -32.52 -23.14
CA GLY A 774 36.32 -33.50 -22.36
C GLY A 774 37.18 -34.57 -21.75
N ASP A 775 38.09 -35.14 -22.54
CA ASP A 775 38.92 -36.23 -22.07
C ASP A 775 40.06 -35.77 -21.18
N ALA A 776 40.31 -34.48 -21.07
CA ALA A 776 41.36 -33.95 -20.22
C ALA A 776 40.89 -33.67 -18.80
N ARG A 777 39.61 -33.87 -18.51
CA ARG A 777 39.04 -33.64 -17.18
C ARG A 777 38.12 -34.79 -16.79
N MET A 778 38.58 -36.02 -16.97
CA MET A 778 37.75 -37.19 -16.72
C MET A 778 38.22 -38.05 -15.56
N GLN A 779 39.51 -38.31 -15.45
CA GLN A 779 40.02 -39.15 -14.38
C GLN A 779 40.81 -38.33 -13.38
N PRO A 780 40.98 -38.84 -12.16
CA PRO A 780 41.70 -38.09 -11.13
C PRO A 780 43.21 -37.97 -11.36
N ALA A 781 43.75 -38.62 -12.38
CA ALA A 781 45.15 -38.49 -12.72
C ALA A 781 45.46 -37.25 -13.55
N ASP A 782 44.44 -36.47 -13.88
CA ASP A 782 44.62 -35.22 -14.59
C ASP A 782 44.86 -34.03 -13.66
N ILE A 783 44.82 -34.26 -12.35
CA ILE A 783 45.11 -33.22 -11.37
C ILE A 783 46.52 -33.44 -10.83
N LEU A 784 46.99 -34.68 -10.85
CA LEU A 784 48.32 -35.01 -10.38
C LEU A 784 49.40 -34.70 -11.41
N ASN A 785 49.06 -33.97 -12.47
CA ASN A 785 50.02 -33.58 -13.50
C ASN A 785 49.82 -32.12 -13.89
N LEU A 786 49.36 -31.31 -12.94
CA LEU A 786 49.16 -29.88 -13.23
C LEU A 786 50.48 -29.20 -13.55
N THR A 787 51.52 -29.46 -12.74
CA THR A 787 52.87 -28.99 -13.02
C THR A 787 52.90 -27.47 -13.20
N VAL A 788 52.60 -26.78 -12.10
CA VAL A 788 52.56 -25.32 -12.08
C VAL A 788 53.96 -24.75 -12.33
N PRO A 789 54.07 -23.57 -12.91
CA PRO A 789 55.38 -22.98 -13.20
C PRO A 789 55.99 -22.29 -11.99
N ASN A 790 57.21 -21.79 -12.18
CA ASN A 790 57.93 -21.07 -11.14
C ASN A 790 58.41 -19.72 -11.69
N SER A 791 59.28 -19.05 -10.93
CA SER A 791 59.70 -17.70 -11.27
C SER A 791 60.42 -17.67 -12.62
N SER A 792 61.33 -18.61 -12.85
CA SER A 792 62.09 -18.63 -14.10
C SER A 792 61.37 -19.33 -15.23
N GLY A 793 60.17 -19.85 -14.98
CA GLY A 793 59.37 -20.48 -16.00
C GLY A 793 59.42 -22.00 -16.00
N ILE A 794 60.43 -22.59 -15.36
CA ILE A 794 60.53 -24.04 -15.30
C ILE A 794 59.36 -24.59 -14.49
N ALA A 795 58.68 -25.59 -15.06
CA ALA A 795 57.50 -26.16 -14.42
C ALA A 795 57.90 -27.03 -13.23
N VAL A 796 57.04 -27.01 -12.20
CA VAL A 796 57.27 -27.77 -10.98
C VAL A 796 56.10 -28.73 -10.79
N PRO A 797 56.34 -30.04 -10.68
CA PRO A 797 55.22 -30.96 -10.52
C PRO A 797 54.39 -30.64 -9.29
N LEU A 798 53.07 -30.79 -9.43
CA LEU A 798 52.16 -30.50 -8.32
C LEU A 798 52.33 -31.45 -7.15
N SER A 799 53.00 -32.59 -7.36
CA SER A 799 53.21 -33.54 -6.27
C SER A 799 54.26 -33.09 -5.28
N SER A 800 55.19 -32.24 -5.69
CA SER A 800 56.25 -31.74 -4.83
C SER A 800 55.80 -30.57 -3.96
N ILE A 801 54.56 -30.10 -4.14
CA ILE A 801 54.03 -29.02 -3.32
C ILE A 801 52.65 -29.33 -2.75
N ALA A 802 51.97 -30.38 -3.19
CA ALA A 802 50.64 -30.72 -2.69
C ALA A 802 50.55 -32.23 -2.49
N THR A 803 49.51 -32.66 -1.79
CA THR A 803 49.33 -34.04 -1.37
C THR A 803 47.91 -34.51 -1.66
N VAL A 804 47.45 -34.29 -2.90
CA VAL A 804 46.10 -34.68 -3.29
C VAL A 804 45.79 -36.08 -2.79
N SER A 805 44.65 -36.22 -2.11
CA SER A 805 44.27 -37.51 -1.54
C SER A 805 42.75 -37.61 -1.49
N TRP A 806 42.26 -38.85 -1.45
CA TRP A 806 40.84 -39.12 -1.39
C TRP A 806 40.31 -38.87 0.01
N GLN A 807 39.07 -38.39 0.09
CA GLN A 807 38.47 -38.04 1.36
C GLN A 807 36.95 -38.18 1.24
N MET A 808 36.27 -38.14 2.38
CA MET A 808 34.82 -38.27 2.46
C MET A 808 34.26 -36.94 2.95
N GLY A 809 33.28 -36.39 2.22
CA GLY A 809 32.76 -35.09 2.58
C GLY A 809 31.30 -34.95 2.20
N THR A 810 30.68 -33.92 2.78
CA THR A 810 29.27 -33.66 2.55
C THR A 810 29.05 -33.07 1.16
N GLU A 811 27.88 -33.38 0.59
CA GLU A 811 27.52 -32.91 -0.74
C GLU A 811 26.39 -31.90 -0.73
N GLN A 812 25.88 -31.55 0.45
CA GLN A 812 24.81 -30.55 0.56
C GLN A 812 24.87 -29.93 1.94
N SER A 813 24.73 -28.61 2.00
CA SER A 813 24.80 -27.87 3.25
C SER A 813 23.53 -27.06 3.44
N VAL A 814 23.03 -27.03 4.67
CA VAL A 814 21.78 -26.35 5.00
C VAL A 814 21.99 -25.51 6.25
N ARG A 815 21.16 -24.48 6.40
CA ARG A 815 21.15 -23.63 7.57
C ARG A 815 19.72 -23.20 7.87
N PHE A 816 19.38 -23.17 9.16
CA PHE A 816 18.04 -22.82 9.59
C PHE A 816 18.13 -21.75 10.67
N ASN A 817 17.65 -20.55 10.36
CA ASN A 817 17.63 -19.42 11.28
C ASN A 817 19.02 -18.97 11.69
N GLY A 818 20.03 -19.23 10.87
CA GLY A 818 21.38 -18.77 11.15
C GLY A 818 22.31 -19.80 11.72
N TYR A 819 21.89 -21.05 11.88
CA TYR A 819 22.74 -22.09 12.43
C TYR A 819 22.72 -23.31 11.52
N PRO A 820 23.84 -24.02 11.39
CA PRO A 820 23.84 -25.26 10.61
C PRO A 820 22.82 -26.23 11.17
N ALA A 821 22.06 -26.85 10.28
CA ALA A 821 20.95 -27.71 10.66
C ALA A 821 20.97 -29.01 9.87
N MET A 822 20.53 -30.09 10.50
CA MET A 822 20.34 -31.37 9.85
C MET A 822 18.93 -31.86 10.16
N GLU A 823 18.21 -32.27 9.11
CA GLU A 823 16.79 -32.62 9.23
C GLU A 823 16.63 -34.13 9.34
N LEU A 824 15.80 -34.56 10.29
CA LEU A 824 15.42 -35.95 10.44
C LEU A 824 13.92 -36.03 10.70
N SER A 825 13.28 -37.03 10.12
CA SER A 825 11.83 -37.19 10.19
C SER A 825 11.47 -38.30 11.16
N GLY A 826 10.20 -38.31 11.57
CA GLY A 826 9.70 -39.33 12.47
C GLY A 826 8.21 -39.54 12.28
N SER A 827 7.70 -40.59 12.91
CA SER A 827 6.29 -40.94 12.83
C SER A 827 5.83 -41.44 14.19
N PRO A 828 4.77 -40.87 14.77
CA PRO A 828 4.31 -41.33 16.07
C PRO A 828 3.70 -42.72 15.99
N ALA A 829 3.80 -43.47 17.09
CA ALA A 829 3.20 -44.78 17.17
C ALA A 829 1.68 -44.67 17.37
N THR A 830 0.99 -45.78 17.15
CA THR A 830 -0.46 -45.82 17.29
C THR A 830 -0.84 -45.84 18.76
N GLY A 831 -1.71 -44.91 19.17
CA GLY A 831 -2.17 -44.81 20.53
C GLY A 831 -1.52 -43.71 21.34
N VAL A 832 -0.47 -43.07 20.81
CA VAL A 832 0.26 -42.03 21.51
C VAL A 832 -0.02 -40.70 20.84
N SER A 833 -0.37 -39.69 21.64
CA SER A 833 -0.69 -38.38 21.10
C SER A 833 0.58 -37.66 20.64
N THR A 834 0.38 -36.70 19.73
CA THR A 834 1.52 -35.96 19.19
C THR A 834 2.23 -35.17 20.28
N GLY A 835 1.48 -34.66 21.26
CA GLY A 835 2.10 -33.88 22.32
C GLY A 835 3.13 -34.67 23.09
N GLN A 836 2.81 -35.92 23.44
CA GLN A 836 3.78 -36.74 24.15
C GLN A 836 5.02 -37.00 23.31
N ALA A 837 4.84 -37.26 22.02
CA ALA A 837 5.98 -37.50 21.14
C ALA A 837 6.88 -36.28 21.08
N MET A 838 6.28 -35.09 20.93
CA MET A 838 7.05 -33.86 20.91
C MET A 838 7.78 -33.61 22.22
N GLU A 839 7.12 -33.85 23.35
CA GLU A 839 7.78 -33.68 24.64
C GLU A 839 8.95 -34.65 24.79
N ALA A 840 8.77 -35.90 24.36
CA ALA A 840 9.86 -36.87 24.44
C ALA A 840 11.02 -36.44 23.56
N VAL A 841 10.74 -35.96 22.35
CA VAL A 841 11.82 -35.52 21.47
C VAL A 841 12.55 -34.33 22.07
N GLN A 842 11.81 -33.40 22.67
CA GLN A 842 12.44 -32.25 23.31
C GLN A 842 13.33 -32.70 24.47
N LYS A 843 12.87 -33.66 25.28
CA LYS A 843 13.70 -34.16 26.37
C LYS A 843 14.95 -34.85 25.83
N MET A 844 14.81 -35.63 24.75
CA MET A 844 15.97 -36.28 24.16
C MET A 844 16.98 -35.26 23.67
N VAL A 845 16.50 -34.19 23.04
CA VAL A 845 17.40 -33.12 22.59
C VAL A 845 18.09 -32.48 23.80
N ASP A 846 17.33 -32.24 24.87
CA ASP A 846 17.95 -31.72 26.09
C ASP A 846 19.00 -32.67 26.63
N GLU A 847 18.88 -33.97 26.36
CA GLU A 847 19.89 -34.92 26.78
C GLU A 847 21.25 -34.55 26.20
N LEU A 848 21.29 -34.15 24.94
CA LEU A 848 22.51 -33.65 24.34
C LEU A 848 22.94 -32.37 25.04
N GLY A 849 24.25 -32.22 25.24
CA GLY A 849 24.76 -31.08 25.97
C GLY A 849 24.35 -29.75 25.35
N SER A 850 24.74 -28.68 26.02
CA SER A 850 24.48 -27.34 25.50
C SER A 850 25.23 -27.14 24.20
N GLY A 851 24.66 -26.32 23.32
CA GLY A 851 25.17 -26.18 21.97
C GLY A 851 24.43 -26.98 20.93
N TYR A 852 23.29 -27.58 21.29
CA TYR A 852 22.45 -28.33 20.35
C TYR A 852 21.00 -28.03 20.68
N SER A 853 20.27 -27.42 19.76
CA SER A 853 18.88 -27.05 19.95
C SER A 853 18.00 -27.82 18.96
N LEU A 854 16.71 -27.52 19.00
CA LEU A 854 15.73 -28.19 18.16
C LEU A 854 14.72 -27.18 17.64
N GLU A 855 14.31 -27.37 16.39
CA GLU A 855 13.28 -26.54 15.78
C GLU A 855 12.33 -27.43 14.98
N TRP A 856 11.11 -26.95 14.82
CA TRP A 856 10.08 -27.68 14.07
C TRP A 856 9.97 -27.12 12.66
N GLY A 857 9.39 -27.92 11.78
CA GLY A 857 9.23 -27.53 10.40
C GLY A 857 7.88 -27.93 9.85
N GLY A 858 7.38 -27.12 8.92
CA GLY A 858 6.13 -27.46 8.25
C GLY A 858 4.99 -27.63 9.22
N GLN A 859 4.31 -28.77 9.12
CA GLN A 859 3.14 -29.03 9.95
C GLN A 859 3.45 -28.94 11.43
N SER A 860 4.70 -29.22 11.82
CA SER A 860 5.04 -29.25 13.24
C SER A 860 5.00 -27.87 13.87
N ARG A 861 5.13 -26.81 13.08
CA ARG A 861 5.26 -25.47 13.65
C ARG A 861 4.01 -25.08 14.42
N GLU A 862 2.83 -25.23 13.81
CA GLU A 862 1.60 -24.78 14.44
C GLU A 862 1.17 -25.67 15.60
N GLU A 863 1.56 -26.95 15.59
CA GLU A 863 1.22 -27.81 16.72
C GLU A 863 1.84 -27.29 18.00
N ALA A 864 3.12 -26.92 17.98
CA ALA A 864 3.76 -26.36 19.15
C ALA A 864 3.34 -24.92 19.38
N LYS A 865 2.85 -24.26 18.34
CA LYS A 865 2.38 -22.88 18.44
C LYS A 865 1.02 -22.83 19.13
N GLY A 866 0.46 -23.99 19.40
CA GLY A 866 -0.83 -24.12 20.05
C GLY A 866 -1.51 -25.44 19.73
N GLY A 867 -2.47 -25.79 20.58
CA GLY A 867 -3.18 -27.04 20.42
C GLY A 867 -4.47 -26.91 19.65
N SER A 868 -5.59 -27.15 20.34
CA SER A 868 -6.91 -27.04 19.73
C SER A 868 -7.83 -26.26 20.65
N GLN A 869 -8.82 -25.59 20.04
CA GLN A 869 -9.78 -24.80 20.79
C GLN A 869 -11.20 -25.01 20.28
N THR A 870 -11.46 -26.14 19.63
CA THR A 870 -12.78 -26.41 19.10
C THR A 870 -13.82 -26.52 20.22
N ILE A 871 -13.45 -27.14 21.33
CA ILE A 871 -14.38 -27.29 22.44
C ILE A 871 -14.75 -25.94 23.02
N ALA A 872 -13.79 -25.01 23.06
CA ALA A 872 -14.06 -23.70 23.62
C ALA A 872 -15.16 -22.98 22.87
N LEU A 873 -15.12 -23.04 21.54
CA LEU A 873 -16.14 -22.35 20.74
C LEU A 873 -17.47 -23.09 20.76
N TYR A 874 -17.45 -24.42 20.86
CA TYR A 874 -18.70 -25.17 20.91
C TYR A 874 -19.55 -24.74 22.09
N ALA A 875 -18.91 -24.33 23.20
CA ALA A 875 -19.66 -23.88 24.36
C ALA A 875 -20.34 -22.53 24.11
N LEU A 876 -19.67 -21.63 23.39
CA LEU A 876 -20.26 -20.33 23.10
C LEU A 876 -21.53 -20.47 22.28
N ALA A 877 -21.51 -21.36 21.28
CA ALA A 877 -22.68 -21.57 20.43
C ALA A 877 -23.87 -22.12 21.22
N ALA A 878 -23.63 -22.76 22.36
CA ALA A 878 -24.73 -23.23 23.19
C ALA A 878 -25.29 -22.13 24.07
N VAL A 879 -24.42 -21.29 24.63
CA VAL A 879 -24.89 -20.18 25.46
C VAL A 879 -25.67 -19.18 24.61
N ALA A 880 -25.20 -18.91 23.40
CA ALA A 880 -25.92 -17.99 22.53
C ALA A 880 -27.33 -18.50 22.22
N VAL A 881 -27.44 -19.78 21.90
CA VAL A 881 -28.74 -20.37 21.59
C VAL A 881 -29.63 -20.35 22.82
N PHE A 882 -29.07 -20.66 24.00
CA PHE A 882 -29.86 -20.62 25.22
C PHE A 882 -30.40 -19.21 25.48
N LEU A 883 -29.55 -18.20 25.30
CA LEU A 883 -30.01 -16.82 25.52
C LEU A 883 -31.10 -16.43 24.54
N VAL A 884 -30.92 -16.77 23.26
CA VAL A 884 -31.93 -16.41 22.27
C VAL A 884 -33.26 -17.10 22.57
N LEU A 885 -33.20 -18.39 22.92
CA LEU A 885 -34.44 -19.11 23.23
C LEU A 885 -35.09 -18.58 24.50
N ALA A 886 -34.29 -18.18 25.49
CA ALA A 886 -34.87 -17.59 26.69
C ALA A 886 -35.57 -16.28 26.39
N ALA A 887 -34.97 -15.44 25.54
CA ALA A 887 -35.63 -14.22 25.14
C ALA A 887 -36.92 -14.49 24.38
N LEU A 888 -36.90 -15.47 23.48
CA LEU A 888 -38.09 -15.77 22.68
C LEU A 888 -39.21 -16.36 23.55
N TYR A 889 -38.88 -17.25 24.47
CA TYR A 889 -39.88 -17.93 25.29
C TYR A 889 -40.33 -17.07 26.46
N GLU A 890 -39.48 -16.17 26.95
CA GLU A 890 -39.76 -15.42 28.17
C GLU A 890 -39.77 -16.34 29.38
N SER A 891 -38.72 -17.15 29.53
CA SER A 891 -38.56 -18.01 30.69
C SER A 891 -37.17 -18.63 30.63
N TRP A 892 -36.54 -18.77 31.80
CA TRP A 892 -35.22 -19.36 31.88
C TRP A 892 -35.24 -20.89 31.86
N SER A 893 -36.39 -21.51 32.11
CA SER A 893 -36.42 -22.96 32.33
C SER A 893 -36.71 -23.76 31.07
N ILE A 894 -37.41 -23.19 30.10
CA ILE A 894 -37.85 -23.93 28.93
C ILE A 894 -36.69 -24.21 27.97
N PRO A 895 -35.80 -23.24 27.70
CA PRO A 895 -34.72 -23.48 26.72
C PRO A 895 -33.92 -24.75 26.96
N LEU A 896 -33.96 -25.29 28.17
CA LEU A 896 -33.27 -26.55 28.43
C LEU A 896 -33.89 -27.71 27.65
N ALA A 897 -35.21 -27.70 27.48
CA ALA A 897 -35.85 -28.76 26.71
C ALA A 897 -35.35 -28.78 25.27
N VAL A 898 -34.94 -27.64 24.74
CA VAL A 898 -34.40 -27.59 23.39
C VAL A 898 -32.88 -27.84 23.38
N LEU A 899 -32.19 -27.44 24.45
CA LEU A 899 -30.76 -27.70 24.51
C LEU A 899 -30.44 -29.17 24.76
N LEU A 900 -31.38 -29.94 25.30
CA LEU A 900 -31.13 -31.34 25.60
C LEU A 900 -31.03 -32.22 24.36
N VAL A 901 -31.34 -31.72 23.16
CA VAL A 901 -31.37 -32.55 21.97
C VAL A 901 -30.05 -32.54 21.21
N MET A 902 -29.07 -31.77 21.65
CA MET A 902 -27.79 -31.75 20.96
C MET A 902 -27.10 -33.12 20.94
N PRO A 903 -27.03 -33.87 22.04
CA PRO A 903 -26.27 -35.13 22.00
C PRO A 903 -26.79 -36.15 21.00
N LEU A 904 -28.08 -36.12 20.67
CA LEU A 904 -28.64 -37.13 19.78
C LEU A 904 -28.02 -37.06 18.39
N GLY A 905 -27.85 -35.85 17.86
CA GLY A 905 -27.23 -35.71 16.55
C GLY A 905 -25.81 -36.22 16.53
N LEU A 906 -25.04 -35.89 17.57
CA LEU A 906 -23.66 -36.38 17.64
C LEU A 906 -23.62 -37.90 17.72
N ALA A 907 -24.50 -38.49 18.55
CA ALA A 907 -24.53 -39.94 18.66
C ALA A 907 -24.85 -40.58 17.31
N GLY A 908 -25.85 -40.04 16.61
CA GLY A 908 -26.21 -40.60 15.32
C GLY A 908 -25.09 -40.49 14.30
N ALA A 909 -24.46 -39.32 14.22
CA ALA A 909 -23.40 -39.12 13.24
C ALA A 909 -22.21 -40.03 13.53
N ALA A 910 -21.80 -40.14 14.80
CA ALA A 910 -20.69 -41.01 15.14
C ALA A 910 -21.03 -42.47 14.85
N ALA A 911 -22.26 -42.90 15.17
CA ALA A 911 -22.65 -44.27 14.89
C ALA A 911 -22.61 -44.55 13.40
N GLY A 912 -23.11 -43.63 12.59
CA GLY A 912 -23.08 -43.83 11.15
C GLY A 912 -21.68 -43.89 10.59
N VAL A 913 -20.79 -43.01 11.07
CA VAL A 913 -19.42 -43.02 10.60
C VAL A 913 -18.75 -44.35 10.94
N THR A 914 -18.93 -44.81 12.18
CA THR A 914 -18.32 -46.08 12.58
C THR A 914 -18.90 -47.25 11.79
N GLY A 915 -20.21 -47.24 11.55
CA GLY A 915 -20.81 -48.31 10.77
C GLY A 915 -20.29 -48.36 9.35
N ARG A 916 -20.16 -47.20 8.70
CA ARG A 916 -19.59 -47.18 7.36
C ARG A 916 -18.15 -47.66 7.36
N ASN A 917 -17.37 -47.26 8.37
CA ASN A 917 -15.99 -47.75 8.44
C ASN A 917 -15.96 -49.27 8.58
N LEU A 918 -16.82 -49.83 9.43
CA LEU A 918 -16.85 -51.28 9.57
C LEU A 918 -17.22 -51.96 8.26
N PHE A 919 -18.24 -51.43 7.58
CA PHE A 919 -18.70 -52.04 6.34
C PHE A 919 -17.62 -52.02 5.27
N GLU A 920 -17.03 -50.84 5.03
CA GLU A 920 -16.02 -50.74 3.99
C GLU A 920 -14.87 -51.70 4.24
N GLY A 921 -14.32 -51.68 5.45
CA GLY A 921 -13.20 -52.56 5.76
C GLY A 921 -13.56 -54.02 5.65
N LEU A 922 -14.75 -54.39 6.12
CA LEU A 922 -15.14 -55.80 6.12
C LEU A 922 -15.17 -56.37 4.71
N LEU A 923 -15.68 -55.59 3.74
CA LEU A 923 -15.82 -56.09 2.38
C LEU A 923 -14.47 -56.25 1.69
N GLY A 924 -13.39 -55.74 2.30
CA GLY A 924 -12.07 -55.93 1.73
C GLY A 924 -11.39 -54.64 1.30
N SER A 925 -11.65 -53.55 2.00
CA SER A 925 -11.08 -52.25 1.66
C SER A 925 -10.35 -51.72 2.88
N VAL A 926 -9.93 -50.46 2.82
CA VAL A 926 -9.27 -49.78 3.93
C VAL A 926 -10.21 -48.69 4.43
N PRO A 927 -10.47 -48.62 5.74
CA PRO A 927 -11.33 -47.55 6.26
C PRO A 927 -10.83 -46.16 5.89
N SER A 928 -11.75 -45.29 5.47
CA SER A 928 -11.38 -43.96 4.99
C SER A 928 -12.05 -42.81 5.72
N PHE A 929 -13.14 -43.06 6.44
CA PHE A 929 -13.84 -42.00 7.15
C PHE A 929 -13.22 -41.76 8.51
N ALA A 930 -13.10 -40.49 8.88
CA ALA A 930 -12.41 -40.10 10.10
C ALA A 930 -13.04 -38.81 10.64
N ASN A 931 -12.36 -38.20 11.60
CA ASN A 931 -12.80 -36.95 12.22
C ASN A 931 -12.04 -35.81 11.56
N ASP A 932 -12.52 -35.37 10.40
CA ASP A 932 -11.90 -34.34 9.61
C ASP A 932 -12.85 -33.14 9.47
N ILE A 933 -12.47 -32.19 8.61
CA ILE A 933 -13.24 -30.95 8.48
C ILE A 933 -14.68 -31.25 8.09
N TYR A 934 -14.88 -32.16 7.13
CA TYR A 934 -16.22 -32.47 6.67
C TYR A 934 -17.09 -32.99 7.82
N PHE A 935 -16.51 -33.82 8.70
CA PHE A 935 -17.27 -34.31 9.83
C PHE A 935 -17.75 -33.18 10.71
N GLN A 936 -16.86 -32.22 11.00
CA GLN A 936 -17.24 -31.12 11.88
C GLN A 936 -18.33 -30.26 11.24
N VAL A 937 -18.19 -29.95 9.95
CA VAL A 937 -19.20 -29.14 9.29
C VAL A 937 -20.56 -29.86 9.28
N GLY A 938 -20.54 -31.16 8.96
CA GLY A 938 -21.79 -31.92 8.95
C GLY A 938 -22.43 -31.99 10.32
N PHE A 939 -21.64 -32.20 11.36
CA PHE A 939 -22.18 -32.26 12.71
C PHE A 939 -22.79 -30.92 13.11
N VAL A 940 -22.11 -29.82 12.78
CA VAL A 940 -22.66 -28.51 13.10
C VAL A 940 -24.00 -28.32 12.39
N THR A 941 -24.07 -28.70 11.12
CA THR A 941 -25.32 -28.56 10.38
C THR A 941 -26.41 -29.40 11.02
N VAL A 942 -26.10 -30.64 11.41
CA VAL A 942 -27.12 -31.53 11.98
C VAL A 942 -27.64 -30.95 13.29
N MET A 943 -26.74 -30.49 14.16
CA MET A 943 -27.16 -29.96 15.44
C MET A 943 -27.92 -28.65 15.29
N GLY A 944 -27.60 -27.84 14.28
CA GLY A 944 -28.38 -26.65 14.03
C GLY A 944 -29.71 -26.91 13.36
N LEU A 945 -29.86 -28.05 12.69
CA LEU A 945 -31.10 -28.35 12.00
C LEU A 945 -32.11 -29.11 12.86
N SER A 946 -31.64 -29.88 13.85
CA SER A 946 -32.59 -30.53 14.76
C SER A 946 -33.23 -29.54 15.74
N ALA A 947 -32.48 -28.49 16.10
CA ALA A 947 -33.01 -27.48 17.01
C ALA A 947 -34.24 -26.81 16.44
N LYS A 948 -34.35 -26.71 15.12
CA LYS A 948 -35.52 -26.09 14.51
C LYS A 948 -36.79 -26.85 14.88
N ASN A 949 -36.79 -28.16 14.64
CA ASN A 949 -37.94 -28.98 15.00
C ASN A 949 -38.19 -28.93 16.50
N ALA A 950 -37.13 -29.02 17.29
CA ALA A 950 -37.30 -28.99 18.74
C ALA A 950 -38.00 -27.72 19.17
N ILE A 951 -37.54 -26.57 18.68
CA ILE A 951 -38.07 -25.29 19.11
C ILE A 951 -39.52 -25.13 18.68
N LEU A 952 -39.84 -25.52 17.44
CA LEU A 952 -41.23 -25.39 17.01
C LEU A 952 -42.16 -26.24 17.86
N ILE A 953 -41.79 -27.50 18.12
CA ILE A 953 -42.64 -28.37 18.92
C ILE A 953 -42.81 -27.79 20.33
N ILE A 954 -41.71 -27.35 20.93
CA ILE A 954 -41.80 -26.84 22.30
C ILE A 954 -42.62 -25.56 22.36
N GLU A 955 -42.51 -24.70 21.33
CA GLU A 955 -43.30 -23.48 21.32
C GLU A 955 -44.78 -23.79 21.23
N PHE A 956 -45.17 -24.76 20.39
CA PHE A 956 -46.58 -25.15 20.35
C PHE A 956 -47.03 -25.76 21.67
N ALA A 957 -46.18 -26.56 22.30
CA ALA A 957 -46.57 -27.27 23.52
C ALA A 957 -46.61 -26.35 24.74
N LYS A 958 -45.91 -25.21 24.69
CA LYS A 958 -45.83 -24.34 25.84
C LYS A 958 -47.15 -23.68 26.19
N ASP A 959 -48.15 -23.76 25.31
CA ASP A 959 -49.46 -23.19 25.58
C ASP A 959 -50.35 -24.18 26.34
N LEU A 960 -49.84 -24.57 27.52
CA LEU A 960 -50.61 -25.40 28.45
C LEU A 960 -51.31 -24.57 29.51
N GLN A 961 -50.68 -23.49 29.98
CA GLN A 961 -51.35 -22.55 30.85
C GLN A 961 -52.40 -21.73 30.10
N ALA A 962 -52.12 -21.35 28.86
CA ALA A 962 -53.06 -20.57 28.08
C ALA A 962 -54.33 -21.35 27.74
N GLN A 963 -54.35 -22.66 27.99
CA GLN A 963 -55.54 -23.46 27.75
C GLN A 963 -55.89 -24.34 28.93
N GLY A 964 -55.18 -24.23 30.05
CA GLY A 964 -55.48 -25.06 31.21
C GLY A 964 -55.26 -26.54 30.99
N LYS A 965 -54.19 -26.92 30.30
CA LYS A 965 -53.85 -28.31 30.09
C LYS A 965 -53.20 -28.88 31.35
N SER A 966 -52.72 -30.13 31.25
CA SER A 966 -52.13 -30.82 32.38
C SER A 966 -50.61 -30.91 32.31
N ALA A 967 -49.99 -30.35 31.27
CA ALA A 967 -48.54 -30.43 31.08
C ALA A 967 -48.11 -31.82 30.65
N VAL A 968 -49.04 -32.78 30.66
CA VAL A 968 -48.78 -34.11 30.12
C VAL A 968 -49.75 -34.34 28.97
N GLU A 969 -50.87 -33.62 28.98
CA GLU A 969 -51.72 -33.58 27.80
C GLU A 969 -51.15 -32.63 26.76
N ALA A 970 -50.81 -31.41 27.17
CA ALA A 970 -50.33 -30.41 26.21
C ALA A 970 -49.22 -30.97 25.34
N ALA A 971 -48.33 -31.75 25.94
CA ALA A 971 -47.28 -32.42 25.17
C ALA A 971 -47.89 -33.32 24.12
N LEU A 972 -48.93 -34.07 24.49
CA LEU A 972 -49.55 -34.99 23.54
C LEU A 972 -50.19 -34.25 22.37
N GLU A 973 -50.98 -33.21 22.64
CA GLU A 973 -51.58 -32.47 21.52
C GLU A 973 -50.51 -31.81 20.67
N ALA A 974 -49.48 -31.23 21.29
CA ALA A 974 -48.45 -30.57 20.51
C ALA A 974 -47.71 -31.56 19.61
N ALA A 975 -47.36 -32.74 20.15
CA ALA A 975 -46.67 -33.73 19.36
C ALA A 975 -47.54 -34.24 18.21
N ARG A 976 -48.82 -34.51 18.50
CA ARG A 976 -49.69 -35.03 17.46
C ARG A 976 -49.94 -33.99 16.38
N LEU A 977 -49.97 -32.72 16.74
CA LEU A 977 -50.12 -31.67 15.75
C LEU A 977 -48.86 -31.46 14.93
N ARG A 978 -47.69 -31.62 15.53
CA ARG A 978 -46.44 -31.33 14.84
C ARG A 978 -45.87 -32.53 14.08
N PHE A 979 -46.42 -33.73 14.28
CA PHE A 979 -45.88 -34.93 13.63
C PHE A 979 -45.58 -34.73 12.15
N ARG A 980 -46.60 -34.35 11.36
CA ARG A 980 -46.44 -34.36 9.90
C ARG A 980 -45.33 -33.43 9.43
N PRO A 981 -45.32 -32.14 9.78
CA PRO A 981 -44.31 -31.24 9.21
C PRO A 981 -42.89 -31.67 9.47
N ILE A 982 -42.59 -32.17 10.67
CA ILE A 982 -41.23 -32.57 10.98
C ILE A 982 -40.81 -33.75 10.12
N ILE A 983 -41.70 -34.73 9.95
CA ILE A 983 -41.37 -35.88 9.11
C ILE A 983 -41.17 -35.45 7.67
N MET A 984 -42.02 -34.52 7.19
CA MET A 984 -41.87 -34.03 5.83
C MET A 984 -40.50 -33.39 5.62
N THR A 985 -40.12 -32.48 6.52
CA THR A 985 -38.83 -31.81 6.38
C THR A 985 -37.67 -32.79 6.48
N SER A 986 -37.75 -33.73 7.43
CA SER A 986 -36.67 -34.70 7.59
C SER A 986 -36.50 -35.55 6.35
N PHE A 987 -37.61 -36.03 5.78
CA PHE A 987 -37.53 -36.85 4.59
C PHE A 987 -36.98 -36.05 3.41
N ALA A 988 -37.39 -34.78 3.29
CA ALA A 988 -36.88 -33.95 2.22
C ALA A 988 -35.37 -33.79 2.33
N PHE A 989 -34.88 -33.52 3.54
CA PHE A 989 -33.44 -33.37 3.75
C PHE A 989 -32.70 -34.66 3.43
N ILE A 990 -33.24 -35.80 3.88
CA ILE A 990 -32.57 -37.08 3.66
C ILE A 990 -32.46 -37.36 2.17
N LEU A 991 -33.56 -37.18 1.43
CA LEU A 991 -33.50 -37.40 -0.01
C LEU A 991 -32.61 -36.39 -0.71
N GLY A 992 -32.51 -35.17 -0.21
CA GLY A 992 -31.61 -34.19 -0.82
C GLY A 992 -30.15 -34.49 -0.59
N VAL A 993 -29.81 -35.13 0.52
CA VAL A 993 -28.43 -35.51 0.80
C VAL A 993 -28.09 -36.89 0.27
N VAL A 994 -29.08 -37.69 -0.14
CA VAL A 994 -28.79 -39.01 -0.66
C VAL A 994 -27.78 -38.99 -1.81
N PRO A 995 -27.86 -38.08 -2.78
CA PRO A 995 -26.90 -38.12 -3.90
C PRO A 995 -25.45 -38.02 -3.45
N LEU A 996 -25.17 -37.25 -2.41
CA LEU A 996 -23.80 -37.16 -1.90
C LEU A 996 -23.36 -38.48 -1.27
N TYR A 997 -24.30 -39.27 -0.78
CA TYR A 997 -23.96 -40.51 -0.10
C TYR A 997 -23.31 -41.51 -1.05
N ILE A 998 -23.82 -41.60 -2.28
CA ILE A 998 -23.40 -42.63 -3.22
C ILE A 998 -22.53 -42.02 -4.31
N ALA A 999 -21.86 -40.92 -3.99
CA ALA A 999 -21.05 -40.23 -4.98
C ALA A 999 -20.01 -41.19 -5.58
N GLY A 1000 -19.46 -40.80 -6.73
CA GLY A 1000 -18.46 -41.59 -7.40
C GLY A 1000 -17.84 -40.81 -8.53
N GLY A 1001 -16.63 -41.20 -8.92
CA GLY A 1001 -15.94 -40.53 -9.99
C GLY A 1001 -14.87 -39.57 -9.51
N ALA A 1002 -14.99 -38.30 -9.90
CA ALA A 1002 -14.01 -37.28 -9.57
C ALA A 1002 -14.42 -36.55 -8.29
N SER A 1003 -13.47 -36.43 -7.37
CA SER A 1003 -13.70 -35.73 -6.10
C SER A 1003 -14.86 -36.34 -5.32
N SER A 1004 -14.92 -37.66 -5.26
CA SER A 1004 -16.00 -38.36 -4.58
C SER A 1004 -15.72 -38.63 -3.10
N ALA A 1005 -14.47 -38.48 -2.66
CA ALA A 1005 -14.15 -38.77 -1.27
C ALA A 1005 -14.82 -37.77 -0.33
N SER A 1006 -14.68 -36.47 -0.61
CA SER A 1006 -15.31 -35.46 0.22
C SER A 1006 -16.82 -35.57 0.19
N GLN A 1007 -17.37 -35.79 -1.01
CA GLN A 1007 -18.81 -35.97 -1.14
C GLN A 1007 -19.28 -37.12 -0.26
N ARG A 1008 -18.61 -38.27 -0.36
CA ARG A 1008 -19.02 -39.43 0.42
C ARG A 1008 -18.92 -39.16 1.92
N ALA A 1009 -17.84 -38.51 2.35
CA ALA A 1009 -17.68 -38.26 3.79
C ALA A 1009 -18.79 -37.37 4.33
N ILE A 1010 -19.00 -36.22 3.68
CA ILE A 1010 -20.02 -35.30 4.18
C ILE A 1010 -21.41 -35.93 4.08
N GLY A 1011 -21.67 -36.65 2.99
CA GLY A 1011 -22.97 -37.29 2.86
C GLY A 1011 -23.23 -38.32 3.93
N THR A 1012 -22.24 -39.17 4.23
CA THR A 1012 -22.39 -40.13 5.31
C THR A 1012 -22.71 -39.43 6.62
N THR A 1013 -21.90 -38.44 6.98
CA THR A 1013 -22.12 -37.73 8.23
C THR A 1013 -23.54 -37.20 8.31
N VAL A 1014 -23.94 -36.37 7.33
CA VAL A 1014 -25.22 -35.69 7.40
C VAL A 1014 -26.37 -36.71 7.35
N PHE A 1015 -26.29 -37.66 6.44
CA PHE A 1015 -27.36 -38.64 6.26
C PHE A 1015 -27.64 -39.37 7.56
N TRP A 1016 -26.60 -39.96 8.17
CA TRP A 1016 -26.87 -40.77 9.35
C TRP A 1016 -27.23 -39.89 10.55
N GLY A 1017 -26.61 -38.72 10.68
CA GLY A 1017 -26.97 -37.85 11.77
C GLY A 1017 -28.43 -37.49 11.73
N MET A 1018 -28.92 -37.05 10.56
CA MET A 1018 -30.31 -36.60 10.48
C MET A 1018 -31.29 -37.77 10.45
N LEU A 1019 -30.85 -38.97 10.06
CA LEU A 1019 -31.73 -40.12 10.10
C LEU A 1019 -31.91 -40.67 11.50
N ILE A 1020 -30.89 -40.59 12.35
CA ILE A 1020 -31.02 -41.11 13.71
C ILE A 1020 -31.57 -40.04 14.65
N GLY A 1021 -31.08 -38.81 14.53
CA GLY A 1021 -31.51 -37.77 15.45
C GLY A 1021 -33.00 -37.49 15.37
N THR A 1022 -33.55 -37.44 14.15
CA THR A 1022 -34.98 -37.19 14.02
C THR A 1022 -35.80 -38.29 14.67
N LEU A 1023 -35.44 -39.54 14.40
CA LEU A 1023 -36.19 -40.66 14.95
C LEU A 1023 -36.14 -40.66 16.47
N LEU A 1024 -34.98 -40.36 17.05
CA LEU A 1024 -34.91 -40.31 18.50
C LEU A 1024 -35.68 -39.11 19.06
N SER A 1025 -35.53 -37.94 18.43
CA SER A 1025 -36.08 -36.72 18.99
C SER A 1025 -37.61 -36.73 18.96
N VAL A 1026 -38.21 -37.25 17.89
CA VAL A 1026 -39.67 -37.21 17.80
C VAL A 1026 -40.29 -37.93 19.00
N PHE A 1027 -39.56 -38.86 19.61
CA PHE A 1027 -40.05 -39.55 20.80
C PHE A 1027 -39.52 -38.92 22.09
N LEU A 1028 -38.34 -38.31 22.05
CA LEU A 1028 -37.71 -37.82 23.27
C LEU A 1028 -38.14 -36.42 23.67
N VAL A 1029 -38.48 -35.55 22.71
CA VAL A 1029 -38.72 -34.14 22.99
C VAL A 1029 -39.89 -33.94 23.95
N PRO A 1030 -41.04 -34.58 23.71
CA PRO A 1030 -42.16 -34.43 24.65
C PRO A 1030 -41.78 -34.82 26.08
N LEU A 1031 -40.98 -35.87 26.24
CA LEU A 1031 -40.52 -36.24 27.57
C LEU A 1031 -39.64 -35.14 28.17
N PHE A 1032 -38.78 -34.54 27.36
CA PHE A 1032 -37.97 -33.44 27.86
C PHE A 1032 -38.84 -32.30 28.36
N TYR A 1033 -39.87 -31.94 27.58
CA TYR A 1033 -40.74 -30.84 28.01
C TYR A 1033 -41.46 -31.19 29.30
N VAL A 1034 -42.00 -32.40 29.39
CA VAL A 1034 -42.75 -32.78 30.60
C VAL A 1034 -41.83 -32.74 31.81
N VAL A 1035 -40.63 -33.31 31.69
CA VAL A 1035 -39.71 -33.36 32.82
C VAL A 1035 -39.30 -31.96 33.24
N VAL A 1036 -38.95 -31.11 32.26
CA VAL A 1036 -38.51 -29.77 32.60
C VAL A 1036 -39.63 -28.99 33.28
N ARG A 1037 -40.86 -29.09 32.75
CA ARG A 1037 -41.97 -28.35 33.34
C ARG A 1037 -42.28 -28.84 34.75
N LYS A 1038 -42.26 -30.16 34.96
CA LYS A 1038 -42.63 -30.71 36.27
C LYS A 1038 -41.49 -30.65 37.28
N PHE A 1039 -40.27 -30.36 36.85
CA PHE A 1039 -39.16 -30.30 37.79
C PHE A 1039 -38.96 -28.91 38.35
N PHE A 1040 -38.96 -27.89 37.47
CA PHE A 1040 -38.53 -26.56 37.89
C PHE A 1040 -39.60 -25.81 38.68
N LYS A 1041 -40.87 -25.97 38.34
CA LYS A 1041 -41.92 -25.14 38.93
C LYS A 1041 -41.59 -23.67 38.67
N GLU A 1042 -41.64 -23.30 37.39
CA GLU A 1042 -40.93 -22.14 36.85
C GLU A 1042 -41.03 -20.88 37.73
N THR A 1043 -42.23 -20.32 37.88
CA THR A 1043 -42.40 -19.11 38.66
C THR A 1043 -43.85 -18.69 38.60
N ALA A 1044 -44.22 -17.75 39.47
CA ALA A 1044 -45.50 -17.06 39.37
C ALA A 1044 -45.46 -15.89 38.41
N HIS A 1045 -44.28 -15.46 37.98
CA HIS A 1045 -44.15 -14.38 37.01
C HIS A 1045 -44.55 -14.82 35.61
N GLU A 1046 -44.51 -16.11 35.32
CA GLU A 1046 -44.83 -16.66 34.01
C GLU A 1046 -44.28 -15.78 32.88
N MET B 1 -41.98 12.16 5.36
CA MET B 1 -41.02 13.23 5.54
C MET B 1 -41.61 14.58 5.17
N ALA B 2 -42.42 14.60 4.12
CA ALA B 2 -43.01 15.85 3.67
C ALA B 2 -43.91 16.48 4.72
N LYS B 3 -44.63 15.66 5.50
CA LYS B 3 -45.52 16.17 6.53
C LYS B 3 -44.87 16.23 7.90
N PHE B 4 -43.78 15.50 8.13
CA PHE B 4 -43.06 15.61 9.39
C PHE B 4 -42.25 16.88 9.49
N PHE B 5 -41.81 17.43 8.36
CA PHE B 5 -41.04 18.67 8.34
C PHE B 5 -41.89 19.91 8.17
N ILE B 6 -43.13 19.76 7.70
CA ILE B 6 -44.03 20.91 7.56
C ILE B 6 -44.44 21.47 8.92
N ASP B 7 -44.28 20.71 9.99
CA ASP B 7 -44.58 21.17 11.34
C ASP B 7 -43.32 21.48 12.16
N ARG B 8 -42.14 21.20 11.64
CA ARG B 8 -40.88 21.43 12.34
C ARG B 8 -39.91 22.15 11.42
N PRO B 9 -40.21 23.40 11.05
CA PRO B 9 -39.30 24.14 10.16
C PRO B 9 -37.90 24.30 10.72
N ILE B 10 -37.75 24.45 12.04
CA ILE B 10 -36.43 24.71 12.60
C ILE B 10 -35.52 23.50 12.45
N PHE B 11 -36.06 22.29 12.54
CA PHE B 11 -35.25 21.10 12.30
C PHE B 11 -34.71 21.09 10.88
N ALA B 12 -35.55 21.44 9.91
CA ALA B 12 -35.09 21.54 8.53
C ALA B 12 -34.03 22.62 8.37
N TRP B 13 -34.21 23.75 9.05
CA TRP B 13 -33.20 24.81 8.99
C TRP B 13 -31.86 24.33 9.54
N VAL B 14 -31.89 23.58 10.64
CA VAL B 14 -30.65 23.05 11.21
C VAL B 14 -29.98 22.11 10.24
N ILE B 15 -30.75 21.22 9.61
CA ILE B 15 -30.17 20.30 8.64
C ILE B 15 -29.53 21.07 7.49
N SER B 16 -30.21 22.10 7.00
CA SER B 16 -29.67 22.91 5.91
C SER B 16 -28.39 23.61 6.32
N ILE B 17 -28.33 24.11 7.57
CA ILE B 17 -27.12 24.75 8.05
C ILE B 17 -25.97 23.76 8.06
N PHE B 18 -26.22 22.54 8.52
CA PHE B 18 -25.18 21.53 8.51
C PHE B 18 -24.69 21.24 7.09
N ILE B 19 -25.63 21.14 6.15
CA ILE B 19 -25.25 20.89 4.75
C ILE B 19 -24.38 22.03 4.22
N ILE B 20 -24.77 23.27 4.51
CA ILE B 20 -24.02 24.43 4.02
C ILE B 20 -22.61 24.43 4.60
N ALA B 21 -22.49 24.17 5.91
CA ALA B 21 -21.18 24.15 6.54
C ALA B 21 -20.30 23.06 5.93
N ALA B 22 -20.87 21.87 5.70
CA ALA B 22 -20.10 20.80 5.09
C ALA B 22 -19.64 21.18 3.69
N GLY B 23 -20.52 21.81 2.91
CA GLY B 23 -20.14 22.22 1.57
C GLY B 23 -19.02 23.25 1.58
N ILE B 24 -19.10 24.24 2.47
CA ILE B 24 -18.05 25.25 2.54
C ILE B 24 -16.73 24.63 2.95
N PHE B 25 -16.76 23.75 3.96
CA PHE B 25 -15.53 23.09 4.39
C PHE B 25 -14.94 22.25 3.25
N GLY B 26 -15.79 21.59 2.48
CA GLY B 26 -15.28 20.84 1.33
C GLY B 26 -14.65 21.73 0.28
N ILE B 27 -15.29 22.87 0.01
CA ILE B 27 -14.73 23.79 -0.99
C ILE B 27 -13.38 24.32 -0.53
N LYS B 28 -13.22 24.55 0.77
CA LYS B 28 -11.96 25.09 1.28
C LYS B 28 -10.78 24.16 1.06
N SER B 29 -11.00 22.87 0.76
CA SER B 29 -9.90 21.92 0.70
C SER B 29 -9.95 21.09 -0.58
N LEU B 30 -10.20 21.72 -1.72
CA LEU B 30 -10.26 21.00 -2.99
C LEU B 30 -9.14 21.43 -3.91
N PRO B 31 -8.37 20.51 -4.47
CA PRO B 31 -7.32 20.88 -5.42
C PRO B 31 -7.93 21.53 -6.66
N VAL B 32 -7.09 22.25 -7.40
CA VAL B 32 -7.51 22.98 -8.58
C VAL B 32 -6.54 22.69 -9.72
N SER B 33 -7.08 22.49 -10.92
CA SER B 33 -6.31 22.26 -12.12
C SER B 33 -7.30 22.23 -13.29
N GLN B 34 -6.77 22.41 -14.50
CA GLN B 34 -7.65 22.46 -15.66
C GLN B 34 -8.13 21.08 -16.11
N TYR B 35 -7.29 20.06 -16.01
CA TYR B 35 -7.65 18.72 -16.45
C TYR B 35 -7.19 17.71 -15.41
N PRO B 36 -7.92 16.60 -15.28
CA PRO B 36 -7.48 15.52 -14.40
C PRO B 36 -6.49 14.60 -15.12
N SER B 37 -6.11 13.53 -14.44
CA SER B 37 -5.24 12.51 -15.02
C SER B 37 -6.09 11.45 -15.71
N VAL B 38 -5.84 11.24 -17.00
CA VAL B 38 -6.60 10.27 -17.78
C VAL B 38 -5.71 9.21 -18.42
N ALA B 39 -4.40 9.38 -18.43
CA ALA B 39 -3.50 8.42 -19.04
C ALA B 39 -3.18 7.29 -18.06
N ALA B 40 -2.54 6.25 -18.58
CA ALA B 40 -2.13 5.11 -17.79
C ALA B 40 -0.67 5.25 -17.36
N PRO B 41 -0.27 4.55 -16.30
CA PRO B 41 1.09 4.69 -15.79
C PRO B 41 2.12 4.33 -16.86
N THR B 42 3.25 5.03 -16.83
CA THR B 42 4.33 4.81 -17.78
C THR B 42 5.65 5.15 -17.12
N ILE B 43 6.70 4.44 -17.52
CA ILE B 43 8.04 4.63 -16.99
C ILE B 43 9.02 4.70 -18.15
N THR B 44 10.19 5.28 -17.89
CA THR B 44 11.21 5.44 -18.91
C THR B 44 12.58 5.31 -18.26
N LEU B 45 13.59 5.03 -19.09
CA LEU B 45 14.93 4.75 -18.60
C LEU B 45 15.96 5.78 -19.03
N HIS B 46 16.04 6.10 -20.32
CA HIS B 46 16.90 7.17 -20.80
C HIS B 46 18.38 6.92 -20.47
N ALA B 47 18.91 5.87 -21.08
CA ALA B 47 20.34 5.63 -21.01
C ALA B 47 21.10 6.57 -21.95
N ILE B 48 22.37 6.82 -21.62
CA ILE B 48 23.23 7.71 -22.40
C ILE B 48 24.52 6.97 -22.72
N TYR B 49 24.95 7.06 -23.98
CA TYR B 49 26.15 6.35 -24.44
C TYR B 49 26.72 7.12 -25.62
N PRO B 50 27.56 8.12 -25.38
CA PRO B 50 27.93 9.06 -26.44
C PRO B 50 28.71 8.39 -27.55
N GLY B 51 28.58 8.94 -28.76
CA GLY B 51 29.28 8.45 -29.92
C GLY B 51 28.92 7.03 -30.30
N ALA B 52 27.64 6.71 -30.22
CA ALA B 52 27.15 5.36 -30.53
C ALA B 52 26.05 5.46 -31.57
N SER B 53 26.21 4.73 -32.67
CA SER B 53 25.18 4.69 -33.70
C SER B 53 23.92 4.03 -33.14
N ALA B 54 22.84 4.10 -33.91
CA ALA B 54 21.59 3.50 -33.47
C ALA B 54 21.72 2.00 -33.28
N GLN B 55 22.39 1.32 -34.21
CA GLN B 55 22.53 -0.13 -34.12
C GLN B 55 23.32 -0.53 -32.88
N VAL B 56 24.47 0.12 -32.65
CA VAL B 56 25.30 -0.22 -31.50
C VAL B 56 24.55 0.06 -30.21
N MET B 57 23.96 1.26 -30.10
CA MET B 57 23.23 1.62 -28.90
C MET B 57 22.14 0.59 -28.60
N GLU B 58 21.30 0.32 -29.60
CA GLU B 58 20.24 -0.66 -29.40
C GLU B 58 20.81 -1.99 -28.93
N GLY B 59 21.61 -2.64 -29.79
CA GLY B 59 22.03 -3.99 -29.52
C GLY B 59 22.83 -4.15 -28.24
N SER B 60 23.53 -3.10 -27.81
CA SER B 60 24.39 -3.23 -26.64
C SER B 60 23.76 -2.78 -25.34
N VAL B 61 22.75 -1.91 -25.36
CA VAL B 61 22.15 -1.38 -24.15
C VAL B 61 20.66 -1.69 -24.07
N LEU B 62 19.91 -1.33 -25.12
CA LEU B 62 18.46 -1.33 -24.98
C LEU B 62 17.90 -2.74 -24.97
N SER B 63 18.42 -3.62 -25.83
CA SER B 63 17.98 -5.01 -25.83
C SER B 63 18.29 -5.68 -24.50
N VAL B 64 19.50 -5.45 -23.98
CA VAL B 64 19.89 -6.05 -22.71
C VAL B 64 18.97 -5.57 -21.59
N ILE B 65 18.69 -4.28 -21.54
CA ILE B 65 17.80 -3.76 -20.50
C ILE B 65 16.40 -4.29 -20.66
N GLU B 66 15.92 -4.44 -21.91
CA GLU B 66 14.53 -4.80 -22.14
C GLU B 66 14.27 -6.28 -21.88
N ARG B 67 15.24 -7.16 -22.17
CA ARG B 67 14.98 -8.57 -21.96
C ARG B 67 14.75 -8.92 -20.50
N ASN B 68 15.10 -8.03 -19.57
CA ASN B 68 14.95 -8.31 -18.15
C ASN B 68 13.68 -7.72 -17.55
N MET B 69 12.99 -6.84 -18.27
CA MET B 69 11.77 -6.21 -17.75
C MET B 69 10.53 -7.01 -18.13
N ASN B 70 10.56 -8.31 -17.85
CA ASN B 70 9.42 -9.20 -18.07
C ASN B 70 9.02 -9.79 -16.74
N GLY B 71 7.72 -9.78 -16.45
CA GLY B 71 7.22 -10.22 -15.17
C GLY B 71 6.87 -9.11 -14.22
N VAL B 72 7.20 -7.85 -14.54
CA VAL B 72 6.77 -6.74 -13.71
C VAL B 72 5.26 -6.75 -13.64
N GLU B 73 4.72 -6.77 -12.42
CA GLU B 73 3.29 -6.92 -12.22
C GLU B 73 2.51 -5.81 -12.91
N GLY B 74 1.64 -6.17 -13.84
CA GLY B 74 0.76 -5.22 -14.49
C GLY B 74 1.26 -4.61 -15.77
N LEU B 75 2.31 -5.16 -16.39
CA LEU B 75 2.87 -4.58 -17.60
C LEU B 75 1.96 -4.87 -18.78
N ASP B 76 1.68 -3.83 -19.57
CA ASP B 76 0.83 -3.96 -20.76
C ASP B 76 1.67 -4.19 -22.01
N TYR B 77 2.56 -3.26 -22.33
CA TYR B 77 3.46 -3.41 -23.46
C TYR B 77 4.65 -2.47 -23.26
N MET B 78 5.68 -2.66 -24.08
CA MET B 78 6.89 -1.88 -23.97
C MET B 78 7.42 -1.55 -25.36
N SER B 79 8.24 -0.50 -25.42
CA SER B 79 8.81 -0.04 -26.68
C SER B 79 10.27 0.32 -26.46
N THR B 80 10.98 0.55 -27.56
CA THR B 80 12.39 0.92 -27.50
C THR B 80 12.70 1.81 -28.69
N SER B 81 13.48 2.86 -28.45
CA SER B 81 13.83 3.82 -29.50
C SER B 81 15.28 4.25 -29.34
N ALA B 82 15.99 4.33 -30.46
CA ALA B 82 17.37 4.77 -30.48
C ALA B 82 17.62 5.59 -31.74
N ASP B 83 18.60 6.49 -31.65
CA ASP B 83 18.96 7.34 -32.77
C ASP B 83 20.46 7.62 -32.72
N SER B 84 20.94 8.38 -33.71
CA SER B 84 22.37 8.64 -33.84
C SER B 84 22.87 9.72 -32.89
N SER B 85 21.97 10.39 -32.17
CA SER B 85 22.37 11.44 -31.24
C SER B 85 23.14 10.92 -30.04
N GLY B 86 23.17 9.60 -29.83
CA GLY B 86 23.86 9.04 -28.68
C GLY B 86 23.01 9.04 -27.44
N SER B 87 21.78 8.56 -27.55
CA SER B 87 20.86 8.52 -26.43
C SER B 87 19.65 7.68 -26.82
N GLY B 88 19.11 6.94 -25.85
CA GLY B 88 17.98 6.07 -26.09
C GLY B 88 17.17 5.90 -24.83
N SER B 89 15.98 5.30 -24.99
CA SER B 89 15.06 5.14 -23.89
C SER B 89 14.23 3.88 -24.09
N VAL B 90 13.68 3.39 -22.98
CA VAL B 90 12.77 2.25 -22.97
C VAL B 90 11.53 2.65 -22.20
N SER B 91 10.36 2.48 -22.82
CA SER B 91 9.09 2.94 -22.26
C SER B 91 8.22 1.72 -21.94
N LEU B 92 7.81 1.60 -20.69
CA LEU B 92 6.93 0.52 -20.25
C LEU B 92 5.58 1.11 -19.86
N THR B 93 4.51 0.62 -20.48
CA THR B 93 3.15 1.05 -20.17
C THR B 93 2.46 -0.02 -19.34
N PHE B 94 1.77 0.42 -18.29
CA PHE B 94 1.13 -0.49 -17.34
C PHE B 94 -0.38 -0.39 -17.45
N THR B 95 -1.05 -1.51 -17.22
CA THR B 95 -2.50 -1.53 -17.24
C THR B 95 -3.05 -0.66 -16.11
N PRO B 96 -4.21 -0.03 -16.30
CA PRO B 96 -4.79 0.79 -15.24
C PRO B 96 -5.00 -0.03 -13.98
N ASP B 97 -5.23 0.68 -12.87
CA ASP B 97 -5.43 0.11 -11.54
C ASP B 97 -4.13 -0.28 -10.88
N THR B 98 -2.97 0.09 -11.44
CA THR B 98 -1.68 -0.23 -10.85
C THR B 98 -1.05 1.05 -10.30
N ASP B 99 -0.59 0.97 -9.05
CA ASP B 99 0.08 2.11 -8.44
C ASP B 99 1.35 2.46 -9.21
N GLU B 100 1.54 3.75 -9.46
CA GLU B 100 2.70 4.19 -10.21
C GLU B 100 3.98 4.17 -9.39
N ASN B 101 3.90 4.49 -8.10
CA ASN B 101 5.09 4.48 -7.26
C ASN B 101 5.64 3.06 -7.12
N LEU B 102 4.76 2.09 -6.87
CA LEU B 102 5.21 0.70 -6.79
C LEU B 102 5.81 0.23 -8.11
N ALA B 103 5.18 0.63 -9.22
CA ALA B 103 5.71 0.25 -10.53
C ALA B 103 7.11 0.81 -10.73
N GLN B 104 7.31 2.08 -10.38
CA GLN B 104 8.62 2.69 -10.55
C GLN B 104 9.66 2.00 -9.67
N VAL B 105 9.32 1.72 -8.42
CA VAL B 105 10.29 1.10 -7.52
C VAL B 105 10.65 -0.30 -8.02
N GLU B 106 9.66 -1.07 -8.47
CA GLU B 106 9.96 -2.41 -8.95
C GLU B 106 10.78 -2.37 -10.23
N VAL B 107 10.52 -1.40 -11.10
CA VAL B 107 11.33 -1.26 -12.31
C VAL B 107 12.77 -0.94 -11.95
N GLN B 108 12.98 -0.04 -10.99
CA GLN B 108 14.34 0.28 -10.55
C GLN B 108 15.03 -0.96 -10.00
N ASN B 109 14.32 -1.72 -9.17
CA ASN B 109 14.92 -2.93 -8.60
C ASN B 109 15.28 -3.93 -9.70
N LYS B 110 14.42 -4.10 -10.69
CA LYS B 110 14.74 -4.99 -11.81
C LYS B 110 15.97 -4.48 -12.58
N LEU B 111 16.06 -3.18 -12.81
CA LEU B 111 17.20 -2.63 -13.51
C LEU B 111 18.50 -2.81 -12.73
N SER B 112 18.41 -2.90 -11.40
CA SER B 112 19.61 -3.00 -10.58
C SER B 112 20.36 -4.30 -10.78
N GLU B 113 19.78 -5.30 -11.46
CA GLU B 113 20.38 -6.61 -11.58
C GLU B 113 21.13 -6.81 -12.90
N VAL B 114 21.21 -5.78 -13.73
CA VAL B 114 21.86 -5.92 -15.04
C VAL B 114 22.88 -4.82 -15.25
N LEU B 115 23.01 -3.92 -14.27
CA LEU B 115 23.92 -2.79 -14.43
C LEU B 115 25.36 -3.21 -14.64
N SER B 116 25.73 -4.42 -14.20
CA SER B 116 27.12 -4.85 -14.31
C SER B 116 27.47 -5.43 -15.68
N THR B 117 26.49 -5.55 -16.58
CA THR B 117 26.74 -6.09 -17.90
C THR B 117 26.74 -5.05 -19.01
N LEU B 118 26.50 -3.79 -18.68
CA LEU B 118 26.49 -2.73 -19.67
C LEU B 118 27.89 -2.17 -19.89
N PRO B 119 28.11 -1.45 -20.98
CA PRO B 119 29.42 -0.87 -21.23
C PRO B 119 29.84 0.05 -20.10
N ALA B 120 31.15 0.31 -20.02
CA ALA B 120 31.69 1.13 -18.95
C ALA B 120 31.18 2.56 -19.02
N THR B 121 31.10 3.12 -20.23
CA THR B 121 30.65 4.50 -20.37
C THR B 121 29.22 4.67 -19.89
N VAL B 122 28.35 3.72 -20.24
CA VAL B 122 26.96 3.80 -19.81
C VAL B 122 26.88 3.80 -18.29
N GLN B 123 27.69 2.98 -17.63
CA GLN B 123 27.70 2.96 -16.17
C GLN B 123 28.24 4.27 -15.60
N GLN B 124 29.28 4.84 -16.23
CA GLN B 124 29.81 6.11 -15.74
C GLN B 124 28.76 7.21 -15.80
N TYR B 125 28.02 7.28 -16.91
CA TYR B 125 27.01 8.33 -17.03
C TYR B 125 25.78 8.02 -16.18
N GLY B 126 25.39 6.75 -16.11
CA GLY B 126 24.26 6.35 -15.30
C GLY B 126 22.98 6.22 -16.11
N VAL B 127 22.05 5.43 -15.58
CA VAL B 127 20.75 5.18 -16.20
C VAL B 127 19.67 5.68 -15.26
N THR B 128 18.73 6.45 -15.80
CA THR B 128 17.69 7.07 -15.01
C THR B 128 16.40 6.26 -15.10
N VAL B 129 15.48 6.54 -14.18
CA VAL B 129 14.15 5.94 -14.19
C VAL B 129 13.15 6.96 -13.67
N SER B 130 12.19 7.34 -14.50
CA SER B 130 11.23 8.37 -14.12
C SER B 130 9.87 8.03 -14.71
N LYS B 131 8.83 8.55 -14.08
CA LYS B 131 7.46 8.37 -14.57
C LYS B 131 7.12 9.47 -15.57
N ALA B 132 6.45 9.08 -16.65
CA ALA B 132 6.11 10.03 -17.71
C ALA B 132 5.04 11.04 -17.30
N ARG B 133 4.38 10.82 -16.16
CA ARG B 133 3.32 11.74 -15.74
C ARG B 133 3.90 13.13 -15.50
N SER B 134 3.04 14.14 -15.69
CA SER B 134 3.43 15.53 -15.47
C SER B 134 2.18 16.37 -15.38
N ASN B 135 2.24 17.41 -14.53
CA ASN B 135 1.17 18.39 -14.40
C ASN B 135 1.76 19.75 -14.74
N PHE B 136 1.80 20.07 -16.03
CA PHE B 136 2.41 21.31 -16.46
C PHE B 136 1.66 22.50 -15.88
N LEU B 137 2.42 23.49 -15.41
CA LEU B 137 1.84 24.69 -14.82
C LEU B 137 2.18 25.95 -15.62
N MET B 138 3.46 26.22 -15.85
CA MET B 138 3.87 27.45 -16.51
C MET B 138 5.30 27.29 -17.00
N ILE B 139 5.79 28.31 -17.71
CA ILE B 139 7.12 28.30 -18.31
C ILE B 139 7.80 29.63 -18.00
N VAL B 140 9.09 29.56 -17.69
CA VAL B 140 9.87 30.74 -17.32
C VAL B 140 11.02 30.89 -18.31
N MET B 141 11.27 32.13 -18.73
CA MET B 141 12.31 32.42 -19.71
C MET B 141 13.18 33.55 -19.21
N LEU B 142 14.51 33.40 -19.35
CA LEU B 142 15.47 34.43 -19.01
C LEU B 142 16.21 34.83 -20.28
N SER B 143 16.13 36.11 -20.65
CA SER B 143 16.77 36.63 -21.83
C SER B 143 17.76 37.72 -21.44
N SER B 144 18.96 37.67 -22.02
CA SER B 144 20.00 38.64 -21.69
C SER B 144 20.45 39.45 -22.89
N ASP B 145 20.76 38.80 -24.01
CA ASP B 145 21.30 39.43 -25.21
C ASP B 145 22.71 39.97 -25.01
N VAL B 146 23.26 39.89 -23.80
CA VAL B 146 24.59 40.41 -23.53
C VAL B 146 25.57 39.35 -23.07
N GLN B 147 25.11 38.24 -22.49
CA GLN B 147 25.99 37.18 -22.01
C GLN B 147 25.56 35.85 -22.63
N SER B 148 26.54 34.97 -22.83
CA SER B 148 26.28 33.72 -23.52
C SER B 148 25.22 32.90 -22.81
N THR B 149 24.74 31.87 -23.49
CA THR B 149 23.69 31.03 -22.93
C THR B 149 24.18 30.17 -21.77
N GLU B 150 25.45 29.75 -21.79
CA GLU B 150 25.96 28.93 -20.69
C GLU B 150 26.04 29.71 -19.39
N GLU B 151 26.40 30.99 -19.45
CA GLU B 151 26.40 31.81 -18.25
C GLU B 151 25.00 31.95 -17.67
N MET B 152 24.00 32.17 -18.52
CA MET B 152 22.63 32.24 -18.04
C MET B 152 22.17 30.91 -17.47
N ASN B 153 22.56 29.80 -18.11
CA ASN B 153 22.21 28.49 -17.57
C ASN B 153 22.79 28.30 -16.18
N ASP B 154 24.06 28.66 -16.00
CA ASP B 154 24.70 28.52 -14.69
C ASP B 154 24.01 29.40 -13.66
N TYR B 155 23.72 30.65 -14.02
CA TYR B 155 23.06 31.55 -13.08
C TYR B 155 21.69 31.02 -12.67
N ALA B 156 20.92 30.53 -13.65
CA ALA B 156 19.59 29.99 -13.34
C ALA B 156 19.69 28.77 -12.45
N GLN B 157 20.62 27.85 -12.75
CA GLN B 157 20.72 26.63 -11.97
C GLN B 157 21.25 26.88 -10.57
N ARG B 158 22.04 27.94 -10.39
CA ARG B 158 22.69 28.19 -9.10
C ARG B 158 21.99 29.25 -8.27
N ASN B 159 21.04 29.99 -8.84
CA ASN B 159 20.46 31.12 -8.12
C ASN B 159 18.94 31.16 -8.16
N VAL B 160 18.33 30.58 -9.19
CA VAL B 160 16.90 30.75 -9.41
C VAL B 160 16.14 29.45 -9.18
N VAL B 161 16.65 28.36 -9.72
CA VAL B 161 15.95 27.07 -9.65
C VAL B 161 15.74 26.67 -8.19
N PRO B 162 16.76 26.76 -7.32
CA PRO B 162 16.53 26.44 -5.90
C PRO B 162 15.51 27.34 -5.23
N GLU B 163 15.30 28.56 -5.73
CA GLU B 163 14.35 29.47 -5.11
C GLU B 163 12.90 29.08 -5.39
N LEU B 164 12.61 28.60 -6.60
CA LEU B 164 11.25 28.21 -6.95
C LEU B 164 10.88 26.83 -6.45
N GLN B 165 11.85 26.02 -6.03
CA GLN B 165 11.55 24.68 -5.53
C GLN B 165 10.99 24.70 -4.11
N ARG B 166 11.19 25.79 -3.38
CA ARG B 166 10.73 25.91 -2.00
C ARG B 166 9.35 26.56 -1.90
N ILE B 167 8.75 26.94 -3.03
CA ILE B 167 7.43 27.55 -3.01
C ILE B 167 6.37 26.50 -2.73
N GLU B 168 5.28 26.93 -2.09
CA GLU B 168 4.20 26.04 -1.71
C GLU B 168 3.39 25.67 -2.95
N GLY B 169 3.27 24.38 -3.22
CA GLY B 169 2.53 23.87 -4.36
C GLY B 169 3.37 23.44 -5.54
N VAL B 170 4.66 23.79 -5.55
CA VAL B 170 5.53 23.39 -6.65
C VAL B 170 5.95 21.93 -6.45
N GLY B 171 5.77 21.13 -7.50
CA GLY B 171 6.09 19.72 -7.42
C GLY B 171 7.44 19.37 -8.01
N GLN B 172 7.86 20.10 -9.04
CA GLN B 172 9.14 19.84 -9.68
C GLN B 172 9.42 20.93 -10.69
N VAL B 173 10.69 21.26 -10.85
CA VAL B 173 11.14 22.25 -11.83
C VAL B 173 12.23 21.63 -12.69
N ARG B 174 12.15 21.84 -13.99
CA ARG B 174 13.09 21.26 -14.94
C ARG B 174 13.77 22.37 -15.73
N LEU B 175 15.09 22.29 -15.84
CA LEU B 175 15.86 23.26 -16.60
C LEU B 175 16.35 22.62 -17.89
N PHE B 176 16.12 23.31 -19.01
CA PHE B 176 16.47 22.80 -20.32
C PHE B 176 17.81 23.40 -20.74
N GLY B 177 18.82 22.56 -20.83
CA GLY B 177 20.15 22.98 -21.23
C GLY B 177 21.21 22.31 -20.39
N ALA B 178 22.40 22.22 -20.95
CA ALA B 178 23.52 21.57 -20.28
C ALA B 178 24.29 22.58 -19.44
N GLN B 179 24.75 22.12 -18.28
CA GLN B 179 25.49 22.98 -17.37
C GLN B 179 26.95 23.04 -17.81
N ARG B 180 27.80 23.69 -17.01
CA ARG B 180 29.19 23.90 -17.39
C ARG B 180 29.99 22.62 -17.24
N ALA B 181 31.21 22.67 -17.78
CA ALA B 181 32.18 21.58 -17.67
C ALA B 181 33.53 22.13 -18.10
N MET B 182 34.58 21.43 -17.72
CA MET B 182 35.93 21.79 -18.13
C MET B 182 36.24 21.09 -19.45
N ARG B 183 36.29 21.86 -20.52
CA ARG B 183 36.48 21.33 -21.86
C ARG B 183 37.95 21.47 -22.26
N ILE B 184 38.52 20.39 -22.80
CA ILE B 184 39.89 20.38 -23.28
C ILE B 184 39.86 20.02 -24.76
N TRP B 185 40.53 20.83 -25.58
CA TRP B 185 40.56 20.65 -27.03
C TRP B 185 41.97 20.30 -27.46
N VAL B 186 42.20 19.03 -27.76
CA VAL B 186 43.53 18.52 -28.08
C VAL B 186 43.80 18.68 -29.57
N ASP B 187 45.05 19.00 -29.91
CA ASP B 187 45.47 19.10 -31.29
C ASP B 187 46.31 17.89 -31.65
N PRO B 188 45.83 16.99 -32.50
CA PRO B 188 46.60 15.76 -32.79
C PRO B 188 47.98 16.02 -33.39
N LYS B 189 48.16 17.14 -34.10
CA LYS B 189 49.47 17.43 -34.66
C LYS B 189 50.52 17.58 -33.56
N LYS B 190 50.18 18.25 -32.47
CA LYS B 190 51.12 18.39 -31.37
C LYS B 190 51.45 17.03 -30.76
N LEU B 191 50.44 16.20 -30.55
CA LEU B 191 50.67 14.87 -29.99
C LEU B 191 51.61 14.07 -30.87
N GLN B 192 51.38 14.11 -32.18
CA GLN B 192 52.30 13.44 -33.10
C GLN B 192 53.70 14.04 -33.05
N ASN B 193 53.81 15.34 -32.81
CA ASN B 193 55.13 15.96 -32.72
C ASN B 193 55.87 15.53 -31.47
N TYR B 194 55.14 15.23 -30.39
CA TYR B 194 55.75 14.82 -29.14
C TYR B 194 55.69 13.32 -28.87
N ASN B 195 55.04 12.56 -29.75
CA ASN B 195 54.88 11.12 -29.56
C ASN B 195 54.10 10.82 -28.28
N LEU B 196 52.86 11.34 -28.25
CA LEU B 196 51.95 11.15 -27.14
C LEU B 196 50.65 10.56 -27.67
N SER B 197 49.66 10.42 -26.79
CA SER B 197 48.38 9.84 -27.19
C SER B 197 47.30 10.34 -26.25
N PHE B 198 46.04 10.15 -26.67
CA PHE B 198 44.91 10.62 -25.88
C PHE B 198 44.86 9.92 -24.53
N ALA B 199 45.17 8.62 -24.51
CA ALA B 199 45.18 7.89 -23.24
C ALA B 199 46.19 8.48 -22.27
N ASP B 200 47.31 9.00 -22.78
CA ASP B 200 48.27 9.67 -21.91
C ASP B 200 47.63 10.88 -21.23
N VAL B 201 46.88 11.68 -22.01
CA VAL B 201 46.21 12.84 -21.44
C VAL B 201 45.21 12.41 -20.38
N GLY B 202 44.43 11.36 -20.68
CA GLY B 202 43.46 10.89 -19.71
C GLY B 202 44.11 10.42 -18.42
N SER B 203 45.18 9.64 -18.53
CA SER B 203 45.86 9.15 -17.33
C SER B 203 46.46 10.30 -16.53
N ALA B 204 47.08 11.26 -17.21
CA ALA B 204 47.63 12.41 -16.50
C ALA B 204 46.55 13.18 -15.78
N LEU B 205 45.40 13.40 -16.42
CA LEU B 205 44.31 14.10 -15.75
C LEU B 205 43.82 13.32 -14.54
N SER B 206 43.72 12.00 -14.67
CA SER B 206 43.24 11.18 -13.57
C SER B 206 44.26 11.04 -12.43
N ALA B 207 45.54 11.34 -12.68
CA ALA B 207 46.54 11.19 -11.64
C ALA B 207 46.66 12.44 -10.77
N GLN B 208 46.75 13.62 -11.40
CA GLN B 208 46.96 14.85 -10.66
C GLN B 208 45.69 15.45 -10.07
N ASN B 209 44.52 14.88 -10.36
CA ASN B 209 43.25 15.40 -9.87
C ASN B 209 42.54 14.28 -9.10
N ILE B 210 42.82 14.20 -7.80
CA ILE B 210 42.25 13.18 -6.95
C ILE B 210 41.94 13.79 -5.58
N GLN B 211 41.01 13.17 -4.86
CA GLN B 211 40.63 13.64 -3.54
C GLN B 211 41.37 12.83 -2.48
N ILE B 212 42.09 13.52 -1.61
CA ILE B 212 42.92 12.88 -0.59
C ILE B 212 42.11 12.77 0.70
N SER B 213 42.39 11.71 1.47
CA SER B 213 41.75 11.49 2.76
C SER B 213 42.82 11.01 3.73
N ALA B 214 43.42 11.97 4.46
CA ALA B 214 44.53 11.66 5.36
C ALA B 214 44.07 10.90 6.60
N GLY B 215 42.97 11.34 7.22
CA GLY B 215 42.47 10.67 8.39
C GLY B 215 42.40 11.55 9.61
N SER B 216 42.95 11.08 10.73
CA SER B 216 42.93 11.83 11.99
C SER B 216 44.19 11.50 12.78
N ILE B 217 44.63 12.46 13.58
CA ILE B 217 45.80 12.30 14.43
C ILE B 217 45.33 12.06 15.86
N GLY B 218 45.87 11.03 16.49
CA GLY B 218 45.42 10.60 17.80
C GLY B 218 44.23 9.66 17.78
N SER B 219 44.17 8.75 16.81
CA SER B 219 43.03 7.85 16.69
C SER B 219 42.83 7.08 17.99
N LEU B 220 41.63 6.52 18.14
CA LEU B 220 41.15 6.08 19.44
C LEU B 220 42.02 5.02 20.08
N PRO B 221 42.46 3.99 19.35
CA PRO B 221 43.39 3.01 19.95
C PRO B 221 44.74 3.65 20.21
N ALA B 222 44.77 4.63 21.10
CA ALA B 222 45.92 5.51 21.25
C ALA B 222 46.81 5.05 22.40
N VAL B 223 48.07 5.49 22.33
CA VAL B 223 49.02 5.23 23.41
C VAL B 223 48.53 5.87 24.69
N ARG B 224 49.04 5.39 25.82
CA ARG B 224 48.65 5.92 27.12
C ARG B 224 49.39 7.22 27.39
N GLY B 225 48.63 8.28 27.67
CA GLY B 225 49.21 9.58 27.93
C GLY B 225 48.82 10.62 26.90
N GLN B 226 47.99 10.21 25.93
CA GLN B 226 47.55 11.12 24.88
C GLN B 226 46.50 12.08 25.42
N THR B 227 46.58 13.35 25.01
CA THR B 227 45.66 14.37 25.46
C THR B 227 45.04 15.19 24.34
N VAL B 228 45.51 15.06 23.11
CA VAL B 228 45.05 15.90 22.01
C VAL B 228 44.57 15.02 20.86
N THR B 229 43.66 15.58 20.06
CA THR B 229 43.15 14.93 18.87
C THR B 229 42.92 15.99 17.80
N ALA B 230 43.26 15.67 16.56
CA ALA B 230 43.13 16.63 15.47
C ALA B 230 42.79 15.90 14.18
N THR B 231 42.26 16.65 13.23
CA THR B 231 41.91 16.14 11.91
C THR B 231 42.89 16.70 10.89
N VAL B 232 43.45 15.82 10.06
CA VAL B 232 44.43 16.20 9.06
C VAL B 232 43.74 16.35 7.72
N THR B 233 44.02 17.45 7.02
CA THR B 233 43.35 17.79 5.77
C THR B 233 44.39 18.07 4.69
N ALA B 234 44.03 17.72 3.46
CA ALA B 234 44.87 17.98 2.30
C ALA B 234 43.99 18.21 1.09
N GLN B 235 44.41 19.13 0.22
CA GLN B 235 43.67 19.48 -0.99
C GLN B 235 44.45 18.96 -2.19
N GLY B 236 43.81 18.12 -2.99
CA GLY B 236 44.48 17.53 -4.14
C GLY B 236 43.67 17.60 -5.41
N GLN B 237 42.83 18.62 -5.54
CA GLN B 237 41.99 18.80 -6.72
C GLN B 237 42.26 20.17 -7.33
N LEU B 238 41.99 20.27 -8.63
CA LEU B 238 42.18 21.50 -9.38
C LEU B 238 40.84 22.17 -9.61
N GLY B 239 40.84 23.50 -9.65
CA GLY B 239 39.60 24.24 -9.77
C GLY B 239 39.60 25.34 -10.80
N THR B 240 40.76 25.68 -11.35
CA THR B 240 40.90 26.80 -12.27
C THR B 240 41.38 26.28 -13.63
N ALA B 241 41.32 27.16 -14.64
CA ALA B 241 41.72 26.78 -15.98
C ALA B 241 43.24 26.69 -16.13
N GLU B 242 43.99 27.62 -15.54
CA GLU B 242 45.45 27.54 -15.62
C GLU B 242 45.98 26.41 -14.76
N GLU B 243 45.32 26.10 -13.64
CA GLU B 243 45.72 24.94 -12.85
C GLU B 243 45.64 23.68 -13.67
N PHE B 244 44.56 23.51 -14.44
CA PHE B 244 44.47 22.39 -15.37
C PHE B 244 45.49 22.49 -16.48
N GLY B 245 45.77 23.70 -16.97
CA GLY B 245 46.72 23.86 -18.04
C GLY B 245 48.14 23.58 -17.65
N ASN B 246 48.46 23.58 -16.36
CA ASN B 246 49.80 23.34 -15.88
C ASN B 246 50.08 21.88 -15.57
N VAL B 247 49.12 20.98 -15.83
CA VAL B 247 49.35 19.57 -15.60
C VAL B 247 50.56 19.11 -16.43
N ILE B 248 51.25 18.08 -15.94
CA ILE B 248 52.45 17.57 -16.57
C ILE B 248 52.13 16.26 -17.27
N LEU B 249 52.47 16.18 -18.56
CA LEU B 249 52.24 14.99 -19.36
C LEU B 249 53.47 14.11 -19.49
N ARG B 250 54.67 14.69 -19.46
CA ARG B 250 55.90 13.92 -19.57
C ARG B 250 57.03 14.72 -18.92
N ALA B 251 57.75 14.06 -18.02
CA ALA B 251 58.88 14.69 -17.32
C ALA B 251 60.18 14.16 -17.90
N ASN B 252 61.01 15.07 -18.39
CA ASN B 252 62.28 14.72 -19.00
C ASN B 252 63.34 14.49 -17.92
N THR B 253 64.37 13.72 -18.28
CA THR B 253 65.46 13.47 -17.35
C THR B 253 66.20 14.76 -17.02
N ASP B 254 66.34 15.66 -17.99
CA ASP B 254 67.03 16.93 -17.78
C ASP B 254 66.09 18.05 -17.37
N GLY B 255 64.81 17.77 -17.15
CA GLY B 255 63.85 18.80 -16.82
C GLY B 255 63.06 19.26 -18.03
N SER B 256 62.61 20.51 -18.02
CA SER B 256 61.85 21.08 -19.12
C SER B 256 60.71 20.14 -19.53
N ASN B 257 59.78 19.95 -18.60
CA ASN B 257 58.68 19.03 -18.80
C ASN B 257 57.70 19.57 -19.82
N ILE B 258 56.80 18.69 -20.26
CA ILE B 258 55.75 19.03 -21.22
C ILE B 258 54.44 19.17 -20.44
N TYR B 259 53.85 20.36 -20.51
CA TYR B 259 52.62 20.65 -19.77
C TYR B 259 51.42 20.34 -20.65
N LEU B 260 50.22 20.47 -20.05
CA LEU B 260 48.98 20.22 -20.77
C LEU B 260 48.61 21.34 -21.72
N LYS B 261 49.28 22.49 -21.65
CA LYS B 261 49.00 23.62 -22.52
C LYS B 261 49.91 23.69 -23.73
N ASP B 262 50.78 22.69 -23.92
CA ASP B 262 51.60 22.63 -25.12
C ASP B 262 50.92 21.87 -26.26
N VAL B 263 49.89 21.09 -25.96
CA VAL B 263 49.25 20.25 -26.97
C VAL B 263 47.75 20.39 -26.94
N ALA B 264 47.24 21.30 -26.12
CA ALA B 264 45.79 21.42 -25.94
C ALA B 264 45.43 22.86 -25.64
N LYS B 265 44.13 23.11 -25.46
CA LYS B 265 43.60 24.41 -25.12
C LYS B 265 42.50 24.22 -24.09
N VAL B 266 42.75 24.66 -22.86
CA VAL B 266 41.88 24.39 -21.73
C VAL B 266 40.97 25.60 -21.50
N GLY B 267 39.69 25.33 -21.26
CA GLY B 267 38.73 26.39 -21.01
C GLY B 267 37.49 25.83 -20.36
N LEU B 268 36.53 26.72 -20.11
CA LEU B 268 35.27 26.39 -19.48
C LEU B 268 34.15 26.48 -20.51
N GLY B 269 33.33 25.44 -20.58
CA GLY B 269 32.27 25.37 -21.57
C GLY B 269 31.12 24.51 -21.09
N MET B 270 30.37 23.97 -22.04
CA MET B 270 29.20 23.14 -21.76
C MET B 270 29.54 21.66 -21.95
N GLU B 271 28.51 20.83 -21.88
CA GLU B 271 28.69 19.39 -22.03
C GLU B 271 28.34 18.89 -23.43
N ASP B 272 27.23 19.38 -24.01
CA ASP B 272 26.68 18.78 -25.22
C ASP B 272 26.84 19.66 -26.44
N TYR B 273 26.36 20.91 -26.40
CA TYR B 273 26.35 21.81 -27.54
C TYR B 273 25.29 21.44 -28.56
N SER B 274 24.29 20.66 -28.18
CA SER B 274 23.31 20.12 -29.13
C SER B 274 22.14 21.08 -29.38
N SER B 275 21.39 21.40 -28.33
CA SER B 275 20.20 22.23 -28.46
C SER B 275 20.56 23.71 -28.37
N SER B 276 19.59 24.54 -28.78
CA SER B 276 19.78 25.98 -28.77
C SER B 276 18.41 26.65 -28.78
N THR B 277 18.11 27.39 -27.73
CA THR B 277 16.81 28.02 -27.55
C THR B 277 16.91 29.51 -27.84
N ARG B 278 15.79 30.08 -28.29
CA ARG B 278 15.72 31.51 -28.57
C ARG B 278 14.29 31.97 -28.41
N LEU B 279 14.13 33.20 -27.94
CA LEU B 279 12.81 33.82 -27.74
C LEU B 279 12.80 35.14 -28.50
N ASN B 280 12.14 35.15 -29.66
CA ASN B 280 12.00 36.35 -30.48
C ASN B 280 13.32 36.79 -31.10
N GLY B 281 14.28 35.88 -31.23
CA GLY B 281 15.56 36.18 -31.84
C GLY B 281 16.71 36.32 -30.87
N VAL B 282 16.45 36.43 -29.58
CA VAL B 282 17.49 36.57 -28.56
C VAL B 282 17.56 35.28 -27.76
N ASN B 283 18.75 34.71 -27.66
CA ASN B 283 18.92 33.44 -26.98
C ASN B 283 18.51 33.55 -25.52
N THR B 284 17.85 32.49 -25.03
CA THR B 284 17.27 32.49 -23.69
C THR B 284 17.55 31.15 -23.04
N THR B 285 17.05 30.99 -21.81
CA THR B 285 17.07 29.73 -21.10
C THR B 285 15.71 29.53 -20.44
N GLY B 286 15.08 28.39 -20.70
CA GLY B 286 13.72 28.13 -20.29
C GLY B 286 13.66 27.15 -19.13
N MET B 287 12.64 27.31 -18.28
CA MET B 287 12.41 26.44 -17.13
C MET B 287 10.94 26.07 -17.07
N ALA B 288 10.66 24.82 -16.74
CA ALA B 288 9.30 24.30 -16.69
C ALA B 288 8.93 24.00 -15.24
N VAL B 289 7.76 24.47 -14.83
CA VAL B 289 7.27 24.28 -13.47
C VAL B 289 6.09 23.31 -13.51
N MET B 290 6.15 22.28 -12.68
CA MET B 290 5.12 21.25 -12.61
C MET B 290 4.37 21.38 -11.29
N LEU B 291 3.05 21.30 -11.34
CA LEU B 291 2.24 21.40 -10.14
C LEU B 291 2.16 20.06 -9.43
N SER B 292 2.24 20.10 -8.11
CA SER B 292 2.18 18.89 -7.29
C SER B 292 0.73 18.47 -7.10
N ASN B 293 0.52 17.16 -6.97
CA ASN B 293 -0.83 16.64 -6.74
C ASN B 293 -1.41 17.26 -5.48
N SER B 294 -2.69 17.63 -5.56
CA SER B 294 -3.36 18.29 -4.44
C SER B 294 -2.81 19.69 -4.20
N GLY B 295 -2.65 20.45 -5.27
CA GLY B 295 -2.16 21.82 -5.16
C GLY B 295 -2.99 22.77 -5.98
N ASN B 296 -3.32 23.91 -5.36
CA ASN B 296 -4.07 24.94 -6.07
C ASN B 296 -3.21 25.52 -7.18
N ALA B 297 -3.79 25.65 -8.37
CA ALA B 297 -3.04 26.06 -9.55
C ALA B 297 -2.99 27.57 -9.75
N MET B 298 -3.78 28.33 -8.98
CA MET B 298 -3.78 29.78 -9.07
C MET B 298 -2.89 30.43 -8.02
N ALA B 299 -2.99 29.99 -6.77
CA ALA B 299 -2.11 30.48 -5.73
C ALA B 299 -0.66 30.21 -6.08
N THR B 300 -0.38 29.04 -6.66
CA THR B 300 1.00 28.71 -7.02
C THR B 300 1.54 29.66 -8.09
N ALA B 301 0.74 29.95 -9.12
CA ALA B 301 1.18 30.87 -10.15
C ALA B 301 1.41 32.26 -9.58
N LYS B 302 0.51 32.73 -8.72
CA LYS B 302 0.70 34.04 -8.11
C LYS B 302 1.98 34.08 -7.28
N ALA B 303 2.22 33.02 -6.51
CA ALA B 303 3.42 32.97 -5.68
C ALA B 303 4.68 32.96 -6.54
N VAL B 304 4.67 32.21 -7.63
CA VAL B 304 5.84 32.15 -8.51
C VAL B 304 6.10 33.54 -9.09
N LYS B 305 5.06 34.22 -9.56
CA LYS B 305 5.26 35.54 -10.14
C LYS B 305 5.81 36.52 -9.10
N GLU B 306 5.28 36.49 -7.88
CA GLU B 306 5.76 37.40 -6.85
C GLU B 306 7.21 37.12 -6.49
N ARG B 307 7.57 35.84 -6.36
CA ARG B 307 8.95 35.49 -6.04
C ARG B 307 9.89 35.93 -7.14
N LEU B 308 9.49 35.75 -8.40
CA LEU B 308 10.34 36.19 -9.50
C LEU B 308 10.50 37.71 -9.48
N ALA B 309 9.42 38.44 -9.21
CA ALA B 309 9.52 39.89 -9.13
C ALA B 309 10.49 40.31 -8.03
N VAL B 310 10.45 39.61 -6.90
CA VAL B 310 11.39 39.92 -5.81
C VAL B 310 12.82 39.63 -6.24
N LEU B 311 13.05 38.48 -6.88
CA LEU B 311 14.41 38.09 -7.26
C LEU B 311 14.96 38.98 -8.38
N GLU B 312 14.09 39.64 -9.14
CA GLU B 312 14.55 40.41 -10.29
C GLU B 312 15.54 41.49 -9.90
N LYS B 313 15.55 41.90 -8.62
CA LYS B 313 16.41 43.01 -8.21
C LYS B 313 17.88 42.71 -8.38
N TYR B 314 18.30 41.46 -8.17
CA TYR B 314 19.71 41.09 -8.18
C TYR B 314 20.16 40.54 -9.53
N PHE B 315 19.32 40.63 -10.56
CA PHE B 315 19.69 40.07 -11.85
C PHE B 315 20.92 40.79 -12.41
N PRO B 316 21.79 40.10 -13.14
CA PRO B 316 22.90 40.78 -13.81
C PRO B 316 22.38 41.70 -14.90
N GLN B 317 23.17 42.73 -15.21
CA GLN B 317 22.76 43.71 -16.19
C GLN B 317 22.46 43.06 -17.52
N GLY B 318 21.31 43.42 -18.10
CA GLY B 318 20.91 42.88 -19.38
C GLY B 318 19.84 41.81 -19.30
N MET B 319 19.82 41.06 -18.20
CA MET B 319 18.89 39.95 -18.07
C MET B 319 17.48 40.46 -17.78
N SER B 320 16.50 39.61 -18.10
CA SER B 320 15.10 39.86 -17.80
C SER B 320 14.38 38.52 -17.78
N TRP B 321 13.13 38.53 -17.35
CA TRP B 321 12.33 37.32 -17.26
C TRP B 321 10.96 37.55 -17.86
N LYS B 322 10.34 36.45 -18.30
CA LYS B 322 9.00 36.49 -18.90
C LYS B 322 8.32 35.16 -18.67
N THR B 323 6.99 35.17 -18.75
CA THR B 323 6.16 33.98 -18.58
C THR B 323 5.22 33.88 -19.78
N PRO B 324 5.73 33.42 -20.93
CA PRO B 324 4.88 33.41 -22.12
C PRO B 324 3.63 32.57 -21.98
N TYR B 325 3.68 31.47 -21.25
CA TYR B 325 2.54 30.57 -21.12
C TYR B 325 2.23 30.30 -19.64
N ASP B 326 0.94 30.06 -19.37
CA ASP B 326 0.49 29.78 -18.02
C ASP B 326 -0.87 29.10 -18.12
N THR B 327 -0.98 27.91 -17.55
CA THR B 327 -2.20 27.12 -17.66
C THR B 327 -3.18 27.39 -16.53
N SER B 328 -2.92 28.40 -15.69
CA SER B 328 -3.78 28.72 -14.56
C SER B 328 -4.86 29.73 -14.92
N LYS B 329 -4.89 30.19 -16.17
CA LYS B 329 -5.93 31.13 -16.59
C LYS B 329 -7.20 30.44 -17.04
N PHE B 330 -7.09 29.22 -17.58
CA PHE B 330 -8.28 28.51 -18.02
C PHE B 330 -9.20 28.17 -16.84
N VAL B 331 -8.62 27.76 -15.71
CA VAL B 331 -9.44 27.44 -14.55
C VAL B 331 -10.14 28.69 -14.04
N GLU B 332 -9.43 29.81 -14.00
CA GLU B 332 -10.06 31.07 -13.58
C GLU B 332 -11.19 31.46 -14.51
N ILE B 333 -10.98 31.31 -15.82
CA ILE B 333 -12.03 31.64 -16.78
C ILE B 333 -13.25 30.75 -16.57
N SER B 334 -13.02 29.45 -16.35
CA SER B 334 -14.14 28.54 -16.13
C SER B 334 -14.91 28.92 -14.86
N ILE B 335 -14.20 29.26 -13.79
CA ILE B 335 -14.88 29.64 -12.55
C ILE B 335 -15.70 30.90 -12.77
N GLU B 336 -15.14 31.89 -13.47
CA GLU B 336 -15.87 33.11 -13.74
C GLU B 336 -17.12 32.81 -14.55
N LYS B 337 -17.02 31.95 -15.56
CA LYS B 337 -18.18 31.60 -16.36
C LYS B 337 -19.24 30.91 -15.51
N VAL B 338 -18.82 30.02 -14.62
CA VAL B 338 -19.79 29.33 -13.76
C VAL B 338 -20.55 30.33 -12.90
N ILE B 339 -19.84 31.28 -12.30
CA ILE B 339 -20.50 32.28 -11.46
C ILE B 339 -21.44 33.14 -12.29
N HIS B 340 -21.00 33.57 -13.48
CA HIS B 340 -21.83 34.39 -14.33
C HIS B 340 -23.13 33.67 -14.67
N THR B 341 -23.02 32.39 -15.07
CA THR B 341 -24.21 31.63 -15.41
C THR B 341 -25.11 31.42 -14.20
N LEU B 342 -24.55 31.19 -13.02
CA LEU B 342 -25.38 31.04 -11.83
C LEU B 342 -26.20 32.29 -11.58
N ILE B 343 -25.56 33.46 -11.63
CA ILE B 343 -26.28 34.71 -11.39
C ILE B 343 -27.35 34.93 -12.45
N GLU B 344 -27.00 34.68 -13.72
CA GLU B 344 -27.97 34.88 -14.79
C GLU B 344 -29.17 33.96 -14.64
N ALA B 345 -28.93 32.71 -14.26
CA ALA B 345 -30.03 31.77 -14.04
C ALA B 345 -30.91 32.21 -12.88
N MET B 346 -30.30 32.71 -11.80
CA MET B 346 -31.10 33.22 -10.70
C MET B 346 -31.99 34.37 -11.14
N VAL B 347 -31.44 35.30 -11.93
CA VAL B 347 -32.23 36.43 -12.41
C VAL B 347 -33.38 35.94 -13.29
N LEU B 348 -33.10 35.01 -14.22
CA LEU B 348 -34.15 34.51 -15.09
C LEU B 348 -35.25 33.83 -14.31
N VAL B 349 -34.88 33.02 -13.32
CA VAL B 349 -35.89 32.33 -12.50
C VAL B 349 -36.73 33.35 -11.76
N PHE B 350 -36.11 34.37 -11.18
CA PHE B 350 -36.86 35.41 -10.50
C PHE B 350 -37.87 36.05 -11.44
N VAL B 351 -37.44 36.42 -12.63
CA VAL B 351 -38.32 37.11 -13.56
C VAL B 351 -39.49 36.23 -13.96
N VAL B 352 -39.21 34.96 -14.30
CA VAL B 352 -40.28 34.06 -14.74
C VAL B 352 -41.28 33.83 -13.61
N MET B 353 -40.77 33.56 -12.41
CA MET B 353 -41.66 33.28 -11.29
C MET B 353 -42.52 34.48 -10.96
N TYR B 354 -41.95 35.69 -10.99
CA TYR B 354 -42.77 36.86 -10.72
C TYR B 354 -43.78 37.10 -11.83
N LEU B 355 -43.42 36.84 -13.08
CA LEU B 355 -44.37 37.06 -14.17
C LEU B 355 -45.56 36.12 -14.06
N PHE B 356 -45.31 34.86 -13.70
CA PHE B 356 -46.40 33.88 -13.70
C PHE B 356 -47.18 33.83 -12.39
N LEU B 357 -46.49 33.87 -11.24
CA LEU B 357 -47.14 33.77 -9.95
C LEU B 357 -47.58 35.12 -9.40
N GLN B 358 -46.91 36.20 -9.79
CA GLN B 358 -47.38 37.56 -9.53
C GLN B 358 -47.26 37.94 -8.05
N ASN B 359 -46.20 37.48 -7.40
CA ASN B 359 -45.92 37.89 -6.03
C ASN B 359 -44.42 37.80 -5.79
N ILE B 360 -43.95 38.54 -4.78
CA ILE B 360 -42.53 38.54 -4.44
C ILE B 360 -42.19 37.52 -3.36
N ARG B 361 -43.19 36.91 -2.72
CA ARG B 361 -42.92 35.88 -1.72
C ARG B 361 -42.59 34.54 -2.36
N TYR B 362 -42.88 34.36 -3.65
CA TYR B 362 -42.60 33.11 -4.34
C TYR B 362 -41.19 33.04 -4.89
N THR B 363 -40.59 34.20 -5.19
CA THR B 363 -39.30 34.24 -5.87
C THR B 363 -38.11 34.08 -4.93
N LEU B 364 -38.34 33.73 -3.67
CA LEU B 364 -37.25 33.55 -2.72
C LEU B 364 -36.91 32.10 -2.45
N ILE B 365 -37.88 31.20 -2.55
CA ILE B 365 -37.68 29.79 -2.21
C ILE B 365 -36.67 29.15 -3.16
N PRO B 366 -36.82 29.28 -4.48
CA PRO B 366 -35.82 28.71 -5.37
C PRO B 366 -34.43 29.27 -5.16
N THR B 367 -34.33 30.58 -4.92
CA THR B 367 -33.03 31.20 -4.67
C THR B 367 -32.40 30.64 -3.41
N ILE B 368 -33.19 30.41 -2.37
CA ILE B 368 -32.65 29.84 -1.14
C ILE B 368 -32.23 28.39 -1.36
N VAL B 369 -32.98 27.63 -2.16
CA VAL B 369 -32.79 26.18 -2.20
C VAL B 369 -31.78 25.70 -3.25
N VAL B 370 -31.48 26.50 -4.27
CA VAL B 370 -30.56 26.04 -5.32
C VAL B 370 -29.12 26.00 -4.81
N PRO B 371 -28.61 27.12 -4.28
CA PRO B 371 -27.22 27.11 -3.82
C PRO B 371 -26.93 26.05 -2.77
N ILE B 372 -27.90 25.70 -1.93
CA ILE B 372 -27.66 24.63 -0.96
C ILE B 372 -27.42 23.30 -1.67
N SER B 373 -28.19 23.02 -2.71
CA SER B 373 -27.97 21.80 -3.49
C SER B 373 -26.59 21.82 -4.13
N LEU B 374 -26.19 22.97 -4.69
CA LEU B 374 -24.86 23.06 -5.28
C LEU B 374 -23.76 22.81 -4.25
N LEU B 375 -23.93 23.36 -3.03
CA LEU B 375 -22.95 23.15 -1.99
C LEU B 375 -22.90 21.68 -1.56
N GLY B 376 -24.05 21.02 -1.51
CA GLY B 376 -24.06 19.59 -1.22
C GLY B 376 -23.29 18.80 -2.26
N GLY B 377 -23.48 19.13 -3.54
CA GLY B 377 -22.72 18.48 -4.58
C GLY B 377 -21.23 18.72 -4.43
N PHE B 378 -20.83 19.95 -4.10
CA PHE B 378 -19.43 20.25 -3.85
C PHE B 378 -18.88 19.38 -2.72
N ALA B 379 -19.63 19.27 -1.62
CA ALA B 379 -19.18 18.47 -0.50
C ALA B 379 -19.00 17.01 -0.90
N PHE B 380 -19.96 16.46 -1.64
CA PHE B 380 -19.84 15.06 -2.04
C PHE B 380 -18.61 14.85 -2.92
N ILE B 381 -18.40 15.72 -3.91
CA ILE B 381 -17.25 15.52 -4.79
C ILE B 381 -15.95 15.67 -4.01
N SER B 382 -15.91 16.57 -3.01
CA SER B 382 -14.73 16.64 -2.16
C SER B 382 -14.52 15.36 -1.38
N TYR B 383 -15.61 14.74 -0.89
CA TYR B 383 -15.47 13.50 -0.12
C TYR B 383 -14.83 12.40 -0.95
N MET B 384 -15.27 12.24 -2.20
CA MET B 384 -14.77 11.16 -3.05
C MET B 384 -13.30 11.34 -3.45
N GLY B 385 -12.71 12.50 -3.20
CA GLY B 385 -11.34 12.73 -3.57
C GLY B 385 -11.11 13.26 -4.95
N MET B 386 -12.09 13.93 -5.54
CA MET B 386 -11.95 14.53 -6.86
C MET B 386 -11.39 15.95 -6.71
N SER B 387 -11.38 16.72 -7.79
CA SER B 387 -10.80 18.05 -7.78
C SER B 387 -11.72 19.01 -8.51
N ILE B 388 -11.27 20.25 -8.67
CA ILE B 388 -12.01 21.30 -9.37
C ILE B 388 -11.29 21.56 -10.68
N ASN B 389 -11.96 21.31 -11.79
CA ASN B 389 -11.37 21.49 -13.11
C ASN B 389 -12.47 21.97 -14.06
N VAL B 390 -12.19 21.97 -15.36
CA VAL B 390 -13.15 22.47 -16.33
C VAL B 390 -14.35 21.55 -16.47
N LEU B 391 -14.12 20.24 -16.46
CA LEU B 391 -15.22 19.29 -16.64
C LEU B 391 -16.20 19.37 -15.47
N THR B 392 -15.69 19.50 -14.25
CA THR B 392 -16.56 19.64 -13.08
C THR B 392 -17.40 20.91 -13.18
N MET B 393 -16.78 22.01 -13.60
CA MET B 393 -17.52 23.26 -13.74
C MET B 393 -18.62 23.13 -14.80
N PHE B 394 -18.31 22.45 -15.91
CA PHE B 394 -19.33 22.25 -16.93
C PHE B 394 -20.48 21.40 -16.40
N ALA B 395 -20.16 20.38 -15.61
CA ALA B 395 -21.21 19.57 -15.01
C ALA B 395 -22.10 20.41 -14.10
N MET B 396 -21.49 21.29 -13.31
CA MET B 396 -22.28 22.17 -12.44
C MET B 396 -23.20 23.08 -13.27
N ILE B 397 -22.66 23.63 -14.35
CA ILE B 397 -23.47 24.49 -15.21
C ILE B 397 -24.66 23.73 -15.77
N LEU B 398 -24.43 22.49 -16.22
CA LEU B 398 -25.52 21.69 -16.73
C LEU B 398 -26.56 21.41 -15.65
N VAL B 399 -26.12 21.08 -14.43
CA VAL B 399 -27.05 20.64 -13.39
C VAL B 399 -27.83 21.78 -12.75
N ILE B 400 -27.38 23.02 -12.91
CA ILE B 400 -28.12 24.15 -12.35
C ILE B 400 -29.57 24.15 -12.85
N GLY B 401 -29.73 24.02 -14.17
CA GLY B 401 -31.05 24.11 -14.77
C GLY B 401 -31.95 22.93 -14.46
N ILE B 402 -31.37 21.78 -14.12
CA ILE B 402 -32.18 20.65 -13.71
C ILE B 402 -32.51 20.70 -12.22
N VAL B 403 -31.70 21.38 -11.42
CA VAL B 403 -32.04 21.53 -10.00
C VAL B 403 -33.08 22.63 -9.78
N VAL B 404 -33.13 23.65 -10.63
CA VAL B 404 -34.18 24.67 -10.46
C VAL B 404 -35.59 24.09 -10.67
N ASP B 405 -35.70 23.00 -11.44
CA ASP B 405 -37.00 22.49 -11.83
C ASP B 405 -37.81 22.00 -10.63
N ASP B 406 -37.16 21.33 -9.68
CA ASP B 406 -37.89 20.81 -8.52
C ASP B 406 -38.55 21.94 -7.74
N ALA B 407 -37.79 23.00 -7.47
CA ALA B 407 -38.35 24.14 -6.77
C ALA B 407 -39.50 24.75 -7.55
N ILE B 408 -39.31 24.93 -8.86
CA ILE B 408 -40.37 25.51 -9.68
C ILE B 408 -41.64 24.69 -9.56
N VAL B 409 -41.53 23.37 -9.69
CA VAL B 409 -42.71 22.52 -9.73
C VAL B 409 -43.42 22.53 -8.38
N VAL B 410 -42.65 22.40 -7.28
CA VAL B 410 -43.27 22.37 -5.96
C VAL B 410 -44.02 23.68 -5.69
N VAL B 411 -43.36 24.81 -5.96
CA VAL B 411 -43.98 26.09 -5.69
C VAL B 411 -45.22 26.28 -6.54
N GLU B 412 -45.15 25.90 -7.83
CA GLU B 412 -46.31 26.08 -8.70
C GLU B 412 -47.49 25.25 -8.23
N ASN B 413 -47.25 23.99 -7.86
CA ASN B 413 -48.36 23.15 -7.38
C ASN B 413 -48.99 23.75 -6.13
N VAL B 414 -48.15 24.17 -5.17
CA VAL B 414 -48.69 24.73 -3.94
C VAL B 414 -49.52 25.98 -4.24
N GLU B 415 -49.01 26.86 -5.10
CA GLU B 415 -49.74 28.08 -5.41
C GLU B 415 -51.06 27.77 -6.11
N ARG B 416 -51.07 26.81 -7.02
CA ARG B 416 -52.31 26.46 -7.70
C ARG B 416 -53.35 25.96 -6.72
N ILE B 417 -52.95 25.07 -5.82
CA ILE B 417 -53.89 24.55 -4.83
C ILE B 417 -54.42 25.69 -3.97
N MET B 418 -53.53 26.54 -3.47
CA MET B 418 -53.93 27.60 -2.56
C MET B 418 -54.86 28.61 -3.23
N ALA B 419 -54.58 28.97 -4.48
CA ALA B 419 -55.42 29.93 -5.19
C ALA B 419 -56.75 29.33 -5.63
N GLY B 420 -56.80 28.03 -5.89
CA GLY B 420 -58.03 27.43 -6.33
C GLY B 420 -58.98 27.07 -5.20
N GLU B 421 -58.50 26.32 -4.21
CA GLU B 421 -59.39 25.84 -3.16
C GLU B 421 -59.55 26.82 -2.01
N GLY B 422 -58.74 27.87 -1.95
CA GLY B 422 -58.83 28.84 -0.88
C GLY B 422 -58.23 28.41 0.44
N LEU B 423 -57.57 27.26 0.49
CA LEU B 423 -57.02 26.76 1.73
C LEU B 423 -55.88 27.66 2.22
N PRO B 424 -55.67 27.73 3.53
CA PRO B 424 -54.51 28.46 4.05
C PRO B 424 -53.22 27.77 3.64
N PRO B 425 -52.07 28.42 3.84
CA PRO B 425 -50.81 27.85 3.34
C PRO B 425 -50.50 26.45 3.86
N LYS B 426 -50.78 26.15 5.12
CA LYS B 426 -50.39 24.85 5.66
C LYS B 426 -51.19 23.71 5.03
N GLU B 427 -52.51 23.85 4.94
CA GLU B 427 -53.33 22.80 4.34
C GLU B 427 -52.97 22.61 2.87
N ALA B 428 -52.79 23.70 2.14
CA ALA B 428 -52.42 23.60 0.74
C ALA B 428 -51.07 22.89 0.59
N THR B 429 -50.11 23.24 1.43
CA THR B 429 -48.80 22.58 1.35
C THR B 429 -48.91 21.10 1.65
N LYS B 430 -49.68 20.74 2.67
CA LYS B 430 -49.85 19.33 2.99
C LYS B 430 -50.49 18.56 1.84
N LYS B 431 -51.54 19.12 1.24
CA LYS B 431 -52.20 18.42 0.14
C LYS B 431 -51.26 18.26 -1.06
N ALA B 432 -50.55 19.33 -1.42
CA ALA B 432 -49.65 19.25 -2.57
C ALA B 432 -48.54 18.23 -2.33
N MET B 433 -47.95 18.24 -1.12
CA MET B 433 -46.89 17.28 -0.83
C MET B 433 -47.43 15.86 -0.87
N GLY B 434 -48.63 15.64 -0.32
CA GLY B 434 -49.23 14.33 -0.42
C GLY B 434 -49.43 13.89 -1.86
N GLN B 435 -49.73 14.84 -2.74
CA GLN B 435 -49.89 14.50 -4.15
C GLN B 435 -48.57 14.12 -4.81
N ILE B 436 -47.49 14.84 -4.52
CA ILE B 436 -46.29 14.78 -5.37
C ILE B 436 -45.10 14.09 -4.71
N SER B 437 -45.22 13.61 -3.47
CA SER B 437 -44.06 13.00 -2.82
C SER B 437 -43.57 11.76 -3.56
N GLY B 438 -44.48 10.84 -3.88
CA GLY B 438 -44.07 9.62 -4.56
C GLY B 438 -43.49 9.90 -5.93
N ALA B 439 -44.07 10.85 -6.65
CA ALA B 439 -43.54 11.23 -7.94
C ALA B 439 -42.12 11.76 -7.81
N VAL B 440 -41.86 12.59 -6.80
CA VAL B 440 -40.51 13.12 -6.61
C VAL B 440 -39.53 11.99 -6.34
N ILE B 441 -39.90 11.05 -5.46
CA ILE B 441 -38.99 9.94 -5.15
C ILE B 441 -38.72 9.11 -6.38
N GLY B 442 -39.76 8.78 -7.15
CA GLY B 442 -39.57 7.98 -8.35
C GLY B 442 -38.70 8.68 -9.38
N ILE B 443 -38.89 9.99 -9.55
CA ILE B 443 -38.09 10.75 -10.50
C ILE B 443 -36.63 10.73 -10.08
N THR B 444 -36.36 10.90 -8.79
CA THR B 444 -34.98 10.87 -8.31
C THR B 444 -34.35 9.51 -8.59
N ALA B 445 -35.09 8.43 -8.30
CA ALA B 445 -34.56 7.09 -8.55
C ALA B 445 -34.27 6.88 -10.03
N VAL B 446 -35.17 7.33 -10.91
CA VAL B 446 -34.97 7.15 -12.34
C VAL B 446 -33.75 7.92 -12.81
N LEU B 447 -33.58 9.16 -12.35
CA LEU B 447 -32.42 9.94 -12.74
C LEU B 447 -31.12 9.30 -12.29
N ILE B 448 -31.11 8.78 -11.05
CA ILE B 448 -29.90 8.09 -10.58
C ILE B 448 -29.61 6.88 -11.45
N SER B 449 -30.66 6.12 -11.79
CA SER B 449 -30.46 4.95 -12.65
C SER B 449 -29.89 5.34 -14.00
N VAL B 450 -30.39 6.43 -14.58
CA VAL B 450 -29.89 6.87 -15.87
C VAL B 450 -28.44 7.33 -15.79
N PHE B 451 -28.05 7.99 -14.70
CA PHE B 451 -26.72 8.56 -14.62
C PHE B 451 -25.65 7.58 -14.13
N VAL B 452 -26.04 6.49 -13.46
CA VAL B 452 -25.04 5.54 -12.96
C VAL B 452 -24.18 4.96 -14.09
N PRO B 453 -24.72 4.56 -15.23
CA PRO B 453 -23.89 3.88 -16.24
C PRO B 453 -22.69 4.68 -16.70
N LEU B 454 -22.76 6.01 -16.69
CA LEU B 454 -21.64 6.80 -17.20
C LEU B 454 -20.35 6.57 -16.42
N ALA B 455 -20.43 6.09 -15.19
CA ALA B 455 -19.25 5.87 -14.37
C ALA B 455 -18.69 4.47 -14.50
N MET B 456 -19.20 3.67 -15.45
CA MET B 456 -18.78 2.29 -15.60
C MET B 456 -17.95 2.04 -16.86
N PHE B 457 -17.52 3.07 -17.56
CA PHE B 457 -16.76 2.89 -18.78
C PHE B 457 -15.30 2.57 -18.46
N SER B 458 -14.53 2.31 -19.51
CA SER B 458 -13.13 1.93 -19.37
C SER B 458 -12.27 2.74 -20.32
N GLY B 459 -11.08 3.12 -19.87
CA GLY B 459 -10.17 3.93 -20.65
C GLY B 459 -10.25 5.39 -20.26
N ALA B 460 -9.58 6.22 -21.07
CA ALA B 460 -9.60 7.66 -20.83
C ALA B 460 -11.03 8.18 -20.89
N ALA B 461 -11.86 7.61 -21.76
CA ALA B 461 -13.26 8.02 -21.82
C ALA B 461 -13.96 7.79 -20.49
N GLY B 462 -13.64 6.68 -19.81
CA GLY B 462 -14.23 6.44 -18.50
C GLY B 462 -13.89 7.53 -17.51
N ASN B 463 -12.61 7.93 -17.48
CA ASN B 463 -12.20 9.00 -16.59
C ASN B 463 -12.83 10.33 -16.95
N ILE B 464 -13.09 10.57 -18.23
CA ILE B 464 -13.75 11.81 -18.61
C ILE B 464 -15.23 11.80 -18.23
N TYR B 465 -15.90 10.64 -18.34
CA TYR B 465 -17.32 10.56 -18.02
C TYR B 465 -17.56 10.56 -16.51
N LYS B 466 -16.62 10.04 -15.73
CA LYS B 466 -16.80 9.94 -14.28
C LYS B 466 -17.05 11.31 -13.67
N GLN B 467 -16.36 12.34 -14.18
CA GLN B 467 -16.49 13.68 -13.61
C GLN B 467 -17.94 14.12 -13.64
N PHE B 468 -18.54 14.11 -14.84
CA PHE B 468 -19.92 14.51 -15.00
C PHE B 468 -20.85 13.61 -14.19
N ALA B 469 -20.64 12.30 -14.26
CA ALA B 469 -21.55 11.38 -13.59
C ALA B 469 -21.61 11.68 -12.09
N LEU B 470 -20.45 11.74 -11.44
CA LEU B 470 -20.41 11.91 -10.00
C LEU B 470 -20.85 13.30 -9.57
N THR B 471 -20.54 14.34 -10.35
CA THR B 471 -21.03 15.66 -9.96
C THR B 471 -22.55 15.72 -10.05
N MET B 472 -23.10 15.32 -11.19
CA MET B 472 -24.54 15.49 -11.41
C MET B 472 -25.36 14.59 -10.50
N ALA B 473 -24.91 13.35 -10.26
CA ALA B 473 -25.71 12.47 -9.41
C ALA B 473 -25.84 13.03 -8.00
N SER B 474 -24.74 13.51 -7.43
CA SER B 474 -24.78 14.08 -6.09
C SER B 474 -25.63 15.34 -6.05
N SER B 475 -25.48 16.22 -7.04
CA SER B 475 -26.30 17.42 -7.06
C SER B 475 -27.79 17.09 -7.12
N ILE B 476 -28.15 16.12 -7.96
CA ILE B 476 -29.55 15.73 -8.10
C ILE B 476 -30.08 15.13 -6.81
N ALA B 477 -29.30 14.26 -6.17
CA ALA B 477 -29.76 13.64 -4.93
C ALA B 477 -29.99 14.69 -3.85
N PHE B 478 -29.05 15.63 -3.70
CA PHE B 478 -29.22 16.67 -2.70
C PHE B 478 -30.42 17.56 -3.03
N SER B 479 -30.62 17.85 -4.31
CA SER B 479 -31.77 18.66 -4.70
C SER B 479 -33.08 17.96 -4.35
N ALA B 480 -33.16 16.65 -4.58
CA ALA B 480 -34.37 15.91 -4.23
C ALA B 480 -34.60 15.94 -2.73
N PHE B 481 -33.55 15.71 -1.94
CA PHE B 481 -33.70 15.75 -0.49
C PHE B 481 -34.19 17.12 -0.02
N LEU B 482 -33.58 18.18 -0.56
CA LEU B 482 -33.98 19.53 -0.18
C LEU B 482 -35.42 19.81 -0.56
N ALA B 483 -35.82 19.45 -1.77
CA ALA B 483 -37.19 19.66 -2.20
C ALA B 483 -38.19 18.87 -1.38
N LEU B 484 -37.78 17.74 -0.81
CA LEU B 484 -38.69 16.95 0.00
C LEU B 484 -38.69 17.34 1.47
N THR B 485 -37.68 18.08 1.94
CA THR B 485 -37.62 18.46 3.35
C THR B 485 -37.84 19.96 3.57
N LEU B 486 -37.03 20.81 2.96
CA LEU B 486 -37.00 22.23 3.32
C LEU B 486 -38.03 23.06 2.57
N THR B 487 -38.29 22.77 1.31
CA THR B 487 -39.20 23.57 0.50
C THR B 487 -40.59 23.62 1.12
N PRO B 488 -41.14 22.48 1.55
CA PRO B 488 -42.47 22.53 2.20
C PRO B 488 -42.52 23.44 3.41
N ALA B 489 -41.48 23.41 4.25
CA ALA B 489 -41.48 24.26 5.44
C ALA B 489 -41.46 25.74 5.07
N LEU B 490 -40.63 26.11 4.10
CA LEU B 490 -40.58 27.50 3.66
C LEU B 490 -41.93 27.91 3.07
N CYS B 491 -42.54 27.03 2.26
CA CYS B 491 -43.83 27.35 1.68
C CYS B 491 -44.90 27.55 2.74
N ALA B 492 -44.88 26.73 3.79
CA ALA B 492 -45.86 26.83 4.86
C ALA B 492 -45.66 28.05 5.74
N THR B 493 -44.42 28.42 6.03
CA THR B 493 -44.15 29.50 6.97
C THR B 493 -43.81 30.83 6.31
N MET B 494 -43.57 30.84 5.00
CA MET B 494 -43.17 32.06 4.31
C MET B 494 -44.24 32.60 3.37
N LEU B 495 -45.39 31.97 3.28
CA LEU B 495 -46.43 32.35 2.33
C LEU B 495 -47.69 32.80 3.07
N LYS B 496 -48.42 33.71 2.43
CA LYS B 496 -49.65 34.27 2.98
C LYS B 496 -50.83 33.86 2.12
N THR B 497 -51.97 33.69 2.76
CA THR B 497 -53.17 33.21 2.08
C THR B 497 -53.64 34.22 1.04
N ILE B 498 -54.28 33.71 -0.01
CA ILE B 498 -54.78 34.51 -1.11
C ILE B 498 -56.27 34.75 -0.87
N PRO B 499 -56.70 35.99 -0.60
CA PRO B 499 -58.14 36.24 -0.44
C PRO B 499 -58.89 35.89 -1.71
N LYS B 500 -60.09 35.32 -1.56
CA LYS B 500 -60.85 34.87 -2.71
C LYS B 500 -61.26 36.05 -3.57
N GLY B 501 -61.12 35.88 -4.89
CA GLY B 501 -61.38 36.96 -5.83
C GLY B 501 -60.23 37.92 -6.04
N HIS B 502 -59.00 37.50 -5.78
CA HIS B 502 -57.83 38.35 -5.92
C HIS B 502 -57.16 38.26 -7.28
N HIS B 503 -57.19 37.09 -7.92
CA HIS B 503 -56.55 36.90 -9.21
C HIS B 503 -57.49 37.13 -10.38
N GLU B 504 -58.74 37.54 -10.12
CA GLU B 504 -59.70 37.82 -11.18
C GLU B 504 -60.06 39.29 -11.30
N GLU B 505 -59.70 40.12 -10.33
CA GLU B 505 -60.01 41.54 -10.37
C GLU B 505 -58.81 42.41 -10.71
N LYS B 506 -57.60 41.87 -10.55
CA LYS B 506 -56.38 42.66 -10.76
C LYS B 506 -56.44 43.37 -12.11
N LYS B 507 -55.73 44.49 -12.20
CA LYS B 507 -55.75 45.34 -13.37
C LYS B 507 -54.34 45.67 -13.83
N GLY B 508 -54.25 46.31 -15.00
CA GLY B 508 -52.97 46.78 -15.51
C GLY B 508 -52.33 45.87 -16.54
N PHE B 509 -51.25 45.21 -16.15
CA PHE B 509 -50.53 44.27 -17.00
C PHE B 509 -50.81 42.82 -16.66
N PHE B 510 -50.93 42.51 -15.36
CA PHE B 510 -51.18 41.14 -14.96
C PHE B 510 -52.53 40.63 -15.44
N GLY B 511 -53.56 41.48 -15.44
CA GLY B 511 -54.84 41.06 -15.99
C GLY B 511 -54.74 40.72 -17.46
N TRP B 512 -54.07 41.57 -18.23
CA TRP B 512 -53.90 41.32 -19.66
C TRP B 512 -53.16 40.01 -19.90
N PHE B 513 -52.07 39.78 -19.15
CA PHE B 513 -51.32 38.54 -19.33
C PHE B 513 -52.15 37.32 -18.92
N ASN B 514 -52.93 37.45 -17.85
CA ASN B 514 -53.78 36.34 -17.43
C ASN B 514 -54.81 35.99 -18.49
N LYS B 515 -55.43 37.01 -19.10
CA LYS B 515 -56.38 36.74 -20.18
C LYS B 515 -55.69 36.07 -21.36
N LYS B 516 -54.52 36.57 -21.74
CA LYS B 516 -53.78 35.97 -22.84
C LYS B 516 -53.49 34.50 -22.58
N PHE B 517 -52.98 34.20 -21.39
CA PHE B 517 -52.63 32.82 -21.07
C PHE B 517 -53.87 31.94 -20.98
N ASP B 518 -54.99 32.47 -20.49
CA ASP B 518 -56.22 31.68 -20.49
C ASP B 518 -56.63 31.31 -21.91
N SER B 519 -56.56 32.27 -22.83
CA SER B 519 -56.89 31.97 -24.21
C SER B 519 -55.96 30.91 -24.79
N TRP B 520 -54.66 31.05 -24.51
CA TRP B 520 -53.68 30.10 -25.02
C TRP B 520 -53.93 28.69 -24.48
N THR B 521 -54.25 28.59 -23.19
CA THR B 521 -54.52 27.29 -22.59
C THR B 521 -55.77 26.65 -23.17
N HIS B 522 -56.82 27.44 -23.39
CA HIS B 522 -58.02 26.89 -24.00
C HIS B 522 -57.73 26.37 -25.40
N GLY B 523 -56.96 27.13 -26.18
CA GLY B 523 -56.59 26.66 -27.51
C GLY B 523 -55.76 25.38 -27.47
N TYR B 524 -54.83 25.30 -26.51
CA TYR B 524 -54.01 24.10 -26.38
C TYR B 524 -54.86 22.89 -26.04
N GLU B 525 -55.80 23.04 -25.10
CA GLU B 525 -56.66 21.93 -24.75
C GLU B 525 -57.53 21.51 -25.92
N GLY B 526 -58.01 22.46 -26.72
CA GLY B 526 -58.76 22.08 -27.92
C GLY B 526 -57.92 21.29 -28.90
N ARG B 527 -56.69 21.75 -29.14
CA ARG B 527 -55.81 21.02 -30.06
C ARG B 527 -55.54 19.61 -29.56
N VAL B 528 -55.27 19.48 -28.25
CA VAL B 528 -54.99 18.15 -27.70
C VAL B 528 -56.22 17.26 -27.72
N ALA B 529 -57.42 17.79 -27.48
CA ALA B 529 -58.62 16.99 -27.60
C ALA B 529 -58.82 16.50 -29.03
N LYS B 530 -58.54 17.35 -30.01
CA LYS B 530 -58.64 16.91 -31.40
C LYS B 530 -57.56 15.89 -31.75
N VAL B 531 -56.40 15.95 -31.08
CA VAL B 531 -55.34 15.00 -31.37
C VAL B 531 -55.71 13.60 -30.92
N LEU B 532 -56.42 13.46 -29.81
CA LEU B 532 -56.68 12.15 -29.22
C LEU B 532 -57.67 11.34 -30.03
N ARG B 533 -58.64 11.99 -30.69
CA ARG B 533 -59.68 11.25 -31.38
C ARG B 533 -59.15 10.37 -32.50
N LYS B 534 -57.98 10.71 -33.06
CA LYS B 534 -57.31 9.89 -34.07
C LYS B 534 -56.06 9.31 -33.43
N THR B 535 -56.14 8.05 -33.00
CA THR B 535 -55.00 7.40 -32.37
C THR B 535 -54.13 6.63 -33.36
N PHE B 536 -54.76 5.91 -34.29
CA PHE B 536 -54.00 5.10 -35.24
C PHE B 536 -53.02 5.95 -36.04
N ARG B 537 -53.52 7.03 -36.65
CA ARG B 537 -52.69 7.80 -37.56
C ARG B 537 -51.69 8.69 -36.82
N MET B 538 -52.05 9.21 -35.65
CA MET B 538 -51.03 9.90 -34.87
C MET B 538 -49.93 8.95 -34.42
N MET B 539 -50.28 7.70 -34.10
CA MET B 539 -49.25 6.74 -33.71
C MET B 539 -48.36 6.37 -34.88
N VAL B 540 -48.94 6.25 -36.08
CA VAL B 540 -48.10 5.99 -37.25
C VAL B 540 -47.18 7.17 -37.53
N VAL B 541 -47.67 8.39 -37.34
CA VAL B 541 -46.81 9.56 -37.47
C VAL B 541 -45.67 9.50 -36.47
N TYR B 542 -45.97 9.10 -35.23
CA TYR B 542 -44.92 8.98 -34.22
C TYR B 542 -43.87 7.96 -34.63
N ILE B 543 -44.30 6.82 -35.18
CA ILE B 543 -43.35 5.81 -35.64
C ILE B 543 -42.45 6.38 -36.72
N GLY B 544 -43.04 7.10 -37.68
CA GLY B 544 -42.24 7.72 -38.72
C GLY B 544 -41.22 8.69 -38.17
N LEU B 545 -41.64 9.53 -37.22
CA LEU B 545 -40.73 10.49 -36.61
C LEU B 545 -39.58 9.78 -35.90
N ALA B 546 -39.89 8.71 -35.17
CA ALA B 546 -38.84 7.98 -34.45
C ALA B 546 -37.83 7.38 -35.43
N VAL B 547 -38.31 6.78 -36.52
CA VAL B 547 -37.39 6.19 -37.47
C VAL B 547 -36.53 7.27 -38.12
N VAL B 548 -37.13 8.42 -38.46
CA VAL B 548 -36.35 9.50 -39.07
C VAL B 548 -35.27 9.97 -38.10
N GLY B 549 -35.62 10.13 -36.82
CA GLY B 549 -34.64 10.58 -35.85
C GLY B 549 -33.49 9.60 -35.70
N VAL B 550 -33.81 8.30 -35.61
CA VAL B 550 -32.73 7.31 -35.48
C VAL B 550 -31.85 7.30 -36.71
N PHE B 551 -32.45 7.42 -37.90
CA PHE B 551 -31.67 7.45 -39.13
C PHE B 551 -30.74 8.66 -39.15
N LEU B 552 -31.24 9.83 -38.74
CA LEU B 552 -30.39 11.01 -38.67
C LEU B 552 -29.25 10.83 -37.67
N PHE B 553 -29.53 10.19 -36.54
CA PHE B 553 -28.48 10.00 -35.54
C PHE B 553 -27.42 9.02 -36.03
N MET B 554 -27.82 7.98 -36.76
CA MET B 554 -26.86 6.98 -37.20
C MET B 554 -25.90 7.48 -38.28
N ARG B 555 -26.13 8.67 -38.83
CA ARG B 555 -25.26 9.18 -39.89
C ARG B 555 -24.49 10.41 -39.43
N LEU B 556 -23.96 10.38 -38.21
CA LEU B 556 -23.20 11.49 -37.67
C LEU B 556 -21.73 11.11 -37.55
N PRO B 557 -20.82 12.03 -37.86
CA PRO B 557 -19.39 11.74 -37.69
C PRO B 557 -19.04 11.56 -36.23
N THR B 558 -18.06 10.69 -35.97
CA THR B 558 -17.64 10.35 -34.62
C THR B 558 -16.27 10.94 -34.31
N SER B 559 -16.07 11.24 -33.04
CA SER B 559 -14.81 11.79 -32.54
C SER B 559 -14.81 11.68 -31.02
N PHE B 560 -13.79 12.26 -30.39
CA PHE B 560 -13.67 12.23 -28.94
C PHE B 560 -13.85 13.61 -28.32
N LEU B 561 -13.06 14.59 -28.74
CA LEU B 561 -13.18 15.95 -28.25
C LEU B 561 -12.95 16.91 -29.40
N PRO B 562 -13.57 18.09 -29.36
CA PRO B 562 -13.35 19.07 -30.42
C PRO B 562 -12.03 19.82 -30.23
N THR B 563 -11.37 20.11 -31.34
CA THR B 563 -10.14 20.88 -31.29
C THR B 563 -10.40 22.27 -30.74
N GLU B 564 -9.55 22.70 -29.82
CA GLU B 564 -9.75 23.94 -29.09
C GLU B 564 -8.80 25.03 -29.60
N ASP B 565 -8.97 26.23 -29.07
CA ASP B 565 -8.08 27.36 -29.35
C ASP B 565 -7.37 27.68 -28.03
N GLN B 566 -6.25 27.00 -27.79
CA GLN B 566 -5.54 27.12 -26.53
C GLN B 566 -4.74 28.41 -26.44
N GLY B 567 -4.54 29.11 -27.56
CA GLY B 567 -3.74 30.30 -27.59
C GLY B 567 -2.34 30.16 -28.15
N PHE B 568 -2.00 29.01 -28.74
CA PHE B 568 -0.68 28.82 -29.32
C PHE B 568 -0.79 27.81 -30.45
N VAL B 569 0.16 27.88 -31.38
CA VAL B 569 0.25 26.97 -32.50
C VAL B 569 1.66 26.36 -32.51
N MET B 570 1.77 25.19 -33.12
CA MET B 570 3.01 24.43 -33.15
C MET B 570 3.59 24.40 -34.55
N VAL B 571 4.92 24.39 -34.63
CA VAL B 571 5.64 24.42 -35.89
C VAL B 571 6.74 23.37 -35.86
N SER B 572 6.99 22.74 -37.00
CA SER B 572 8.06 21.76 -37.15
C SER B 572 8.79 22.01 -38.45
N VAL B 573 10.11 21.80 -38.43
CA VAL B 573 10.97 22.06 -39.58
C VAL B 573 11.84 20.83 -39.81
N GLN B 574 12.01 20.45 -41.08
CA GLN B 574 12.93 19.40 -41.47
C GLN B 574 13.77 19.87 -42.65
N LEU B 575 15.00 19.38 -42.71
CA LEU B 575 15.87 19.67 -43.84
C LEU B 575 16.35 18.38 -44.49
N PRO B 576 17.01 18.44 -45.63
CA PRO B 576 17.49 17.20 -46.27
C PRO B 576 18.41 16.42 -45.36
N ALA B 577 18.37 15.09 -45.45
CA ALA B 577 19.17 14.26 -44.58
C ALA B 577 20.64 14.58 -44.73
N GLY B 578 21.36 14.62 -43.60
CA GLY B 578 22.77 14.92 -43.62
C GLY B 578 23.11 16.39 -43.60
N ALA B 579 22.21 17.24 -43.15
CA ALA B 579 22.47 18.67 -43.06
C ALA B 579 23.04 19.01 -41.69
N THR B 580 23.80 20.10 -41.64
CA THR B 580 24.42 20.56 -40.41
C THR B 580 23.43 21.38 -39.60
N LYS B 581 23.92 22.04 -38.55
CA LYS B 581 23.08 22.87 -37.70
C LYS B 581 23.09 24.35 -38.10
N GLU B 582 24.10 24.79 -38.86
CA GLU B 582 24.11 26.16 -39.33
C GLU B 582 22.96 26.41 -40.31
N ARG B 583 22.73 25.46 -41.23
CA ARG B 583 21.60 25.57 -42.15
C ARG B 583 20.27 25.56 -41.40
N THR B 584 20.15 24.69 -40.40
CA THR B 584 18.94 24.65 -39.60
C THR B 584 18.71 25.98 -38.89
N ASP B 585 19.77 26.57 -38.35
CA ASP B 585 19.64 27.86 -37.68
C ASP B 585 19.24 28.95 -38.65
N ALA B 586 19.79 28.94 -39.86
CA ALA B 586 19.40 29.93 -40.86
C ALA B 586 17.93 29.79 -41.22
N THR B 587 17.45 28.56 -41.41
CA THR B 587 16.04 28.36 -41.72
C THR B 587 15.16 28.80 -40.55
N LEU B 588 15.57 28.50 -39.32
CA LEU B 588 14.80 28.94 -38.16
C LEU B 588 14.76 30.45 -38.06
N ALA B 589 15.86 31.13 -38.36
CA ALA B 589 15.85 32.60 -38.34
C ALA B 589 14.92 33.15 -39.40
N GLN B 590 14.92 32.55 -40.59
CA GLN B 590 13.99 32.97 -41.63
C GLN B 590 12.54 32.79 -41.18
N VAL B 591 12.25 31.65 -40.55
CA VAL B 591 10.89 31.40 -40.04
C VAL B 591 10.52 32.43 -38.99
N THR B 592 11.45 32.74 -38.08
CA THR B 592 11.19 33.71 -37.02
C THR B 592 10.90 35.08 -37.62
N GLN B 593 11.67 35.50 -38.62
CA GLN B 593 11.38 36.78 -39.26
C GLN B 593 10.07 36.75 -40.01
N LEU B 594 9.66 35.59 -40.50
CA LEU B 594 8.38 35.48 -41.21
C LEU B 594 7.20 35.49 -40.25
N ALA B 595 7.41 35.05 -39.00
CA ALA B 595 6.33 34.99 -38.03
C ALA B 595 5.92 36.37 -37.51
N LYS B 596 6.71 37.39 -37.85
CA LYS B 596 6.41 38.75 -37.39
C LYS B 596 5.41 39.48 -38.28
N SER B 597 5.10 38.94 -39.46
CA SER B 597 4.16 39.55 -40.36
C SER B 597 2.71 39.20 -40.03
N ILE B 598 2.49 38.40 -39.00
CA ILE B 598 1.14 38.02 -38.58
C ILE B 598 0.82 38.74 -37.28
N PRO B 599 -0.04 39.77 -37.30
CA PRO B 599 -0.30 40.54 -36.09
C PRO B 599 -0.96 39.72 -34.99
N GLU B 600 -1.53 38.57 -35.35
CA GLU B 600 -2.18 37.71 -34.37
C GLU B 600 -1.21 37.01 -33.44
N ILE B 601 0.09 37.10 -33.71
CA ILE B 601 1.10 36.40 -32.91
C ILE B 601 1.82 37.42 -32.04
N GLU B 602 2.24 36.97 -30.86
CA GLU B 602 2.92 37.82 -29.89
C GLU B 602 4.37 37.42 -29.67
N ASN B 603 4.62 36.16 -29.32
CA ASN B 603 5.97 35.68 -29.05
C ASN B 603 6.22 34.40 -29.84
N ILE B 604 7.43 34.28 -30.40
CA ILE B 604 7.85 33.11 -31.14
C ILE B 604 9.06 32.52 -30.44
N ILE B 605 8.96 31.24 -30.05
CA ILE B 605 10.03 30.53 -29.37
C ILE B 605 10.47 29.39 -30.27
N THR B 606 11.77 29.34 -30.58
CA THR B 606 12.32 28.35 -31.49
C THR B 606 13.35 27.50 -30.78
N VAL B 607 13.30 26.19 -31.01
CA VAL B 607 14.22 25.23 -30.41
C VAL B 607 14.87 24.46 -31.56
N SER B 608 16.20 24.46 -31.57
CA SER B 608 16.96 23.85 -32.66
C SER B 608 17.57 22.52 -32.20
N GLY B 609 17.74 21.61 -33.14
CA GLY B 609 18.35 20.33 -32.88
C GLY B 609 17.45 19.29 -32.25
N PHE B 610 16.14 19.53 -32.17
CA PHE B 610 15.23 18.61 -31.52
C PHE B 610 13.85 18.75 -32.14
N SER B 611 13.16 17.62 -32.24
CA SER B 611 11.78 17.60 -32.71
C SER B 611 11.12 16.32 -32.21
N PHE B 612 9.80 16.32 -32.17
CA PHE B 612 9.07 15.13 -31.72
C PHE B 612 9.23 13.96 -32.67
N SER B 613 9.41 14.22 -33.96
CA SER B 613 9.72 13.15 -34.89
C SER B 613 11.04 12.46 -34.55
N GLY B 614 12.05 13.24 -34.18
CA GLY B 614 13.33 12.66 -33.81
C GLY B 614 14.29 13.73 -33.37
N SER B 615 15.53 13.34 -33.14
CA SER B 615 16.58 14.26 -32.71
C SER B 615 17.71 14.23 -33.72
N GLY B 616 18.10 15.39 -34.20
CA GLY B 616 19.19 15.48 -35.16
C GLY B 616 19.47 16.93 -35.48
N GLN B 617 20.59 17.15 -36.17
CA GLN B 617 20.98 18.51 -36.52
C GLN B 617 20.11 19.12 -37.59
N ASN B 618 19.33 18.33 -38.32
CA ASN B 618 18.47 18.84 -39.38
C ASN B 618 17.01 18.96 -38.95
N MET B 619 16.74 18.87 -37.65
CA MET B 619 15.38 18.94 -37.13
C MET B 619 15.28 20.08 -36.14
N ALA B 620 14.15 20.78 -36.17
CA ALA B 620 13.91 21.92 -35.29
C ALA B 620 12.41 22.08 -35.11
N MET B 621 12.03 22.88 -34.11
CA MET B 621 10.61 23.11 -33.85
C MET B 621 10.46 24.43 -33.11
N GLY B 622 9.25 24.99 -33.16
CA GLY B 622 8.97 26.25 -32.52
C GLY B 622 7.53 26.33 -32.08
N PHE B 623 7.25 27.28 -31.18
CA PHE B 623 5.92 27.50 -30.66
C PHE B 623 5.58 28.98 -30.78
N ALA B 624 4.43 29.26 -31.39
CA ALA B 624 3.95 30.62 -31.56
C ALA B 624 2.82 30.88 -30.57
N ILE B 625 2.95 31.94 -29.77
CA ILE B 625 1.98 32.28 -28.75
C ILE B 625 1.22 33.52 -29.21
N LEU B 626 -0.11 33.41 -29.23
CA LEU B 626 -0.98 34.43 -29.78
C LEU B 626 -1.50 35.34 -28.68
N LYS B 627 -2.01 36.50 -29.09
CA LYS B 627 -2.59 37.45 -28.16
C LYS B 627 -3.89 36.90 -27.58
N ASP B 628 -4.32 37.52 -26.48
CA ASP B 628 -5.52 37.04 -25.79
C ASP B 628 -6.75 37.16 -26.70
N TRP B 629 -7.71 36.28 -26.47
CA TRP B 629 -8.83 36.13 -27.40
C TRP B 629 -9.51 37.47 -27.68
N ASN B 630 -9.60 38.34 -26.66
CA ASN B 630 -10.30 39.60 -26.83
C ASN B 630 -9.64 40.44 -27.91
N GLU B 631 -8.30 40.48 -27.93
CA GLU B 631 -7.59 41.30 -28.91
C GLU B 631 -7.74 40.77 -30.33
N ARG B 632 -8.10 39.50 -30.50
CA ARG B 632 -8.18 38.88 -31.81
C ARG B 632 -9.54 38.22 -32.01
N THR B 633 -10.60 38.97 -31.72
CA THR B 633 -11.97 38.50 -31.90
C THR B 633 -12.46 38.98 -33.26
N ALA B 634 -12.02 38.29 -34.31
CA ALA B 634 -12.40 38.63 -35.68
C ALA B 634 -12.66 37.33 -36.42
N SER B 635 -12.78 37.42 -37.75
CA SER B 635 -13.13 36.25 -38.56
C SER B 635 -11.93 35.33 -38.74
N GLY B 636 -10.85 35.85 -39.33
CA GLY B 636 -9.69 35.02 -39.62
C GLY B 636 -8.60 35.11 -38.58
N SER B 637 -8.97 35.30 -37.31
CA SER B 637 -8.01 35.37 -36.22
C SER B 637 -8.07 34.14 -35.33
N ASP B 638 -8.78 33.10 -35.75
CA ASP B 638 -8.82 31.85 -35.01
C ASP B 638 -7.43 31.22 -34.98
N ALA B 639 -7.29 30.14 -34.21
CA ALA B 639 -6.03 29.41 -34.19
C ALA B 639 -5.81 28.64 -35.49
N VAL B 640 -6.85 27.99 -36.01
CA VAL B 640 -6.71 27.23 -37.25
C VAL B 640 -6.44 28.16 -38.42
N ALA B 641 -7.08 29.33 -38.45
CA ALA B 641 -6.80 30.29 -39.52
C ALA B 641 -5.34 30.74 -39.48
N VAL B 642 -4.81 31.01 -38.29
CA VAL B 642 -3.42 31.42 -38.17
C VAL B 642 -2.49 30.29 -38.59
N ALA B 643 -2.82 29.06 -38.22
CA ALA B 643 -2.00 27.92 -38.62
C ALA B 643 -1.96 27.78 -40.14
N GLY B 644 -3.12 27.91 -40.79
CA GLY B 644 -3.14 27.84 -42.24
C GLY B 644 -2.36 28.98 -42.88
N LYS B 645 -2.51 30.19 -42.36
CA LYS B 645 -1.75 31.32 -42.87
C LYS B 645 -0.26 31.06 -42.78
N LEU B 646 0.20 30.56 -41.63
CA LEU B 646 1.62 30.33 -41.44
C LEU B 646 2.14 29.23 -42.35
N THR B 647 1.38 28.14 -42.50
CA THR B 647 1.82 27.08 -43.40
C THR B 647 1.91 27.59 -44.84
N GLY B 648 0.90 28.33 -45.28
CA GLY B 648 0.93 28.87 -46.62
C GLY B 648 2.09 29.82 -46.85
N MET B 649 2.42 30.66 -45.87
CA MET B 649 3.53 31.57 -46.02
C MET B 649 4.86 30.85 -45.99
N MET B 650 4.97 29.79 -45.19
CA MET B 650 6.19 28.97 -45.21
C MET B 650 6.39 28.32 -46.55
N MET B 651 5.31 27.85 -47.18
CA MET B 651 5.45 27.11 -48.44
C MET B 651 6.21 27.91 -49.48
N GLY B 652 5.90 29.20 -49.63
CA GLY B 652 6.51 30.02 -50.66
C GLY B 652 7.77 30.76 -50.27
N THR B 653 8.29 30.57 -49.07
CA THR B 653 9.46 31.31 -48.61
C THR B 653 10.64 30.40 -48.28
N LEU B 654 10.42 29.35 -47.50
CA LEU B 654 11.52 28.49 -47.08
C LEU B 654 12.18 27.85 -48.30
N LYS B 655 13.45 28.19 -48.53
CA LYS B 655 14.18 27.66 -49.66
C LYS B 655 14.87 26.33 -49.36
N ASP B 656 15.22 26.09 -48.10
CA ASP B 656 15.89 24.87 -47.68
C ASP B 656 15.06 24.21 -46.58
N GLY B 657 14.47 23.07 -46.89
CA GLY B 657 13.61 22.38 -45.96
C GLY B 657 12.16 22.82 -46.06
N PHE B 658 11.31 22.13 -45.29
CA PHE B 658 9.88 22.41 -45.28
C PHE B 658 9.38 22.43 -43.85
N GLY B 659 8.41 23.29 -43.59
CA GLY B 659 7.81 23.39 -42.27
C GLY B 659 6.31 23.22 -42.29
N ILE B 660 5.74 22.76 -41.16
CA ILE B 660 4.32 22.48 -41.06
C ILE B 660 3.81 23.04 -39.73
N ALA B 661 2.73 23.82 -39.78
CA ALA B 661 2.12 24.38 -38.59
C ALA B 661 0.81 23.69 -38.30
N VAL B 662 0.64 23.25 -37.05
CA VAL B 662 -0.56 22.54 -36.62
C VAL B 662 -0.99 23.07 -35.26
N VAL B 663 -2.23 22.76 -34.90
CA VAL B 663 -2.81 23.12 -33.60
C VAL B 663 -2.96 21.83 -32.79
N PRO B 664 -2.28 21.69 -31.67
CA PRO B 664 -2.31 20.42 -30.92
C PRO B 664 -3.68 20.15 -30.35
N PRO B 665 -4.02 18.87 -30.14
CA PRO B 665 -5.33 18.56 -29.57
C PRO B 665 -5.41 18.95 -28.11
N PRO B 666 -6.61 19.02 -27.54
CA PRO B 666 -6.74 19.41 -26.13
C PRO B 666 -5.94 18.52 -25.20
N ILE B 667 -6.20 17.21 -25.26
CA ILE B 667 -5.49 16.23 -24.46
C ILE B 667 -4.78 15.28 -25.42
N LEU B 668 -3.46 15.17 -25.26
CA LEU B 668 -2.68 14.33 -26.18
C LEU B 668 -3.12 12.87 -26.11
N GLU B 669 -3.49 12.40 -24.92
CA GLU B 669 -3.88 11.01 -24.75
C GLU B 669 -5.12 10.69 -25.59
N LEU B 670 -6.10 11.58 -25.57
CA LEU B 670 -7.36 11.38 -26.29
C LEU B 670 -7.42 12.39 -27.44
N GLY B 671 -7.00 11.95 -28.62
CA GLY B 671 -7.02 12.83 -29.79
C GLY B 671 -7.66 12.18 -30.99
N ASN B 672 -8.63 12.87 -31.59
CA ASN B 672 -9.28 12.36 -32.78
C ASN B 672 -8.41 12.58 -34.02
N GLY B 673 -8.68 11.79 -35.05
CA GLY B 673 -7.94 11.87 -36.28
C GLY B 673 -6.61 11.15 -36.28
N SER B 674 -6.29 10.42 -35.22
CA SER B 674 -5.02 9.72 -35.17
C SER B 674 -4.90 8.68 -36.28
N GLY B 675 -6.04 8.19 -36.77
CA GLY B 675 -6.01 7.18 -37.80
C GLY B 675 -5.65 5.82 -37.25
N LEU B 676 -5.09 4.98 -38.13
CA LEU B 676 -4.64 3.65 -37.77
C LEU B 676 -3.12 3.65 -37.65
N SER B 677 -2.62 3.21 -36.50
CA SER B 677 -1.19 3.07 -36.27
C SER B 677 -0.84 1.59 -36.24
N ILE B 678 0.08 1.19 -37.10
CA ILE B 678 0.46 -0.21 -37.25
C ILE B 678 1.95 -0.36 -36.98
N ASN B 679 2.34 -1.53 -36.49
CA ASN B 679 3.73 -1.84 -36.20
C ASN B 679 4.02 -3.25 -36.70
N LEU B 680 4.70 -3.36 -37.84
CA LEU B 680 5.12 -4.66 -38.35
C LEU B 680 6.33 -5.13 -37.56
N GLN B 681 6.29 -6.37 -37.10
CA GLN B 681 7.42 -7.00 -36.44
C GLN B 681 7.86 -8.21 -37.23
N ASP B 682 9.16 -8.52 -37.15
CA ASP B 682 9.69 -9.75 -37.71
C ASP B 682 10.09 -10.69 -36.58
N ARG B 683 9.58 -11.91 -36.63
CA ARG B 683 9.72 -12.86 -35.54
C ARG B 683 10.95 -13.73 -35.65
N ASN B 684 11.67 -13.67 -36.75
CA ASN B 684 12.84 -14.52 -37.00
C ASN B 684 14.07 -13.72 -37.40
N ASN B 685 14.08 -12.41 -37.17
CA ASN B 685 15.25 -11.57 -37.43
C ASN B 685 15.76 -11.74 -38.86
N THR B 686 14.89 -11.40 -39.81
CA THR B 686 15.30 -11.42 -41.22
C THR B 686 16.29 -10.30 -41.54
N GLY B 687 16.15 -9.14 -40.89
CA GLY B 687 17.03 -8.02 -41.09
C GLY B 687 16.23 -6.74 -41.27
N HIS B 688 16.93 -5.70 -41.72
CA HIS B 688 16.32 -4.39 -41.94
C HIS B 688 15.84 -4.20 -43.37
N THR B 689 16.64 -4.61 -44.36
CA THR B 689 16.21 -4.47 -45.74
C THR B 689 14.96 -5.29 -46.02
N ALA B 690 14.92 -6.53 -45.51
CA ALA B 690 13.76 -7.38 -45.72
C ALA B 690 12.51 -6.77 -45.10
N LEU B 691 12.62 -6.27 -43.87
CA LEU B 691 11.46 -5.68 -43.22
C LEU B 691 11.02 -4.40 -43.90
N LEU B 692 11.96 -3.60 -44.39
CA LEU B 692 11.59 -2.40 -45.14
C LEU B 692 10.88 -2.77 -46.44
N ALA B 693 11.36 -3.79 -47.14
CA ALA B 693 10.69 -4.22 -48.36
C ALA B 693 9.29 -4.73 -48.06
N LYS B 694 9.13 -5.50 -46.98
CA LYS B 694 7.80 -5.97 -46.61
C LYS B 694 6.88 -4.81 -46.24
N ARG B 695 7.40 -3.80 -45.55
CA ARG B 695 6.59 -2.63 -45.22
C ARG B 695 6.16 -1.89 -46.48
N ASN B 696 7.06 -1.74 -47.45
CA ASN B 696 6.69 -1.08 -48.70
C ASN B 696 5.64 -1.89 -49.46
N GLU B 697 5.79 -3.22 -49.50
CA GLU B 697 4.80 -4.06 -50.15
C GLU B 697 3.44 -3.96 -49.47
N LEU B 698 3.44 -3.92 -48.13
CA LEU B 698 2.19 -3.76 -47.40
C LEU B 698 1.54 -2.42 -47.70
N ILE B 699 2.35 -1.34 -47.76
CA ILE B 699 1.78 -0.04 -48.07
C ILE B 699 1.18 -0.04 -49.48
N GLN B 700 1.85 -0.68 -50.43
CA GLN B 700 1.31 -0.73 -51.79
C GLN B 700 0.02 -1.55 -51.84
N LYS B 701 -0.01 -2.68 -51.13
CA LYS B 701 -1.21 -3.50 -51.09
C LYS B 701 -2.36 -2.76 -50.39
N MET B 702 -2.04 -1.86 -49.48
CA MET B 702 -3.03 -1.14 -48.69
C MET B 702 -3.49 0.15 -49.37
N ARG B 703 -2.70 0.68 -50.30
CA ARG B 703 -2.97 1.99 -50.88
C ARG B 703 -3.74 1.88 -52.18
N ALA B 704 -3.19 1.17 -53.17
CA ALA B 704 -3.83 1.09 -54.48
C ALA B 704 -5.09 0.24 -54.44
N SER B 705 -4.95 -1.04 -54.08
CA SER B 705 -6.07 -1.96 -54.03
C SER B 705 -6.87 -1.86 -52.74
N GLY B 706 -6.71 -0.79 -51.98
CA GLY B 706 -7.30 -0.67 -50.66
C GLY B 706 -8.38 0.39 -50.62
N LEU B 707 -8.70 0.80 -49.39
CA LEU B 707 -9.79 1.71 -49.11
C LEU B 707 -9.40 2.74 -48.05
N PHE B 708 -8.12 3.10 -47.99
CA PHE B 708 -7.58 3.91 -46.91
C PHE B 708 -7.27 5.34 -47.32
N ASP B 709 -7.93 5.86 -48.35
CA ASP B 709 -7.61 7.23 -48.76
C ASP B 709 -6.14 7.30 -49.13
N PRO B 710 -5.74 6.73 -50.27
CA PRO B 710 -4.30 6.52 -50.56
C PRO B 710 -3.42 7.73 -50.29
N SER B 711 -4.01 8.91 -50.17
CA SER B 711 -3.23 10.10 -49.87
C SER B 711 -2.66 10.12 -48.46
N THR B 712 -3.10 9.21 -47.58
CA THR B 712 -2.67 9.21 -46.19
C THR B 712 -1.83 8.00 -45.79
N VAL B 713 -1.92 6.89 -46.52
CA VAL B 713 -1.10 5.72 -46.21
C VAL B 713 0.36 6.09 -46.43
N ARG B 714 1.13 6.12 -45.34
CA ARG B 714 2.53 6.53 -45.41
C ARG B 714 3.29 5.96 -44.23
N ALA B 715 4.60 5.90 -44.36
CA ALA B 715 5.46 5.42 -43.29
C ALA B 715 5.62 6.50 -42.21
N GLY B 716 6.11 6.07 -41.05
CA GLY B 716 6.25 6.98 -39.93
C GLY B 716 7.61 6.97 -39.28
N GLY B 717 8.67 6.83 -40.08
CA GLY B 717 10.02 6.82 -39.54
C GLY B 717 10.91 7.92 -40.08
N LEU B 718 12.15 7.58 -40.40
CA LEU B 718 13.11 8.53 -40.95
C LEU B 718 13.92 7.81 -42.02
N GLU B 719 13.94 8.35 -43.24
CA GLU B 719 14.66 7.71 -44.31
C GLU B 719 16.15 7.63 -44.00
N ASP B 720 16.81 6.65 -44.59
CA ASP B 720 18.23 6.41 -44.35
C ASP B 720 19.07 7.56 -44.87
N SER B 721 20.38 7.51 -44.63
CA SER B 721 21.30 8.53 -45.10
C SER B 721 22.68 7.91 -45.21
N PRO B 722 23.56 8.47 -46.03
CA PRO B 722 24.86 7.84 -46.26
C PRO B 722 25.72 7.84 -45.00
N GLN B 723 26.63 6.87 -44.92
CA GLN B 723 27.49 6.69 -43.77
C GLN B 723 28.90 6.35 -44.26
N LEU B 724 29.80 6.10 -43.31
CA LEU B 724 31.22 5.92 -43.60
C LEU B 724 31.72 4.60 -43.00
N LYS B 725 31.00 3.51 -43.29
CA LYS B 725 31.43 2.19 -42.82
C LYS B 725 32.91 1.97 -43.08
N ILE B 726 33.57 1.29 -42.13
CA ILE B 726 34.99 0.98 -42.21
C ILE B 726 35.16 -0.53 -42.08
N ASP B 727 35.92 -1.12 -43.00
CA ASP B 727 36.25 -2.54 -42.96
C ASP B 727 37.71 -2.70 -42.59
N ILE B 728 37.97 -3.20 -41.39
CA ILE B 728 39.33 -3.45 -40.92
C ILE B 728 39.77 -4.82 -41.41
N ASN B 729 41.05 -4.92 -41.77
CA ASN B 729 41.63 -6.16 -42.25
C ASN B 729 42.45 -6.77 -41.13
N ARG B 730 41.87 -7.77 -40.46
CA ARG B 730 42.59 -8.46 -39.39
C ARG B 730 43.80 -9.22 -39.94
N ALA B 731 43.64 -9.84 -41.11
CA ALA B 731 44.78 -10.52 -41.73
C ALA B 731 45.90 -9.53 -42.03
N ALA B 732 45.56 -8.37 -42.59
CA ALA B 732 46.56 -7.35 -42.88
C ALA B 732 47.13 -6.72 -41.61
N ALA B 733 46.29 -6.49 -40.61
CA ALA B 733 46.79 -5.98 -39.34
C ALA B 733 47.71 -6.97 -38.65
N ALA B 734 47.55 -8.27 -38.93
CA ALA B 734 48.43 -9.28 -38.36
C ALA B 734 49.71 -9.45 -39.15
N ALA B 735 49.69 -9.16 -40.45
CA ALA B 735 50.92 -9.23 -41.25
C ALA B 735 51.98 -8.28 -40.74
N GLN B 736 51.58 -7.26 -39.98
CA GLN B 736 52.49 -6.35 -39.31
C GLN B 736 52.19 -6.39 -37.82
N GLY B 737 52.88 -5.55 -37.06
CA GLY B 737 52.69 -5.53 -35.61
C GLY B 737 51.47 -4.74 -35.19
N VAL B 738 50.46 -4.69 -36.05
CA VAL B 738 49.27 -3.88 -35.79
C VAL B 738 48.26 -4.73 -35.02
N SER B 739 48.11 -4.44 -33.73
CA SER B 739 47.15 -5.14 -32.89
C SER B 739 45.74 -4.65 -33.20
N PHE B 740 44.77 -5.10 -32.42
CA PHE B 740 43.39 -4.70 -32.58
C PHE B 740 42.86 -3.81 -31.46
N ALA B 741 43.61 -3.66 -30.37
CA ALA B 741 43.19 -2.74 -29.32
C ALA B 741 43.55 -1.30 -29.65
N ASP B 742 44.75 -1.08 -30.23
CA ASP B 742 45.13 0.26 -30.61
C ASP B 742 44.22 0.81 -31.71
N ILE B 743 43.73 -0.05 -32.59
CA ILE B 743 42.81 0.40 -33.63
C ILE B 743 41.56 1.01 -33.00
N ARG B 744 40.96 0.29 -32.07
CA ARG B 744 39.77 0.82 -31.39
C ARG B 744 40.11 2.08 -30.61
N THR B 745 41.25 2.09 -29.93
CA THR B 745 41.64 3.28 -29.18
C THR B 745 41.70 4.51 -30.07
N ALA B 746 42.42 4.39 -31.19
CA ALA B 746 42.56 5.53 -32.10
C ALA B 746 41.21 5.92 -32.69
N LEU B 747 40.42 4.94 -33.12
CA LEU B 747 39.14 5.25 -33.77
C LEU B 747 38.20 5.97 -32.81
N ALA B 748 38.13 5.50 -31.56
CA ALA B 748 37.23 6.10 -30.59
C ALA B 748 37.78 7.38 -29.97
N SER B 749 39.08 7.64 -30.10
CA SER B 749 39.64 8.87 -29.55
C SER B 749 39.68 10.00 -30.56
N ALA B 750 39.85 9.68 -31.84
CA ALA B 750 40.01 10.71 -32.86
C ALA B 750 38.85 11.71 -32.86
N LEU B 751 37.65 11.23 -33.12
CA LEU B 751 36.51 12.11 -33.37
C LEU B 751 35.34 11.90 -32.40
N SER B 752 35.60 11.33 -31.22
CA SER B 752 34.56 11.18 -30.20
C SER B 752 35.03 11.75 -28.88
N SER B 753 34.07 12.20 -28.08
CA SER B 753 34.34 12.83 -26.79
C SER B 753 34.66 11.78 -25.74
N SER B 754 35.24 12.24 -24.63
CA SER B 754 35.64 11.36 -23.54
C SER B 754 35.42 12.06 -22.21
N TYR B 755 34.91 11.31 -21.23
CA TYR B 755 34.62 11.81 -19.89
C TYR B 755 35.68 11.27 -18.95
N VAL B 756 36.49 12.16 -18.38
CA VAL B 756 37.68 11.74 -17.64
C VAL B 756 37.42 11.69 -16.14
N SER B 757 37.10 12.83 -15.53
CA SER B 757 36.95 12.90 -14.08
C SER B 757 36.08 14.12 -13.76
N ASP B 758 36.08 14.50 -12.48
CA ASP B 758 35.31 15.62 -11.98
C ASP B 758 36.24 16.64 -11.33
N PHE B 759 35.69 17.81 -11.01
CA PHE B 759 36.44 18.86 -10.34
C PHE B 759 35.46 19.79 -9.65
N PRO B 760 35.83 20.34 -8.50
CA PRO B 760 34.92 21.24 -7.76
C PRO B 760 34.97 22.65 -8.33
N ASN B 761 33.86 23.09 -8.92
CA ASN B 761 33.78 24.40 -9.55
C ASN B 761 32.97 25.32 -8.64
N GLN B 762 33.66 25.96 -7.70
CA GLN B 762 33.07 26.98 -6.85
C GLN B 762 31.81 26.47 -6.14
N GLY B 763 31.97 25.34 -5.45
CA GLY B 763 30.91 24.81 -4.62
C GLY B 763 30.38 23.45 -5.01
N ARG B 764 30.22 23.19 -6.31
CA ARG B 764 29.63 21.95 -6.78
C ARG B 764 30.54 21.27 -7.78
N LEU B 765 30.36 19.96 -7.91
CA LEU B 765 31.18 19.17 -8.81
C LEU B 765 30.68 19.29 -10.25
N GLN B 766 31.62 19.13 -11.18
CA GLN B 766 31.31 19.16 -12.59
C GLN B 766 32.28 18.25 -13.33
N ARG B 767 31.91 17.87 -14.56
CA ARG B 767 32.67 16.90 -15.32
C ARG B 767 33.87 17.54 -16.00
N VAL B 768 34.85 16.71 -16.34
CA VAL B 768 36.00 17.09 -17.15
C VAL B 768 36.02 16.20 -18.38
N MET B 769 36.02 16.82 -19.56
CA MET B 769 35.87 16.09 -20.80
C MET B 769 37.00 16.46 -21.76
N VAL B 770 37.43 15.47 -22.55
CA VAL B 770 38.53 15.64 -23.49
C VAL B 770 38.02 15.31 -24.88
N GLN B 771 38.20 16.25 -25.82
CA GLN B 771 37.82 16.04 -27.20
C GLN B 771 38.91 16.59 -28.11
N ALA B 772 38.95 16.07 -29.33
CA ALA B 772 39.88 16.58 -30.32
C ALA B 772 39.46 17.95 -30.80
N ASP B 773 40.40 18.67 -31.38
CA ASP B 773 40.13 20.02 -31.87
C ASP B 773 39.13 19.97 -33.03
N GLY B 774 38.38 21.06 -33.19
CA GLY B 774 37.34 21.08 -34.20
C GLY B 774 37.87 20.97 -35.62
N ASP B 775 39.12 21.37 -35.84
CA ASP B 775 39.69 21.34 -37.18
C ASP B 775 40.07 19.95 -37.65
N ALA B 776 39.99 18.94 -36.78
CA ALA B 776 40.45 17.60 -37.12
C ALA B 776 39.30 16.59 -37.23
N ARG B 777 38.05 17.05 -37.18
CA ARG B 777 36.91 16.15 -37.29
C ARG B 777 35.86 16.77 -38.20
N MET B 778 36.28 17.31 -39.34
CA MET B 778 35.38 17.97 -40.27
C MET B 778 35.30 17.32 -41.64
N GLN B 779 36.30 16.53 -42.04
CA GLN B 779 36.30 15.97 -43.38
C GLN B 779 36.48 14.46 -43.34
N PRO B 780 35.98 13.74 -44.35
CA PRO B 780 36.20 12.29 -44.39
C PRO B 780 37.66 11.91 -44.51
N ALA B 781 38.51 12.82 -45.00
CA ALA B 781 39.93 12.55 -45.15
C ALA B 781 40.68 12.84 -43.86
N ASP B 782 39.95 12.95 -42.76
CA ASP B 782 40.56 13.10 -41.44
C ASP B 782 40.60 11.80 -40.65
N ILE B 783 40.10 10.70 -41.20
CA ILE B 783 40.08 9.42 -40.51
C ILE B 783 41.13 8.50 -41.10
N LEU B 784 41.05 8.28 -42.42
CA LEU B 784 41.97 7.35 -43.07
C LEU B 784 43.42 7.76 -42.90
N ASN B 785 43.68 9.03 -42.61
CA ASN B 785 45.04 9.51 -42.37
C ASN B 785 45.50 9.31 -40.94
N LEU B 786 44.86 8.41 -40.20
CA LEU B 786 45.22 8.12 -38.81
C LEU B 786 46.13 6.90 -38.78
N THR B 787 47.43 7.13 -38.95
CA THR B 787 48.38 6.04 -38.83
C THR B 787 48.33 5.43 -37.44
N VAL B 788 48.39 4.11 -37.38
CA VAL B 788 48.27 3.39 -36.13
C VAL B 788 49.65 3.01 -35.63
N PRO B 789 49.90 3.05 -34.32
CA PRO B 789 51.19 2.61 -33.80
C PRO B 789 51.44 1.15 -34.12
N ASN B 790 52.70 0.83 -34.43
CA ASN B 790 53.12 -0.53 -34.71
C ASN B 790 53.66 -1.15 -33.41
N SER B 791 54.28 -2.33 -33.53
CA SER B 791 54.92 -2.94 -32.37
C SER B 791 56.11 -2.11 -31.91
N SER B 792 56.88 -1.57 -32.85
CA SER B 792 58.05 -0.75 -32.54
C SER B 792 57.76 0.74 -32.62
N GLY B 793 56.49 1.13 -32.47
CA GLY B 793 56.12 2.53 -32.52
C GLY B 793 56.00 3.12 -33.90
N ILE B 794 56.10 2.30 -34.95
CA ILE B 794 55.95 2.82 -36.30
C ILE B 794 54.47 3.11 -36.59
N ALA B 795 54.23 3.86 -37.66
CA ALA B 795 52.89 4.29 -38.03
C ALA B 795 52.47 3.60 -39.32
N VAL B 796 51.25 3.10 -39.36
CA VAL B 796 50.67 2.46 -40.54
C VAL B 796 49.58 3.39 -41.09
N PRO B 797 49.69 3.85 -42.34
CA PRO B 797 48.70 4.80 -42.87
C PRO B 797 47.25 4.49 -42.56
N LEU B 798 46.96 3.24 -42.19
CA LEU B 798 45.60 2.80 -41.89
C LEU B 798 44.81 2.66 -43.18
N SER B 799 45.40 3.09 -44.30
CA SER B 799 44.82 2.76 -45.60
C SER B 799 45.12 1.32 -45.99
N SER B 800 46.30 0.82 -45.61
CA SER B 800 46.65 -0.56 -45.84
C SER B 800 45.95 -1.51 -44.88
N ILE B 801 45.34 -0.99 -43.83
CA ILE B 801 44.66 -1.80 -42.83
C ILE B 801 43.16 -1.80 -43.12
N ALA B 802 42.57 -0.62 -43.22
CA ALA B 802 41.13 -0.46 -43.41
C ALA B 802 40.84 0.23 -44.73
N THR B 803 39.65 -0.05 -45.26
CA THR B 803 39.14 0.58 -46.46
C THR B 803 37.87 1.34 -46.11
N VAL B 804 37.82 2.62 -46.50
CA VAL B 804 36.73 3.51 -46.15
C VAL B 804 35.87 3.74 -47.38
N SER B 805 34.56 3.60 -47.23
CA SER B 805 33.65 3.77 -48.35
C SER B 805 32.29 4.19 -47.83
N TRP B 806 31.58 4.98 -48.64
CA TRP B 806 30.24 5.42 -48.31
C TRP B 806 29.23 4.30 -48.54
N GLN B 807 28.20 4.28 -47.68
CA GLN B 807 27.07 3.38 -47.87
C GLN B 807 25.83 4.06 -47.32
N MET B 808 24.74 3.30 -47.20
CA MET B 808 23.46 3.82 -46.75
C MET B 808 23.02 3.01 -45.53
N GLY B 809 22.82 3.69 -44.41
CA GLY B 809 22.46 3.05 -43.17
C GLY B 809 21.22 3.69 -42.55
N THR B 810 20.76 3.07 -41.47
CA THR B 810 19.57 3.53 -40.76
C THR B 810 19.98 4.52 -39.69
N GLU B 811 19.26 5.65 -39.61
CA GLU B 811 19.52 6.69 -38.63
C GLU B 811 18.68 6.52 -37.37
N GLN B 812 17.84 5.49 -37.31
CA GLN B 812 16.99 5.26 -36.15
C GLN B 812 16.57 3.80 -36.14
N SER B 813 16.38 3.27 -34.94
CA SER B 813 15.96 1.88 -34.76
C SER B 813 14.88 1.82 -33.69
N VAL B 814 13.87 0.98 -33.92
CA VAL B 814 12.72 0.87 -33.03
C VAL B 814 12.47 -0.61 -32.74
N ARG B 815 11.83 -0.86 -31.60
CA ARG B 815 11.56 -2.22 -31.13
C ARG B 815 10.26 -2.21 -30.36
N PHE B 816 9.40 -3.20 -30.62
CA PHE B 816 8.08 -3.27 -29.98
C PHE B 816 7.86 -4.66 -29.41
N ASN B 817 7.71 -4.74 -28.09
CA ASN B 817 7.48 -6.02 -27.41
C ASN B 817 8.57 -7.04 -27.71
N GLY B 818 9.81 -6.58 -27.82
CA GLY B 818 10.95 -7.47 -28.01
C GLY B 818 11.27 -7.83 -29.44
N TYR B 819 10.52 -7.30 -30.42
CA TYR B 819 10.77 -7.63 -31.81
C TYR B 819 11.01 -6.36 -32.63
N PRO B 820 11.90 -6.40 -33.61
CA PRO B 820 12.11 -5.23 -34.47
C PRO B 820 10.83 -4.86 -35.20
N ALA B 821 10.46 -3.58 -35.12
CA ALA B 821 9.22 -3.09 -35.69
C ALA B 821 9.47 -1.79 -36.44
N MET B 822 8.65 -1.56 -37.47
CA MET B 822 8.63 -0.29 -38.18
C MET B 822 7.21 0.24 -38.21
N GLU B 823 7.05 1.52 -37.89
CA GLU B 823 5.74 2.13 -37.71
C GLU B 823 5.13 2.49 -39.06
N LEU B 824 3.80 2.58 -39.06
CA LEU B 824 3.04 2.93 -40.26
C LEU B 824 1.75 3.60 -39.82
N SER B 825 1.17 4.39 -40.73
CA SER B 825 -0.04 5.15 -40.43
C SER B 825 -1.00 5.08 -41.60
N GLY B 826 -2.29 5.14 -41.30
CA GLY B 826 -3.32 5.10 -42.32
C GLY B 826 -4.65 5.66 -41.85
N SER B 827 -5.67 5.60 -42.71
CA SER B 827 -6.99 6.08 -42.33
C SER B 827 -8.04 5.60 -43.34
N PRO B 828 -9.17 5.08 -42.89
CA PRO B 828 -10.19 4.59 -43.83
C PRO B 828 -10.69 5.72 -44.73
N ALA B 829 -10.96 5.37 -45.99
CA ALA B 829 -11.27 6.37 -47.00
C ALA B 829 -12.53 7.16 -46.65
N THR B 830 -13.68 6.49 -46.66
CA THR B 830 -14.94 7.14 -46.31
C THR B 830 -16.08 6.13 -46.25
N GLY B 831 -17.05 6.37 -45.38
CA GLY B 831 -18.19 5.47 -45.28
C GLY B 831 -17.79 4.05 -44.96
N VAL B 832 -16.64 3.88 -44.32
CA VAL B 832 -16.11 2.58 -43.96
C VAL B 832 -15.87 2.54 -42.46
N SER B 833 -16.34 1.48 -41.81
CA SER B 833 -16.13 1.32 -40.39
C SER B 833 -14.67 0.96 -40.10
N THR B 834 -14.19 1.41 -38.94
CA THR B 834 -12.83 1.07 -38.54
C THR B 834 -12.66 -0.44 -38.38
N GLY B 835 -13.73 -1.15 -38.03
CA GLY B 835 -13.64 -2.60 -37.88
C GLY B 835 -13.28 -3.29 -39.18
N GLN B 836 -13.95 -2.91 -40.27
CA GLN B 836 -13.65 -3.50 -41.57
C GLN B 836 -12.23 -3.14 -42.01
N ALA B 837 -11.80 -1.90 -41.79
CA ALA B 837 -10.43 -1.53 -42.14
C ALA B 837 -9.42 -2.37 -41.37
N MET B 838 -9.65 -2.56 -40.07
CA MET B 838 -8.75 -3.36 -39.27
C MET B 838 -8.73 -4.81 -39.73
N GLU B 839 -9.90 -5.36 -40.06
CA GLU B 839 -9.95 -6.74 -40.55
C GLU B 839 -9.19 -6.87 -41.88
N ALA B 840 -9.36 -5.91 -42.78
CA ALA B 840 -8.63 -5.94 -44.04
C ALA B 840 -7.13 -5.86 -43.80
N VAL B 841 -6.70 -5.00 -42.88
CA VAL B 841 -5.28 -4.88 -42.57
C VAL B 841 -4.75 -6.20 -42.03
N GLN B 842 -5.51 -6.84 -41.13
CA GLN B 842 -5.06 -8.10 -40.56
C GLN B 842 -4.94 -9.18 -41.63
N LYS B 843 -5.93 -9.27 -42.52
CA LYS B 843 -5.86 -10.26 -43.59
C LYS B 843 -4.67 -9.98 -44.50
N MET B 844 -4.42 -8.71 -44.82
CA MET B 844 -3.29 -8.36 -45.66
C MET B 844 -1.98 -8.78 -45.00
N VAL B 845 -1.84 -8.51 -43.71
CA VAL B 845 -0.63 -8.90 -43.00
C VAL B 845 -0.49 -10.42 -43.00
N ASP B 846 -1.58 -11.14 -42.78
CA ASP B 846 -1.53 -12.60 -42.87
C ASP B 846 -1.07 -13.05 -44.25
N GLU B 847 -1.42 -12.29 -45.29
CA GLU B 847 -0.99 -12.65 -46.64
C GLU B 847 0.53 -12.76 -46.73
N LEU B 848 1.25 -11.92 -46.00
CA LEU B 848 2.70 -12.01 -45.97
C LEU B 848 3.13 -13.32 -45.32
N GLY B 849 4.42 -13.60 -45.37
CA GLY B 849 4.92 -14.87 -44.87
C GLY B 849 4.64 -15.09 -43.39
N SER B 850 5.13 -16.20 -42.85
CA SER B 850 5.03 -16.50 -41.43
C SER B 850 6.32 -16.04 -40.78
N GLY B 851 6.23 -14.98 -39.99
CA GLY B 851 7.41 -14.36 -39.41
C GLY B 851 7.28 -12.87 -39.36
N TYR B 852 6.23 -12.34 -39.98
CA TYR B 852 5.89 -10.91 -39.95
C TYR B 852 4.53 -10.76 -39.32
N SER B 853 4.47 -10.10 -38.18
CA SER B 853 3.24 -9.91 -37.42
C SER B 853 2.82 -8.45 -37.44
N LEU B 854 1.61 -8.21 -36.96
CA LEU B 854 1.06 -6.87 -36.83
C LEU B 854 0.60 -6.65 -35.40
N GLU B 855 0.68 -5.40 -34.94
CA GLU B 855 0.26 -5.07 -33.60
C GLU B 855 -0.08 -3.59 -33.52
N TRP B 856 -1.31 -3.28 -33.10
CA TRP B 856 -1.78 -1.91 -33.06
C TRP B 856 -1.06 -1.13 -31.98
N GLY B 857 -1.01 0.19 -32.17
CA GLY B 857 -0.38 1.05 -31.19
C GLY B 857 -1.07 2.38 -31.01
N GLY B 858 -1.17 2.85 -29.79
CA GLY B 858 -1.79 4.14 -29.51
C GLY B 858 -3.30 4.01 -29.34
N GLN B 859 -4.05 4.82 -30.08
CA GLN B 859 -5.51 4.81 -29.99
C GLN B 859 -6.14 3.61 -30.67
N SER B 860 -5.43 2.92 -31.56
CA SER B 860 -5.99 1.72 -32.17
C SER B 860 -6.16 0.62 -31.13
N ARG B 861 -5.40 0.69 -30.04
CA ARG B 861 -5.43 -0.38 -29.04
C ARG B 861 -6.80 -0.54 -28.41
N GLU B 862 -7.43 0.58 -28.00
CA GLU B 862 -8.73 0.53 -27.33
C GLU B 862 -9.88 0.26 -28.30
N GLU B 863 -9.65 0.31 -29.60
CA GLU B 863 -10.66 -0.08 -30.58
C GLU B 863 -10.59 -1.55 -30.95
N ALA B 864 -9.42 -2.17 -30.80
CA ALA B 864 -9.30 -3.59 -31.10
C ALA B 864 -10.23 -4.42 -30.21
N LYS B 865 -10.31 -4.06 -28.93
CA LYS B 865 -11.25 -4.71 -28.02
C LYS B 865 -12.65 -4.19 -28.33
N GLY B 866 -13.56 -5.11 -28.67
CA GLY B 866 -14.87 -4.74 -29.15
C GLY B 866 -15.60 -3.75 -28.26
N GLY B 867 -16.20 -2.73 -28.87
CA GLY B 867 -16.97 -1.76 -28.14
C GLY B 867 -18.41 -2.17 -27.92
N SER B 868 -18.59 -3.39 -27.41
CA SER B 868 -19.92 -3.94 -27.14
C SER B 868 -20.32 -3.77 -25.68
N GLN B 869 -19.86 -2.69 -25.05
CA GLN B 869 -20.16 -2.40 -23.65
C GLN B 869 -21.20 -1.30 -23.47
N THR B 870 -21.18 -0.29 -24.32
CA THR B 870 -22.17 0.79 -24.23
C THR B 870 -23.58 0.27 -24.44
N ILE B 871 -23.76 -0.63 -25.40
CA ILE B 871 -25.09 -1.18 -25.67
C ILE B 871 -25.62 -1.93 -24.45
N ALA B 872 -24.77 -2.76 -23.86
CA ALA B 872 -25.18 -3.51 -22.67
C ALA B 872 -25.52 -2.57 -21.53
N LEU B 873 -24.69 -1.55 -21.31
CA LEU B 873 -24.95 -0.62 -20.22
C LEU B 873 -26.27 0.12 -20.42
N TYR B 874 -26.54 0.57 -21.65
CA TYR B 874 -27.78 1.28 -21.92
C TYR B 874 -28.98 0.37 -21.76
N ALA B 875 -28.87 -0.89 -22.20
CA ALA B 875 -29.97 -1.83 -22.01
C ALA B 875 -30.25 -2.06 -20.52
N LEU B 876 -29.19 -2.20 -19.73
CA LEU B 876 -29.37 -2.39 -18.29
C LEU B 876 -30.03 -1.16 -17.67
N ALA B 877 -29.61 0.04 -18.08
CA ALA B 877 -30.22 1.25 -17.55
C ALA B 877 -31.70 1.32 -17.90
N ALA B 878 -32.06 0.98 -19.14
CA ALA B 878 -33.46 0.97 -19.53
C ALA B 878 -34.27 -0.02 -18.71
N VAL B 879 -33.71 -1.21 -18.48
CA VAL B 879 -34.42 -2.20 -17.68
C VAL B 879 -34.64 -1.70 -16.26
N ALA B 880 -33.61 -1.08 -15.67
CA ALA B 880 -33.76 -0.55 -14.31
C ALA B 880 -34.81 0.55 -14.25
N VAL B 881 -34.82 1.43 -15.25
CA VAL B 881 -35.82 2.49 -15.29
C VAL B 881 -37.23 1.89 -15.36
N PHE B 882 -37.40 0.88 -16.22
CA PHE B 882 -38.71 0.25 -16.34
C PHE B 882 -39.14 -0.38 -15.02
N LEU B 883 -38.22 -1.06 -14.34
CA LEU B 883 -38.57 -1.68 -13.06
C LEU B 883 -38.98 -0.63 -12.03
N VAL B 884 -38.23 0.48 -11.96
CA VAL B 884 -38.55 1.52 -10.99
C VAL B 884 -39.93 2.11 -11.28
N LEU B 885 -40.22 2.38 -12.56
CA LEU B 885 -41.51 2.94 -12.91
C LEU B 885 -42.63 1.95 -12.61
N ALA B 886 -42.41 0.67 -12.88
CA ALA B 886 -43.43 -0.34 -12.58
C ALA B 886 -43.71 -0.40 -11.08
N ALA B 887 -42.67 -0.32 -10.26
CA ALA B 887 -42.88 -0.26 -8.82
C ALA B 887 -43.65 0.99 -8.42
N LEU B 888 -43.32 2.14 -9.02
CA LEU B 888 -43.98 3.39 -8.65
C LEU B 888 -45.47 3.38 -9.00
N TYR B 889 -45.81 2.97 -10.23
CA TYR B 889 -47.20 3.01 -10.67
C TYR B 889 -48.00 1.78 -10.25
N GLU B 890 -47.36 0.71 -9.82
CA GLU B 890 -48.03 -0.54 -9.50
C GLU B 890 -48.76 -1.08 -10.73
N SER B 891 -47.99 -1.31 -11.80
CA SER B 891 -48.51 -1.85 -13.04
C SER B 891 -47.34 -2.16 -13.96
N TRP B 892 -47.55 -3.13 -14.85
CA TRP B 892 -46.59 -3.45 -15.89
C TRP B 892 -46.90 -2.76 -17.21
N SER B 893 -47.88 -1.87 -17.23
CA SER B 893 -48.38 -1.27 -18.47
C SER B 893 -48.01 0.19 -18.65
N ILE B 894 -48.05 0.99 -17.60
CA ILE B 894 -47.80 2.42 -17.70
C ILE B 894 -46.32 2.71 -17.93
N PRO B 895 -45.40 1.95 -17.34
CA PRO B 895 -43.98 2.22 -17.55
C PRO B 895 -43.59 2.29 -19.01
N LEU B 896 -44.15 1.44 -19.86
CA LEU B 896 -43.86 1.56 -21.29
C LEU B 896 -44.43 2.84 -21.88
N ALA B 897 -45.60 3.27 -21.41
CA ALA B 897 -46.14 4.55 -21.85
C ALA B 897 -45.17 5.68 -21.52
N VAL B 898 -44.51 5.61 -20.37
CA VAL B 898 -43.51 6.62 -20.04
C VAL B 898 -42.26 6.47 -20.89
N LEU B 899 -41.80 5.23 -21.11
CA LEU B 899 -40.58 5.00 -21.88
C LEU B 899 -40.73 5.32 -23.36
N LEU B 900 -41.95 5.47 -23.86
CA LEU B 900 -42.07 5.78 -25.28
C LEU B 900 -41.61 7.20 -25.65
N VAL B 901 -40.94 7.98 -24.81
CA VAL B 901 -40.60 9.36 -25.13
C VAL B 901 -39.13 9.56 -25.50
N MET B 902 -38.28 8.54 -25.33
CA MET B 902 -36.87 8.70 -25.66
C MET B 902 -36.65 9.08 -27.12
N PRO B 903 -37.30 8.43 -28.09
CA PRO B 903 -37.05 8.78 -29.50
C PRO B 903 -37.32 10.24 -29.81
N LEU B 904 -38.27 10.88 -29.12
CA LEU B 904 -38.56 12.28 -29.40
C LEU B 904 -37.34 13.15 -29.12
N GLY B 905 -36.76 13.01 -27.93
CA GLY B 905 -35.57 13.79 -27.61
C GLY B 905 -34.38 13.42 -28.48
N LEU B 906 -34.20 12.13 -28.75
CA LEU B 906 -33.10 11.73 -29.62
C LEU B 906 -33.22 12.41 -30.98
N ALA B 907 -34.41 12.36 -31.58
CA ALA B 907 -34.61 12.95 -32.89
C ALA B 907 -34.41 14.47 -32.84
N GLY B 908 -34.91 15.12 -31.79
CA GLY B 908 -34.72 16.56 -31.69
C GLY B 908 -33.25 16.93 -31.66
N ALA B 909 -32.47 16.24 -30.83
CA ALA B 909 -31.04 16.56 -30.74
C ALA B 909 -30.33 16.29 -32.06
N ALA B 910 -30.60 15.14 -32.67
CA ALA B 910 -29.94 14.81 -33.92
C ALA B 910 -30.27 15.82 -35.01
N ALA B 911 -31.55 16.18 -35.14
CA ALA B 911 -31.94 17.15 -36.14
C ALA B 911 -31.32 18.52 -35.89
N GLY B 912 -31.26 18.94 -34.63
CA GLY B 912 -30.62 20.21 -34.34
C GLY B 912 -29.16 20.23 -34.74
N VAL B 913 -28.42 19.17 -34.39
CA VAL B 913 -27.00 19.10 -34.73
C VAL B 913 -26.83 19.11 -36.24
N THR B 914 -27.62 18.30 -36.95
CA THR B 914 -27.49 18.24 -38.40
C THR B 914 -27.81 19.58 -39.05
N GLY B 915 -28.86 20.26 -38.58
CA GLY B 915 -29.21 21.53 -39.15
C GLY B 915 -28.15 22.59 -38.91
N ARG B 916 -27.56 22.59 -37.72
CA ARG B 916 -26.48 23.54 -37.45
C ARG B 916 -25.27 23.26 -38.33
N ASN B 917 -24.93 21.98 -38.53
CA ASN B 917 -23.84 21.64 -39.44
C ASN B 917 -24.14 22.14 -40.84
N LEU B 918 -25.36 21.92 -41.32
CA LEU B 918 -25.72 22.37 -42.66
C LEU B 918 -25.61 23.88 -42.79
N PHE B 919 -26.12 24.61 -41.78
CA PHE B 919 -26.07 26.06 -41.83
C PHE B 919 -24.63 26.57 -41.83
N GLU B 920 -23.79 25.99 -40.98
CA GLU B 920 -22.38 26.41 -40.94
C GLU B 920 -21.69 26.14 -42.27
N GLY B 921 -21.82 24.93 -42.78
CA GLY B 921 -21.20 24.58 -44.04
C GLY B 921 -21.75 25.37 -45.21
N LEU B 922 -22.96 25.92 -45.05
CA LEU B 922 -23.58 26.70 -46.09
C LEU B 922 -22.93 28.08 -46.26
N LEU B 923 -22.06 28.48 -45.34
CA LEU B 923 -21.37 29.77 -45.44
C LEU B 923 -19.87 29.61 -45.64
N GLY B 924 -19.42 28.41 -46.03
CA GLY B 924 -18.02 28.16 -46.32
C GLY B 924 -17.26 27.42 -45.24
N SER B 925 -17.81 27.36 -44.02
CA SER B 925 -17.12 26.70 -42.92
C SER B 925 -17.07 25.19 -43.11
N VAL B 926 -16.47 24.49 -42.16
CA VAL B 926 -16.37 23.03 -42.21
C VAL B 926 -17.28 22.47 -41.11
N PRO B 927 -17.86 21.28 -41.29
CA PRO B 927 -18.71 20.72 -40.23
C PRO B 927 -17.93 20.49 -38.94
N SER B 928 -18.27 21.23 -37.89
CA SER B 928 -17.52 21.19 -36.65
C SER B 928 -18.14 20.28 -35.58
N PHE B 929 -19.39 19.89 -35.74
CA PHE B 929 -20.09 19.09 -34.74
C PHE B 929 -20.15 17.63 -35.17
N ALA B 930 -20.04 16.75 -34.19
CA ALA B 930 -20.00 15.31 -34.44
C ALA B 930 -20.63 14.60 -33.25
N ASN B 931 -20.46 13.28 -33.20
CA ASN B 931 -21.00 12.47 -32.11
C ASN B 931 -19.91 12.23 -31.05
N ASP B 932 -19.50 13.34 -30.44
CA ASP B 932 -18.46 13.32 -29.43
C ASP B 932 -19.06 13.15 -28.03
N ILE B 933 -18.25 13.36 -26.99
CA ILE B 933 -18.68 13.10 -25.62
C ILE B 933 -19.76 14.09 -25.21
N TYR B 934 -19.56 15.37 -25.50
CA TYR B 934 -20.52 16.39 -25.09
C TYR B 934 -21.91 16.11 -25.68
N PHE B 935 -21.96 15.56 -26.88
CA PHE B 935 -23.24 15.16 -27.44
C PHE B 935 -23.93 14.14 -26.56
N GLN B 936 -23.18 13.13 -26.10
CA GLN B 936 -23.78 12.10 -25.25
C GLN B 936 -24.27 12.69 -23.93
N VAL B 937 -23.47 13.56 -23.31
CA VAL B 937 -23.89 14.13 -22.03
C VAL B 937 -25.15 14.97 -22.20
N GLY B 938 -25.19 15.81 -23.24
CA GLY B 938 -26.37 16.61 -23.48
C GLY B 938 -27.60 15.76 -23.76
N PHE B 939 -27.42 14.68 -24.53
CA PHE B 939 -28.53 13.79 -24.83
C PHE B 939 -29.07 13.15 -23.55
N VAL B 940 -28.17 12.71 -22.67
CA VAL B 940 -28.61 12.12 -21.41
C VAL B 940 -29.39 13.14 -20.59
N THR B 941 -28.91 14.38 -20.54
CA THR B 941 -29.62 15.41 -19.78
C THR B 941 -31.02 15.65 -20.33
N VAL B 942 -31.15 15.78 -21.66
CA VAL B 942 -32.46 16.01 -22.24
C VAL B 942 -33.37 14.82 -21.98
N MET B 943 -32.81 13.61 -22.05
CA MET B 943 -33.59 12.41 -21.75
C MET B 943 -34.14 12.47 -20.33
N GLY B 944 -33.29 12.84 -19.37
CA GLY B 944 -33.76 12.93 -18.00
C GLY B 944 -34.88 13.93 -17.82
N LEU B 945 -34.73 15.12 -18.41
CA LEU B 945 -35.75 16.15 -18.25
C LEU B 945 -37.08 15.70 -18.87
N SER B 946 -37.03 15.16 -20.09
CA SER B 946 -38.26 14.72 -20.72
C SER B 946 -38.92 13.59 -19.94
N ALA B 947 -38.12 12.67 -19.42
CA ALA B 947 -38.66 11.59 -18.61
C ALA B 947 -39.36 12.13 -17.38
N LYS B 948 -38.76 13.13 -16.72
CA LYS B 948 -39.38 13.70 -15.53
C LYS B 948 -40.74 14.31 -15.87
N ASN B 949 -40.79 15.09 -16.95
CA ASN B 949 -42.07 15.71 -17.33
C ASN B 949 -43.13 14.66 -17.61
N ALA B 950 -42.77 13.64 -18.39
CA ALA B 950 -43.72 12.60 -18.73
C ALA B 950 -44.18 11.85 -17.48
N ILE B 951 -43.27 11.59 -16.55
CA ILE B 951 -43.63 10.87 -15.34
C ILE B 951 -44.67 11.65 -14.55
N LEU B 952 -44.45 12.96 -14.37
CA LEU B 952 -45.43 13.76 -13.64
C LEU B 952 -46.79 13.73 -14.33
N ILE B 953 -46.82 13.92 -15.65
CA ILE B 953 -48.11 13.97 -16.35
C ILE B 953 -48.83 12.64 -16.22
N ILE B 954 -48.09 11.53 -16.38
CA ILE B 954 -48.72 10.22 -16.32
C ILE B 954 -49.25 9.92 -14.93
N GLU B 955 -48.50 10.32 -13.89
CA GLU B 955 -48.98 10.12 -12.53
C GLU B 955 -50.28 10.86 -12.29
N PHE B 956 -50.35 12.12 -12.74
CA PHE B 956 -51.58 12.88 -12.56
C PHE B 956 -52.74 12.21 -13.29
N ALA B 957 -52.51 11.78 -14.53
CA ALA B 957 -53.57 11.14 -15.29
C ALA B 957 -54.05 9.85 -14.62
N LYS B 958 -53.11 9.04 -14.12
CA LYS B 958 -53.49 7.79 -13.46
C LYS B 958 -54.33 8.06 -12.23
N ASP B 959 -53.91 9.03 -11.41
CA ASP B 959 -54.70 9.35 -10.23
C ASP B 959 -56.09 9.85 -10.59
N LEU B 960 -56.20 10.66 -11.64
CA LEU B 960 -57.52 11.17 -12.03
C LEU B 960 -58.44 10.08 -12.59
N GLN B 961 -57.88 9.12 -13.34
CA GLN B 961 -58.74 8.11 -13.95
C GLN B 961 -59.23 7.07 -12.95
N ALA B 962 -58.46 6.81 -11.90
CA ALA B 962 -58.86 5.88 -10.85
C ALA B 962 -59.83 6.47 -9.88
N GLN B 963 -60.45 7.59 -10.27
CA GLN B 963 -61.34 8.34 -9.41
C GLN B 963 -62.74 8.48 -10.00
N GLY B 964 -63.03 7.82 -11.11
CA GLY B 964 -64.35 7.88 -11.70
C GLY B 964 -64.37 8.35 -13.13
N LYS B 965 -63.26 8.94 -13.58
CA LYS B 965 -63.16 9.47 -14.93
C LYS B 965 -62.68 8.39 -15.91
N SER B 966 -63.01 8.60 -17.17
CA SER B 966 -62.57 7.70 -18.24
C SER B 966 -61.09 7.94 -18.50
N ALA B 967 -60.53 7.23 -19.49
CA ALA B 967 -59.14 7.45 -19.85
C ALA B 967 -58.94 8.76 -20.59
N VAL B 968 -59.81 9.07 -21.56
CA VAL B 968 -59.65 10.31 -22.32
C VAL B 968 -59.80 11.51 -21.41
N GLU B 969 -60.84 11.51 -20.56
CA GLU B 969 -61.05 12.64 -19.66
C GLU B 969 -59.90 12.79 -18.67
N ALA B 970 -59.41 11.69 -18.12
CA ALA B 970 -58.30 11.76 -17.18
C ALA B 970 -57.05 12.33 -17.84
N ALA B 971 -56.73 11.85 -19.05
CA ALA B 971 -55.56 12.37 -19.75
C ALA B 971 -55.72 13.86 -20.07
N LEU B 972 -56.90 14.26 -20.52
CA LEU B 972 -57.12 15.66 -20.86
C LEU B 972 -56.96 16.56 -19.64
N GLU B 973 -57.54 16.15 -18.52
CA GLU B 973 -57.43 16.95 -17.30
C GLU B 973 -55.99 17.00 -16.80
N ALA B 974 -55.27 15.87 -16.87
CA ALA B 974 -53.88 15.88 -16.43
C ALA B 974 -53.04 16.81 -17.28
N ALA B 975 -53.24 16.79 -18.60
CA ALA B 975 -52.50 17.69 -19.47
C ALA B 975 -52.82 19.15 -19.16
N ARG B 976 -54.10 19.46 -18.98
CA ARG B 976 -54.47 20.84 -18.66
C ARG B 976 -53.83 21.29 -17.36
N LEU B 977 -53.81 20.42 -16.35
CA LEU B 977 -53.19 20.79 -15.08
C LEU B 977 -51.68 20.98 -15.22
N ARG B 978 -51.01 20.15 -16.02
CA ARG B 978 -49.56 20.22 -16.10
C ARG B 978 -49.05 21.24 -17.10
N PHE B 979 -49.93 21.89 -17.86
CA PHE B 979 -49.47 22.85 -18.87
C PHE B 979 -48.52 23.91 -18.29
N ARG B 980 -48.95 24.59 -17.21
CA ARG B 980 -48.22 25.79 -16.79
C ARG B 980 -46.80 25.50 -16.32
N PRO B 981 -46.56 24.55 -15.41
CA PRO B 981 -45.18 24.30 -14.97
C PRO B 981 -44.26 23.92 -16.11
N ILE B 982 -44.77 23.18 -17.11
CA ILE B 982 -43.96 22.81 -18.25
C ILE B 982 -43.47 24.05 -18.99
N ILE B 983 -44.37 25.00 -19.22
CA ILE B 983 -43.99 26.23 -19.91
C ILE B 983 -42.96 27.00 -19.09
N MET B 984 -43.20 27.13 -17.78
CA MET B 984 -42.28 27.87 -16.93
C MET B 984 -40.87 27.28 -17.00
N THR B 985 -40.77 25.97 -16.76
CA THR B 985 -39.46 25.32 -16.76
C THR B 985 -38.81 25.37 -18.13
N SER B 986 -39.58 25.18 -19.19
CA SER B 986 -39.01 25.22 -20.54
C SER B 986 -38.41 26.58 -20.83
N PHE B 987 -39.14 27.65 -20.55
CA PHE B 987 -38.60 28.99 -20.77
C PHE B 987 -37.34 29.20 -19.96
N ALA B 988 -37.38 28.86 -18.67
CA ALA B 988 -36.21 29.08 -17.83
C ALA B 988 -34.99 28.35 -18.37
N PHE B 989 -35.14 27.05 -18.66
CA PHE B 989 -34.00 26.26 -19.10
C PHE B 989 -33.46 26.74 -20.45
N ILE B 990 -34.36 27.02 -21.40
CA ILE B 990 -33.92 27.42 -22.73
C ILE B 990 -33.18 28.74 -22.68
N LEU B 991 -33.74 29.73 -21.98
CA LEU B 991 -33.06 31.01 -21.88
C LEU B 991 -31.77 30.91 -21.08
N GLY B 992 -31.69 29.98 -20.13
CA GLY B 992 -30.43 29.78 -19.43
C GLY B 992 -29.35 29.19 -20.30
N VAL B 993 -29.72 28.24 -21.16
CA VAL B 993 -28.73 27.57 -22.02
C VAL B 993 -28.39 28.35 -23.28
N VAL B 994 -29.18 29.36 -23.64
CA VAL B 994 -28.88 30.14 -24.84
C VAL B 994 -27.50 30.76 -24.80
N PRO B 995 -27.02 31.30 -23.66
CA PRO B 995 -25.67 31.90 -23.66
C PRO B 995 -24.58 30.95 -24.12
N LEU B 996 -24.69 29.66 -23.81
CA LEU B 996 -23.72 28.66 -24.26
C LEU B 996 -23.91 28.30 -25.71
N TYR B 997 -25.00 28.73 -26.35
CA TYR B 997 -25.25 28.45 -27.75
C TYR B 997 -24.50 29.37 -28.68
N ILE B 998 -23.99 30.49 -28.18
CA ILE B 998 -23.23 31.45 -28.98
C ILE B 998 -21.90 31.79 -28.31
N ALA B 999 -21.40 30.90 -27.46
CA ALA B 999 -20.16 31.16 -26.74
C ALA B 999 -19.01 31.40 -27.71
N GLY B 1000 -18.21 32.42 -27.40
CA GLY B 1000 -17.04 32.73 -28.20
C GLY B 1000 -15.89 33.24 -27.36
N GLY B 1001 -14.73 32.59 -27.46
CA GLY B 1001 -13.58 32.98 -26.67
C GLY B 1001 -12.79 31.79 -26.16
N ALA B 1002 -12.55 31.74 -24.86
CA ALA B 1002 -11.78 30.66 -24.26
C ALA B 1002 -12.68 29.44 -24.07
N SER B 1003 -12.24 28.31 -24.61
CA SER B 1003 -12.99 27.05 -24.50
C SER B 1003 -14.39 27.16 -25.09
N SER B 1004 -14.54 27.95 -26.15
CA SER B 1004 -15.83 28.17 -26.78
C SER B 1004 -16.17 27.10 -27.81
N ALA B 1005 -15.56 25.93 -27.75
CA ALA B 1005 -15.85 24.83 -28.65
C ALA B 1005 -16.72 23.77 -28.00
N SER B 1006 -16.31 23.25 -26.84
CA SER B 1006 -17.16 22.35 -26.09
C SER B 1006 -18.43 23.03 -25.61
N GLN B 1007 -18.32 24.32 -25.25
CA GLN B 1007 -19.49 25.08 -24.85
C GLN B 1007 -20.56 25.04 -25.93
N ARG B 1008 -20.17 25.38 -27.16
CA ARG B 1008 -21.13 25.34 -28.27
C ARG B 1008 -21.58 23.92 -28.56
N ALA B 1009 -20.67 22.96 -28.54
CA ALA B 1009 -21.03 21.58 -28.86
C ALA B 1009 -22.09 21.05 -27.92
N ILE B 1010 -22.06 21.47 -26.66
CA ILE B 1010 -23.09 21.04 -25.72
C ILE B 1010 -24.35 21.92 -25.80
N GLY B 1011 -24.17 23.23 -25.99
CA GLY B 1011 -25.31 24.12 -26.02
C GLY B 1011 -26.25 23.83 -27.18
N THR B 1012 -25.69 23.56 -28.37
CA THR B 1012 -26.54 23.29 -29.52
C THR B 1012 -27.43 22.07 -29.26
N THR B 1013 -26.82 20.97 -28.83
CA THR B 1013 -27.58 19.76 -28.58
C THR B 1013 -28.63 19.98 -27.49
N VAL B 1014 -28.24 20.61 -26.39
CA VAL B 1014 -29.18 20.81 -25.30
C VAL B 1014 -30.35 21.66 -25.76
N PHE B 1015 -30.07 22.80 -26.39
CA PHE B 1015 -31.12 23.71 -26.81
C PHE B 1015 -32.10 23.02 -27.76
N TRP B 1016 -31.59 22.42 -28.84
CA TRP B 1016 -32.48 21.86 -29.83
C TRP B 1016 -33.22 20.65 -29.31
N GLY B 1017 -32.52 19.75 -28.60
CA GLY B 1017 -33.18 18.60 -28.05
C GLY B 1017 -34.29 18.97 -27.10
N MET B 1018 -34.01 19.89 -26.17
CA MET B 1018 -35.03 20.29 -25.21
C MET B 1018 -36.22 20.91 -25.92
N LEU B 1019 -35.97 21.85 -26.84
CA LEU B 1019 -37.08 22.54 -27.49
C LEU B 1019 -37.96 21.56 -28.25
N ILE B 1020 -37.36 20.75 -29.13
CA ILE B 1020 -38.15 19.85 -29.96
C ILE B 1020 -38.82 18.79 -29.11
N GLY B 1021 -38.09 18.20 -28.16
CA GLY B 1021 -38.67 17.16 -27.33
C GLY B 1021 -39.85 17.65 -26.53
N THR B 1022 -39.75 18.84 -25.95
CA THR B 1022 -40.89 19.38 -25.21
C THR B 1022 -42.06 19.66 -26.13
N LEU B 1023 -41.80 20.31 -27.27
CA LEU B 1023 -42.89 20.65 -28.18
C LEU B 1023 -43.61 19.42 -28.68
N LEU B 1024 -42.91 18.29 -28.80
CA LEU B 1024 -43.57 17.05 -29.21
C LEU B 1024 -44.26 16.36 -28.04
N SER B 1025 -43.59 16.30 -26.89
CA SER B 1025 -44.11 15.55 -25.76
C SER B 1025 -45.43 16.13 -25.27
N VAL B 1026 -45.51 17.46 -25.17
CA VAL B 1026 -46.70 18.08 -24.60
C VAL B 1026 -47.96 17.63 -25.34
N PHE B 1027 -47.83 17.26 -26.61
CA PHE B 1027 -48.95 16.78 -27.40
C PHE B 1027 -49.04 15.27 -27.43
N LEU B 1028 -47.91 14.56 -27.39
CA LEU B 1028 -47.94 13.12 -27.65
C LEU B 1028 -48.21 12.31 -26.40
N VAL B 1029 -47.81 12.78 -25.21
CA VAL B 1029 -47.89 11.93 -24.02
C VAL B 1029 -49.32 11.47 -23.74
N PRO B 1030 -50.34 12.33 -23.79
CA PRO B 1030 -51.71 11.84 -23.59
C PRO B 1030 -52.10 10.73 -24.55
N LEU B 1031 -51.66 10.82 -25.81
CA LEU B 1031 -51.95 9.76 -26.76
C LEU B 1031 -51.32 8.45 -26.33
N PHE B 1032 -50.09 8.50 -25.83
CA PHE B 1032 -49.44 7.29 -25.32
C PHE B 1032 -50.24 6.70 -24.18
N TYR B 1033 -50.68 7.54 -23.25
CA TYR B 1033 -51.47 7.03 -22.12
C TYR B 1033 -52.73 6.34 -22.61
N VAL B 1034 -53.49 7.00 -23.50
CA VAL B 1034 -54.75 6.45 -23.96
C VAL B 1034 -54.54 5.14 -24.70
N VAL B 1035 -53.54 5.10 -25.59
CA VAL B 1035 -53.29 3.88 -26.36
C VAL B 1035 -52.88 2.73 -25.45
N VAL B 1036 -51.98 3.01 -24.49
CA VAL B 1036 -51.55 1.95 -23.59
C VAL B 1036 -52.69 1.43 -22.74
N ARG B 1037 -53.59 2.31 -22.28
CA ARG B 1037 -54.73 1.82 -21.52
C ARG B 1037 -55.66 0.98 -22.39
N LYS B 1038 -55.93 1.42 -23.62
CA LYS B 1038 -56.84 0.68 -24.48
C LYS B 1038 -56.28 -0.69 -24.84
N PHE B 1039 -54.99 -0.77 -25.14
CA PHE B 1039 -54.41 -2.03 -25.60
C PHE B 1039 -54.22 -3.01 -24.43
N PHE B 1040 -53.38 -2.63 -23.46
CA PHE B 1040 -53.06 -3.50 -22.33
C PHE B 1040 -54.12 -3.37 -21.24
N LYS B 1041 -55.29 -3.91 -21.53
CA LYS B 1041 -56.36 -3.91 -20.54
C LYS B 1041 -55.91 -4.69 -19.30
N GLU B 1042 -55.73 -4.00 -18.19
CA GLU B 1042 -55.17 -4.61 -16.99
C GLU B 1042 -56.01 -5.80 -16.54
N THR B 1043 -55.34 -6.71 -15.82
CA THR B 1043 -56.00 -7.91 -15.31
C THR B 1043 -57.15 -7.56 -14.37
N MET C 1 -41.01 2.24 23.37
CA MET C 1 -39.79 1.49 23.67
C MET C 1 -39.75 1.10 25.14
N ALA C 2 -40.04 2.06 26.01
CA ALA C 2 -40.07 1.80 27.45
C ALA C 2 -41.25 0.94 27.86
N LYS C 3 -42.40 1.08 27.19
CA LYS C 3 -43.56 0.24 27.51
C LYS C 3 -43.37 -1.18 27.01
N PHE C 4 -42.63 -1.37 25.92
CA PHE C 4 -42.40 -2.72 25.42
C PHE C 4 -41.62 -3.57 26.41
N PHE C 5 -40.57 -3.00 27.01
CA PHE C 5 -39.69 -3.75 27.89
C PHE C 5 -40.21 -3.90 29.31
N ILE C 6 -41.22 -3.11 29.71
CA ILE C 6 -41.76 -3.24 31.05
C ILE C 6 -42.43 -4.58 31.27
N ASP C 7 -42.86 -5.25 30.21
CA ASP C 7 -43.51 -6.55 30.31
C ASP C 7 -42.59 -7.72 29.99
N ARG C 8 -41.37 -7.46 29.55
CA ARG C 8 -40.43 -8.49 29.10
C ARG C 8 -39.08 -8.29 29.77
N PRO C 9 -39.00 -8.55 31.07
CA PRO C 9 -37.69 -8.41 31.75
C PRO C 9 -36.61 -9.30 31.19
N ILE C 10 -36.95 -10.53 30.78
CA ILE C 10 -35.94 -11.48 30.35
C ILE C 10 -35.25 -11.03 29.07
N PHE C 11 -36.00 -10.39 28.16
CA PHE C 11 -35.39 -9.91 26.92
C PHE C 11 -34.37 -8.81 27.21
N ALA C 12 -34.71 -7.91 28.14
CA ALA C 12 -33.76 -6.88 28.56
C ALA C 12 -32.54 -7.49 29.21
N TRP C 13 -32.74 -8.49 30.07
CA TRP C 13 -31.60 -9.17 30.68
C TRP C 13 -30.71 -9.81 29.61
N VAL C 14 -31.32 -10.38 28.58
CA VAL C 14 -30.55 -11.00 27.51
C VAL C 14 -29.71 -9.96 26.78
N ILE C 15 -30.31 -8.81 26.48
CA ILE C 15 -29.54 -7.75 25.83
C ILE C 15 -28.38 -7.31 26.71
N SER C 16 -28.63 -7.15 28.00
CA SER C 16 -27.57 -6.72 28.92
C SER C 16 -26.44 -7.74 28.96
N ILE C 17 -26.78 -9.04 29.00
CA ILE C 17 -25.76 -10.07 29.04
C ILE C 17 -24.95 -10.07 27.75
N PHE C 18 -25.61 -9.87 26.61
CA PHE C 18 -24.86 -9.77 25.36
C PHE C 18 -23.88 -8.61 25.39
N ILE C 19 -24.32 -7.46 25.91
CA ILE C 19 -23.41 -6.31 26.01
C ILE C 19 -22.23 -6.62 26.91
N ILE C 20 -22.49 -7.29 28.04
CA ILE C 20 -21.41 -7.62 28.97
C ILE C 20 -20.40 -8.54 28.30
N ALA C 21 -20.89 -9.56 27.60
CA ALA C 21 -19.99 -10.49 26.92
C ALA C 21 -19.15 -9.78 25.86
N ALA C 22 -19.78 -8.90 25.08
CA ALA C 22 -19.03 -8.15 24.09
C ALA C 22 -17.95 -7.30 24.75
N GLY C 23 -18.28 -6.66 25.87
CA GLY C 23 -17.30 -5.85 26.57
C GLY C 23 -16.11 -6.66 27.06
N ILE C 24 -16.39 -7.83 27.63
CA ILE C 24 -15.30 -8.68 28.12
C ILE C 24 -14.41 -9.11 26.95
N PHE C 25 -15.03 -9.54 25.85
CA PHE C 25 -14.25 -9.94 24.69
C PHE C 25 -13.39 -8.80 24.16
N GLY C 26 -13.93 -7.58 24.15
CA GLY C 26 -13.16 -6.43 23.73
C GLY C 26 -12.00 -6.14 24.66
N ILE C 27 -12.23 -6.29 25.97
CA ILE C 27 -11.14 -6.09 26.93
C ILE C 27 -10.03 -7.10 26.71
N LYS C 28 -10.40 -8.33 26.35
CA LYS C 28 -9.40 -9.39 26.19
C LYS C 28 -8.47 -9.15 25.02
N SER C 29 -8.76 -8.19 24.15
CA SER C 29 -7.96 -7.97 22.94
C SER C 29 -7.65 -6.50 22.76
N LEU C 30 -7.17 -5.85 23.82
CA LEU C 30 -6.79 -4.45 23.79
C LEU C 30 -5.36 -4.29 24.29
N PRO C 31 -4.47 -3.71 23.51
CA PRO C 31 -3.11 -3.47 23.98
C PRO C 31 -3.07 -2.37 25.04
N VAL C 32 -2.07 -2.47 25.90
CA VAL C 32 -1.87 -1.52 27.00
C VAL C 32 -0.69 -0.62 26.68
N SER C 33 -0.74 0.60 27.19
CA SER C 33 0.33 1.58 26.93
C SER C 33 0.17 2.74 27.91
N GLN C 34 1.17 3.60 27.93
CA GLN C 34 1.15 4.78 28.79
C GLN C 34 0.34 5.90 28.16
N TYR C 35 0.63 6.24 26.92
CA TYR C 35 -0.07 7.27 26.16
C TYR C 35 -0.41 6.74 24.78
N PRO C 36 -1.39 7.34 24.10
CA PRO C 36 -1.68 6.93 22.73
C PRO C 36 -0.53 7.24 21.80
N SER C 37 -0.60 6.78 20.55
CA SER C 37 0.45 7.05 19.58
C SER C 37 0.33 8.48 19.10
N VAL C 38 1.33 9.30 19.42
CA VAL C 38 1.31 10.72 19.08
C VAL C 38 2.50 11.16 18.25
N ALA C 39 3.47 10.28 17.99
CA ALA C 39 4.66 10.64 17.25
C ALA C 39 4.46 10.40 15.75
N ALA C 40 4.89 11.36 14.95
CA ALA C 40 4.78 11.28 13.50
C ALA C 40 5.93 10.49 12.91
N PRO C 41 5.74 9.88 11.74
CA PRO C 41 6.82 9.13 11.11
C PRO C 41 7.93 10.03 10.58
N THR C 42 9.14 9.49 10.58
CA THR C 42 10.30 10.20 10.06
C THR C 42 11.20 9.22 9.31
N ILE C 43 11.80 9.70 8.22
CA ILE C 43 12.72 8.91 7.42
C ILE C 43 14.05 9.66 7.36
N THR C 44 15.14 8.94 7.58
CA THR C 44 16.47 9.51 7.58
C THR C 44 17.31 8.86 6.47
N LEU C 45 18.09 9.68 5.78
CA LEU C 45 18.96 9.23 4.71
C LEU C 45 20.41 9.42 5.14
N HIS C 46 21.22 8.37 4.99
CA HIS C 46 22.61 8.39 5.38
C HIS C 46 23.50 8.28 4.15
N ALA C 47 24.55 9.10 4.10
CA ALA C 47 25.50 9.09 3.00
C ALA C 47 26.90 9.20 3.55
N ILE C 48 27.87 8.70 2.78
CA ILE C 48 29.27 8.73 3.17
C ILE C 48 30.10 9.26 2.01
N TYR C 49 31.05 10.13 2.33
CA TYR C 49 31.88 10.78 1.33
C TYR C 49 33.26 11.06 1.94
N PRO C 50 34.10 10.04 2.10
CA PRO C 50 35.34 10.21 2.86
C PRO C 50 36.26 11.23 2.20
N GLY C 51 37.06 11.89 3.03
CA GLY C 51 37.96 12.92 2.55
C GLY C 51 37.26 14.20 2.15
N ALA C 52 36.25 14.61 2.90
CA ALA C 52 35.50 15.83 2.63
C ALA C 52 35.29 16.60 3.92
N SER C 53 35.11 17.91 3.79
CA SER C 53 34.85 18.77 4.94
C SER C 53 33.37 18.73 5.28
N ALA C 54 32.96 19.53 6.26
CA ALA C 54 31.56 19.67 6.60
C ALA C 54 30.81 20.61 5.66
N GLN C 55 31.53 21.34 4.82
CA GLN C 55 30.91 22.27 3.88
C GLN C 55 30.85 21.74 2.46
N VAL C 56 31.86 20.98 2.03
CA VAL C 56 31.80 20.40 0.68
C VAL C 56 30.70 19.36 0.60
N MET C 57 30.56 18.51 1.62
CA MET C 57 29.48 17.53 1.63
C MET C 57 28.12 18.18 1.80
N GLU C 58 28.05 19.32 2.49
CA GLU C 58 26.78 20.01 2.66
C GLU C 58 26.27 20.56 1.33
N GLY C 59 27.18 21.07 0.50
CA GLY C 59 26.78 21.74 -0.72
C GLY C 59 26.87 20.90 -1.98
N SER C 60 27.49 19.72 -1.89
CA SER C 60 27.63 18.86 -3.05
C SER C 60 26.85 17.56 -2.95
N VAL C 61 26.40 17.17 -1.76
CA VAL C 61 25.67 15.92 -1.60
C VAL C 61 24.34 16.16 -0.91
N LEU C 62 24.37 16.77 0.27
CA LEU C 62 23.16 16.90 1.07
C LEU C 62 22.21 17.96 0.52
N SER C 63 22.75 19.06 -0.01
CA SER C 63 21.91 20.14 -0.48
C SER C 63 21.03 19.69 -1.65
N VAL C 64 21.61 18.92 -2.57
CA VAL C 64 20.84 18.44 -3.73
C VAL C 64 19.67 17.57 -3.26
N ILE C 65 19.96 16.60 -2.40
CA ILE C 65 18.93 15.69 -1.91
C ILE C 65 17.85 16.47 -1.16
N GLU C 66 18.25 17.44 -0.34
CA GLU C 66 17.28 18.20 0.41
C GLU C 66 16.36 18.99 -0.51
N ARG C 67 16.93 19.88 -1.32
CA ARG C 67 16.11 20.75 -2.14
C ARG C 67 15.29 19.96 -3.15
N ASN C 68 15.76 18.78 -3.56
CA ASN C 68 14.99 17.98 -4.50
C ASN C 68 13.86 17.19 -3.84
N MET C 69 13.86 17.07 -2.51
CA MET C 69 12.85 16.29 -1.80
C MET C 69 11.62 17.11 -1.43
N ASN C 70 11.57 18.38 -1.84
CA ASN C 70 10.37 19.18 -1.62
C ASN C 70 9.24 18.65 -2.49
N GLY C 71 8.01 18.83 -1.99
CA GLY C 71 6.84 18.39 -2.73
C GLY C 71 6.38 16.98 -2.45
N VAL C 72 7.11 16.21 -1.63
CA VAL C 72 6.64 14.89 -1.24
C VAL C 72 5.38 15.04 -0.41
N GLU C 73 4.32 14.33 -0.81
CA GLU C 73 3.02 14.51 -0.17
C GLU C 73 3.08 14.17 1.31
N GLY C 74 2.68 15.12 2.16
CA GLY C 74 2.65 14.92 3.58
C GLY C 74 3.87 15.39 4.34
N LEU C 75 4.79 16.09 3.69
CA LEU C 75 6.01 16.54 4.35
C LEU C 75 5.70 17.66 5.33
N ASP C 76 6.39 17.63 6.47
CA ASP C 76 6.19 18.65 7.49
C ASP C 76 7.39 19.60 7.59
N TYR C 77 8.59 19.08 7.79
CA TYR C 77 9.80 19.89 7.80
C TYR C 77 11.00 18.98 7.59
N MET C 78 12.17 19.59 7.41
CA MET C 78 13.39 18.87 7.07
C MET C 78 14.55 19.38 7.90
N SER C 79 15.63 18.61 7.90
CA SER C 79 16.86 18.99 8.58
C SER C 79 18.01 18.20 7.97
N THR C 80 19.22 18.74 8.10
CA THR C 80 20.42 18.08 7.61
C THR C 80 21.56 18.29 8.60
N SER C 81 22.53 17.38 8.57
CA SER C 81 23.70 17.47 9.43
C SER C 81 24.90 16.87 8.71
N ALA C 82 26.02 17.57 8.73
CA ALA C 82 27.24 17.11 8.08
C ALA C 82 28.41 17.20 9.05
N ASP C 83 29.17 16.13 9.17
CA ASP C 83 30.33 16.07 10.03
C ASP C 83 31.61 16.14 9.21
N SER C 84 32.70 16.51 9.87
CA SER C 84 34.00 16.62 9.22
C SER C 84 34.58 15.27 8.84
N SER C 85 33.98 14.17 9.29
CA SER C 85 34.47 12.83 9.00
C SER C 85 33.82 12.22 7.77
N GLY C 86 33.40 13.05 6.82
CA GLY C 86 32.79 12.56 5.60
C GLY C 86 31.52 11.77 5.82
N SER C 87 30.63 12.28 6.66
CA SER C 87 29.37 11.61 6.94
C SER C 87 28.28 12.67 7.12
N GLY C 88 27.05 12.30 6.77
CA GLY C 88 25.93 13.22 6.87
C GLY C 88 24.61 12.49 6.78
N SER C 89 23.55 13.22 7.09
CA SER C 89 22.20 12.65 7.10
C SER C 89 21.18 13.73 6.79
N VAL C 90 20.04 13.32 6.27
CA VAL C 90 18.91 14.21 6.01
C VAL C 90 17.69 13.62 6.70
N SER C 91 17.11 14.37 7.63
CA SER C 91 15.95 13.93 8.38
C SER C 91 14.69 14.50 7.75
N LEU C 92 13.70 13.64 7.55
CA LEU C 92 12.49 13.99 6.81
C LEU C 92 11.29 13.61 7.66
N THR C 93 10.66 14.60 8.27
CA THR C 93 9.57 14.38 9.23
C THR C 93 8.23 14.67 8.56
N PHE C 94 7.33 13.68 8.61
CA PHE C 94 6.02 13.80 8.01
C PHE C 94 4.97 14.10 9.07
N THR C 95 3.83 14.59 8.63
CA THR C 95 2.73 14.84 9.53
C THR C 95 1.96 13.55 9.80
N PRO C 96 1.34 13.42 10.97
CA PRO C 96 0.53 12.23 11.25
C PRO C 96 -0.60 12.11 10.24
N ASP C 97 -1.24 10.95 10.26
CA ASP C 97 -2.32 10.58 9.35
C ASP C 97 -1.78 10.13 7.99
N THR C 98 -0.48 9.91 7.87
CA THR C 98 0.12 9.43 6.63
C THR C 98 0.75 8.07 6.88
N ASP C 99 0.55 7.15 5.92
CA ASP C 99 1.14 5.83 6.04
C ASP C 99 2.64 5.89 5.81
N GLU C 100 3.39 5.24 6.70
CA GLU C 100 4.84 5.29 6.60
C GLU C 100 5.36 4.58 5.35
N ASN C 101 4.70 3.50 4.93
CA ASN C 101 5.17 2.74 3.78
C ASN C 101 5.09 3.57 2.50
N LEU C 102 3.97 4.24 2.28
CA LEU C 102 3.85 5.09 1.09
C LEU C 102 4.87 6.20 1.11
N ALA C 103 5.08 6.81 2.28
CA ALA C 103 6.08 7.87 2.40
C ALA C 103 7.47 7.34 2.04
N GLN C 104 7.81 6.16 2.54
CA GLN C 104 9.13 5.60 2.24
C GLN C 104 9.28 5.29 0.76
N VAL C 105 8.23 4.77 0.12
CA VAL C 105 8.30 4.48 -1.31
C VAL C 105 8.51 5.77 -2.09
N GLU C 106 7.75 6.81 -1.76
CA GLU C 106 7.90 8.08 -2.46
C GLU C 106 9.29 8.67 -2.26
N VAL C 107 9.81 8.58 -1.03
CA VAL C 107 11.14 9.11 -0.75
C VAL C 107 12.19 8.35 -1.56
N GLN C 108 12.06 7.02 -1.62
CA GLN C 108 13.02 6.25 -2.40
C GLN C 108 12.95 6.61 -3.88
N ASN C 109 11.75 6.79 -4.42
CA ASN C 109 11.66 7.18 -5.83
C ASN C 109 12.33 8.53 -6.07
N LYS C 110 12.05 9.51 -5.21
CA LYS C 110 12.64 10.83 -5.37
C LYS C 110 14.16 10.75 -5.29
N LEU C 111 14.68 10.01 -4.31
CA LEU C 111 16.13 9.90 -4.14
C LEU C 111 16.77 9.21 -5.33
N SER C 112 16.15 8.14 -5.83
CA SER C 112 16.74 7.39 -6.93
C SER C 112 16.76 8.20 -8.21
N GLU C 113 15.72 9.00 -8.48
CA GLU C 113 15.68 9.77 -9.70
C GLU C 113 16.57 11.03 -9.64
N VAL C 114 17.42 11.14 -8.63
CA VAL C 114 18.35 12.26 -8.52
C VAL C 114 19.76 11.75 -8.22
N LEU C 115 19.88 10.46 -7.95
CA LEU C 115 21.16 9.89 -7.57
C LEU C 115 22.15 9.83 -8.72
N SER C 116 21.72 10.10 -9.95
CA SER C 116 22.58 10.02 -11.12
C SER C 116 23.42 11.27 -11.32
N THR C 117 23.58 12.09 -10.28
CA THR C 117 24.38 13.31 -10.39
C THR C 117 25.40 13.41 -9.26
N LEU C 118 25.12 12.74 -8.14
CA LEU C 118 25.97 12.83 -6.96
C LEU C 118 27.39 12.35 -7.26
N PRO C 119 28.32 12.55 -6.34
CA PRO C 119 29.71 12.14 -6.59
C PRO C 119 29.83 10.64 -6.81
N ALA C 120 30.91 10.27 -7.50
CA ALA C 120 31.13 8.86 -7.84
C ALA C 120 31.35 7.99 -6.60
N THR C 121 32.09 8.49 -5.61
CA THR C 121 32.36 7.67 -4.43
C THR C 121 31.10 7.47 -3.59
N VAL C 122 30.25 8.49 -3.49
CA VAL C 122 28.97 8.33 -2.80
C VAL C 122 28.12 7.29 -3.50
N GLN C 123 28.06 7.36 -4.83
CA GLN C 123 27.31 6.36 -5.59
C GLN C 123 27.87 4.97 -5.37
N GLN C 124 29.20 4.83 -5.37
CA GLN C 124 29.81 3.54 -5.11
C GLN C 124 29.55 3.03 -3.70
N TYR C 125 29.38 3.93 -2.73
CA TYR C 125 29.08 3.50 -1.37
C TYR C 125 27.60 3.22 -1.18
N GLY C 126 26.75 4.12 -1.68
CA GLY C 126 25.32 3.95 -1.55
C GLY C 126 24.69 4.78 -0.45
N VAL C 127 23.44 5.17 -0.63
CA VAL C 127 22.70 5.98 0.35
C VAL C 127 21.67 5.09 1.03
N THR C 128 21.74 5.04 2.36
CA THR C 128 20.87 4.18 3.16
C THR C 128 19.64 4.93 3.62
N VAL C 129 18.51 4.23 3.68
CA VAL C 129 17.25 4.78 4.15
C VAL C 129 16.78 3.97 5.35
N SER C 130 16.39 4.66 6.41
CA SER C 130 15.95 4.02 7.64
C SER C 130 14.77 4.76 8.22
N LYS C 131 13.81 4.01 8.76
CA LYS C 131 12.63 4.58 9.43
C LYS C 131 12.47 3.88 10.77
N ALA C 132 13.15 4.41 11.80
CA ALA C 132 13.12 3.80 13.12
C ALA C 132 13.18 4.90 14.16
N ARG C 133 12.76 4.56 15.38
CA ARG C 133 12.75 5.50 16.49
C ARG C 133 14.18 5.81 16.95
N SER C 134 14.29 6.80 17.84
CA SER C 134 15.59 7.19 18.37
C SER C 134 15.68 7.08 19.88
N ASN C 135 14.59 6.74 20.57
CA ASN C 135 14.58 6.61 22.01
C ASN C 135 14.67 5.13 22.40
N PHE C 136 15.45 4.86 23.43
CA PHE C 136 15.70 3.49 23.86
C PHE C 136 14.49 2.91 24.58
N LEU C 137 14.34 1.60 24.50
CA LEU C 137 13.33 0.85 25.22
C LEU C 137 13.90 0.08 26.40
N MET C 138 14.99 -0.66 26.18
CA MET C 138 15.64 -1.45 27.21
C MET C 138 17.15 -1.33 27.04
N ILE C 139 17.89 -1.89 28.00
CA ILE C 139 19.33 -2.03 27.86
C ILE C 139 19.75 -3.32 28.56
N VAL C 140 20.21 -4.30 27.79
CA VAL C 140 20.59 -5.60 28.30
C VAL C 140 22.11 -5.65 28.45
N MET C 141 22.58 -6.01 29.64
CA MET C 141 24.00 -6.05 29.96
C MET C 141 24.44 -7.49 30.09
N LEU C 142 25.64 -7.79 29.59
CA LEU C 142 26.25 -9.10 29.70
C LEU C 142 27.43 -9.01 30.64
N SER C 143 27.46 -9.88 31.65
CA SER C 143 28.49 -9.86 32.67
C SER C 143 29.24 -11.18 32.69
N SER C 144 30.48 -11.13 33.17
CA SER C 144 31.31 -12.33 33.24
C SER C 144 32.60 -11.98 33.97
N ASP C 145 33.27 -13.02 34.45
CA ASP C 145 34.55 -12.87 35.13
C ASP C 145 35.62 -13.79 34.57
N VAL C 146 35.33 -14.52 33.49
CA VAL C 146 36.27 -15.45 32.89
C VAL C 146 36.66 -15.06 31.48
N GLN C 147 36.03 -14.03 30.89
CA GLN C 147 36.36 -13.61 29.54
C GLN C 147 36.25 -12.10 29.46
N SER C 148 37.09 -11.51 28.60
CA SER C 148 37.17 -10.07 28.47
C SER C 148 35.99 -9.54 27.66
N THR C 149 35.96 -8.22 27.50
CA THR C 149 34.85 -7.57 26.82
C THR C 149 34.88 -7.76 25.30
N GLU C 150 36.07 -7.97 24.71
CA GLU C 150 36.14 -8.22 23.27
C GLU C 150 35.46 -9.53 22.90
N GLU C 151 35.78 -10.60 23.64
CA GLU C 151 35.15 -11.89 23.37
C GLU C 151 33.66 -11.85 23.65
N MET C 152 33.25 -11.15 24.71
CA MET C 152 31.83 -11.01 25.00
C MET C 152 31.12 -10.25 23.89
N ASN C 153 31.74 -9.19 23.37
CA ASN C 153 31.16 -8.46 22.25
C ASN C 153 31.01 -9.35 21.02
N ASP C 154 32.04 -10.13 20.73
CA ASP C 154 31.97 -11.04 19.59
C ASP C 154 30.84 -12.05 19.76
N TYR C 155 30.72 -12.64 20.96
CA TYR C 155 29.66 -13.61 21.21
C TYR C 155 28.29 -12.97 21.08
N ALA C 156 28.13 -11.77 21.64
CA ALA C 156 26.84 -11.09 21.56
C ALA C 156 26.47 -10.78 20.12
N GLN C 157 27.43 -10.35 19.31
CA GLN C 157 27.14 -10.13 17.90
C GLN C 157 26.77 -11.43 17.19
N ARG C 158 27.47 -12.52 17.49
CA ARG C 158 27.23 -13.77 16.79
C ARG C 158 25.87 -14.36 17.14
N ASN C 159 25.48 -14.33 18.42
CA ASN C 159 24.38 -15.15 18.90
C ASN C 159 23.18 -14.38 19.42
N VAL C 160 23.38 -13.24 20.07
CA VAL C 160 22.30 -12.58 20.80
C VAL C 160 21.57 -11.55 19.94
N VAL C 161 22.30 -10.69 19.23
CA VAL C 161 21.69 -9.61 18.48
C VAL C 161 20.75 -10.16 17.41
N PRO C 162 21.19 -11.11 16.59
CA PRO C 162 20.27 -11.67 15.58
C PRO C 162 19.01 -12.27 16.20
N GLU C 163 19.14 -12.95 17.33
CA GLU C 163 17.98 -13.55 17.98
C GLU C 163 17.02 -12.49 18.47
N LEU C 164 17.53 -11.30 18.79
CA LEU C 164 16.71 -10.21 19.31
C LEU C 164 16.10 -9.34 18.21
N GLN C 165 16.71 -9.32 17.02
CA GLN C 165 16.17 -8.50 15.94
C GLN C 165 14.89 -9.08 15.35
N ARG C 166 14.71 -10.39 15.44
CA ARG C 166 13.56 -11.05 14.82
C ARG C 166 12.32 -11.05 15.71
N ILE C 167 12.35 -10.37 16.85
CA ILE C 167 11.20 -10.28 17.73
C ILE C 167 10.26 -9.21 17.21
N GLU C 168 8.97 -9.52 17.18
CA GLU C 168 7.99 -8.57 16.69
C GLU C 168 8.01 -7.30 17.53
N GLY C 169 8.04 -6.16 16.87
CA GLY C 169 8.08 -4.88 17.56
C GLY C 169 9.43 -4.21 17.53
N VAL C 170 10.49 -5.00 17.64
CA VAL C 170 11.84 -4.44 17.66
C VAL C 170 12.15 -3.85 16.29
N GLY C 171 12.61 -2.60 16.28
CA GLY C 171 12.92 -1.92 15.03
C GLY C 171 14.40 -1.69 14.83
N GLN C 172 15.19 -1.93 15.86
CA GLN C 172 16.63 -1.77 15.78
C GLN C 172 17.26 -2.23 17.09
N VAL C 173 18.50 -2.67 17.01
CA VAL C 173 19.24 -3.16 18.18
C VAL C 173 20.68 -2.66 18.06
N ARG C 174 21.06 -1.74 18.95
CA ARG C 174 22.42 -1.23 18.96
C ARG C 174 23.34 -2.18 19.71
N LEU C 175 24.63 -1.87 19.65
CA LEU C 175 25.63 -2.63 20.41
C LEU C 175 26.84 -1.72 20.57
N PHE C 176 27.18 -1.40 21.81
CA PHE C 176 28.31 -0.51 22.10
C PHE C 176 29.58 -1.35 22.06
N GLY C 177 30.13 -1.50 20.86
CA GLY C 177 31.29 -2.35 20.63
C GLY C 177 31.28 -2.86 19.21
N ALA C 178 32.08 -3.89 18.96
CA ALA C 178 32.15 -4.47 17.63
C ALA C 178 32.72 -5.89 17.74
N GLN C 179 32.55 -6.65 16.66
CA GLN C 179 33.06 -8.00 16.57
C GLN C 179 34.57 -7.96 16.34
N ARG C 180 35.19 -9.12 16.20
CA ARG C 180 36.64 -9.21 16.09
C ARG C 180 37.10 -9.03 14.65
N ALA C 181 38.41 -8.93 14.48
CA ALA C 181 39.04 -8.79 13.18
C ALA C 181 40.51 -9.10 13.35
N MET C 182 41.20 -9.31 12.23
CA MET C 182 42.63 -9.54 12.23
C MET C 182 43.33 -8.20 12.07
N ARG C 183 43.88 -7.68 13.17
CA ARG C 183 44.52 -6.38 13.17
C ARG C 183 46.01 -6.55 12.97
N ILE C 184 46.56 -5.88 11.96
CA ILE C 184 47.99 -5.83 11.72
C ILE C 184 48.47 -4.41 12.03
N TRP C 185 49.46 -4.30 12.92
CA TRP C 185 50.03 -3.02 13.30
C TRP C 185 51.42 -2.91 12.70
N VAL C 186 51.55 -2.08 11.67
CA VAL C 186 52.81 -1.97 10.94
C VAL C 186 53.77 -1.05 11.69
N ASP C 187 55.06 -1.25 11.42
CA ASP C 187 56.11 -0.39 11.97
C ASP C 187 56.76 0.39 10.84
N PRO C 188 56.45 1.68 10.67
CA PRO C 188 56.97 2.41 9.50
C PRO C 188 58.49 2.42 9.41
N LYS C 189 59.20 2.50 10.53
CA LYS C 189 60.66 2.53 10.46
C LYS C 189 61.22 1.24 9.88
N LYS C 190 60.65 0.09 10.27
CA LYS C 190 61.10 -1.18 9.71
C LYS C 190 60.78 -1.28 8.22
N LEU C 191 59.59 -0.83 7.81
CA LEU C 191 59.30 -0.75 6.39
C LEU C 191 60.35 0.09 5.66
N GLN C 192 60.77 1.20 6.28
CA GLN C 192 61.83 2.00 5.70
C GLN C 192 63.13 1.20 5.61
N ASN C 193 63.42 0.37 6.61
CA ASN C 193 64.68 -0.37 6.64
C ASN C 193 64.82 -1.28 5.42
N TYR C 194 63.74 -1.92 4.99
CA TYR C 194 63.77 -2.85 3.87
C TYR C 194 63.35 -2.21 2.56
N ASN C 195 63.13 -0.90 2.53
CA ASN C 195 62.69 -0.21 1.33
C ASN C 195 61.36 -0.76 0.84
N LEU C 196 60.50 -1.14 1.77
CA LEU C 196 59.16 -1.62 1.47
C LEU C 196 58.15 -0.50 1.70
N SER C 197 56.90 -0.75 1.33
CA SER C 197 55.84 0.22 1.49
C SER C 197 54.57 -0.47 1.95
N PHE C 198 53.53 0.33 2.22
CA PHE C 198 52.24 -0.22 2.61
C PHE C 198 51.55 -0.93 1.46
N ALA C 199 51.77 -0.45 0.23
CA ALA C 199 51.18 -1.11 -0.93
C ALA C 199 51.71 -2.54 -1.07
N ASP C 200 53.00 -2.75 -0.79
CA ASP C 200 53.54 -4.10 -0.83
C ASP C 200 52.84 -5.00 0.18
N VAL C 201 52.63 -4.50 1.40
CA VAL C 201 51.96 -5.30 2.41
C VAL C 201 50.54 -5.64 1.97
N GLY C 202 49.81 -4.63 1.47
CA GLY C 202 48.45 -4.89 1.03
C GLY C 202 48.37 -5.89 -0.09
N SER C 203 49.23 -5.75 -1.09
CA SER C 203 49.22 -6.66 -2.23
C SER C 203 49.59 -8.08 -1.79
N ALA C 204 50.62 -8.22 -0.96
CA ALA C 204 51.01 -9.54 -0.49
C ALA C 204 49.91 -10.18 0.34
N LEU C 205 49.18 -9.39 1.12
CA LEU C 205 48.11 -9.95 1.94
C LEU C 205 46.91 -10.34 1.09
N SER C 206 46.62 -9.57 0.03
CA SER C 206 45.43 -9.82 -0.78
C SER C 206 45.65 -10.89 -1.84
N ALA C 207 46.88 -11.09 -2.31
CA ALA C 207 47.18 -12.09 -3.33
C ALA C 207 47.65 -13.40 -2.73
N GLN C 208 47.49 -13.58 -1.42
CA GLN C 208 47.96 -14.78 -0.75
C GLN C 208 46.93 -15.35 0.22
N ASN C 209 45.75 -14.75 0.32
CA ASN C 209 44.67 -15.20 1.21
C ASN C 209 43.38 -15.10 0.39
N ILE C 210 43.04 -16.18 -0.30
CA ILE C 210 41.89 -16.18 -1.21
C ILE C 210 41.39 -17.61 -1.34
N GLN C 211 40.10 -17.75 -1.64
CA GLN C 211 39.45 -19.04 -1.77
C GLN C 211 39.64 -19.59 -3.17
N ILE C 212 39.80 -20.91 -3.27
CA ILE C 212 39.96 -21.60 -4.54
C ILE C 212 38.73 -22.46 -4.80
N SER C 213 38.14 -22.32 -5.98
CA SER C 213 37.04 -23.15 -6.42
C SER C 213 37.53 -23.98 -7.61
N ALA C 214 37.79 -25.27 -7.37
CA ALA C 214 38.43 -26.11 -8.36
C ALA C 214 37.47 -26.82 -9.30
N GLY C 215 36.23 -27.05 -8.89
CA GLY C 215 35.24 -27.69 -9.73
C GLY C 215 35.05 -29.16 -9.39
N SER C 216 34.63 -29.91 -10.40
CA SER C 216 34.37 -31.33 -10.29
C SER C 216 35.24 -32.09 -11.29
N ILE C 217 35.24 -33.40 -11.17
CA ILE C 217 36.08 -34.25 -12.01
C ILE C 217 35.28 -34.88 -13.15
N GLY C 218 34.10 -35.43 -12.85
CA GLY C 218 33.27 -36.00 -13.88
C GLY C 218 32.24 -35.01 -14.41
N SER C 219 32.70 -33.90 -14.97
CA SER C 219 31.79 -32.87 -15.45
C SER C 219 30.79 -33.47 -16.44
N LEU C 220 29.69 -32.73 -16.66
CA LEU C 220 28.49 -33.37 -17.22
C LEU C 220 28.62 -33.66 -18.70
N PRO C 221 29.31 -32.87 -19.52
CA PRO C 221 29.55 -33.29 -20.91
C PRO C 221 29.97 -34.75 -21.01
N ALA C 222 30.88 -35.22 -20.15
CA ALA C 222 30.94 -36.63 -19.81
C ALA C 222 31.16 -37.55 -21.00
N VAL C 223 32.35 -37.54 -21.59
CA VAL C 223 32.69 -38.46 -22.67
C VAL C 223 32.16 -39.85 -22.34
N ARG C 224 31.59 -40.52 -23.34
CA ARG C 224 30.84 -41.75 -23.12
C ARG C 224 31.69 -42.80 -22.41
N GLY C 225 31.08 -43.49 -21.46
CA GLY C 225 31.75 -44.50 -20.66
C GLY C 225 32.06 -44.10 -19.24
N GLN C 226 31.68 -42.90 -18.82
CA GLN C 226 31.99 -42.43 -17.48
C GLN C 226 31.05 -43.06 -16.46
N THR C 227 31.60 -43.44 -15.30
CA THR C 227 30.83 -44.14 -14.29
C THR C 227 30.98 -43.58 -12.87
N VAL C 228 31.68 -42.46 -12.70
CA VAL C 228 31.91 -41.92 -11.36
C VAL C 228 32.17 -40.42 -11.45
N THR C 229 31.77 -39.70 -10.42
CA THR C 229 31.98 -38.27 -10.30
C THR C 229 32.60 -37.96 -8.94
N ALA C 230 33.39 -36.89 -8.89
CA ALA C 230 34.05 -36.48 -7.66
C ALA C 230 33.98 -34.96 -7.54
N THR C 231 34.64 -34.44 -6.50
CA THR C 231 34.71 -33.00 -6.26
C THR C 231 36.10 -32.68 -5.73
N VAL C 232 36.59 -31.48 -6.05
CA VAL C 232 37.94 -31.06 -5.70
C VAL C 232 37.85 -29.85 -4.78
N THR C 233 38.69 -29.85 -3.75
CA THR C 233 38.69 -28.79 -2.74
C THR C 233 40.12 -28.31 -2.51
N ALA C 234 40.28 -27.01 -2.30
CA ALA C 234 41.60 -26.40 -2.16
C ALA C 234 41.86 -25.83 -0.78
N GLN C 235 40.98 -24.95 -0.28
CA GLN C 235 41.16 -24.31 1.03
C GLN C 235 42.46 -23.49 1.07
N GLY C 236 42.47 -22.44 0.25
CA GLY C 236 43.62 -21.55 0.19
C GLY C 236 43.48 -20.28 1.01
N GLN C 237 42.93 -20.38 2.21
CA GLN C 237 42.72 -19.25 3.09
C GLN C 237 43.46 -19.46 4.40
N LEU C 238 43.76 -18.36 5.09
CA LEU C 238 44.46 -18.37 6.37
C LEU C 238 43.47 -18.09 7.49
N GLY C 239 43.63 -18.81 8.61
CA GLY C 239 42.66 -18.73 9.68
C GLY C 239 43.18 -18.22 11.02
N THR C 240 44.45 -18.45 11.30
CA THR C 240 45.04 -18.08 12.58
C THR C 240 46.08 -16.99 12.39
N ALA C 241 46.47 -16.35 13.49
CA ALA C 241 47.46 -15.29 13.47
C ALA C 241 48.88 -15.81 13.31
N GLU C 242 49.18 -16.99 13.86
CA GLU C 242 50.51 -17.57 13.73
C GLU C 242 50.84 -17.88 12.27
N GLU C 243 49.84 -17.93 11.41
CA GLU C 243 50.06 -18.15 9.98
C GLU C 243 49.90 -16.88 9.16
N PHE C 244 49.13 -15.89 9.64
CA PHE C 244 49.20 -14.57 9.06
C PHE C 244 50.57 -13.95 9.26
N GLY C 245 51.27 -14.36 10.31
CA GLY C 245 52.60 -13.85 10.53
C GLY C 245 53.68 -14.46 9.67
N ASN C 246 53.35 -15.44 8.85
CA ASN C 246 54.33 -16.10 7.99
C ASN C 246 54.16 -15.73 6.52
N VAL C 247 53.27 -14.78 6.20
CA VAL C 247 53.16 -14.33 4.82
C VAL C 247 54.51 -13.81 4.34
N ILE C 248 54.74 -13.91 3.04
CA ILE C 248 56.01 -13.53 2.43
C ILE C 248 55.84 -12.20 1.71
N LEU C 249 56.67 -11.23 2.07
CA LEU C 249 56.64 -9.90 1.44
C LEU C 249 57.65 -9.73 0.33
N ARG C 250 58.82 -10.35 0.44
CA ARG C 250 59.82 -10.30 -0.62
C ARG C 250 60.57 -11.62 -0.66
N ALA C 251 60.85 -12.10 -1.87
CA ALA C 251 61.62 -13.31 -2.09
C ALA C 251 62.99 -12.93 -2.61
N ASN C 252 64.00 -13.04 -1.75
CA ASN C 252 65.35 -12.61 -2.11
C ASN C 252 65.98 -13.61 -3.09
N THR C 253 67.07 -13.19 -3.72
CA THR C 253 67.76 -14.01 -4.69
C THR C 253 68.71 -15.02 -4.06
N ASP C 254 68.98 -14.90 -2.76
CA ASP C 254 69.86 -15.83 -2.06
C ASP C 254 69.10 -16.99 -1.43
N GLY C 255 67.79 -17.09 -1.68
CA GLY C 255 66.96 -18.15 -1.14
C GLY C 255 66.18 -17.75 0.09
N SER C 256 66.59 -16.67 0.76
CA SER C 256 65.88 -16.18 1.93
C SER C 256 64.79 -15.20 1.51
N ASN C 257 63.92 -14.85 2.44
CA ASN C 257 62.80 -13.97 2.15
C ASN C 257 62.36 -13.26 3.42
N ILE C 258 61.62 -12.17 3.24
CA ILE C 258 61.15 -11.33 4.33
C ILE C 258 59.69 -11.65 4.60
N TYR C 259 59.40 -12.13 5.81
CA TYR C 259 58.05 -12.47 6.20
C TYR C 259 57.35 -11.25 6.77
N LEU C 260 56.13 -11.44 7.27
CA LEU C 260 55.35 -10.36 7.86
C LEU C 260 55.61 -10.18 9.35
N LYS C 261 56.33 -11.12 9.98
CA LYS C 261 56.67 -10.97 11.39
C LYS C 261 57.69 -9.87 11.62
N ASP C 262 58.52 -9.56 10.61
CA ASP C 262 59.62 -8.63 10.80
C ASP C 262 59.13 -7.18 10.89
N VAL C 263 58.11 -6.83 10.12
CA VAL C 263 57.72 -5.43 9.99
C VAL C 263 56.26 -5.22 10.41
N ALA C 264 55.78 -6.03 11.35
CA ALA C 264 54.40 -5.88 11.78
C ALA C 264 54.17 -6.69 13.05
N LYS C 265 53.05 -6.41 13.71
CA LYS C 265 52.59 -7.15 14.88
C LYS C 265 51.15 -7.54 14.63
N VAL C 266 50.90 -8.83 14.40
CA VAL C 266 49.60 -9.32 13.97
C VAL C 266 48.93 -10.00 15.15
N GLY C 267 47.70 -9.59 15.44
CA GLY C 267 46.94 -10.17 16.53
C GLY C 267 45.46 -10.03 16.26
N LEU C 268 44.67 -10.64 17.13
CA LEU C 268 43.22 -10.67 16.98
C LEU C 268 42.60 -9.59 17.86
N GLY C 269 41.82 -8.70 17.24
CA GLY C 269 41.19 -7.62 17.97
C GLY C 269 39.90 -7.13 17.34
N MET C 270 39.35 -6.05 17.88
CA MET C 270 38.11 -5.47 17.36
C MET C 270 38.37 -4.74 16.05
N GLU C 271 37.27 -4.41 15.35
CA GLU C 271 37.39 -3.68 14.10
C GLU C 271 37.17 -2.18 14.23
N ASP C 272 36.55 -1.73 15.33
CA ASP C 272 36.47 -0.31 15.64
C ASP C 272 36.39 -0.14 17.15
N TYR C 273 36.98 0.94 17.66
CA TYR C 273 37.10 1.16 19.09
C TYR C 273 36.35 2.41 19.55
N SER C 274 35.30 2.79 18.82
CA SER C 274 34.64 4.08 19.07
C SER C 274 34.05 4.14 20.48
N SER C 275 33.07 3.29 20.77
CA SER C 275 32.27 3.41 21.98
C SER C 275 32.47 2.23 22.91
N SER C 276 32.08 2.43 24.16
CA SER C 276 32.16 1.42 25.20
C SER C 276 30.99 1.61 26.15
N THR C 277 31.02 0.87 27.26
CA THR C 277 29.94 0.95 28.24
C THR C 277 30.43 0.45 29.59
N ARG C 278 29.69 0.78 30.64
CA ARG C 278 30.01 0.37 32.00
C ARG C 278 28.73 0.27 32.82
N LEU C 279 28.77 -0.53 33.88
CA LEU C 279 27.67 -0.66 34.83
C LEU C 279 28.23 -0.56 36.23
N ASN C 280 28.05 0.60 36.87
CA ASN C 280 28.53 0.86 38.22
C ASN C 280 30.05 0.86 38.31
N GLY C 281 30.73 1.28 37.24
CA GLY C 281 32.18 1.32 37.21
C GLY C 281 32.86 0.05 36.76
N VAL C 282 32.11 -0.99 36.41
CA VAL C 282 32.67 -2.25 35.94
C VAL C 282 32.38 -2.38 34.46
N ASN C 283 33.42 -2.71 33.69
CA ASN C 283 33.30 -2.74 32.24
C ASN C 283 32.48 -3.95 31.79
N THR C 284 31.36 -3.69 31.11
CA THR C 284 30.45 -4.72 30.66
C THR C 284 30.15 -4.51 29.17
N THR C 285 29.26 -5.34 28.64
CA THR C 285 28.82 -5.24 27.24
C THR C 285 27.32 -4.99 27.23
N GLY C 286 26.91 -3.94 26.54
CA GLY C 286 25.52 -3.55 26.49
C GLY C 286 24.95 -3.52 25.09
N MET C 287 23.62 -3.61 25.02
CA MET C 287 22.89 -3.53 23.75
C MET C 287 21.61 -2.75 24.01
N ALA C 288 21.37 -1.72 23.20
CA ALA C 288 20.21 -0.86 23.34
C ALA C 288 19.14 -1.27 22.35
N VAL C 289 17.99 -1.67 22.86
CA VAL C 289 16.85 -2.05 22.03
C VAL C 289 16.00 -0.81 21.77
N MET C 290 15.68 -0.57 20.51
CA MET C 290 14.87 0.59 20.12
C MET C 290 13.59 0.11 19.48
N LEU C 291 12.46 0.69 19.90
CA LEU C 291 11.16 0.29 19.41
C LEU C 291 10.95 0.83 17.99
N SER C 292 9.93 0.30 17.33
CA SER C 292 9.60 0.68 15.97
C SER C 292 8.22 1.33 15.93
N ASN C 293 7.97 2.03 14.82
CA ASN C 293 6.64 2.59 14.61
C ASN C 293 5.60 1.49 14.64
N SER C 294 4.49 1.74 15.33
CA SER C 294 3.45 0.73 15.49
C SER C 294 3.98 -0.44 16.31
N GLY C 295 4.60 -0.15 17.45
CA GLY C 295 5.05 -1.19 18.35
C GLY C 295 4.57 -0.90 19.76
N ASN C 296 4.44 -1.97 20.53
CA ASN C 296 3.99 -1.88 21.91
C ASN C 296 5.14 -2.13 22.86
N ALA C 297 5.17 -1.38 23.96
CA ALA C 297 6.26 -1.46 24.92
C ALA C 297 6.15 -2.69 25.83
N MET C 298 4.98 -2.92 26.41
CA MET C 298 4.81 -4.02 27.35
C MET C 298 5.05 -5.36 26.65
N ALA C 299 4.38 -5.58 25.52
CA ALA C 299 4.51 -6.85 24.82
C ALA C 299 5.95 -7.07 24.34
N THR C 300 6.58 -6.03 23.81
CA THR C 300 7.94 -6.16 23.32
C THR C 300 8.90 -6.47 24.46
N ALA C 301 8.77 -5.79 25.60
CA ALA C 301 9.63 -6.05 26.73
C ALA C 301 9.46 -7.47 27.25
N LYS C 302 8.20 -7.92 27.36
CA LYS C 302 7.97 -9.28 27.84
C LYS C 302 8.54 -10.31 26.88
N ALA C 303 8.38 -10.09 25.57
CA ALA C 303 8.94 -11.02 24.59
C ALA C 303 10.45 -11.06 24.67
N VAL C 304 11.09 -9.90 24.83
CA VAL C 304 12.54 -9.86 24.93
C VAL C 304 13.01 -10.61 26.16
N LYS C 305 12.35 -10.40 27.29
CA LYS C 305 12.75 -11.09 28.52
C LYS C 305 12.57 -12.59 28.39
N GLU C 306 11.46 -13.04 27.80
CA GLU C 306 11.27 -14.47 27.61
C GLU C 306 12.31 -15.07 26.68
N ARG C 307 12.61 -14.37 25.57
CA ARG C 307 13.62 -14.87 24.64
C ARG C 307 14.98 -14.97 25.30
N LEU C 308 15.35 -13.97 26.11
CA LEU C 308 16.62 -14.03 26.81
C LEU C 308 16.64 -15.16 27.82
N ALA C 309 15.53 -15.39 28.52
CA ALA C 309 15.45 -16.52 29.44
C ALA C 309 15.67 -17.83 28.72
N VAL C 310 15.12 -17.97 27.51
CA VAL C 310 15.37 -19.16 26.72
C VAL C 310 16.84 -19.26 26.30
N LEU C 311 17.40 -18.15 25.84
CA LEU C 311 18.79 -18.14 25.36
C LEU C 311 19.79 -18.45 26.47
N GLU C 312 19.45 -18.14 27.72
CA GLU C 312 20.40 -18.31 28.82
C GLU C 312 20.97 -19.71 28.94
N LYS C 313 20.42 -20.69 28.21
CA LYS C 313 20.90 -22.06 28.37
C LYS C 313 22.24 -22.30 27.69
N TYR C 314 22.48 -21.64 26.55
CA TYR C 314 23.66 -21.91 25.74
C TYR C 314 24.81 -20.96 26.05
N PHE C 315 24.67 -20.08 27.03
CA PHE C 315 25.74 -19.15 27.38
C PHE C 315 26.98 -19.93 27.79
N PRO C 316 28.17 -19.44 27.46
CA PRO C 316 29.39 -20.09 27.96
C PRO C 316 29.46 -20.08 29.48
N GLN C 317 30.41 -20.79 30.04
CA GLN C 317 30.52 -20.92 31.49
C GLN C 317 30.85 -19.57 32.11
N GLY C 318 29.96 -19.08 32.95
CA GLY C 318 30.19 -17.86 33.71
C GLY C 318 29.44 -16.63 33.24
N MET C 319 28.78 -16.67 32.09
CA MET C 319 28.10 -15.50 31.57
C MET C 319 26.70 -15.37 32.19
N SER C 320 26.24 -14.12 32.29
CA SER C 320 24.93 -13.83 32.85
C SER C 320 24.41 -12.54 32.26
N TRP C 321 23.10 -12.35 32.33
CA TRP C 321 22.44 -11.22 31.70
C TRP C 321 21.62 -10.44 32.70
N LYS C 322 21.43 -9.15 32.42
CA LYS C 322 20.65 -8.25 33.25
C LYS C 322 19.94 -7.24 32.37
N THR C 323 18.99 -6.52 32.95
CA THR C 323 18.26 -5.47 32.25
C THR C 323 17.96 -4.35 33.24
N PRO C 324 18.98 -3.62 33.67
CA PRO C 324 18.79 -2.61 34.72
C PRO C 324 17.95 -1.42 34.30
N TYR C 325 17.80 -1.17 33.00
CA TYR C 325 17.00 -0.05 32.50
C TYR C 325 15.85 -0.62 31.67
N ASP C 326 14.63 -0.28 32.05
CA ASP C 326 13.44 -0.81 31.40
C ASP C 326 12.29 0.16 31.60
N THR C 327 11.65 0.57 30.51
CA THR C 327 10.57 1.54 30.57
C THR C 327 9.19 0.90 30.42
N SER C 328 9.01 -0.31 30.93
CA SER C 328 7.74 -1.01 30.80
C SER C 328 7.14 -1.40 32.15
N LYS C 329 7.75 -0.95 33.26
CA LYS C 329 7.21 -1.24 34.58
C LYS C 329 6.53 -0.03 35.21
N PHE C 330 6.97 1.19 34.88
CA PHE C 330 6.22 2.37 35.26
C PHE C 330 4.81 2.32 34.70
N VAL C 331 4.65 1.72 33.52
CA VAL C 331 3.32 1.54 32.93
C VAL C 331 2.46 0.67 33.84
N GLU C 332 3.03 -0.42 34.34
CA GLU C 332 2.28 -1.30 35.24
C GLU C 332 1.90 -0.57 36.52
N ILE C 333 2.83 0.18 37.08
CA ILE C 333 2.53 0.93 38.31
C ILE C 333 1.38 1.88 38.07
N SER C 334 1.43 2.63 36.96
CA SER C 334 0.38 3.59 36.66
C SER C 334 -0.96 2.91 36.48
N ILE C 335 -0.98 1.78 35.79
CA ILE C 335 -2.24 1.08 35.54
C ILE C 335 -2.85 0.60 36.85
N GLU C 336 -2.02 0.03 37.73
CA GLU C 336 -2.54 -0.42 39.02
C GLU C 336 -3.11 0.75 39.82
N LYS C 337 -2.40 1.88 39.82
CA LYS C 337 -2.88 3.03 40.59
C LYS C 337 -4.22 3.53 40.04
N VAL C 338 -4.36 3.59 38.71
CA VAL C 338 -5.61 4.07 38.15
C VAL C 338 -6.75 3.11 38.45
N ILE C 339 -6.48 1.79 38.43
CA ILE C 339 -7.53 0.84 38.76
C ILE C 339 -7.98 1.02 40.21
N HIS C 340 -7.03 1.20 41.13
CA HIS C 340 -7.41 1.43 42.52
C HIS C 340 -8.25 2.70 42.66
N THR C 341 -7.86 3.76 41.95
CA THR C 341 -8.65 5.00 42.00
C THR C 341 -10.06 4.77 41.50
N LEU C 342 -10.21 4.00 40.43
CA LEU C 342 -11.55 3.71 39.91
C LEU C 342 -12.39 2.96 40.95
N ILE C 343 -11.78 1.99 41.62
CA ILE C 343 -12.53 1.26 42.65
C ILE C 343 -13.00 2.21 43.75
N GLU C 344 -12.11 3.09 44.19
CA GLU C 344 -12.48 4.04 45.24
C GLU C 344 -13.61 4.95 44.78
N ALA C 345 -13.55 5.42 43.54
CA ALA C 345 -14.61 6.29 43.03
C ALA C 345 -15.95 5.57 42.98
N MET C 346 -15.96 4.31 42.55
CA MET C 346 -17.19 3.53 42.54
C MET C 346 -17.78 3.44 43.95
N VAL C 347 -16.93 3.14 44.93
CA VAL C 347 -17.42 3.01 46.30
C VAL C 347 -18.03 4.33 46.78
N LEU C 348 -17.35 5.45 46.52
CA LEU C 348 -17.84 6.74 46.98
C LEU C 348 -19.18 7.08 46.33
N VAL C 349 -19.31 6.82 45.03
CA VAL C 349 -20.56 7.12 44.34
C VAL C 349 -21.70 6.29 44.91
N PHE C 350 -21.45 5.00 45.15
CA PHE C 350 -22.49 4.16 45.74
C PHE C 350 -22.89 4.69 47.11
N VAL C 351 -21.92 5.13 47.91
CA VAL C 351 -22.23 5.62 49.24
C VAL C 351 -23.14 6.83 49.16
N VAL C 352 -22.83 7.78 48.26
CA VAL C 352 -23.66 8.96 48.15
C VAL C 352 -25.06 8.60 47.66
N MET C 353 -25.15 7.68 46.70
CA MET C 353 -26.47 7.27 46.21
C MET C 353 -27.31 6.66 47.33
N TYR C 354 -26.70 5.79 48.14
CA TYR C 354 -27.43 5.22 49.26
C TYR C 354 -27.86 6.30 50.25
N LEU C 355 -26.98 7.26 50.51
CA LEU C 355 -27.33 8.32 51.43
C LEU C 355 -28.57 9.08 50.97
N PHE C 356 -28.65 9.38 49.69
CA PHE C 356 -29.82 10.12 49.19
C PHE C 356 -31.07 9.27 49.06
N LEU C 357 -30.94 8.02 48.63
CA LEU C 357 -32.12 7.16 48.44
C LEU C 357 -32.58 6.51 49.74
N GLN C 358 -31.63 6.08 50.57
CA GLN C 358 -31.88 5.53 51.90
C GLN C 358 -32.45 4.12 51.86
N ASN C 359 -32.47 3.46 50.71
CA ASN C 359 -32.95 2.09 50.58
C ASN C 359 -31.92 1.26 49.84
N ILE C 360 -31.77 0.01 50.27
CA ILE C 360 -30.72 -0.85 49.73
C ILE C 360 -31.20 -1.55 48.47
N ARG C 361 -32.44 -1.28 48.07
CA ARG C 361 -33.00 -1.88 46.86
C ARG C 361 -33.21 -0.88 45.73
N TYR C 362 -33.29 0.42 46.03
CA TYR C 362 -33.33 1.41 44.97
C TYR C 362 -31.96 1.59 44.33
N THR C 363 -30.91 1.60 45.15
CA THR C 363 -29.57 1.88 44.66
C THR C 363 -29.04 0.79 43.73
N LEU C 364 -29.51 -0.45 43.90
CA LEU C 364 -29.02 -1.55 43.08
C LEU C 364 -29.27 -1.33 41.60
N ILE C 365 -30.30 -0.55 41.23
CA ILE C 365 -30.59 -0.31 39.83
C ILE C 365 -29.44 0.44 39.18
N PRO C 366 -29.11 1.66 39.65
CA PRO C 366 -27.93 2.35 39.11
C PRO C 366 -26.64 1.56 39.30
N THR C 367 -26.52 0.85 40.43
CA THR C 367 -25.32 0.07 40.67
C THR C 367 -25.09 -0.97 39.57
N ILE C 368 -26.17 -1.62 39.13
CA ILE C 368 -26.05 -2.56 38.01
C ILE C 368 -25.93 -1.85 36.66
N VAL C 369 -26.50 -0.65 36.53
CA VAL C 369 -26.41 0.07 35.26
C VAL C 369 -24.97 0.49 34.96
N VAL C 370 -24.19 0.86 35.98
CA VAL C 370 -22.85 1.39 35.75
C VAL C 370 -21.97 0.40 34.99
N PRO C 371 -21.71 -0.79 35.54
CA PRO C 371 -20.73 -1.69 34.90
C PRO C 371 -21.09 -2.05 33.47
N ILE C 372 -22.37 -2.19 33.15
CA ILE C 372 -22.74 -2.52 31.78
C ILE C 372 -22.35 -1.40 30.83
N SER C 373 -22.57 -0.14 31.25
CA SER C 373 -22.14 0.98 30.43
C SER C 373 -20.64 0.99 30.23
N LEU C 374 -19.89 0.72 31.32
CA LEU C 374 -18.43 0.70 31.19
C LEU C 374 -17.99 -0.38 30.22
N LEU C 375 -18.59 -1.56 30.29
CA LEU C 375 -18.21 -2.65 29.39
C LEU C 375 -18.58 -2.32 27.94
N GLY C 376 -19.73 -1.68 27.73
CA GLY C 376 -20.07 -1.25 26.38
C GLY C 376 -19.07 -0.26 25.82
N GLY C 377 -18.62 0.68 26.66
CA GLY C 377 -17.58 1.59 26.22
C GLY C 377 -16.29 0.88 25.88
N PHE C 378 -15.90 -0.10 26.70
CA PHE C 378 -14.72 -0.91 26.40
C PHE C 378 -14.86 -1.57 25.03
N ALA C 379 -16.01 -2.18 24.77
CA ALA C 379 -16.22 -2.85 23.49
C ALA C 379 -16.12 -1.87 22.33
N PHE C 380 -16.76 -0.72 22.45
CA PHE C 380 -16.73 0.25 21.36
C PHE C 380 -15.32 0.73 21.09
N ILE C 381 -14.55 1.05 22.14
CA ILE C 381 -13.18 1.50 21.92
C ILE C 381 -12.34 0.39 21.31
N SER C 382 -12.59 -0.86 21.70
CA SER C 382 -11.87 -1.97 21.09
C SER C 382 -12.19 -2.09 19.60
N TYR C 383 -13.43 -1.82 19.21
CA TYR C 383 -13.79 -1.89 17.81
C TYR C 383 -12.96 -0.92 16.98
N MET C 384 -12.76 0.30 17.48
CA MET C 384 -12.05 1.33 16.74
C MET C 384 -10.55 1.12 16.70
N GLY C 385 -10.02 0.18 17.47
CA GLY C 385 -8.60 -0.11 17.42
C GLY C 385 -7.74 0.77 18.32
N MET C 386 -8.24 1.13 19.49
CA MET C 386 -7.47 1.92 20.44
C MET C 386 -6.73 1.00 21.40
N SER C 387 -6.18 1.58 22.47
CA SER C 387 -5.46 0.83 23.48
C SER C 387 -5.91 1.30 24.86
N ILE C 388 -5.56 0.52 25.88
CA ILE C 388 -5.88 0.83 27.26
C ILE C 388 -4.70 1.61 27.84
N ASN C 389 -4.87 2.92 27.96
CA ASN C 389 -3.83 3.78 28.50
C ASN C 389 -4.39 4.60 29.66
N VAL C 390 -3.59 5.54 30.16
CA VAL C 390 -4.01 6.37 31.28
C VAL C 390 -5.14 7.31 30.91
N LEU C 391 -5.15 7.84 29.69
CA LEU C 391 -6.18 8.79 29.29
C LEU C 391 -7.55 8.14 29.29
N THR C 392 -7.66 6.93 28.72
CA THR C 392 -8.94 6.24 28.73
C THR C 392 -9.38 5.88 30.14
N MET C 393 -8.43 5.51 31.01
CA MET C 393 -8.79 5.23 32.39
C MET C 393 -9.31 6.48 33.10
N PHE C 394 -8.69 7.63 32.85
CA PHE C 394 -9.20 8.87 33.40
C PHE C 394 -10.60 9.17 32.88
N ALA C 395 -10.83 8.91 31.59
CA ALA C 395 -12.16 9.12 31.03
C ALA C 395 -13.19 8.24 31.72
N MET C 396 -12.84 6.97 31.95
CA MET C 396 -13.76 6.06 32.63
C MET C 396 -14.06 6.53 34.05
N ILE C 397 -13.01 6.88 34.80
CA ILE C 397 -13.18 7.32 36.18
C ILE C 397 -14.04 8.57 36.23
N LEU C 398 -13.87 9.47 35.26
CA LEU C 398 -14.62 10.71 35.25
C LEU C 398 -16.05 10.50 34.79
N VAL C 399 -16.30 9.50 33.95
CA VAL C 399 -17.66 9.22 33.47
C VAL C 399 -18.43 8.30 34.39
N ILE C 400 -17.79 7.72 35.41
CA ILE C 400 -18.52 6.89 36.36
C ILE C 400 -19.67 7.66 36.98
N GLY C 401 -19.45 8.93 37.31
CA GLY C 401 -20.46 9.75 37.94
C GLY C 401 -21.49 10.36 37.01
N ILE C 402 -21.39 10.11 35.70
CA ILE C 402 -22.34 10.65 34.75
C ILE C 402 -23.29 9.58 34.22
N VAL C 403 -22.88 8.31 34.19
CA VAL C 403 -23.73 7.27 33.65
C VAL C 403 -24.92 6.94 34.54
N VAL C 404 -24.96 7.48 35.77
CA VAL C 404 -26.03 7.20 36.70
C VAL C 404 -27.06 8.32 36.73
N ASP C 405 -26.92 9.33 35.89
CA ASP C 405 -27.83 10.47 35.93
C ASP C 405 -29.23 10.07 35.49
N ASP C 406 -29.33 9.39 34.35
CA ASP C 406 -30.65 9.02 33.83
C ASP C 406 -31.34 8.01 34.74
N ALA C 407 -30.60 7.01 35.22
CA ALA C 407 -31.19 6.04 36.13
C ALA C 407 -31.63 6.71 37.42
N ILE C 408 -30.82 7.64 37.94
CA ILE C 408 -31.20 8.37 39.14
C ILE C 408 -32.48 9.14 38.91
N VAL C 409 -32.59 9.82 37.77
CA VAL C 409 -33.79 10.60 37.46
C VAL C 409 -35.01 9.70 37.44
N VAL C 410 -34.92 8.58 36.71
CA VAL C 410 -36.06 7.68 36.58
C VAL C 410 -36.47 7.12 37.93
N VAL C 411 -35.49 6.63 38.69
CA VAL C 411 -35.79 5.99 39.97
C VAL C 411 -36.39 7.01 40.93
N GLU C 412 -35.82 8.22 40.98
CA GLU C 412 -36.35 9.24 41.88
C GLU C 412 -37.79 9.60 41.50
N ASN C 413 -38.07 9.74 40.21
CA ASN C 413 -39.43 10.08 39.81
C ASN C 413 -40.41 8.99 40.22
N VAL C 414 -40.07 7.73 39.96
CA VAL C 414 -40.97 6.64 40.31
C VAL C 414 -41.14 6.54 41.82
N GLU C 415 -40.05 6.71 42.58
CA GLU C 415 -40.14 6.66 44.04
C GLU C 415 -41.02 7.78 44.57
N ARG C 416 -40.87 8.99 44.02
CA ARG C 416 -41.72 10.10 44.45
C ARG C 416 -43.17 9.82 44.16
N ILE C 417 -43.48 9.28 42.97
CA ILE C 417 -44.86 8.97 42.63
C ILE C 417 -45.42 7.95 43.60
N MET C 418 -44.66 6.87 43.86
CA MET C 418 -45.14 5.83 44.76
C MET C 418 -45.36 6.36 46.17
N ALA C 419 -44.42 7.18 46.67
CA ALA C 419 -44.51 7.66 48.05
C ALA C 419 -45.66 8.66 48.21
N GLY C 420 -45.84 9.57 47.25
CA GLY C 420 -46.85 10.60 47.35
C GLY C 420 -48.20 10.25 46.77
N GLU C 421 -48.36 9.07 46.18
CA GLU C 421 -49.65 8.70 45.60
C GLU C 421 -50.10 7.29 45.93
N GLY C 422 -49.29 6.47 46.59
CA GLY C 422 -49.68 5.11 46.92
C GLY C 422 -50.09 4.32 45.69
N LEU C 423 -49.13 4.02 44.82
CA LEU C 423 -49.44 3.37 43.56
C LEU C 423 -48.69 2.05 43.44
N PRO C 424 -49.35 1.00 42.94
CA PRO C 424 -48.63 -0.23 42.66
C PRO C 424 -47.50 0.02 41.69
N PRO C 425 -46.36 -0.66 41.88
CA PRO C 425 -45.17 -0.31 41.09
C PRO C 425 -45.34 -0.44 39.59
N LYS C 426 -46.13 -1.40 39.11
CA LYS C 426 -46.09 -1.71 37.67
C LYS C 426 -46.59 -0.54 36.84
N GLU C 427 -47.67 0.13 37.26
CA GLU C 427 -48.17 1.27 36.52
C GLU C 427 -47.60 2.60 37.00
N ALA C 428 -47.14 2.67 38.24
CA ALA C 428 -46.37 3.83 38.66
C ALA C 428 -45.14 3.99 37.78
N THR C 429 -44.53 2.87 37.39
CA THR C 429 -43.39 2.93 36.48
C THR C 429 -43.80 3.50 35.12
N LYS C 430 -44.97 3.09 34.61
CA LYS C 430 -45.42 3.60 33.32
C LYS C 430 -45.70 5.09 33.40
N LYS C 431 -46.32 5.55 34.48
CA LYS C 431 -46.55 6.98 34.64
C LYS C 431 -45.22 7.75 34.72
N ALA C 432 -44.25 7.21 35.46
CA ALA C 432 -42.95 7.87 35.55
C ALA C 432 -42.29 7.96 34.18
N MET C 433 -42.32 6.86 33.42
CA MET C 433 -41.75 6.87 32.09
C MET C 433 -42.46 7.86 31.17
N GLY C 434 -43.77 7.98 31.28
CA GLY C 434 -44.48 8.98 30.50
C GLY C 434 -44.09 10.39 30.85
N GLN C 435 -43.88 10.66 32.15
CA GLN C 435 -43.52 12.03 32.56
C GLN C 435 -42.12 12.41 32.13
N ILE C 436 -41.15 11.52 32.28
CA ILE C 436 -39.74 11.87 32.12
C ILE C 436 -39.12 11.14 30.94
N SER C 437 -39.90 10.89 29.90
CA SER C 437 -39.37 10.23 28.71
C SER C 437 -38.59 11.18 27.81
N GLY C 438 -38.68 12.49 28.03
CA GLY C 438 -37.99 13.44 27.18
C GLY C 438 -36.77 14.05 27.84
N ALA C 439 -36.77 14.12 29.17
CA ALA C 439 -35.61 14.63 29.88
C ALA C 439 -34.38 13.77 29.62
N VAL C 440 -34.56 12.45 29.55
CA VAL C 440 -33.43 11.56 29.30
C VAL C 440 -32.81 11.87 27.94
N ILE C 441 -33.64 11.99 26.90
CA ILE C 441 -33.11 12.24 25.57
C ILE C 441 -32.45 13.62 25.51
N GLY C 442 -33.07 14.62 26.13
CA GLY C 442 -32.45 15.95 26.15
C GLY C 442 -31.08 15.93 26.80
N ILE C 443 -30.98 15.28 27.96
CA ILE C 443 -29.71 15.22 28.67
C ILE C 443 -28.67 14.49 27.85
N THR C 444 -29.05 13.36 27.25
CA THR C 444 -28.09 12.60 26.46
C THR C 444 -27.59 13.40 25.27
N ALA C 445 -28.51 14.07 24.56
CA ALA C 445 -28.10 14.87 23.41
C ALA C 445 -27.16 16.00 23.83
N VAL C 446 -27.49 16.68 24.93
CA VAL C 446 -26.63 17.77 25.40
C VAL C 446 -25.25 17.25 25.74
N LEU C 447 -25.18 16.10 26.43
CA LEU C 447 -23.88 15.56 26.81
C LEU C 447 -23.06 15.16 25.60
N ILE C 448 -23.69 14.53 24.60
CA ILE C 448 -22.93 14.01 23.47
C ILE C 448 -22.52 15.12 22.50
N SER C 449 -23.31 16.19 22.40
CA SER C 449 -22.98 17.25 21.45
C SER C 449 -21.70 17.99 21.79
N VAL C 450 -21.28 17.99 23.06
CA VAL C 450 -20.03 18.67 23.42
C VAL C 450 -18.81 17.80 23.16
N PHE C 451 -18.93 16.49 23.37
CA PHE C 451 -17.82 15.58 23.09
C PHE C 451 -17.69 15.24 21.62
N VAL C 452 -18.72 15.51 20.81
CA VAL C 452 -18.59 15.30 19.36
C VAL C 452 -17.43 16.11 18.78
N PRO C 453 -17.28 17.40 19.08
CA PRO C 453 -16.20 18.17 18.44
C PRO C 453 -14.80 17.84 18.90
N LEU C 454 -14.62 17.20 20.06
CA LEU C 454 -13.27 16.88 20.52
C LEU C 454 -12.54 15.97 19.56
N ALA C 455 -13.26 15.10 18.86
CA ALA C 455 -12.67 14.11 17.98
C ALA C 455 -12.45 14.63 16.56
N MET C 456 -12.28 15.94 16.40
CA MET C 456 -12.16 16.57 15.09
C MET C 456 -10.96 17.50 15.05
N PHE C 457 -9.82 17.03 15.55
CA PHE C 457 -8.58 17.79 15.51
C PHE C 457 -7.43 16.86 15.18
N SER C 458 -6.28 17.45 14.83
CA SER C 458 -5.11 16.71 14.40
C SER C 458 -3.90 17.09 15.23
N GLY C 459 -2.96 16.15 15.33
CA GLY C 459 -1.77 16.31 16.14
C GLY C 459 -1.83 15.47 17.40
N ALA C 460 -0.81 15.64 18.24
CA ALA C 460 -0.80 14.95 19.51
C ALA C 460 -1.98 15.37 20.37
N ALA C 461 -2.24 16.68 20.43
CA ALA C 461 -3.41 17.15 21.16
C ALA C 461 -4.69 16.58 20.57
N GLY C 462 -4.78 16.51 19.24
CA GLY C 462 -5.95 15.92 18.62
C GLY C 462 -6.11 14.45 18.97
N ASN C 463 -5.00 13.70 19.01
CA ASN C 463 -5.08 12.30 19.37
C ASN C 463 -5.58 12.13 20.81
N ILE C 464 -5.05 12.94 21.73
CA ILE C 464 -5.49 12.85 23.12
C ILE C 464 -6.98 13.20 23.23
N TYR C 465 -7.40 14.25 22.52
CA TYR C 465 -8.80 14.63 22.54
C TYR C 465 -9.69 13.51 22.04
N LYS C 466 -9.29 12.86 20.94
CA LYS C 466 -10.10 11.76 20.41
C LYS C 466 -10.18 10.62 21.40
N GLN C 467 -9.05 10.25 22.00
CA GLN C 467 -9.04 9.16 22.97
C GLN C 467 -9.98 9.43 24.13
N PHE C 468 -10.03 10.68 24.59
CA PHE C 468 -10.96 11.03 25.67
C PHE C 468 -12.41 11.01 25.19
N ALA C 469 -12.67 11.66 24.06
CA ALA C 469 -14.04 11.94 23.63
C ALA C 469 -14.77 10.69 23.20
N LEU C 470 -14.11 9.81 22.44
CA LEU C 470 -14.81 8.62 21.96
C LEU C 470 -15.25 7.74 23.11
N THR C 471 -14.37 7.53 24.09
CA THR C 471 -14.74 6.73 25.26
C THR C 471 -15.89 7.38 26.01
N MET C 472 -15.79 8.70 26.27
CA MET C 472 -16.86 9.37 26.99
C MET C 472 -18.20 9.19 26.29
N ALA C 473 -18.23 9.46 24.97
CA ALA C 473 -19.47 9.43 24.22
C ALA C 473 -20.06 8.03 24.17
N SER C 474 -19.23 7.02 23.92
CA SER C 474 -19.75 5.65 23.85
C SER C 474 -20.36 5.24 25.18
N SER C 475 -19.65 5.52 26.29
CA SER C 475 -20.20 5.15 27.59
C SER C 475 -21.51 5.87 27.86
N ILE C 476 -21.59 7.15 27.53
CA ILE C 476 -22.81 7.91 27.80
C ILE C 476 -23.98 7.37 26.99
N ALA C 477 -23.74 7.05 25.71
CA ALA C 477 -24.81 6.52 24.87
C ALA C 477 -25.31 5.19 25.40
N PHE C 478 -24.40 4.31 25.80
CA PHE C 478 -24.83 3.03 26.34
C PHE C 478 -25.61 3.23 27.63
N SER C 479 -25.18 4.17 28.48
CA SER C 479 -25.90 4.43 29.72
C SER C 479 -27.33 4.89 29.44
N ALA C 480 -27.50 5.79 28.47
CA ALA C 480 -28.84 6.27 28.14
C ALA C 480 -29.71 5.14 27.62
N PHE C 481 -29.16 4.31 26.74
CA PHE C 481 -29.94 3.18 26.21
C PHE C 481 -30.36 2.24 27.34
N LEU C 482 -29.44 1.93 28.25
CA LEU C 482 -29.77 1.06 29.38
C LEU C 482 -30.84 1.68 30.26
N ALA C 483 -30.74 2.99 30.53
CA ALA C 483 -31.74 3.63 31.37
C ALA C 483 -33.12 3.52 30.73
N LEU C 484 -33.22 3.72 29.42
CA LEU C 484 -34.52 3.56 28.77
C LEU C 484 -35.00 2.11 28.81
N THR C 485 -34.10 1.15 28.57
CA THR C 485 -34.52 -0.23 28.35
C THR C 485 -34.71 -1.00 29.65
N LEU C 486 -33.64 -1.17 30.42
CA LEU C 486 -33.61 -2.14 31.51
C LEU C 486 -34.11 -1.58 32.84
N THR C 487 -33.90 -0.30 33.11
CA THR C 487 -34.26 0.27 34.39
C THR C 487 -35.75 0.12 34.69
N PRO C 488 -36.63 0.43 33.74
CA PRO C 488 -38.07 0.25 34.01
C PRO C 488 -38.44 -1.18 34.37
N ALA C 489 -37.83 -2.17 33.72
CA ALA C 489 -38.17 -3.56 33.99
C ALA C 489 -37.86 -3.93 35.43
N LEU C 490 -36.64 -3.61 35.89
CA LEU C 490 -36.28 -3.91 37.28
C LEU C 490 -37.12 -3.10 38.25
N CYS C 491 -37.37 -1.82 37.94
CA CYS C 491 -38.16 -0.98 38.84
C CYS C 491 -39.60 -1.46 38.95
N ALA C 492 -40.11 -2.16 37.92
CA ALA C 492 -41.48 -2.65 37.96
C ALA C 492 -41.59 -4.07 38.50
N THR C 493 -40.52 -4.87 38.39
CA THR C 493 -40.59 -6.27 38.80
C THR C 493 -39.78 -6.59 40.05
N MET C 494 -38.53 -6.15 40.13
CA MET C 494 -37.64 -6.52 41.23
C MET C 494 -37.69 -5.55 42.40
N LEU C 495 -38.56 -4.54 42.36
CA LEU C 495 -38.68 -3.57 43.44
C LEU C 495 -40.00 -3.80 44.16
N LYS C 496 -39.91 -4.18 45.44
CA LYS C 496 -41.09 -4.50 46.22
C LYS C 496 -41.88 -3.24 46.55
N THR C 497 -43.14 -3.46 46.93
CA THR C 497 -44.02 -2.34 47.25
C THR C 497 -43.48 -1.58 48.47
N ILE C 498 -43.70 -0.27 48.47
CA ILE C 498 -43.29 0.57 49.59
C ILE C 498 -44.36 0.52 50.67
N PRO C 499 -44.06 -0.01 51.85
CA PRO C 499 -45.04 0.03 52.94
C PRO C 499 -45.42 1.46 53.27
N LYS C 500 -46.70 1.67 53.60
CA LYS C 500 -47.19 3.00 53.89
C LYS C 500 -46.34 3.65 54.98
N GLY C 501 -45.65 4.73 54.62
CA GLY C 501 -44.82 5.44 55.58
C GLY C 501 -43.54 4.73 55.96
N HIS C 502 -43.09 3.77 55.16
CA HIS C 502 -41.86 3.07 55.48
C HIS C 502 -40.66 4.01 55.48
N HIS C 503 -40.59 4.92 54.51
CA HIS C 503 -39.49 5.87 54.47
C HIS C 503 -39.53 6.83 55.65
N GLU C 504 -40.71 7.06 56.23
CA GLU C 504 -40.86 7.97 57.35
C GLU C 504 -40.46 7.26 58.66
N GLU C 505 -40.41 8.04 59.74
CA GLU C 505 -40.08 7.58 61.08
C GLU C 505 -38.62 7.17 61.22
N LYS C 506 -37.74 7.65 60.35
CA LYS C 506 -36.32 7.34 60.48
C LYS C 506 -35.74 8.03 61.71
N LYS C 507 -34.88 7.33 62.43
CA LYS C 507 -34.19 7.86 63.59
C LYS C 507 -32.69 7.80 63.36
N GLY C 508 -31.96 8.58 64.14
CA GLY C 508 -30.52 8.63 64.02
C GLY C 508 -30.06 9.59 62.95
N PHE C 509 -29.07 9.18 62.16
CA PHE C 509 -28.54 10.05 61.11
C PHE C 509 -29.60 10.39 60.07
N PHE C 510 -30.40 9.40 59.67
CA PHE C 510 -31.30 9.58 58.54
C PHE C 510 -32.37 10.63 58.83
N GLY C 511 -32.96 10.60 60.03
CA GLY C 511 -33.97 11.59 60.36
C GLY C 511 -33.41 13.00 60.42
N TRP C 512 -32.24 13.15 61.04
CA TRP C 512 -31.54 14.43 61.04
C TRP C 512 -31.34 14.93 59.62
N PHE C 513 -30.84 14.06 58.74
CA PHE C 513 -30.57 14.46 57.36
C PHE C 513 -31.85 14.85 56.65
N ASN C 514 -32.94 14.13 56.89
CA ASN C 514 -34.21 14.46 56.24
C ASN C 514 -34.69 15.84 56.67
N LYS C 515 -34.62 16.12 57.98
CA LYS C 515 -35.03 17.44 58.46
C LYS C 515 -34.16 18.53 57.85
N LYS C 516 -32.84 18.31 57.83
CA LYS C 516 -31.93 19.32 57.31
C LYS C 516 -32.21 19.59 55.84
N PHE C 517 -32.45 18.53 55.06
CA PHE C 517 -32.72 18.72 53.64
C PHE C 517 -34.06 19.42 53.40
N ASP C 518 -35.08 19.11 54.21
CA ASP C 518 -36.34 19.84 54.07
C ASP C 518 -36.15 21.32 54.33
N SER C 519 -35.41 21.65 55.40
CA SER C 519 -35.15 23.06 55.70
C SER C 519 -34.37 23.72 54.59
N TRP C 520 -33.38 23.03 54.03
CA TRP C 520 -32.59 23.59 52.94
C TRP C 520 -33.46 23.86 51.72
N THR C 521 -34.35 22.93 51.39
CA THR C 521 -35.24 23.14 50.25
C THR C 521 -36.16 24.33 50.48
N HIS C 522 -36.72 24.45 51.68
CA HIS C 522 -37.59 25.59 51.96
C HIS C 522 -36.83 26.90 51.82
N GLY C 523 -35.62 26.98 52.38
CA GLY C 523 -34.84 28.20 52.26
C GLY C 523 -34.46 28.52 50.83
N TYR C 524 -34.12 27.50 50.04
CA TYR C 524 -33.77 27.72 48.65
C TYR C 524 -34.96 28.26 47.86
N GLU C 525 -36.14 27.69 48.07
CA GLU C 525 -37.31 28.19 47.36
C GLU C 525 -37.62 29.63 47.78
N GLY C 526 -37.49 29.92 49.08
CA GLY C 526 -37.70 31.28 49.53
C GLY C 526 -36.73 32.28 48.92
N ARG C 527 -35.46 31.89 48.76
CA ARG C 527 -34.48 32.78 48.14
C ARG C 527 -34.75 32.96 46.64
N VAL C 528 -35.06 31.87 45.94
CA VAL C 528 -35.31 31.95 44.51
C VAL C 528 -36.53 32.82 44.23
N ALA C 529 -37.61 32.63 44.99
CA ALA C 529 -38.79 33.45 44.78
C ALA C 529 -38.50 34.93 44.92
N LYS C 530 -37.47 35.30 45.68
CA LYS C 530 -37.09 36.69 45.87
C LYS C 530 -36.17 37.18 44.75
N VAL C 531 -35.23 36.35 44.32
CA VAL C 531 -34.23 36.78 43.35
C VAL C 531 -34.89 37.11 42.01
N LEU C 532 -36.16 36.75 41.85
CA LEU C 532 -36.87 36.94 40.59
C LEU C 532 -37.60 38.27 40.49
N ARG C 533 -37.79 38.98 41.60
CA ARG C 533 -38.40 40.30 41.57
C ARG C 533 -37.40 41.40 41.26
N LYS C 534 -36.10 41.08 41.25
CA LYS C 534 -35.05 42.00 40.85
C LYS C 534 -34.34 41.38 39.65
N THR C 535 -34.89 41.63 38.46
CA THR C 535 -34.34 41.05 37.24
C THR C 535 -33.31 41.95 36.57
N PHE C 536 -33.03 43.12 37.13
CA PHE C 536 -32.03 44.02 36.57
C PHE C 536 -30.72 43.97 37.35
N ARG C 537 -30.76 44.11 38.67
CA ARG C 537 -29.54 44.03 39.46
C ARG C 537 -28.87 42.68 39.31
N MET C 538 -29.65 41.61 39.31
CA MET C 538 -29.06 40.29 39.17
C MET C 538 -28.39 40.09 37.82
N MET C 539 -28.90 40.74 36.76
CA MET C 539 -28.22 40.66 35.47
C MET C 539 -26.86 41.35 35.50
N VAL C 540 -26.75 42.51 36.16
CA VAL C 540 -25.45 43.16 36.26
C VAL C 540 -24.51 42.33 37.12
N VAL C 541 -25.04 41.69 38.15
CA VAL C 541 -24.22 40.79 38.97
C VAL C 541 -23.68 39.64 38.12
N TYR C 542 -24.55 39.05 37.29
CA TYR C 542 -24.11 37.97 36.41
C TYR C 542 -23.04 38.46 35.43
N ILE C 543 -23.23 39.65 34.88
CA ILE C 543 -22.25 40.18 33.93
C ILE C 543 -20.91 40.38 34.62
N GLY C 544 -20.92 40.92 35.84
CA GLY C 544 -19.68 41.07 36.58
C GLY C 544 -19.01 39.74 36.86
N LEU C 545 -19.80 38.72 37.21
CA LEU C 545 -19.24 37.40 37.45
C LEU C 545 -18.57 36.86 36.19
N ALA C 546 -19.23 37.00 35.04
CA ALA C 546 -18.65 36.51 33.80
C ALA C 546 -17.36 37.25 33.45
N VAL C 547 -17.36 38.57 33.65
CA VAL C 547 -16.16 39.36 33.37
C VAL C 547 -15.01 38.92 34.26
N VAL C 548 -15.28 38.71 35.55
CA VAL C 548 -14.24 38.27 36.48
C VAL C 548 -13.72 36.90 36.07
N GLY C 549 -14.62 36.00 35.67
CA GLY C 549 -14.18 34.68 35.25
C GLY C 549 -13.27 34.72 34.04
N VAL C 550 -13.62 35.55 33.05
CA VAL C 550 -12.77 35.68 31.87
C VAL C 550 -11.42 36.29 32.26
N PHE C 551 -11.43 37.29 33.14
CA PHE C 551 -10.19 37.89 33.59
C PHE C 551 -9.28 36.86 34.25
N LEU C 552 -9.86 36.04 35.14
CA LEU C 552 -9.08 35.01 35.80
C LEU C 552 -8.52 34.00 34.81
N PHE C 553 -9.36 33.56 33.86
CA PHE C 553 -8.89 32.59 32.88
C PHE C 553 -7.74 33.13 32.05
N MET C 554 -7.83 34.39 31.63
CA MET C 554 -6.83 34.92 30.70
C MET C 554 -5.43 34.89 31.29
N ARG C 555 -5.31 35.19 32.59
CA ARG C 555 -4.00 35.24 33.24
C ARG C 555 -3.71 33.94 33.99
N LEU C 556 -3.59 32.85 33.22
CA LEU C 556 -3.19 31.56 33.74
C LEU C 556 -1.96 31.04 33.01
N PRO C 557 -0.99 30.47 33.72
CA PRO C 557 0.19 29.92 33.03
C PRO C 557 -0.20 28.83 32.06
N THR C 558 0.51 28.77 30.93
CA THR C 558 0.26 27.79 29.90
C THR C 558 1.32 26.70 29.93
N SER C 559 0.92 25.51 29.49
CA SER C 559 1.81 24.35 29.51
C SER C 559 1.28 23.32 28.52
N PHE C 560 1.95 22.16 28.46
CA PHE C 560 1.52 21.05 27.64
C PHE C 560 1.12 19.85 28.48
N LEU C 561 1.99 19.38 29.36
CA LEU C 561 1.69 18.29 30.29
C LEU C 561 2.57 18.44 31.51
N PRO C 562 2.07 18.11 32.70
CA PRO C 562 2.90 18.20 33.89
C PRO C 562 4.02 17.18 33.87
N THR C 563 5.10 17.51 34.57
CA THR C 563 6.26 16.64 34.64
C THR C 563 6.06 15.57 35.71
N GLU C 564 6.39 14.33 35.34
CA GLU C 564 6.32 13.18 36.24
C GLU C 564 7.72 12.70 36.55
N ASP C 565 7.81 11.66 37.37
CA ASP C 565 9.08 11.01 37.66
C ASP C 565 8.96 9.54 37.28
N GLN C 566 9.46 9.19 36.11
CA GLN C 566 9.43 7.80 35.66
C GLN C 566 10.34 6.90 36.49
N GLY C 567 11.19 7.47 37.33
CA GLY C 567 12.08 6.68 38.15
C GLY C 567 13.52 6.66 37.68
N PHE C 568 13.93 7.65 36.91
CA PHE C 568 15.33 7.74 36.49
C PHE C 568 15.61 9.16 36.02
N VAL C 569 16.89 9.53 36.04
CA VAL C 569 17.36 10.82 35.54
C VAL C 569 18.49 10.54 34.58
N MET C 570 18.75 11.51 33.71
CA MET C 570 19.74 11.36 32.65
C MET C 570 20.80 12.44 32.78
N VAL C 571 22.06 12.03 32.68
CA VAL C 571 23.19 12.95 32.75
C VAL C 571 23.87 12.99 31.40
N SER C 572 24.58 14.09 31.13
CA SER C 572 25.36 14.25 29.92
C SER C 572 26.66 14.94 30.25
N VAL C 573 27.75 14.48 29.62
CA VAL C 573 29.09 15.00 29.86
C VAL C 573 29.66 15.50 28.55
N GLN C 574 30.42 16.59 28.62
CA GLN C 574 31.11 17.12 27.44
C GLN C 574 32.35 17.88 27.89
N LEU C 575 33.45 17.63 27.21
CA LEU C 575 34.73 18.24 27.52
C LEU C 575 35.16 19.20 26.42
N PRO C 576 36.24 19.95 26.63
CA PRO C 576 36.70 20.90 25.61
C PRO C 576 36.94 20.24 24.26
N ALA C 577 37.03 21.04 23.21
CA ALA C 577 37.28 20.51 21.88
C ALA C 577 38.67 19.91 21.80
N GLY C 578 38.81 18.89 20.97
CA GLY C 578 40.09 18.21 20.83
C GLY C 578 40.52 17.48 22.08
N ALA C 579 39.59 16.83 22.77
CA ALA C 579 39.89 16.05 23.96
C ALA C 579 39.92 14.57 23.62
N THR C 580 40.85 13.86 24.23
CA THR C 580 41.02 12.44 23.98
C THR C 580 39.99 11.65 24.77
N LYS C 581 40.06 10.33 24.71
CA LYS C 581 39.10 9.48 25.40
C LYS C 581 39.53 9.12 26.82
N GLU C 582 40.82 9.16 27.11
CA GLU C 582 41.29 8.91 28.47
C GLU C 582 40.75 9.95 29.44
N ARG C 583 40.76 11.22 29.03
CA ARG C 583 40.24 12.29 29.86
C ARG C 583 38.74 12.09 30.10
N THR C 584 38.00 11.74 29.04
CA THR C 584 36.57 11.51 29.19
C THR C 584 36.30 10.36 30.14
N ASP C 585 37.09 9.28 30.05
CA ASP C 585 36.91 8.15 30.95
C ASP C 585 37.20 8.55 32.39
N ALA C 586 38.25 9.34 32.62
CA ALA C 586 38.53 9.81 33.97
C ALA C 586 37.38 10.64 34.52
N THR C 587 36.83 11.53 33.69
CA THR C 587 35.71 12.35 34.13
C THR C 587 34.48 11.50 34.43
N LEU C 588 34.20 10.49 33.61
CA LEU C 588 33.07 9.61 33.88
C LEU C 588 33.28 8.84 35.18
N ALA C 589 34.52 8.38 35.44
CA ALA C 589 34.78 7.71 36.70
C ALA C 589 34.55 8.63 37.88
N GLN C 590 34.96 9.89 37.77
CA GLN C 590 34.71 10.85 38.83
C GLN C 590 33.22 11.06 39.03
N VAL C 591 32.46 11.16 37.93
CA VAL C 591 31.02 11.33 38.03
C VAL C 591 30.37 10.15 38.72
N THR C 592 30.81 8.93 38.39
CA THR C 592 30.25 7.74 39.02
C THR C 592 30.58 7.69 40.50
N GLN C 593 31.82 7.98 40.86
CA GLN C 593 32.18 8.01 42.27
C GLN C 593 31.36 9.04 43.03
N LEU C 594 31.04 10.17 42.39
CA LEU C 594 30.25 11.23 42.99
C LEU C 594 28.77 10.87 43.10
N ALA C 595 28.21 10.18 42.12
CA ALA C 595 26.81 9.77 42.15
C ALA C 595 26.57 8.55 43.00
N LYS C 596 27.61 7.80 43.36
CA LYS C 596 27.45 6.69 44.29
C LYS C 596 27.12 7.15 45.70
N SER C 597 27.25 8.44 46.00
CA SER C 597 27.06 8.95 47.35
C SER C 597 25.68 9.55 47.58
N ILE C 598 24.78 9.43 46.61
CA ILE C 598 23.39 9.85 46.78
C ILE C 598 22.58 8.63 47.20
N PRO C 599 21.95 8.64 48.38
CA PRO C 599 21.31 7.41 48.88
C PRO C 599 20.22 6.86 47.99
N GLU C 600 19.57 7.67 47.16
CA GLU C 600 18.38 7.24 46.44
C GLU C 600 18.67 6.88 44.97
N ILE C 601 19.85 6.33 44.69
CA ILE C 601 20.20 5.86 43.35
C ILE C 601 20.68 4.42 43.44
N GLU C 602 20.12 3.56 42.58
CA GLU C 602 20.44 2.14 42.58
C GLU C 602 21.63 1.83 41.68
N ASN C 603 21.51 2.12 40.39
CA ASN C 603 22.53 1.81 39.41
C ASN C 603 22.88 3.06 38.61
N ILE C 604 24.06 3.03 38.00
CA ILE C 604 24.51 4.09 37.10
C ILE C 604 25.11 3.43 35.87
N ILE C 605 24.57 3.73 34.70
CA ILE C 605 25.08 3.23 33.42
C ILE C 605 25.71 4.38 32.68
N THR C 606 26.95 4.20 32.23
CA THR C 606 27.69 5.24 31.53
C THR C 606 28.12 4.72 30.17
N VAL C 607 27.81 5.48 29.13
CA VAL C 607 28.24 5.18 27.76
C VAL C 607 29.23 6.25 27.33
N SER C 608 30.38 5.81 26.80
CA SER C 608 31.45 6.69 26.39
C SER C 608 31.50 6.75 24.87
N GLY C 609 31.74 7.95 24.34
CA GLY C 609 31.86 8.13 22.91
C GLY C 609 30.56 8.34 22.18
N PHE C 610 29.45 8.50 22.88
CA PHE C 610 28.16 8.72 22.24
C PHE C 610 27.29 9.53 23.18
N SER C 611 26.51 10.45 22.62
CA SER C 611 25.66 11.32 23.41
C SER C 611 24.47 11.76 22.56
N PHE C 612 23.44 12.24 23.24
CA PHE C 612 22.36 12.91 22.54
C PHE C 612 22.80 14.33 22.21
N SER C 613 22.61 14.75 20.95
CA SER C 613 23.15 16.02 20.47
C SER C 613 24.68 15.98 20.41
N GLY C 614 25.20 14.98 19.73
CA GLY C 614 26.63 14.87 19.51
C GLY C 614 27.09 13.44 19.59
N SER C 615 28.17 13.15 18.88
CA SER C 615 28.77 11.81 18.90
C SER C 615 30.25 11.98 18.57
N GLY C 616 31.09 11.95 19.60
CA GLY C 616 32.51 12.18 19.40
C GLY C 616 33.32 11.60 20.54
N GLN C 617 34.63 11.78 20.45
CA GLN C 617 35.53 11.20 21.44
C GLN C 617 35.42 11.91 22.79
N ASN C 618 35.15 13.21 22.78
CA ASN C 618 34.96 13.99 24.00
C ASN C 618 33.48 14.11 24.36
N MET C 619 32.77 12.99 24.41
CA MET C 619 31.35 12.98 24.72
C MET C 619 31.02 11.78 25.57
N ALA C 620 29.94 11.87 26.33
CA ALA C 620 29.55 10.79 27.23
C ALA C 620 28.09 10.98 27.61
N MET C 621 27.54 9.94 28.25
CA MET C 621 26.13 9.92 28.61
C MET C 621 25.93 8.87 29.70
N GLY C 622 24.82 8.99 30.42
CA GLY C 622 24.57 8.05 31.51
C GLY C 622 23.12 8.06 31.93
N PHE C 623 22.65 6.91 32.41
CA PHE C 623 21.32 6.75 32.96
C PHE C 623 21.47 6.44 34.44
N ALA C 624 20.83 7.24 35.29
CA ALA C 624 20.88 7.02 36.74
C ALA C 624 19.54 6.46 37.18
N ILE C 625 19.48 5.15 37.37
CA ILE C 625 18.23 4.49 37.76
C ILE C 625 17.99 4.73 39.24
N LEU C 626 16.82 5.28 39.57
CA LEU C 626 16.47 5.63 40.93
C LEU C 626 15.91 4.43 41.67
N LYS C 627 15.88 4.53 42.99
CA LYS C 627 15.34 3.48 43.84
C LYS C 627 13.85 3.31 43.58
N ASP C 628 13.21 2.35 44.26
CA ASP C 628 11.80 2.10 44.04
C ASP C 628 10.96 3.25 44.58
N TRP C 629 9.77 3.41 43.99
CA TRP C 629 8.91 4.53 44.35
C TRP C 629 8.54 4.51 45.83
N ASN C 630 8.13 3.35 46.34
CA ASN C 630 7.62 3.27 47.70
C ASN C 630 8.69 3.55 48.75
N GLU C 631 9.97 3.56 48.35
CA GLU C 631 11.06 3.83 49.27
C GLU C 631 11.51 5.28 49.26
N ARG C 632 11.75 5.85 48.07
CA ARG C 632 12.30 7.19 47.93
C ARG C 632 11.21 8.26 48.00
N THR C 633 10.68 8.42 49.21
CA THR C 633 9.72 9.50 49.54
C THR C 633 10.26 10.38 50.66
N ALA C 634 11.57 10.61 50.67
CA ALA C 634 12.26 11.24 51.79
C ALA C 634 12.17 12.77 51.78
N SER C 635 11.22 13.34 51.03
CA SER C 635 11.09 14.80 50.92
C SER C 635 12.42 15.43 50.55
N GLY C 636 12.84 15.16 49.31
CA GLY C 636 14.16 15.53 48.85
C GLY C 636 14.71 14.41 48.02
N SER C 637 13.92 13.35 47.89
CA SER C 637 14.31 12.17 47.13
C SER C 637 13.55 12.04 45.82
N ASP C 638 12.74 13.03 45.45
CA ASP C 638 12.05 13.00 44.17
C ASP C 638 13.06 13.13 43.03
N ALA C 639 12.60 12.85 41.81
CA ALA C 639 13.48 12.91 40.65
C ALA C 639 14.03 14.32 40.47
N VAL C 640 13.19 15.33 40.63
CA VAL C 640 13.62 16.71 40.40
C VAL C 640 14.68 17.12 41.42
N ALA C 641 14.45 16.83 42.70
CA ALA C 641 15.43 17.19 43.72
C ALA C 641 16.74 16.43 43.52
N VAL C 642 16.64 15.14 43.17
CA VAL C 642 17.83 14.34 42.94
C VAL C 642 18.65 14.94 41.79
N ALA C 643 17.97 15.29 40.70
CA ALA C 643 18.67 15.88 39.56
C ALA C 643 19.31 17.21 39.94
N GLY C 644 18.60 18.04 40.71
CA GLY C 644 19.16 19.33 41.10
C GLY C 644 20.41 19.18 41.95
N LYS C 645 20.36 18.30 42.95
CA LYS C 645 21.54 18.12 43.80
C LYS C 645 22.68 17.45 43.04
N LEU C 646 22.39 16.52 42.14
CA LEU C 646 23.45 15.93 41.33
C LEU C 646 24.12 16.98 40.45
N THR C 647 23.33 17.86 39.84
CA THR C 647 23.91 18.92 39.02
C THR C 647 24.75 19.87 39.88
N GLY C 648 24.29 20.18 41.08
CA GLY C 648 25.09 21.01 41.96
C GLY C 648 26.43 20.38 42.29
N MET C 649 26.42 19.10 42.67
CA MET C 649 27.68 18.43 42.97
C MET C 649 28.60 18.39 41.76
N MET C 650 28.06 18.05 40.60
CA MET C 650 28.87 17.99 39.38
C MET C 650 29.51 19.35 39.11
N MET C 651 28.71 20.41 39.12
CA MET C 651 29.26 21.73 38.86
C MET C 651 30.29 22.14 39.90
N GLY C 652 30.17 21.67 41.13
CA GLY C 652 31.17 22.00 42.13
C GLY C 652 32.40 21.13 42.16
N THR C 653 32.41 19.99 41.46
CA THR C 653 33.49 19.03 41.63
C THR C 653 34.33 18.79 40.39
N LEU C 654 33.72 18.71 39.21
CA LEU C 654 34.38 18.14 38.04
C LEU C 654 35.72 18.81 37.73
N LYS C 655 35.69 20.08 37.35
CA LYS C 655 36.87 20.90 37.02
C LYS C 655 37.46 20.56 35.66
N ASP C 656 36.96 19.54 34.96
CA ASP C 656 37.43 19.20 33.61
C ASP C 656 36.20 18.78 32.80
N GLY C 657 35.62 19.73 32.08
CA GLY C 657 34.35 19.51 31.43
C GLY C 657 33.20 19.86 32.34
N PHE C 658 31.99 19.65 31.83
CA PHE C 658 30.79 19.96 32.60
C PHE C 658 29.75 18.88 32.38
N GLY C 659 28.85 18.73 33.35
CA GLY C 659 27.79 17.76 33.26
C GLY C 659 26.49 18.33 33.79
N ILE C 660 25.39 17.92 33.16
CA ILE C 660 24.06 18.39 33.51
C ILE C 660 23.14 17.18 33.67
N ALA C 661 22.44 17.12 34.79
CA ALA C 661 21.44 16.08 35.05
C ALA C 661 20.05 16.67 34.88
N VAL C 662 19.24 16.03 34.03
CA VAL C 662 17.90 16.52 33.72
C VAL C 662 16.93 15.34 33.79
N VAL C 663 15.65 15.68 33.91
CA VAL C 663 14.58 14.69 34.02
C VAL C 663 13.98 14.46 32.64
N PRO C 664 13.66 13.22 32.27
CA PRO C 664 13.12 12.95 30.94
C PRO C 664 11.78 13.63 30.74
N PRO C 665 11.42 13.96 29.51
CA PRO C 665 10.14 14.61 29.24
C PRO C 665 8.98 13.67 29.49
N PRO C 666 7.77 14.20 29.68
CA PRO C 666 6.64 13.32 30.00
C PRO C 666 6.38 12.25 28.95
N ILE C 667 6.54 12.58 27.67
CA ILE C 667 6.31 11.62 26.58
C ILE C 667 7.65 11.41 25.89
N LEU C 668 8.28 10.27 26.13
CA LEU C 668 9.62 10.01 25.62
C LEU C 668 9.67 9.93 24.10
N GLU C 669 8.55 9.62 23.45
CA GLU C 669 8.56 9.41 22.01
C GLU C 669 8.48 10.69 21.20
N LEU C 670 8.35 11.85 21.85
CA LEU C 670 8.31 13.12 21.13
C LEU C 670 9.69 13.73 20.96
N GLY C 671 10.51 13.70 22.01
CA GLY C 671 11.86 14.22 21.91
C GLY C 671 12.74 13.63 22.99
N ASN C 672 14.03 13.50 22.65
CA ASN C 672 14.99 12.94 23.59
C ASN C 672 15.37 13.95 24.68
N GLY C 673 15.58 15.21 24.29
CA GLY C 673 16.02 16.21 25.24
C GLY C 673 14.89 16.78 26.07
N SER C 674 15.27 17.34 27.21
CA SER C 674 14.33 18.00 28.11
C SER C 674 14.51 19.51 28.03
N GLY C 675 13.40 20.23 28.14
CA GLY C 675 13.41 21.67 28.05
C GLY C 675 13.19 22.18 26.64
N LEU C 676 13.18 23.51 26.51
CA LEU C 676 12.92 24.14 25.23
C LEU C 676 13.99 23.80 24.22
N SER C 677 13.59 23.67 22.96
CA SER C 677 14.49 23.47 21.84
C SER C 677 14.32 24.62 20.85
N ILE C 678 15.43 25.21 20.44
CA ILE C 678 15.41 26.41 19.62
C ILE C 678 16.32 26.22 18.41
N ASN C 679 15.96 26.88 17.31
CA ASN C 679 16.76 26.88 16.08
C ASN C 679 16.76 28.27 15.50
N LEU C 680 17.93 28.90 15.44
CA LEU C 680 18.07 30.20 14.81
C LEU C 680 18.39 30.01 13.33
N GLN C 681 17.59 30.63 12.47
CA GLN C 681 17.81 30.59 11.03
C GLN C 681 18.45 31.88 10.55
N ASP C 682 19.31 31.75 9.55
CA ASP C 682 19.97 32.88 8.91
C ASP C 682 19.39 33.01 7.50
N ARG C 683 18.44 33.92 7.33
CA ARG C 683 17.66 34.00 6.11
C ARG C 683 18.25 34.91 5.05
N ASN C 684 19.31 35.66 5.36
CA ASN C 684 19.94 36.57 4.40
C ASN C 684 21.35 36.15 4.03
N ASN C 685 21.78 34.95 4.43
CA ASN C 685 23.11 34.45 4.09
C ASN C 685 24.19 35.41 4.58
N THR C 686 24.24 35.59 5.89
CA THR C 686 25.19 36.50 6.53
C THR C 686 26.47 35.80 6.95
N GLY C 687 26.62 34.52 6.62
CA GLY C 687 27.82 33.79 6.96
C GLY C 687 27.67 32.96 8.22
N HIS C 688 28.80 32.38 8.64
CA HIS C 688 28.84 31.51 9.80
C HIS C 688 29.24 32.24 11.08
N THR C 689 30.13 33.22 10.99
CA THR C 689 30.56 33.93 12.20
C THR C 689 29.47 34.86 12.74
N ALA C 690 28.71 35.49 11.86
CA ALA C 690 27.64 36.37 12.32
C ALA C 690 26.56 35.59 13.07
N LEU C 691 26.15 34.45 12.50
CA LEU C 691 25.14 33.63 13.17
C LEU C 691 25.66 33.07 14.49
N LEU C 692 26.92 32.66 14.54
CA LEU C 692 27.49 32.18 15.79
C LEU C 692 27.53 33.28 16.84
N ALA C 693 27.90 34.50 16.45
CA ALA C 693 27.90 35.61 17.38
C ALA C 693 26.49 35.91 17.88
N LYS C 694 25.50 35.87 17.00
CA LYS C 694 24.13 36.11 17.42
C LYS C 694 23.66 35.03 18.39
N ARG C 695 24.01 33.76 18.13
CA ARG C 695 23.62 32.70 19.04
C ARG C 695 24.29 32.87 20.40
N ASN C 696 25.56 33.29 20.41
CA ASN C 696 26.23 33.53 21.69
C ASN C 696 25.56 34.67 22.45
N GLU C 697 25.17 35.74 21.75
CA GLU C 697 24.44 36.83 22.39
C GLU C 697 23.12 36.33 22.99
N LEU C 698 22.39 35.54 22.22
CA LEU C 698 21.12 35.01 22.71
C LEU C 698 21.32 34.15 23.93
N ILE C 699 22.37 33.32 23.94
CA ILE C 699 22.65 32.49 25.10
C ILE C 699 22.97 33.35 26.31
N GLN C 700 23.82 34.35 26.13
CA GLN C 700 24.31 35.14 27.25
C GLN C 700 23.29 36.13 27.78
N LYS C 701 22.26 36.46 27.00
CA LYS C 701 21.16 37.28 27.51
C LYS C 701 19.94 36.44 27.86
N MET C 702 19.95 35.14 27.54
CA MET C 702 18.91 34.23 28.00
C MET C 702 19.13 33.87 29.47
N ARG C 703 20.39 33.80 29.90
CA ARG C 703 20.70 33.82 31.32
C ARG C 703 20.55 35.24 31.85
N ALA C 704 20.61 35.36 33.17
CA ALA C 704 20.44 36.66 33.83
C ALA C 704 19.11 37.29 33.42
N SER C 705 18.10 36.45 33.25
CA SER C 705 16.76 36.91 32.89
C SER C 705 15.76 36.46 33.94
N GLY C 706 16.10 35.41 34.68
CA GLY C 706 15.29 34.92 35.77
C GLY C 706 14.30 33.84 35.40
N LEU C 707 14.02 33.65 34.10
CA LEU C 707 13.08 32.64 33.67
C LEU C 707 13.71 31.28 33.45
N PHE C 708 14.99 31.22 33.11
CA PHE C 708 15.70 29.98 32.93
C PHE C 708 16.73 29.82 34.05
N ASP C 709 16.86 28.60 34.53
CA ASP C 709 17.90 28.38 35.54
C ASP C 709 19.26 28.31 34.86
N PRO C 710 20.22 29.15 35.26
CA PRO C 710 21.53 29.10 34.61
C PRO C 710 22.20 27.76 34.85
N SER C 711 23.11 27.41 33.96
CA SER C 711 23.80 26.12 33.93
C SER C 711 22.94 25.05 33.27
N THR C 712 21.81 25.43 32.66
CA THR C 712 21.03 24.51 31.87
C THR C 712 20.91 24.94 30.41
N VAL C 713 21.13 26.22 30.11
CA VAL C 713 21.10 26.69 28.74
C VAL C 713 22.44 26.37 28.09
N ARG C 714 22.41 25.65 26.98
CA ARG C 714 23.62 25.18 26.32
C ARG C 714 23.47 25.29 24.82
N ALA C 715 24.59 25.15 24.12
CA ALA C 715 24.63 25.13 22.67
C ALA C 715 24.76 23.70 22.18
N GLY C 716 23.95 23.34 21.19
CA GLY C 716 23.85 21.97 20.72
C GLY C 716 24.85 21.55 19.66
N GLY C 717 25.81 22.40 19.31
CA GLY C 717 26.76 22.09 18.25
C GLY C 717 27.82 21.10 18.68
N LEU C 718 29.00 21.22 18.08
CA LEU C 718 30.14 20.37 18.43
C LEU C 718 31.41 21.15 18.73
N GLU C 719 31.33 22.48 18.85
CA GLU C 719 32.46 23.29 19.31
C GLU C 719 33.68 23.10 18.40
N ASP C 720 33.54 23.58 17.17
CA ASP C 720 34.61 23.47 16.18
C ASP C 720 35.97 23.68 16.81
N SER C 721 36.91 22.80 16.48
CA SER C 721 38.20 22.70 17.12
C SER C 721 39.33 22.89 16.12
N PRO C 722 40.56 23.01 16.60
CA PRO C 722 41.70 23.21 15.69
C PRO C 722 41.96 21.97 14.84
N GLN C 723 42.62 22.20 13.70
CA GLN C 723 42.87 21.17 12.71
C GLN C 723 44.24 21.37 12.11
N LEU C 724 44.74 20.32 11.46
CA LEU C 724 46.00 20.36 10.72
C LEU C 724 45.69 20.43 9.23
N LYS C 725 46.32 21.39 8.55
CA LYS C 725 46.19 21.56 7.11
C LYS C 725 47.53 21.33 6.45
N ILE C 726 47.52 20.67 5.30
CA ILE C 726 48.73 20.33 4.56
C ILE C 726 48.65 20.97 3.18
N ASP C 727 49.71 21.67 2.79
CA ASP C 727 49.82 22.28 1.46
C ASP C 727 50.89 21.53 0.69
N ILE C 728 50.48 20.83 -0.37
CA ILE C 728 51.41 20.16 -1.26
C ILE C 728 51.84 21.15 -2.33
N ASN C 729 53.15 21.29 -2.52
CA ASN C 729 53.72 22.22 -3.50
C ASN C 729 53.92 21.46 -4.81
N ARG C 730 53.05 21.76 -5.78
CA ARG C 730 53.17 21.10 -7.08
C ARG C 730 54.50 21.40 -7.75
N ALA C 731 54.93 22.65 -7.70
CA ALA C 731 56.16 23.04 -8.40
C ALA C 731 57.36 22.29 -7.84
N ALA C 732 57.52 22.28 -6.50
CA ALA C 732 58.66 21.61 -5.90
C ALA C 732 58.59 20.11 -6.09
N ALA C 733 57.41 19.52 -5.88
CA ALA C 733 57.24 18.09 -6.08
C ALA C 733 57.62 17.69 -7.50
N ALA C 734 57.28 18.52 -8.49
CA ALA C 734 57.67 18.23 -9.87
C ALA C 734 59.18 18.40 -10.06
N ALA C 735 59.73 19.50 -9.56
CA ALA C 735 61.14 19.80 -9.77
C ALA C 735 62.07 18.82 -9.07
N GLN C 736 61.56 18.07 -8.08
CA GLN C 736 62.39 17.10 -7.36
C GLN C 736 62.03 15.67 -7.72
N GLY C 737 61.43 15.45 -8.89
CA GLY C 737 61.12 14.10 -9.32
C GLY C 737 60.13 13.37 -8.45
N VAL C 738 59.32 14.09 -7.68
CA VAL C 738 58.33 13.49 -6.80
C VAL C 738 56.97 13.54 -7.51
N SER C 739 56.31 12.40 -7.58
CA SER C 739 55.01 12.30 -8.24
C SER C 739 53.92 12.80 -7.29
N PHE C 740 52.67 12.56 -7.65
CA PHE C 740 51.53 12.90 -6.82
C PHE C 740 50.78 11.70 -6.28
N ALA C 741 50.71 10.61 -7.04
CA ALA C 741 50.09 9.39 -6.53
C ALA C 741 50.86 8.83 -5.35
N ASP C 742 52.19 8.91 -5.38
CA ASP C 742 52.98 8.45 -4.22
C ASP C 742 52.69 9.31 -3.00
N ILE C 743 52.58 10.63 -3.18
CA ILE C 743 52.25 11.51 -2.06
C ILE C 743 50.90 11.14 -1.48
N ARG C 744 49.90 10.96 -2.34
CA ARG C 744 48.58 10.58 -1.85
C ARG C 744 48.62 9.25 -1.13
N THR C 745 49.35 8.27 -1.69
CA THR C 745 49.43 6.96 -1.07
C THR C 745 50.05 7.03 0.31
N ALA C 746 51.18 7.73 0.43
CA ALA C 746 51.83 7.85 1.73
C ALA C 746 50.91 8.52 2.74
N LEU C 747 50.31 9.66 2.35
CA LEU C 747 49.46 10.40 3.28
C LEU C 747 48.27 9.56 3.73
N ALA C 748 47.61 8.88 2.78
CA ALA C 748 46.42 8.12 3.11
C ALA C 748 46.73 6.76 3.73
N SER C 749 47.99 6.33 3.72
CA SER C 749 48.36 5.07 4.34
C SER C 749 48.96 5.23 5.72
N ALA C 750 49.54 6.38 6.02
CA ALA C 750 50.19 6.56 7.31
C ALA C 750 49.23 6.28 8.47
N LEU C 751 48.05 6.90 8.45
CA LEU C 751 47.17 6.94 9.62
C LEU C 751 45.70 6.74 9.22
N SER C 752 45.43 5.73 8.39
CA SER C 752 44.09 5.53 7.84
C SER C 752 43.43 4.20 8.18
N SER C 753 44.19 3.15 8.49
CA SER C 753 43.62 1.84 8.80
C SER C 753 42.83 1.28 7.61
N SER C 754 43.58 0.98 6.56
CA SER C 754 42.99 0.47 5.33
C SER C 754 42.46 -0.96 5.49
N TYR C 755 41.51 -1.31 4.63
CA TYR C 755 40.85 -2.61 4.59
C TYR C 755 41.37 -3.41 3.40
N VAL C 756 41.76 -4.66 3.65
CA VAL C 756 42.33 -5.48 2.58
C VAL C 756 41.41 -6.63 2.18
N SER C 757 41.18 -7.59 3.07
CA SER C 757 40.48 -8.81 2.69
C SER C 757 39.74 -9.36 3.92
N ASP C 758 39.36 -10.64 3.85
CA ASP C 758 38.62 -11.31 4.91
C ASP C 758 39.32 -12.63 5.26
N PHE C 759 38.84 -13.27 6.32
CA PHE C 759 39.38 -14.55 6.74
C PHE C 759 38.31 -15.29 7.54
N PRO C 760 38.35 -16.62 7.58
CA PRO C 760 37.34 -17.37 8.35
C PRO C 760 37.73 -17.59 9.79
N ASN C 761 36.88 -17.18 10.73
CA ASN C 761 37.14 -17.32 12.16
C ASN C 761 35.97 -18.05 12.80
N GLN C 762 36.18 -19.33 13.14
CA GLN C 762 35.14 -20.16 13.75
C GLN C 762 33.88 -20.20 12.89
N GLY C 763 34.06 -20.58 11.62
CA GLY C 763 32.94 -20.71 10.72
C GLY C 763 32.23 -19.41 10.38
N ARG C 764 32.98 -18.33 10.22
CA ARG C 764 32.40 -17.05 9.82
C ARG C 764 33.51 -16.17 9.27
N LEU C 765 33.19 -15.40 8.24
CA LEU C 765 34.16 -14.53 7.60
C LEU C 765 34.20 -13.19 8.32
N GLN C 766 35.40 -12.73 8.66
CA GLN C 766 35.59 -11.48 9.36
C GLN C 766 36.76 -10.73 8.74
N ARG C 767 36.75 -9.42 8.94
CA ARG C 767 37.61 -8.50 8.20
C ARG C 767 39.05 -8.64 8.63
N VAL C 768 39.94 -8.25 7.71
CA VAL C 768 41.37 -8.09 7.98
C VAL C 768 41.73 -6.66 7.68
N MET C 769 42.31 -5.97 8.65
CA MET C 769 42.59 -4.54 8.53
C MET C 769 44.05 -4.26 8.83
N VAL C 770 44.62 -3.30 8.11
CA VAL C 770 46.01 -2.92 8.23
C VAL C 770 46.08 -1.45 8.63
N GLN C 771 46.89 -1.14 9.63
CA GLN C 771 47.07 0.23 10.06
C GLN C 771 48.44 0.37 10.70
N ALA C 772 48.94 1.59 10.73
CA ALA C 772 50.23 1.86 11.34
C ALA C 772 50.15 1.64 12.85
N ASP C 773 51.32 1.57 13.47
CA ASP C 773 51.39 1.35 14.91
C ASP C 773 50.80 2.54 15.65
N GLY C 774 50.72 2.41 16.97
CA GLY C 774 50.20 3.51 17.78
C GLY C 774 51.24 4.55 18.10
N ASP C 775 52.51 4.26 17.88
CA ASP C 775 53.61 5.16 18.18
C ASP C 775 54.01 6.02 16.99
N ALA C 776 53.27 5.96 15.88
CA ALA C 776 53.59 6.73 14.69
C ALA C 776 52.43 7.59 14.22
N ARG C 777 51.35 7.70 15.00
CA ARG C 777 50.21 8.51 14.63
C ARG C 777 49.69 9.28 15.84
N MET C 778 50.60 9.84 16.64
CA MET C 778 50.24 10.60 17.83
C MET C 778 50.49 12.09 17.70
N GLN C 779 51.71 12.49 17.37
CA GLN C 779 52.08 13.89 17.21
C GLN C 779 52.07 14.26 15.74
N PRO C 780 52.11 15.57 15.43
CA PRO C 780 52.30 15.99 14.04
C PRO C 780 53.72 15.83 13.54
N ALA C 781 54.70 15.62 14.43
CA ALA C 781 56.07 15.45 14.01
C ALA C 781 56.25 14.18 13.19
N ASP C 782 55.43 13.16 13.44
CA ASP C 782 55.47 11.94 12.66
C ASP C 782 54.77 12.06 11.32
N ILE C 783 54.00 13.13 11.12
CA ILE C 783 53.50 13.44 9.78
C ILE C 783 54.50 14.29 9.01
N LEU C 784 55.13 15.24 9.71
CA LEU C 784 56.09 16.12 9.04
C LEU C 784 57.29 15.36 8.48
N ASN C 785 57.60 14.20 9.04
CA ASN C 785 58.85 13.50 8.71
C ASN C 785 58.61 12.32 7.79
N LEU C 786 57.70 12.44 6.84
CA LEU C 786 57.46 11.40 5.85
C LEU C 786 58.26 11.69 4.58
N THR C 787 58.68 10.62 3.91
CA THR C 787 59.45 10.71 2.68
C THR C 787 58.74 9.92 1.59
N VAL C 788 59.11 10.20 0.35
CA VAL C 788 58.43 9.59 -0.81
C VAL C 788 59.47 8.92 -1.71
N PRO C 789 59.05 7.96 -2.54
CA PRO C 789 60.04 7.20 -3.33
C PRO C 789 60.95 8.06 -4.20
N ASN C 790 60.43 9.12 -4.80
CA ASN C 790 61.18 9.96 -5.73
C ASN C 790 61.45 9.26 -7.04
N SER C 791 60.80 8.12 -7.30
CA SER C 791 60.97 7.38 -8.55
C SER C 791 62.31 6.66 -8.58
N SER C 792 63.15 6.89 -7.57
CA SER C 792 64.46 6.24 -7.51
C SER C 792 64.81 5.75 -6.10
N GLY C 793 63.86 5.78 -5.17
CA GLY C 793 64.10 5.32 -3.81
C GLY C 793 64.62 6.39 -2.87
N ILE C 794 64.96 7.57 -3.37
CA ILE C 794 65.45 8.63 -2.51
C ILE C 794 64.35 9.09 -1.56
N ALA C 795 64.74 9.58 -0.38
CA ALA C 795 63.77 9.94 0.64
C ALA C 795 62.93 11.14 0.20
N VAL C 796 63.58 12.26 -0.08
CA VAL C 796 62.86 13.48 -0.44
C VAL C 796 61.92 13.85 0.70
N PRO C 797 62.45 14.35 1.83
CA PRO C 797 61.60 14.60 2.99
C PRO C 797 60.40 15.47 2.64
N LEU C 798 59.28 15.19 3.31
CA LEU C 798 58.02 15.86 3.03
C LEU C 798 58.01 17.32 3.49
N SER C 799 59.00 17.75 4.27
CA SER C 799 59.07 19.15 4.66
C SER C 799 59.49 20.05 3.51
N SER C 800 59.99 19.50 2.41
CA SER C 800 60.40 20.28 1.26
C SER C 800 59.30 20.44 0.21
N ILE C 801 58.37 19.48 0.16
CA ILE C 801 57.31 19.50 -0.85
C ILE C 801 55.95 19.56 -0.16
N ALA C 802 55.90 20.19 1.01
CA ALA C 802 54.64 20.30 1.75
C ALA C 802 54.81 21.18 2.97
N THR C 803 53.71 21.81 3.41
CA THR C 803 53.71 22.67 4.58
C THR C 803 52.57 22.25 5.51
N VAL C 804 52.89 22.09 6.79
CA VAL C 804 51.90 21.70 7.79
C VAL C 804 51.70 22.87 8.74
N SER C 805 50.44 23.27 8.94
CA SER C 805 50.11 24.40 9.78
C SER C 805 48.79 24.14 10.49
N TRP C 806 48.64 24.75 11.66
CA TRP C 806 47.44 24.62 12.47
C TRP C 806 46.36 25.59 11.99
N GLN C 807 45.11 25.20 12.19
CA GLN C 807 43.98 26.03 11.79
C GLN C 807 42.82 25.75 12.74
N MET C 808 41.73 26.47 12.52
CA MET C 808 40.48 26.26 13.25
C MET C 808 39.38 26.03 12.23
N GLY C 809 38.65 24.92 12.38
CA GLY C 809 37.66 24.55 11.41
C GLY C 809 36.39 24.06 12.06
N THR C 810 35.30 24.16 11.32
CA THR C 810 33.98 23.76 11.81
C THR C 810 33.85 22.25 11.79
N GLU C 811 33.45 21.69 12.94
CA GLU C 811 33.28 20.25 13.06
C GLU C 811 31.87 19.79 12.69
N GLN C 812 30.95 20.70 12.43
CA GLN C 812 29.59 20.31 12.09
C GLN C 812 28.90 21.48 11.41
N SER C 813 28.03 21.16 10.45
CA SER C 813 27.20 22.12 9.75
C SER C 813 25.78 21.61 9.70
N VAL C 814 24.81 22.49 9.98
CA VAL C 814 23.42 22.10 10.09
C VAL C 814 22.54 23.07 9.31
N ARG C 815 21.38 22.59 8.89
CA ARG C 815 20.39 23.40 8.20
C ARG C 815 19.01 22.93 8.60
N PHE C 816 18.05 23.86 8.58
CA PHE C 816 16.67 23.57 8.99
C PHE C 816 15.72 24.22 8.02
N ASN C 817 15.04 23.41 7.21
CA ASN C 817 14.08 23.90 6.22
C ASN C 817 14.76 24.66 5.09
N GLY C 818 15.99 24.26 4.73
CA GLY C 818 16.72 24.90 3.67
C GLY C 818 17.51 26.14 4.07
N TYR C 819 17.49 26.52 5.35
CA TYR C 819 18.19 27.70 5.83
C TYR C 819 19.25 27.30 6.85
N PRO C 820 20.43 27.89 6.80
CA PRO C 820 21.44 27.60 7.84
C PRO C 820 20.90 27.96 9.21
N ALA C 821 21.13 27.07 10.18
CA ALA C 821 20.63 27.25 11.53
C ALA C 821 21.63 26.70 12.54
N MET C 822 21.56 27.25 13.75
CA MET C 822 22.33 26.76 14.88
C MET C 822 21.41 26.61 16.07
N GLU C 823 21.55 25.49 16.78
CA GLU C 823 20.60 25.09 17.81
C GLU C 823 21.14 25.38 19.20
N LEU C 824 20.23 25.70 20.11
CA LEU C 824 20.54 25.87 21.53
C LEU C 824 19.35 25.37 22.34
N SER C 825 19.52 25.34 23.65
CA SER C 825 18.53 24.74 24.53
C SER C 825 18.49 25.48 25.86
N GLY C 826 17.61 25.02 26.74
CA GLY C 826 17.46 25.61 28.06
C GLY C 826 16.27 24.99 28.75
N SER C 827 16.17 25.28 30.05
CA SER C 827 15.09 24.76 30.87
C SER C 827 14.52 25.86 31.75
N PRO C 828 13.21 25.87 31.97
CA PRO C 828 12.61 26.95 32.76
C PRO C 828 13.00 26.87 34.22
N ALA C 829 12.82 28.00 34.91
CA ALA C 829 13.19 28.12 36.31
C ALA C 829 12.25 27.27 37.16
N THR C 830 12.42 27.33 38.47
CA THR C 830 11.66 26.47 39.37
C THR C 830 10.16 26.76 39.28
N GLY C 831 9.77 28.02 39.42
CA GLY C 831 8.39 28.42 39.42
C GLY C 831 7.87 28.97 38.11
N VAL C 832 8.59 28.81 37.01
CA VAL C 832 8.22 29.35 35.72
C VAL C 832 7.75 28.21 34.81
N SER C 833 6.64 28.43 34.13
CA SER C 833 6.06 27.43 33.25
C SER C 833 6.82 27.43 31.92
N THR C 834 6.27 26.74 30.92
CA THR C 834 6.88 26.65 29.60
C THR C 834 6.42 27.74 28.66
N GLY C 835 5.13 28.09 28.68
CA GLY C 835 4.65 29.16 27.81
C GLY C 835 5.30 30.50 28.11
N GLN C 836 5.55 30.80 29.38
CA GLN C 836 6.22 32.04 29.73
C GLN C 836 7.63 32.09 29.18
N ALA C 837 8.37 30.98 29.32
CA ALA C 837 9.72 30.92 28.79
C ALA C 837 9.72 31.05 27.27
N MET C 838 8.77 30.39 26.59
CA MET C 838 8.70 30.51 25.15
C MET C 838 8.37 31.93 24.71
N GLU C 839 7.48 32.61 25.43
CA GLU C 839 7.18 34.00 25.12
C GLU C 839 8.42 34.87 25.28
N ALA C 840 9.17 34.68 26.37
CA ALA C 840 10.37 35.47 26.57
C ALA C 840 11.39 35.22 25.46
N VAL C 841 11.57 33.96 25.07
CA VAL C 841 12.54 33.65 24.03
C VAL C 841 12.12 34.27 22.70
N GLN C 842 10.82 34.23 22.38
CA GLN C 842 10.35 34.86 21.15
C GLN C 842 10.60 36.35 21.17
N LYS C 843 10.36 37.00 22.31
CA LYS C 843 10.64 38.44 22.41
C LYS C 843 12.12 38.73 22.21
N MET C 844 13.00 37.91 22.80
CA MET C 844 14.43 38.12 22.62
C MET C 844 14.83 37.98 21.16
N VAL C 845 14.33 36.93 20.50
CA VAL C 845 14.68 36.72 19.09
C VAL C 845 14.17 37.88 18.24
N ASP C 846 12.97 38.40 18.54
CA ASP C 846 12.49 39.57 17.82
C ASP C 846 13.37 40.78 18.06
N GLU C 847 13.84 40.97 19.29
CA GLU C 847 14.74 42.07 19.58
C GLU C 847 16.10 41.93 18.89
N LEU C 848 16.50 40.70 18.54
CA LEU C 848 17.76 40.53 17.81
C LEU C 848 17.78 41.38 16.55
N GLY C 849 16.76 41.27 15.74
CA GLY C 849 16.66 42.04 14.52
C GLY C 849 15.92 41.28 13.44
N SER C 850 16.22 41.62 12.20
CA SER C 850 15.61 40.99 11.04
C SER C 850 16.66 40.16 10.29
N GLY C 851 16.18 39.15 9.58
CA GLY C 851 17.04 38.19 8.94
C GLY C 851 17.31 36.95 9.76
N TYR C 852 16.95 36.96 11.04
CA TYR C 852 17.07 35.81 11.92
C TYR C 852 15.68 35.43 12.42
N SER C 853 15.33 34.16 12.29
CA SER C 853 14.02 33.66 12.69
C SER C 853 14.16 32.52 13.67
N LEU C 854 13.08 32.26 14.40
CA LEU C 854 13.06 31.24 15.44
C LEU C 854 12.14 30.10 15.01
N GLU C 855 12.67 28.87 15.04
CA GLU C 855 11.90 27.68 14.73
C GLU C 855 12.00 26.71 15.89
N TRP C 856 10.84 26.21 16.33
CA TRP C 856 10.78 25.31 17.47
C TRP C 856 11.08 23.88 17.04
N GLY C 857 11.23 23.00 18.02
CA GLY C 857 11.48 21.60 17.76
C GLY C 857 11.11 20.70 18.91
N GLY C 858 10.73 19.46 18.61
CA GLY C 858 10.35 18.52 19.65
C GLY C 858 8.91 18.73 20.07
N GLN C 859 8.66 18.72 21.38
CA GLN C 859 7.33 19.00 21.89
C GLN C 859 7.02 20.48 21.95
N SER C 860 8.00 21.34 21.68
CA SER C 860 7.73 22.78 21.61
C SER C 860 6.86 23.14 20.41
N ARG C 861 7.02 22.42 19.29
CA ARG C 861 6.16 22.68 18.15
C ARG C 861 4.70 22.40 18.48
N GLU C 862 4.43 21.28 19.15
CA GLU C 862 3.07 20.97 19.57
C GLU C 862 2.58 21.97 20.60
N GLU C 863 3.43 22.29 21.58
CA GLU C 863 3.06 23.28 22.60
C GLU C 863 2.70 24.61 21.97
N ALA C 864 3.35 24.98 20.87
CA ALA C 864 3.09 26.25 20.20
C ALA C 864 1.84 26.20 19.33
N LYS C 865 1.71 25.15 18.51
CA LYS C 865 0.54 25.06 17.64
C LYS C 865 -0.75 24.91 18.44
N GLY C 866 -0.71 24.19 19.55
CA GLY C 866 -1.90 24.01 20.36
C GLY C 866 -2.22 25.22 21.23
N GLY C 867 -2.18 26.41 20.64
CA GLY C 867 -2.49 27.61 21.38
C GLY C 867 -3.71 28.32 20.83
N SER C 868 -3.98 28.13 19.53
CA SER C 868 -5.16 28.69 18.88
C SER C 868 -6.28 27.68 18.71
N GLN C 869 -6.01 26.39 18.95
CA GLN C 869 -7.06 25.38 18.82
C GLN C 869 -8.06 25.42 19.97
N THR C 870 -7.67 25.94 21.13
CA THR C 870 -8.55 25.89 22.29
C THR C 870 -9.77 26.78 22.11
N ILE C 871 -9.58 28.01 21.62
CA ILE C 871 -10.71 28.91 21.44
C ILE C 871 -11.66 28.37 20.38
N ALA C 872 -11.11 27.83 19.28
CA ALA C 872 -11.95 27.24 18.25
C ALA C 872 -12.71 26.04 18.79
N LEU C 873 -12.06 25.22 19.62
CA LEU C 873 -12.73 24.07 20.21
C LEU C 873 -13.90 24.50 21.09
N TYR C 874 -13.69 25.52 21.92
CA TYR C 874 -14.77 26.00 22.77
C TYR C 874 -15.92 26.55 21.93
N ALA C 875 -15.61 27.32 20.90
CA ALA C 875 -16.65 27.87 20.04
C ALA C 875 -17.42 26.75 19.35
N LEU C 876 -16.72 25.73 18.86
CA LEU C 876 -17.39 24.62 18.20
C LEU C 876 -18.32 23.89 19.16
N ALA C 877 -17.87 23.64 20.39
CA ALA C 877 -18.72 22.97 21.36
C ALA C 877 -19.98 23.79 21.63
N ALA C 878 -19.82 25.09 21.85
CA ALA C 878 -20.98 25.94 22.11
C ALA C 878 -21.95 25.93 20.94
N VAL C 879 -21.43 26.04 19.71
CA VAL C 879 -22.31 26.07 18.54
C VAL C 879 -23.05 24.75 18.39
N ALA C 880 -22.34 23.63 18.58
CA ALA C 880 -22.99 22.33 18.46
C ALA C 880 -24.10 22.18 19.48
N VAL C 881 -23.85 22.57 20.73
CA VAL C 881 -24.88 22.48 21.75
C VAL C 881 -26.08 23.33 21.36
N PHE C 882 -25.84 24.57 20.93
CA PHE C 882 -26.93 25.47 20.57
C PHE C 882 -27.78 24.85 19.46
N LEU C 883 -27.13 24.39 18.39
CA LEU C 883 -27.88 23.90 17.24
C LEU C 883 -28.67 22.63 17.59
N VAL C 884 -28.04 21.70 18.30
CA VAL C 884 -28.74 20.46 18.65
C VAL C 884 -29.94 20.76 19.53
N LEU C 885 -29.75 21.62 20.53
CA LEU C 885 -30.86 21.92 21.44
C LEU C 885 -32.00 22.62 20.70
N ALA C 886 -31.66 23.57 19.83
CA ALA C 886 -32.71 24.26 19.07
C ALA C 886 -33.48 23.31 18.18
N ALA C 887 -32.78 22.39 17.52
CA ALA C 887 -33.47 21.40 16.69
C ALA C 887 -34.34 20.48 17.54
N LEU C 888 -33.87 20.10 18.73
CA LEU C 888 -34.61 19.16 19.57
C LEU C 888 -35.88 19.78 20.13
N TYR C 889 -35.80 21.01 20.65
CA TYR C 889 -36.92 21.63 21.34
C TYR C 889 -37.70 22.61 20.48
N GLU C 890 -37.31 22.82 19.22
CA GLU C 890 -38.08 23.62 18.28
C GLU C 890 -38.26 25.05 18.78
N SER C 891 -37.15 25.77 18.92
CA SER C 891 -37.21 27.16 19.33
C SER C 891 -35.83 27.78 19.21
N TRP C 892 -35.79 29.08 18.96
CA TRP C 892 -34.55 29.83 18.90
C TRP C 892 -34.20 30.51 20.23
N SER C 893 -35.09 30.45 21.23
CA SER C 893 -34.89 31.17 22.48
C SER C 893 -34.59 30.28 23.66
N ILE C 894 -34.79 28.97 23.56
CA ILE C 894 -34.44 28.04 24.63
C ILE C 894 -32.93 27.85 24.65
N PRO C 895 -32.31 27.52 23.52
CA PRO C 895 -30.84 27.38 23.53
C PRO C 895 -30.13 28.65 23.95
N LEU C 896 -30.68 29.82 23.63
CA LEU C 896 -30.06 31.06 24.06
C LEU C 896 -30.03 31.17 25.58
N ALA C 897 -31.11 30.75 26.25
CA ALA C 897 -31.13 30.74 27.71
C ALA C 897 -30.31 29.61 28.31
N VAL C 898 -30.11 28.52 27.58
CA VAL C 898 -29.28 27.44 28.11
C VAL C 898 -27.80 27.74 27.97
N LEU C 899 -27.42 28.56 26.99
CA LEU C 899 -26.00 28.83 26.76
C LEU C 899 -25.41 29.79 27.79
N LEU C 900 -26.23 30.48 28.57
CA LEU C 900 -25.73 31.47 29.51
C LEU C 900 -25.16 30.87 30.79
N VAL C 901 -24.94 29.55 30.83
CA VAL C 901 -24.39 28.89 32.01
C VAL C 901 -22.91 28.55 31.82
N MET C 902 -22.37 28.73 30.62
CA MET C 902 -20.95 28.47 30.40
C MET C 902 -20.08 29.38 31.25
N PRO C 903 -20.32 30.69 31.32
CA PRO C 903 -19.47 31.57 32.12
C PRO C 903 -19.37 31.15 33.58
N LEU C 904 -20.45 30.62 34.16
CA LEU C 904 -20.39 30.20 35.55
C LEU C 904 -19.38 29.06 35.74
N GLY C 905 -19.41 28.07 34.85
CA GLY C 905 -18.46 26.99 34.93
C GLY C 905 -17.03 27.46 34.70
N LEU C 906 -16.83 28.35 33.72
CA LEU C 906 -15.49 28.87 33.48
C LEU C 906 -14.96 29.60 34.71
N ALA C 907 -15.80 30.45 35.31
CA ALA C 907 -15.38 31.18 36.50
C ALA C 907 -15.02 30.23 37.62
N GLY C 908 -15.86 29.21 37.83
CA GLY C 908 -15.58 28.26 38.90
C GLY C 908 -14.25 27.55 38.69
N ALA C 909 -14.01 27.04 37.48
CA ALA C 909 -12.78 26.30 37.23
C ALA C 909 -11.55 27.18 37.39
N ALA C 910 -11.57 28.38 36.80
CA ALA C 910 -10.42 29.27 36.90
C ALA C 910 -10.15 29.67 38.35
N ALA C 911 -11.21 30.01 39.09
CA ALA C 911 -11.03 30.38 40.48
C ALA C 911 -10.48 29.23 41.30
N GLY C 912 -10.94 27.99 41.04
CA GLY C 912 -10.42 26.86 41.76
C GLY C 912 -8.93 26.63 41.51
N VAL C 913 -8.52 26.73 40.24
CA VAL C 913 -7.10 26.55 39.93
C VAL C 913 -6.27 27.62 40.61
N THR C 914 -6.70 28.88 40.52
CA THR C 914 -5.97 29.97 41.15
C THR C 914 -5.87 29.78 42.66
N GLY C 915 -6.99 29.38 43.28
CA GLY C 915 -6.99 29.20 44.72
C GLY C 915 -6.07 28.07 45.16
N ARG C 916 -6.05 26.97 44.42
CA ARG C 916 -5.17 25.88 44.80
C ARG C 916 -3.71 26.26 44.61
N ASN C 917 -3.40 27.03 43.57
CA ASN C 917 -2.03 27.54 43.44
C ASN C 917 -1.66 28.41 44.64
N LEU C 918 -2.57 29.30 45.06
CA LEU C 918 -2.30 30.13 46.23
C LEU C 918 -2.07 29.29 47.46
N PHE C 919 -2.89 28.26 47.66
CA PHE C 919 -2.76 27.40 48.82
C PHE C 919 -1.42 26.67 48.81
N GLU C 920 -1.03 26.14 47.65
CA GLU C 920 0.26 25.47 47.54
C GLU C 920 1.40 26.41 47.87
N GLY C 921 1.36 27.63 47.32
CA GLY C 921 2.40 28.59 47.63
C GLY C 921 2.47 28.93 49.11
N LEU C 922 1.30 29.14 49.72
CA LEU C 922 1.26 29.47 51.14
C LEU C 922 1.82 28.33 52.00
N LEU C 923 1.49 27.08 51.64
CA LEU C 923 1.98 25.94 52.41
C LEU C 923 3.50 25.90 52.43
N GLY C 924 4.12 26.16 51.28
CA GLY C 924 5.57 26.14 51.19
C GLY C 924 6.10 25.46 49.94
N SER C 925 5.20 25.03 49.07
CA SER C 925 5.57 24.40 47.81
C SER C 925 5.69 25.44 46.71
N VAL C 926 5.80 24.99 45.47
CA VAL C 926 5.82 25.85 44.30
C VAL C 926 4.59 25.56 43.47
N PRO C 927 3.80 26.56 43.10
CA PRO C 927 2.59 26.29 42.30
C PRO C 927 2.94 25.57 41.01
N SER C 928 2.12 24.57 40.67
CA SER C 928 2.38 23.71 39.53
C SER C 928 1.19 23.50 38.61
N PHE C 929 0.03 24.08 38.93
CA PHE C 929 -1.14 23.92 38.08
C PHE C 929 -1.15 25.01 37.01
N ALA C 930 -1.51 24.61 35.78
CA ALA C 930 -1.44 25.52 34.65
C ALA C 930 -2.61 25.23 33.71
N ASN C 931 -2.59 25.90 32.56
CA ASN C 931 -3.63 25.74 31.53
C ASN C 931 -3.13 24.77 30.47
N ASP C 932 -3.04 23.50 30.85
CA ASP C 932 -2.55 22.42 30.00
C ASP C 932 -3.73 21.60 29.46
N ILE C 933 -3.42 20.48 28.81
CA ILE C 933 -4.44 19.67 28.14
C ILE C 933 -5.54 19.26 29.12
N TYR C 934 -5.15 18.82 30.32
CA TYR C 934 -6.11 18.36 31.30
C TYR C 934 -7.11 19.46 31.64
N PHE C 935 -6.65 20.70 31.71
CA PHE C 935 -7.57 21.81 31.96
C PHE C 935 -8.62 21.90 30.85
N GLN C 936 -8.20 21.75 29.59
CA GLN C 936 -9.14 21.86 28.49
C GLN C 936 -10.17 20.73 28.53
N VAL C 937 -9.72 19.50 28.75
CA VAL C 937 -10.67 18.38 28.80
C VAL C 937 -11.64 18.55 29.98
N GLY C 938 -11.12 18.94 31.14
CA GLY C 938 -11.98 19.16 32.28
C GLY C 938 -12.98 20.28 32.06
N PHE C 939 -12.58 21.34 31.38
CA PHE C 939 -13.50 22.42 31.10
C PHE C 939 -14.59 22.01 30.11
N VAL C 940 -14.24 21.20 29.12
CA VAL C 940 -15.29 20.69 28.23
C VAL C 940 -16.28 19.85 29.01
N THR C 941 -15.79 18.99 29.90
CA THR C 941 -16.69 18.19 30.73
C THR C 941 -17.59 19.08 31.59
N VAL C 942 -17.01 20.12 32.18
CA VAL C 942 -17.78 21.04 33.02
C VAL C 942 -18.86 21.74 32.20
N MET C 943 -18.52 22.16 30.98
CA MET C 943 -19.50 22.78 30.11
C MET C 943 -20.67 21.84 29.86
N GLY C 944 -20.37 20.58 29.52
CA GLY C 944 -21.45 19.64 29.28
C GLY C 944 -22.34 19.45 30.49
N LEU C 945 -21.73 19.28 31.67
CA LEU C 945 -22.51 19.05 32.88
C LEU C 945 -23.37 20.26 33.23
N SER C 946 -22.82 21.47 33.09
CA SER C 946 -23.59 22.67 33.38
C SER C 946 -24.76 22.82 32.41
N ALA C 947 -24.54 22.52 31.14
CA ALA C 947 -25.64 22.57 30.18
C ALA C 947 -26.73 21.57 30.55
N LYS C 948 -26.34 20.37 30.98
CA LYS C 948 -27.33 19.39 31.43
C LYS C 948 -28.15 19.93 32.60
N ASN C 949 -27.45 20.51 33.59
CA ASN C 949 -28.16 21.04 34.76
C ASN C 949 -29.14 22.13 34.35
N ALA C 950 -28.75 23.01 33.43
CA ALA C 950 -29.65 24.08 33.00
C ALA C 950 -30.85 23.53 32.26
N ILE C 951 -30.64 22.59 31.34
CA ILE C 951 -31.75 22.06 30.55
C ILE C 951 -32.74 21.34 31.45
N LEU C 952 -32.25 20.66 32.49
CA LEU C 952 -33.15 19.93 33.37
C LEU C 952 -34.27 20.80 33.92
N ILE C 953 -34.01 22.10 34.10
CA ILE C 953 -35.01 23.02 34.58
C ILE C 953 -35.72 23.73 33.43
N ILE C 954 -34.96 24.12 32.40
CA ILE C 954 -35.53 24.90 31.31
C ILE C 954 -36.63 24.11 30.60
N GLU C 955 -36.38 22.84 30.31
CA GLU C 955 -37.36 22.06 29.55
C GLU C 955 -38.65 21.87 30.35
N PHE C 956 -38.54 21.57 31.64
CA PHE C 956 -39.74 21.40 32.45
C PHE C 956 -40.51 22.70 32.57
N ALA C 957 -39.83 23.82 32.77
CA ALA C 957 -40.53 25.10 32.85
C ALA C 957 -41.22 25.42 31.53
N LYS C 958 -40.57 25.13 30.40
CA LYS C 958 -41.20 25.38 29.10
C LYS C 958 -42.44 24.53 28.93
N ASP C 959 -42.37 23.25 29.29
CA ASP C 959 -43.54 22.38 29.18
C ASP C 959 -44.66 22.85 30.09
N LEU C 960 -44.33 23.30 31.30
CA LEU C 960 -45.33 23.68 32.28
C LEU C 960 -45.98 25.01 31.98
N GLN C 961 -45.26 25.98 31.41
CA GLN C 961 -45.86 27.28 31.14
C GLN C 961 -46.83 27.21 29.98
N ALA C 962 -46.64 26.27 29.04
CA ALA C 962 -47.51 26.18 27.88
C ALA C 962 -48.96 25.97 28.24
N GLN C 963 -49.29 25.72 29.50
CA GLN C 963 -50.66 25.54 29.96
C GLN C 963 -50.97 26.58 31.03
N GLY C 964 -51.33 27.79 30.59
CA GLY C 964 -51.91 28.78 31.48
C GLY C 964 -51.02 29.22 32.63
N LYS C 965 -49.72 28.97 32.56
CA LYS C 965 -48.80 29.37 33.62
C LYS C 965 -47.94 30.53 33.15
N SER C 966 -47.85 31.57 33.98
CA SER C 966 -47.03 32.72 33.66
C SER C 966 -45.57 32.29 33.63
N ALA C 967 -44.69 33.22 33.27
CA ALA C 967 -43.26 32.90 33.25
C ALA C 967 -42.71 32.72 34.66
N VAL C 968 -43.02 33.64 35.56
CA VAL C 968 -42.49 33.57 36.92
C VAL C 968 -43.03 32.35 37.66
N GLU C 969 -44.34 32.09 37.53
CA GLU C 969 -44.92 30.93 38.20
C GLU C 969 -44.30 29.64 37.68
N ALA C 970 -44.16 29.52 36.35
CA ALA C 970 -43.57 28.33 35.78
C ALA C 970 -42.14 28.14 36.25
N ALA C 971 -41.36 29.23 36.28
CA ALA C 971 -39.98 29.14 36.72
C ALA C 971 -39.90 28.67 38.17
N LEU C 972 -40.72 29.26 39.04
CA LEU C 972 -40.68 28.87 40.45
C LEU C 972 -41.07 27.42 40.62
N GLU C 973 -42.15 26.98 39.97
CA GLU C 973 -42.57 25.60 40.11
C GLU C 973 -41.51 24.63 39.58
N ALA C 974 -40.91 24.96 38.43
CA ALA C 974 -39.89 24.08 37.88
C ALA C 974 -38.69 23.98 38.81
N ALA C 975 -38.25 25.10 39.36
CA ALA C 975 -37.13 25.07 40.30
C ALA C 975 -37.47 24.21 41.52
N ARG C 976 -38.66 24.42 42.07
CA ARG C 976 -39.05 23.69 43.27
C ARG C 976 -39.09 22.19 43.03
N LEU C 977 -39.64 21.79 41.89
CA LEU C 977 -39.76 20.35 41.62
C LEU C 977 -38.44 19.72 41.21
N ARG C 978 -37.55 20.48 40.57
CA ARG C 978 -36.31 19.90 40.06
C ARG C 978 -35.12 20.05 40.99
N PHE C 979 -35.27 20.77 42.11
CA PHE C 979 -34.15 20.97 43.02
C PHE C 979 -33.43 19.66 43.34
N ARG C 980 -34.13 18.71 43.95
CA ARG C 980 -33.44 17.56 44.55
C ARG C 980 -32.65 16.73 43.56
N PRO C 981 -33.20 16.31 42.42
CA PRO C 981 -32.40 15.51 41.48
C PRO C 981 -31.15 16.23 41.00
N ILE C 982 -31.21 17.54 40.84
CA ILE C 982 -30.03 18.30 40.43
C ILE C 982 -28.92 18.15 41.46
N ILE C 983 -29.26 18.31 42.74
CA ILE C 983 -28.27 18.18 43.80
C ILE C 983 -27.72 16.75 43.83
N MET C 984 -28.60 15.76 43.71
CA MET C 984 -28.14 14.38 43.73
C MET C 984 -27.12 14.13 42.63
N THR C 985 -27.50 14.47 41.39
CA THR C 985 -26.62 14.19 40.25
C THR C 985 -25.34 15.00 40.28
N SER C 986 -25.36 16.22 40.82
CA SER C 986 -24.14 17.01 40.89
C SER C 986 -23.19 16.48 41.97
N PHE C 987 -23.72 16.20 43.16
CA PHE C 987 -22.84 15.78 44.23
C PHE C 987 -22.36 14.34 44.06
N ALA C 988 -23.11 13.50 43.33
CA ALA C 988 -22.55 12.19 43.00
C ALA C 988 -21.28 12.34 42.19
N PHE C 989 -21.29 13.22 41.19
CA PHE C 989 -20.09 13.47 40.39
C PHE C 989 -18.97 14.07 41.23
N ILE C 990 -19.31 15.02 42.10
CA ILE C 990 -18.28 15.67 42.92
C ILE C 990 -17.59 14.63 43.81
N LEU C 991 -18.38 13.81 44.51
CA LEU C 991 -17.80 12.80 45.38
C LEU C 991 -17.03 11.76 44.57
N GLY C 992 -17.50 11.42 43.38
CA GLY C 992 -16.76 10.49 42.55
C GLY C 992 -15.41 11.01 42.13
N VAL C 993 -15.32 12.30 41.80
CA VAL C 993 -14.05 12.88 41.36
C VAL C 993 -13.15 13.27 42.52
N VAL C 994 -13.66 13.27 43.75
CA VAL C 994 -12.80 13.57 44.90
C VAL C 994 -11.56 12.69 44.93
N PRO C 995 -11.64 11.38 44.70
CA PRO C 995 -10.42 10.55 44.72
C PRO C 995 -9.27 11.11 43.91
N LEU C 996 -9.54 11.70 42.75
CA LEU C 996 -8.47 12.28 41.94
C LEU C 996 -7.90 13.53 42.59
N TYR C 997 -8.76 14.33 43.25
CA TYR C 997 -8.33 15.60 43.81
C TYR C 997 -7.19 15.42 44.80
N ILE C 998 -7.16 14.29 45.51
CA ILE C 998 -6.16 14.06 46.55
C ILE C 998 -5.25 12.91 46.16
N ALA C 999 -5.04 12.72 44.86
CA ALA C 999 -4.21 11.62 44.39
C ALA C 999 -2.81 11.72 44.95
N GLY C 1000 -2.06 10.63 44.83
CA GLY C 1000 -0.69 10.58 45.31
C GLY C 1000 0.00 9.29 44.96
N GLY C 1001 1.32 9.33 44.79
CA GLY C 1001 2.07 8.14 44.45
C GLY C 1001 2.76 8.20 43.10
N ALA C 1002 2.37 7.31 42.20
CA ALA C 1002 2.96 7.22 40.86
C ALA C 1002 1.97 7.75 39.84
N SER C 1003 2.39 8.75 39.08
CA SER C 1003 1.55 9.36 38.04
C SER C 1003 0.38 10.13 38.65
N SER C 1004 0.65 10.88 39.72
CA SER C 1004 -0.37 11.63 40.43
C SER C 1004 -0.50 13.09 39.97
N ALA C 1005 0.50 13.62 39.27
CA ALA C 1005 0.43 15.02 38.84
C ALA C 1005 -0.74 15.25 37.90
N SER C 1006 -0.90 14.38 36.90
CA SER C 1006 -2.00 14.53 35.96
C SER C 1006 -3.35 14.34 36.66
N GLN C 1007 -3.43 13.36 37.56
CA GLN C 1007 -4.66 13.15 38.30
C GLN C 1007 -5.06 14.40 39.06
N ARG C 1008 -4.12 14.98 39.81
CA ARG C 1008 -4.43 16.19 40.55
C ARG C 1008 -4.80 17.33 39.62
N ALA C 1009 -4.08 17.47 38.50
CA ALA C 1009 -4.36 18.56 37.57
C ALA C 1009 -5.79 18.50 37.04
N ILE C 1010 -6.24 17.31 36.64
CA ILE C 1010 -7.61 17.21 36.14
C ILE C 1010 -8.62 17.35 37.28
N GLY C 1011 -8.32 16.75 38.43
CA GLY C 1011 -9.28 16.77 39.53
C GLY C 1011 -9.57 18.17 40.04
N THR C 1012 -8.53 19.00 40.18
CA THR C 1012 -8.74 20.34 40.70
C THR C 1012 -9.77 21.09 39.85
N THR C 1013 -9.52 21.14 38.54
CA THR C 1013 -10.39 21.89 37.65
C THR C 1013 -11.80 21.32 37.66
N VAL C 1014 -11.93 20.00 37.46
CA VAL C 1014 -13.27 19.43 37.35
C VAL C 1014 -14.05 19.64 38.65
N PHE C 1015 -13.42 19.36 39.79
CA PHE C 1015 -14.08 19.47 41.08
C PHE C 1015 -14.58 20.88 41.32
N TRP C 1016 -13.69 21.87 41.22
CA TRP C 1016 -14.09 23.22 41.58
C TRP C 1016 -15.08 23.79 40.57
N GLY C 1017 -14.86 23.52 39.28
CA GLY C 1017 -15.80 23.99 38.28
C GLY C 1017 -17.20 23.46 38.52
N MET C 1018 -17.30 22.15 38.77
CA MET C 1018 -18.63 21.57 39.00
C MET C 1018 -19.27 22.16 40.24
N LEU C 1019 -18.53 22.25 41.35
CA LEU C 1019 -19.13 22.76 42.58
C LEU C 1019 -19.65 24.18 42.40
N ILE C 1020 -18.80 25.08 41.91
CA ILE C 1020 -19.20 26.48 41.79
C ILE C 1020 -20.30 26.63 40.76
N GLY C 1021 -20.19 25.94 39.62
CA GLY C 1021 -21.20 26.06 38.60
C GLY C 1021 -22.56 25.61 39.08
N THR C 1022 -22.61 24.49 39.82
CA THR C 1022 -23.90 24.03 40.34
C THR C 1022 -24.48 25.02 41.33
N LEU C 1023 -23.65 25.50 42.27
CA LEU C 1023 -24.16 26.42 43.28
C LEU C 1023 -24.71 27.70 42.64
N LEU C 1024 -24.03 28.22 41.62
CA LEU C 1024 -24.52 29.44 40.97
C LEU C 1024 -25.72 29.16 40.08
N SER C 1025 -25.72 28.03 39.36
CA SER C 1025 -26.80 27.75 38.42
C SER C 1025 -28.13 27.57 39.14
N VAL C 1026 -28.13 26.81 40.25
CA VAL C 1026 -29.39 26.55 40.93
C VAL C 1026 -30.09 27.83 41.32
N PHE C 1027 -29.37 28.95 41.40
CA PHE C 1027 -29.97 30.24 41.73
C PHE C 1027 -30.14 31.15 40.53
N LEU C 1028 -29.37 30.95 39.46
CA LEU C 1028 -29.41 31.88 38.34
C LEU C 1028 -30.25 31.41 37.16
N VAL C 1029 -30.46 30.11 36.99
CA VAL C 1029 -31.13 29.60 35.79
C VAL C 1029 -32.54 30.15 35.64
N PRO C 1030 -33.36 30.16 36.69
CA PRO C 1030 -34.70 30.74 36.57
C PRO C 1030 -34.68 32.18 36.07
N LEU C 1031 -33.73 32.97 36.53
CA LEU C 1031 -33.60 34.34 36.06
C LEU C 1031 -33.31 34.39 34.57
N PHE C 1032 -32.43 33.50 34.09
CA PHE C 1032 -32.14 33.43 32.66
C PHE C 1032 -33.40 33.12 31.88
N TYR C 1033 -34.16 32.13 32.33
CA TYR C 1033 -35.39 31.76 31.62
C TYR C 1033 -36.35 32.95 31.57
N VAL C 1034 -36.57 33.60 32.71
CA VAL C 1034 -37.54 34.69 32.77
C VAL C 1034 -37.11 35.84 31.85
N VAL C 1035 -35.83 36.22 31.93
CA VAL C 1035 -35.36 37.35 31.14
C VAL C 1035 -35.44 37.04 29.65
N VAL C 1036 -35.00 35.85 29.25
CA VAL C 1036 -35.05 35.49 27.84
C VAL C 1036 -36.47 35.45 27.33
N ARG C 1037 -37.39 34.88 28.10
CA ARG C 1037 -38.79 34.86 27.68
C ARG C 1037 -39.37 36.26 27.58
N LYS C 1038 -39.00 37.15 28.51
CA LYS C 1038 -39.54 38.50 28.51
C LYS C 1038 -39.02 39.33 27.34
N PHE C 1039 -37.76 39.18 26.97
CA PHE C 1039 -37.20 40.02 25.91
C PHE C 1039 -37.55 39.47 24.53
N PHE C 1040 -37.15 38.23 24.24
CA PHE C 1040 -37.50 37.59 22.96
C PHE C 1040 -38.89 36.97 23.10
N LYS C 1041 -39.90 37.83 23.01
CA LYS C 1041 -41.29 37.39 23.19
C LYS C 1041 -41.62 36.25 22.24
N GLU C 1042 -42.68 35.50 22.56
CA GLU C 1042 -43.07 34.36 21.74
C GLU C 1042 -42.01 33.26 21.82
C02 RE6 D 1 15.32 13.86 -22.22
C75 RE6 D 1 15.87 13.17 -20.98
C76 RE6 D 1 14.97 13.37 -19.76
C77 RE6 D 1 15.16 12.25 -18.73
C78 RE6 D 1 15.14 12.73 -17.28
C79 RE6 D 1 15.28 11.54 -16.34
C80 RE6 D 1 13.88 13.52 -16.93
C81 RE6 D 1 14.06 14.38 -15.68
O01 RE6 D 1 14.17 13.75 -22.50
N DAB D 2 16.21 14.65 -23.06
CA DAB D 2 15.71 15.31 -24.25
C DAB D 2 14.50 16.17 -23.87
O DAB D 2 14.55 16.84 -22.90
CB DAB D 2 15.31 14.27 -25.30
CG DAB D 2 16.44 13.27 -25.59
ND DAB D 2 16.05 12.36 -26.64
N THR D 3 13.29 16.16 -24.68
CA THR D 3 12.17 16.98 -24.29
C THR D 3 12.62 18.44 -24.21
N DAB D 4 13.63 18.92 -25.14
CA DAB D 4 14.10 20.29 -25.09
C DAB D 4 12.91 21.24 -25.12
O DAB D 4 12.04 21.05 -25.89
CB DAB D 4 15.02 20.57 -26.27
CG DAB D 4 16.18 19.59 -26.37
ND DAB D 4 17.01 19.70 -25.18
N DAB D 5 12.90 22.35 -24.17
CA DAB D 5 11.83 23.33 -24.06
C DAB D 5 10.50 22.89 -24.69
O DAB D 5 10.34 22.92 -25.86
CB DAB D 5 12.24 24.66 -24.69
CG DAB D 5 11.47 25.82 -24.05
ND DAB D 5 10.22 26.06 -24.76
N DAB D 6 9.45 22.43 -23.80
CA DAB D 6 8.16 22.01 -24.35
C DAB D 6 7.24 21.70 -23.17
O DAB D 6 6.10 22.00 -23.22
CB DAB D 6 8.31 20.78 -25.23
CG DAB D 6 9.10 19.65 -24.58
ND DAB D 6 8.36 18.41 -24.67
N DLE D 7 7.76 21.06 -21.98
CA DLE D 7 6.87 20.78 -20.87
CB DLE D 7 7.64 20.15 -19.71
CG DLE D 7 8.17 18.75 -20.04
CD1 DLE D 7 9.61 18.57 -19.56
CD2 DLE D 7 7.26 17.67 -19.44
C DLE D 7 5.79 19.83 -21.35
O DLE D 7 6.04 19.03 -22.18
N LEU D 8 4.45 19.91 -20.80
CA LEU D 8 3.42 19.00 -21.26
C LEU D 8 2.13 19.79 -21.51
N DAB D 9 2.06 20.76 -22.60
CA DAB D 9 3.18 20.99 -23.49
C DAB D 9 3.06 22.36 -24.15
O DAB D 9 2.00 22.70 -24.59
CB DAB D 9 3.19 19.93 -24.58
CG DAB D 9 4.50 19.89 -25.36
ND DAB D 9 4.29 20.22 -26.75
N DAB D 10 4.19 23.27 -24.26
CA DAB D 10 3.99 24.55 -24.92
C DAB D 10 5.28 25.26 -25.30
O DAB D 10 5.28 25.95 -26.25
CB DAB D 10 3.21 25.50 -24.02
CG DAB D 10 2.63 26.66 -24.83
ND DAB D 10 3.46 27.84 -24.68
N THR D 11 6.52 25.13 -24.54
CA THR D 11 7.68 25.87 -25.03
C THR D 11 8.95 25.57 -24.24
C1 PTY E . -38.33 -9.57 18.40
C2 PTY E . -43.78 -14.10 19.05
C3 PTY E . -43.99 -12.65 19.51
O4 PTY E . -37.23 -9.18 17.63
C5 PTY E . -39.49 -11.49 19.50
C6 PTY E . -38.24 -11.06 18.73
O7 PTY E . -37.10 -11.31 19.50
C8 PTY E . -36.62 -12.64 19.40
O10 PTY E . -37.39 -13.53 19.27
C11 PTY E . -35.11 -12.92 19.47
C12 PTY E . -34.38 -11.78 20.17
C13 PTY E . -32.88 -11.86 19.85
C14 PTY E . -32.08 -11.03 20.87
C15 PTY E . -30.68 -10.76 20.31
C16 PTY E . -30.00 -9.66 21.14
C17 PTY E . -28.82 -9.07 20.34
C18 PTY E . -28.48 -7.68 20.88
C19 PTY E . -27.04 -7.65 21.40
C20 PTY E . -26.55 -6.21 21.52
C21 PTY E . -25.03 -6.19 21.68
C22 PTY E . -24.49 -4.84 21.17
C23 PTY E . -22.98 -4.76 21.43
C24 PTY E . -22.35 -3.86 20.36
C30 PTY E . -37.05 -7.79 17.54
C31 PTY E . -35.84 -7.19 16.81
O30 PTY E . -37.86 -7.07 18.02
C32 PTY E . -34.54 -7.83 17.35
C33 PTY E . -33.43 -7.64 16.31
C34 PTY E . -32.07 -8.00 16.92
P1 PTY E . -42.05 -10.90 19.30
O11 PTY E . -43.28 -11.78 18.66
O12 PTY E . -42.25 -9.44 18.98
O13 PTY E . -42.02 -11.09 20.80
O14 PTY E . -40.61 -11.41 18.66
N1 PTY E . -44.00 -15.00 20.17
C1 PTY F . -42.06 3.75 -1.88
C2 PTY F . -46.95 5.98 -4.72
C3 PTY F . -46.85 5.44 -3.30
O4 PTY F . -41.61 4.42 -0.73
C5 PTY F . -42.75 5.77 -3.20
C6 PTY F . -41.77 4.60 -3.12
O7 PTY F . -41.91 3.80 -4.27
C8 PTY F . -41.26 4.33 -5.41
O10 PTY F . -41.42 5.45 -5.73
C11 PTY F . -40.34 3.42 -6.25
C12 PTY F . -38.87 3.82 -6.03
C13 PTY F . -38.21 2.82 -5.07
C14 PTY F . -38.07 1.46 -5.78
C15 PTY F . -36.59 1.04 -5.78
C16 PTY F . -36.48 -0.48 -5.65
C17 PTY F . -35.05 -0.88 -5.31
C18 PTY F . -35.05 -2.03 -4.30
C19 PTY F . -33.64 -2.29 -3.78
C20 PTY F . -33.17 -3.67 -4.23
C21 PTY F . -31.67 -3.81 -3.94
C22 PTY F . -31.32 -5.29 -3.71
C23 PTY F . -29.81 -5.47 -3.79
C24 PTY F . -29.36 -6.58 -2.85
C25 PTY F . -27.85 -6.80 -3.00
C26 PTY F . -27.33 -7.58 -1.80
C27 PTY F . -25.86 -7.27 -1.58
C28 PTY F . -25.43 -7.75 -0.19
C29 PTY F . -24.05 -7.18 0.15
C30 PTY F . -40.41 3.89 -0.20
C31 PTY F . -39.09 4.07 -0.96
O30 PTY F . -40.43 3.31 0.83
C32 PTY F . -38.00 3.22 -0.28
C33 PTY F . -36.68 3.34 -1.06
C34 PTY F . -35.63 2.44 -0.41
P1 PTY F . -44.83 5.53 -1.62
O11 PTY F . -45.53 5.05 -3.04
O12 PTY F . -44.80 4.36 -0.66
O13 PTY F . -45.62 6.65 -1.02
O14 PTY F . -43.28 6.03 -1.93
N1 PTY F . -48.34 6.24 -5.05
C8 PTY G . -40.44 0.26 2.27
C11 PTY G . -39.73 -0.45 1.11
C12 PTY G . -38.31 -0.81 1.53
C13 PTY G . -37.81 -1.96 0.67
C14 PTY G . -36.29 -2.08 0.76
C15 PTY G . -35.90 -3.50 0.35
C16 PTY G . -34.39 -3.64 0.20
C17 PTY G . -34.05 -5.11 0.37
C18 PTY G . -32.61 -5.42 -0.04
C19 PTY G . -32.17 -6.67 0.71
C1 PTY H . -41.29 -1.37 10.80
C2 PTY H . -45.68 -5.85 14.14
C3 PTY H . -46.19 -4.67 13.31
O4 PTY H . -40.21 -1.81 10.02
C5 PTY H . -42.86 -2.08 12.58
C6 PTY H . -42.01 -2.57 11.41
O7 PTY H . -41.12 -3.53 11.89
C8 PTY H . -41.08 -4.73 11.16
O10 PTY H . -40.28 -4.87 10.30
C11 PTY H . -42.06 -5.86 11.49
C12 PTY H . -41.62 -6.57 12.77
C13 PTY H . -40.62 -7.67 12.42
C14 PTY H . -39.69 -7.89 13.61
C15 PTY H . -38.58 -6.84 13.59
C16 PTY H . -37.41 -7.36 12.77
C17 PTY H . -36.33 -6.30 12.70
C18 PTY H . -34.96 -6.98 12.67
C19 PTY H . -33.88 -5.96 12.31
C20 PTY H . -32.51 -6.52 12.68
C21 PTY H . -31.43 -5.58 12.14
C30 PTY H . -38.97 -1.44 10.54
C31 PTY H . -37.73 -2.26 10.17
O30 PTY H . -38.87 -0.52 11.27
C32 PTY H . -36.55 -1.74 10.99
C33 PTY H . -35.35 -2.66 10.77
P1 PTY H . -45.46 -2.32 12.44
O11 PTY H . -45.12 -3.83 13.01
O12 PTY H . -46.23 -1.54 13.49
O13 PTY H . -46.30 -2.43 11.19
O14 PTY H . -44.05 -1.54 12.10
N1 PTY H . -46.80 -6.47 14.82
C1 PTY I . -18.61 -17.40 -16.98
C2 PTY I . -12.32 -19.50 -14.07
C3 PTY I . -13.57 -18.77 -14.55
O4 PTY I . -19.65 -17.30 -16.04
C5 PTY I . -17.12 -18.98 -18.22
C6 PTY I . -18.28 -18.87 -17.24
O7 PTY I . -19.40 -19.50 -17.79
C8 PTY I . -19.39 -20.91 -17.69
O10 PTY I . -18.41 -21.47 -17.35
C11 PTY I . -20.66 -21.71 -18.04
C12 PTY I . -21.76 -21.36 -17.02
C13 PTY I . -22.93 -22.33 -17.19
C14 PTY I . -24.00 -22.05 -16.11
C15 PTY I . -24.62 -23.37 -15.64
C16 PTY I . -25.09 -23.22 -14.20
C17 PTY I . -26.60 -22.92 -14.18
C18 PTY I . -27.35 -24.07 -14.87
C19 PTY I . -28.86 -23.83 -14.73
C20 PTY I . -29.27 -24.13 -13.29
C21 PTY I . -30.72 -23.69 -13.06
C22 PTY I . -31.27 -24.32 -11.78
C23 PTY I . -32.54 -23.60 -11.34
C30 PTY I . -20.94 -17.20 -16.60
C31 PTY I . -22.11 -16.68 -15.76
O30 PTY I . -21.13 -17.52 -17.73
C32 PTY I . -23.41 -17.37 -16.16
C33 PTY I . -24.54 -16.94 -15.22
C34 PTY I . -25.74 -17.87 -15.38
C35 PTY I . -26.21 -18.35 -14.00
C36 PTY I . -27.47 -19.19 -14.15
C37 PTY I . -28.45 -18.84 -13.04
C38 PTY I . -29.85 -18.70 -13.60
C39 PTY I . -30.87 -18.87 -12.48
C40 PTY I . -32.16 -18.15 -12.84
C41 PTY I . -33.17 -18.35 -11.71
C42 PTY I . -34.46 -17.59 -12.02
C43 PTY I . -35.42 -17.75 -10.84
C44 PTY I . -36.69 -16.96 -11.12
P1 PTY I . -15.49 -19.50 -16.21
O11 PTY I . -13.91 -19.21 -15.84
O12 PTY I . -15.70 -20.98 -16.40
O13 PTY I . -16.37 -19.01 -15.06
O14 PTY I . -15.90 -18.69 -17.58
N1 PTY I . -11.72 -18.76 -12.96
C1 PTY J . -33.41 -21.04 38.37
C2 PTY J . -38.90 -16.81 34.87
C3 PTY J . -38.81 -18.33 35.00
O4 PTY J . -32.21 -21.68 38.73
C5 PTY J . -35.13 -21.60 36.66
C6 PTY J . -33.67 -21.22 36.87
O7 PTY J . -32.85 -22.25 36.40
C8 PTY J . -32.38 -22.07 35.08
O10 PTY J . -33.04 -22.40 34.17
C11 PTY J . -30.98 -21.45 34.83
C12 PTY J . -30.27 -22.28 33.75
C13 PTY J . -28.94 -21.62 33.38
C14 PTY J . -28.32 -22.36 32.19
C15 PTY J . -26.92 -21.81 31.91
C16 PTY J . -26.19 -22.76 30.94
C17 PTY J . -26.63 -22.47 29.51
C18 PTY J . -26.19 -23.61 28.58
C19 PTY J . -24.67 -23.78 28.68
C20 PTY J . -24.28 -25.13 28.08
C21 PTY J . -22.74 -25.25 28.02
C22 PTY J . -22.36 -26.73 27.92
C23 PTY J . -20.97 -26.84 27.28
C30 PTY J . -32.19 -22.20 40.03
C31 PTY J . -32.07 -21.24 41.23
O30 PTY J . -32.27 -23.36 40.22
C32 PTY J . -31.48 -19.90 40.76
C33 PTY J . -29.96 -20.01 40.65
C34 PTY J . -29.57 -20.57 39.28
C35 PTY J . -28.65 -19.59 38.57
C36 PTY J . -28.29 -20.15 37.19
C37 PTY J . -26.94 -19.60 36.76
C38 PTY J . -26.15 -20.70 36.06
C39 PTY J . -25.21 -20.07 35.04
C40 PTY J . -23.90 -20.83 35.03
C41 PTY J . -24.16 -22.28 34.67
P1 PTY J . -37.21 -20.26 35.80
O11 PTY J . -37.66 -18.67 35.76
O12 PTY J . -36.80 -20.68 34.41
O13 PTY J . -38.38 -21.09 36.25
O14 PTY J . -35.94 -20.48 36.83
N1 PTY J . -39.92 -16.48 33.89
C1 PTY K . -32.73 -12.71 37.18
C2 PTY K . -38.49 -13.84 39.27
C3 PTY K . -38.14 -14.47 40.62
O4 PTY K . -31.36 -12.85 37.46
C5 PTY K . -34.32 -13.64 38.85
C6 PTY K . -33.45 -13.97 37.64
O7 PTY K . -32.52 -14.95 37.98
C8 PTY K . -32.94 -16.28 37.73
O10 PTY K . -34.09 -16.51 37.55
C11 PTY K . -31.92 -17.42 37.71
C12 PTY K . -31.57 -17.76 36.26
C13 PTY K . -30.38 -16.89 35.79
C14 PTY K . -29.87 -17.45 34.46
C15 PTY K . -28.80 -16.50 33.87
C16 PTY K . -28.08 -17.21 32.74
C17 PTY K . -26.93 -16.33 32.22
C18 PTY K . -25.76 -17.21 31.79
C19 PTY K . -24.46 -16.41 31.84
C20 PTY K . -23.38 -17.21 32.57
C21 PTY K . -23.01 -18.44 31.73
C22 PTY K . -22.81 -18.02 30.27
C23 PTY K . -21.69 -16.97 30.18
C30 PTY K . -30.53 -12.67 36.33
C31 PTY K . -29.01 -12.84 36.45
O30 PTY K . -31.00 -12.38 35.29
C32 PTY K . -28.29 -11.99 35.40
C33 PTY K . -26.82 -12.42 35.33
C34 PTY K . -25.96 -11.24 34.87
C35 PTY K . -24.49 -11.59 35.08
C36 PTY K . -24.12 -12.78 34.19
C37 PTY K . -23.31 -12.27 33.01
C38 PTY K . -22.22 -13.29 32.68
C39 PTY K . -21.95 -13.28 31.19
C40 PTY K . -20.57 -13.89 30.92
C41 PTY K . -20.34 -13.96 29.41
P1 PTY K . -35.72 -15.41 40.18
O11 PTY K . -37.36 -15.62 40.41
O12 PTY K . -35.11 -14.78 41.41
O13 PTY K . -35.09 -16.76 39.93
O14 PTY K . -35.47 -14.43 38.87
N1 PTY K . -39.53 -12.84 39.46
C1 PTY L . -40.04 7.41 7.73
C2 PTY L . -41.20 7.85 2.93
C3 PTY L . -41.62 6.77 3.92
O4 PTY L . -39.40 8.32 6.88
C5 PTY L . -42.48 7.87 7.88
C6 PTY L . -41.12 8.13 8.53
O7 PTY L . -40.87 9.50 8.53
C8 PTY L . -40.98 10.11 9.80
O10 PTY L . -42.03 10.14 10.35
C11 PTY L . -39.75 10.74 10.46
C12 PTY L . -38.71 11.12 9.40
C13 PTY L . -37.42 11.58 10.09
C14 PTY L . -36.46 12.18 9.05
C15 PTY L . -35.07 12.36 9.67
C16 PTY L . -34.11 12.87 8.59
C17 PTY L . -32.68 12.92 9.16
C18 PTY L . -31.70 13.25 8.03
C19 PTY L . -30.30 13.45 8.61
C20 PTY L . -29.28 13.41 7.47
C30 PTY L . -38.18 7.83 6.35
C31 PTY L . -36.89 7.91 7.18
O30 PTY L . -38.16 7.37 5.27
C32 PTY L . -35.70 8.17 6.25
C33 PTY L . -34.40 7.90 7.01
C34 PTY L . -33.22 8.47 6.23
C35 PTY L . -33.71 9.55 5.26
C36 PTY L . -32.50 10.23 4.61
C37 PTY L . -32.50 9.94 3.11
C38 PTY L . -31.42 8.92 2.79
P1 PTY L . -43.59 7.38 5.55
O11 PTY L . -43.01 6.83 4.10
O12 PTY L . -44.33 6.28 6.26
O13 PTY L . -44.54 8.53 5.31
O14 PTY L . -42.33 7.90 6.49
N1 PTY L . -39.75 8.05 3.00
C1 PTY M . -38.75 11.69 16.90
C2 PTY M . -44.11 11.65 14.45
C3 PTY M . -44.33 12.41 15.76
O4 PTY M . -39.51 11.53 15.73
C5 PTY M . -40.08 13.79 16.89
C6 PTY M . -38.73 13.17 17.28
O7 PTY M . -37.71 13.81 16.58
C8 PTY M . -36.86 14.59 17.38
O10 PTY M . -36.99 14.60 18.55
C11 PTY M . -35.74 15.44 16.73
C12 PTY M . -34.38 14.81 17.02
C13 PTY M . -33.26 15.79 16.63
C14 PTY M . -31.91 15.06 16.68
C15 PTY M . -30.78 16.08 16.84
C16 PTY M . -29.86 16.05 15.62
C17 PTY M . -30.15 17.26 14.72
C18 PTY M . -28.89 17.63 13.94
C19 PTY M . -28.83 16.82 12.64
C30 PTY M . -39.10 10.45 14.92
C31 PTY M . -38.00 10.65 13.87
O30 PTY M . -39.62 9.38 15.04
C32 PTY M . -36.71 11.08 14.57
C33 PTY M . -35.61 11.27 13.53
C34 PTY M . -34.50 12.14 14.13
C35 PTY M . -33.14 11.49 13.90
C36 PTY M . -32.05 12.41 14.44
C37 PTY M . -30.90 12.48 13.44
C38 PTY M . -29.67 11.85 14.04
C39 PTY M . -28.45 12.16 13.18
C40 PTY M . -27.23 12.28 14.08
P1 PTY M . -42.26 12.39 17.38
O11 PTY M . -43.14 13.04 16.14
O12 PTY M . -41.66 11.07 16.93
O13 PTY M . -43.17 12.14 18.56
O14 PTY M . -41.06 13.45 17.82
N1 PTY M . -45.28 10.84 14.15
C1 PTY N . -48.21 -8.72 -18.21
C2 PTY N . -51.17 -5.05 -13.58
C3 PTY N . -52.05 -4.62 -14.76
O4 PTY N . -46.89 -8.93 -17.77
C5 PTY N . -49.76 -6.89 -18.85
C6 PTY N . -48.31 -7.33 -18.83
O7 PTY N . -47.81 -7.36 -20.13
C8 PTY N . -46.88 -6.34 -20.43
O10 PTY N . -47.13 -5.54 -21.27
C11 PTY N . -45.54 -6.25 -19.66
C12 PTY N . -44.49 -5.62 -20.59
C13 PTY N . -43.10 -6.18 -20.24
C14 PTY N . -42.19 -6.03 -21.47
C15 PTY N . -41.09 -4.99 -21.16
C16 PTY N . -39.92 -5.69 -20.46
C17 PTY N . -38.86 -4.65 -20.09
C18 PTY N . -38.87 -3.53 -21.13
C19 PTY N . -37.67 -2.60 -20.88
C20 PTY N . -37.43 -1.72 -22.11
C21 PTY N . -36.84 -2.58 -23.23
C30 PTY N . -46.77 -9.87 -16.71
C31 PTY N . -45.38 -10.24 -16.20
O30 PTY N . -47.73 -10.36 -16.25
C32 PTY N . -44.33 -9.46 -16.99
C33 PTY N . -42.95 -9.72 -16.39
C34 PTY N . -41.95 -8.69 -16.92
C35 PTY N . -40.92 -8.38 -15.83
C36 PTY N . -39.73 -7.65 -16.46
C37 PTY N . -38.44 -8.33 -16.01
C38 PTY N . -37.46 -8.37 -17.18
C39 PTY N . -36.10 -8.79 -16.66
P1 PTY N . -51.27 -5.92 -16.90
O11 PTY N . -51.27 -4.60 -15.93
O12 PTY N . -52.53 -5.92 -17.76
O13 PTY N . -51.24 -7.18 -16.07
O14 PTY N . -49.94 -5.87 -17.89
N1 PTY N . -51.84 -4.69 -12.34
C1 PTY O . -47.37 -12.95 -11.55
C2 PTY O . -51.61 -11.13 -18.16
C3 PTY O . -50.91 -11.79 -16.98
O4 PTY O . -46.03 -13.23 -11.82
C5 PTY O . -48.94 -12.05 -13.28
C6 PTY O . -48.19 -13.30 -12.80
O7 PTY O . -49.10 -14.32 -12.51
C8 PTY O . -49.02 -15.40 -13.40
O10 PTY O . -49.99 -16.02 -13.68
C11 PTY O . -47.66 -15.79 -14.00
C12 PTY O . -47.76 -15.94 -15.51
C13 PTY O . -46.36 -15.70 -16.08
C14 PTY O . -46.14 -14.20 -16.28
C15 PTY O . -44.68 -13.86 -16.03
C16 PTY O . -43.78 -14.95 -16.60
C17 PTY O . -42.32 -14.58 -16.32
C18 PTY O . -41.79 -13.67 -17.42
C19 PTY O . -40.68 -12.80 -16.84
C20 PTY O . -39.90 -12.11 -17.94
C21 PTY O . -38.75 -13.01 -18.39
C30 PTY O . -45.26 -12.10 -12.06
C31 PTY O . -43.76 -12.23 -12.33
O30 PTY O . -45.75 -11.02 -12.05
C32 PTY O . -43.26 -10.86 -12.76
C33 PTY O . -41.74 -10.81 -12.76
C34 PTY O . -41.19 -12.18 -13.16
C35 PTY O . -39.67 -12.06 -13.25
C36 PTY O . -39.01 -13.43 -13.13
C37 PTY O . -37.51 -13.21 -13.02
C38 PTY O . -36.95 -12.89 -14.39
C39 PTY O . -35.43 -12.92 -14.36
C40 PTY O . -34.91 -11.56 -13.91
C41 PTY O . -33.41 -11.47 -14.22
C42 PTY O . -32.98 -10.01 -14.19
C43 PTY O . -31.61 -9.90 -14.85
C44 PTY O . -31.38 -8.46 -15.32
P1 PTY O . -51.28 -12.12 -14.41
O11 PTY O . -51.83 -12.04 -15.95
O12 PTY O . -51.57 -10.82 -13.68
O13 PTY O . -51.97 -13.26 -13.68
O14 PTY O . -49.66 -12.36 -14.43
N1 PTY O . -50.71 -11.08 -19.29
C1 PTY P . -39.12 6.96 12.02
C2 PTY P . -43.65 8.31 12.56
C3 PTY P . -43.32 8.38 14.04
O4 PTY P . -37.94 6.26 12.34
C5 PTY P . -41.24 5.67 11.85
C6 PTY P . -39.99 6.12 11.10
O7 PTY P . -39.28 4.98 10.67
C8 PTY P . -39.92 4.26 9.64
O10 PTY P . -40.72 4.80 8.95
C11 PTY P . -39.60 2.77 9.42
C12 PTY P . -38.97 2.58 8.04
C30 PTY P . -36.77 6.86 11.83
C31 PTY P . -35.50 6.88 12.68
O30 PTY P . -36.77 7.33 10.75
C32 PTY P . -34.26 6.86 11.78
C33 PTY P . -34.01 8.26 11.20
C34 PTY P . -32.76 8.24 10.32
C35 PTY P . -31.62 8.96 11.04
C36 PTY P . -30.34 8.84 10.22
P1 PTY P . -42.42 5.91 14.19
O11 PTY P . -43.46 7.11 14.63
O12 PTY P . -43.20 4.73 13.67
O13 PTY P . -41.60 5.49 15.38
O14 PTY P . -41.41 6.46 12.98
N1 PTY P . -43.63 9.64 11.98
C1 PTY Q . -13.67 22.64 11.00
C2 PTY Q . -20.70 18.78 8.76
C3 PTY Q . -20.04 19.76 9.72
O4 PTY Q . -13.52 22.19 12.32
C5 PTY Q . -15.74 21.27 11.06
C6 PTY Q . -15.14 22.61 10.60
O7 PTY Q . -15.26 22.72 9.21
C8 PTY Q . -15.13 24.03 8.71
O10 PTY Q . -14.10 24.38 8.22
C11 PTY Q . -16.31 25.01 8.78
C12 PTY Q . -15.84 26.40 8.35
C13 PTY Q . -16.93 27.43 8.66
C14 PTY Q . -18.23 27.01 7.94
C15 PTY Q . -18.98 28.26 7.45
C16 PTY Q . -20.01 28.68 8.50
C17 PTY Q . -21.36 28.92 7.81
C18 PTY Q . -22.50 28.66 8.81
C19 PTY Q . -23.79 28.36 8.04
C20 PTY Q . -24.60 29.64 7.86
C21 PTY Q . -26.02 29.29 7.39
C22 PTY Q . -26.93 30.51 7.51
C23 PTY Q . -28.33 30.14 7.03
C24 PTY Q . -29.32 31.21 7.46
C25 PTY Q . -29.57 31.11 8.97
C26 PTY Q . -30.87 30.37 9.25
C27 PTY Q . -32.05 31.32 9.10
C28 PTY Q . -33.12 30.96 10.14
C29 PTY Q . -34.37 31.81 9.90
C30 PTY Q . -12.41 21.34 12.52
C31 PTY Q . -11.04 21.70 11.93
O30 PTY Q . -12.54 20.36 13.16
C32 PTY Q . -10.39 22.82 12.74
C33 PTY Q . -10.89 24.18 12.25
C34 PTY Q . -12.09 24.62 13.08
C35 PTY Q . -12.07 26.14 13.24
C36 PTY Q . -13.28 26.74 12.52
C37 PTY Q . -14.07 27.62 13.49
C38 PTY Q . -15.43 26.98 13.76
C39 PTY Q . -16.34 28.00 14.42
C40 PTY Q . -17.79 27.70 14.03
C41 PTY Q . -17.94 27.71 12.53
C42 PTY Q . -19.24 27.02 12.12
C43 PTY Q . -19.15 25.53 12.44
C44 PTY Q . -20.50 24.87 12.18
P1 PTY Q . -17.51 20.35 9.32
O11 PTY Q . -19.11 20.55 9.01
O12 PTY Q . -17.21 18.88 9.52
O13 PTY Q . -16.71 20.86 8.15
O14 PTY Q . -17.09 21.21 10.68
N1 PTY Q . -21.48 17.82 9.51
C1 PTY R . -10.68 30.03 -1.50
C2 PTY R . -5.25 28.58 2.18
C3 PTY R . -6.50 27.73 2.37
O4 PTY R . -12.04 30.38 -1.49
C5 PTY R . -9.11 28.17 -2.08
C6 PTY R . -10.50 28.77 -2.34
O7 PTY R . -10.64 29.08 -3.69
C8 PTY R . -10.88 27.98 -4.52
O10 PTY R . -10.79 26.88 -4.08
C11 PTY R . -11.27 28.19 -6.00
C12 PTY R . -12.53 27.40 -6.32
C13 PTY R . -13.77 28.22 -5.92
C14 PTY R . -15.04 27.41 -6.24
C15 PTY R . -16.24 28.35 -6.35
C16 PTY R . -17.43 27.59 -6.93
C17 PTY R . -18.63 28.52 -7.05
C18 PTY R . -19.45 28.48 -5.75
C19 PTY R . -20.92 28.75 -6.06
C20 PTY R . -21.82 27.99 -5.08
C30 PTY R . -12.61 30.42 -0.21
C31 PTY R . -14.08 30.84 -0.03
O30 PTY R . -11.97 30.12 0.73
C32 PTY R . -14.98 29.61 -0.15
C33 PTY R . -16.36 29.92 0.45
C34 PTY R . -17.44 29.53 -0.54
C35 PTY R . -18.32 30.74 -0.84
C36 PTY R . -19.41 30.34 -1.84
C37 PTY R . -20.74 30.23 -1.11
C38 PTY R . -21.85 30.76 -2.00
P1 PTY R . -7.46 27.83 -0.08
O11 PTY R . -7.52 28.20 1.53
O12 PTY R . -7.73 26.36 -0.27
O13 PTY R . -6.08 28.15 -0.63
O14 PTY R . -8.59 28.71 -0.90
N1 PTY R . -4.28 28.27 3.22
C1 PTY S . -17.67 4.41 -5.16
C2 PTY S . -14.45 6.13 -0.70
C3 PTY S . -13.46 5.00 -1.01
O4 PTY S . -18.60 5.17 -5.89
C5 PTY S . -17.24 3.34 -2.95
C6 PTY S . -18.09 4.38 -3.68
O7 PTY S . -19.44 4.04 -3.59
C8 PTY S . -20.25 5.02 -2.98
O10 PTY S . -21.03 5.63 -3.64
C11 PTY S . -20.13 5.30 -1.47
C12 PTY S . -21.25 6.25 -1.03
C13 PTY S . -20.94 6.79 0.37
C14 PTY S . -21.99 7.83 0.77
C15 PTY S . -21.37 8.87 1.70
C16 PTY S . -22.21 10.15 1.66
C17 PTY S . -21.42 11.30 2.31
C18 PTY S . -21.77 12.61 1.61
C19 PTY S . -21.03 13.78 2.27
C20 PTY S . -21.96 14.98 2.38
C21 PTY S . -22.77 14.90 3.67
C22 PTY S . -23.20 16.30 4.10
C23 PTY S . -24.10 16.21 5.34
C30 PTY S . -18.98 4.59 -7.11
C31 PTY S . -20.37 4.91 -7.72
O30 PTY S . -18.25 3.86 -7.67
C32 PTY S . -21.26 5.53 -6.64
C33 PTY S . -22.54 6.05 -7.29
C34 PTY S . -22.87 7.45 -6.74
C35 PTY S . -24.33 7.50 -6.30
C36 PTY S . -24.72 8.96 -6.04
C37 PTY S . -25.63 9.02 -4.81
C38 PTY S . -25.64 10.44 -4.27
C39 PTY S . -24.52 10.61 -3.24
C40 PTY S . -25.11 10.72 -1.85
C41 PTY S . -26.08 11.91 -1.80
C42 PTY S . -26.97 11.78 -0.58
C43 PTY S . -28.09 12.81 -0.64
C44 PTY S . -29.12 12.54 0.45
P1 PTY S . -14.86 2.94 -1.90
O11 PTY S . -14.06 3.76 -0.70
O12 PTY S . -13.88 2.56 -2.98
O13 PTY S . -15.49 1.70 -1.32
O14 PTY S . -16.04 3.92 -2.54
N1 PTY S . -13.70 7.36 -0.48
C1 PTY T . -37.83 4.24 19.76
C2 PTY T . -38.31 9.35 23.99
C3 PTY T . -39.53 8.50 24.32
O4 PTY T . -38.60 3.08 19.95
C5 PTY T . -39.08 5.23 21.66
C6 PTY T . -37.69 5.05 21.04
O7 PTY T . -37.10 6.27 20.71
C8 PTY T . -35.96 6.57 21.46
O10 PTY T . -36.06 6.98 22.57
C11 PTY T . -34.57 6.37 20.88
C12 PTY T . -33.77 5.53 21.88
C13 PTY T . -32.29 5.50 21.49
C14 PTY T . -31.49 5.10 22.72
C15 PTY T . -30.00 5.18 22.42
C16 PTY T . -29.71 6.52 21.75
C17 PTY T . -28.21 6.64 21.52
C18 PTY T . -27.96 7.63 20.38
C19 PTY T . -26.46 7.89 20.24
C20 PTY T . -26.21 8.72 18.98
C21 PTY T . -24.74 9.10 18.92
C22 PTY T . -24.55 10.19 17.87
C23 PTY T . -23.07 10.55 17.79
C24 PTY T . -22.91 11.91 17.13
C25 PTY T . -23.24 11.82 15.64
C26 PTY T . -22.87 13.14 14.98
C27 PTY T . -23.09 13.06 13.47
C28 PTY T . -22.57 14.35 12.83
C29 PTY T . -21.16 14.64 13.34
C30 PTY T . -39.01 2.49 18.76
C31 PTY T . -38.94 0.98 18.57
O30 PTY T . -39.41 3.17 17.88
C32 PTY T . -37.51 0.56 18.22
C33 PTY T . -36.67 0.53 19.49
C34 PTY T . -35.18 0.55 19.13
C35 PTY T . -34.84 1.94 18.61
C36 PTY T . -33.43 2.36 19.05
C37 PTY T . -32.37 1.68 18.17
C38 PTY T . -31.52 0.74 19.00
C39 PTY T . -31.05 1.46 20.27
P1 PTY T . -39.02 5.95 24.23
O11 PTY T . -39.15 7.37 25.04
O12 PTY T . -37.72 5.28 24.60
O13 PTY T . -40.18 5.06 24.61
O14 PTY T . -39.07 6.26 22.61
N1 PTY T . -38.71 10.71 23.73
C1 PTY U . -36.00 34.99 16.13
C2 PTY U . -40.08 30.79 20.83
C3 PTY U . -39.17 32.02 20.99
O4 PTY U . -34.91 35.19 15.27
C5 PTY U . -36.62 34.61 18.53
C6 PTY U . -35.48 34.59 17.51
O7 PTY U . -34.50 35.51 17.91
C8 PTY U . -33.38 34.92 18.52
O10 PTY U . -33.25 34.97 19.70
C11 PTY U . -32.31 34.20 17.67
C12 PTY U . -30.95 34.29 18.37
C13 PTY U . -29.91 33.50 17.57
C14 PTY U . -28.58 33.43 18.34
C15 PTY U . -27.47 32.98 17.40
C16 PTY U . -26.10 33.17 18.07
C17 PTY U . -25.27 31.89 17.92
C18 PTY U . -24.81 31.41 19.30
C19 PTY U . -23.84 30.24 19.14
C20 PTY U . -22.97 30.13 20.38
C21 PTY U . -21.94 31.27 20.39
C22 PTY U . -20.55 30.72 20.04
C23 PTY U . -19.54 31.87 19.98
C30 PTY U . -34.95 34.46 14.07
C31 PTY U . -33.65 34.17 13.31
O30 PTY U . -35.99 34.06 13.66
C32 PTY U . -32.72 33.31 14.17
C33 PTY U . -31.41 33.09 13.42
C34 PTY U . -30.50 32.17 14.24
C35 PTY U . -29.73 31.25 13.27
C36 PTY U . -28.68 30.47 14.05
C37 PTY U . -27.54 30.09 13.12
C38 PTY U . -26.23 30.00 13.90
C39 PTY U . -25.26 29.09 13.18
C40 PTY U . -23.87 29.71 13.17
C41 PTY U . -22.93 28.83 12.37
P1 PTY U . -38.31 32.59 18.58
O11 PTY U . -39.31 32.85 19.87
O12 PTY U . -39.06 31.84 17.51
O13 PTY U . -37.13 31.77 19.02
O14 PTY U . -37.79 34.05 17.97
N1 PTY U . -39.70 29.77 21.80
C1 PTY V . -30.80 -11.83 43.86
C2 PTY V . -32.42 -10.71 50.26
C3 PTY V . -32.25 -11.31 48.86
O4 PTY V . -29.80 -11.02 44.42
C5 PTY V . -29.85 -13.20 45.73
C6 PTY V . -30.74 -13.24 44.49
O7 PTY V . -30.20 -14.15 43.56
C8 PTY V . -31.10 -14.52 42.52
O10 PTY V . -32.12 -13.94 42.39
C11 PTY V . -30.73 -15.69 41.59
C12 PTY V . -30.14 -15.14 40.28
C13 PTY V . -28.61 -15.29 40.32
C14 PTY V . -28.00 -14.77 39.00
C15 PTY V . -26.81 -15.65 38.59
C16 PTY V . -26.39 -15.29 37.17
C17 PTY V . -25.69 -16.50 36.53
C18 PTY V . -24.30 -16.09 36.01
C19 PTY V . -23.26 -16.32 37.11
C20 PTY V . -21.90 -16.56 36.47
C30 PTY V . -30.07 -9.64 44.29
C31 PTY V . -30.06 -8.98 42.90
O30 PTY V . -30.30 -8.99 45.25
C32 PTY V . -29.12 -9.75 41.98
C33 PTY V . -29.23 -9.20 40.56
C34 PTY V . -28.41 -10.08 39.61
C35 PTY V . -27.08 -9.38 39.28
P1 PTY V . -30.90 -13.45 48.12
O11 PTY V . -32.11 -12.70 48.97
O12 PTY V . -31.37 -14.82 47.69
O13 PTY V . -29.69 -13.58 49.00
O14 PTY V . -30.53 -12.56 46.78
N1 PTY V . -32.15 -9.28 50.22
C1 PTY W . -6.32 -9.84 33.66
C2 PTY W . -4.41 -7.04 26.47
C3 PTY W . -5.21 -7.76 27.55
O4 PTY W . -6.15 -8.46 33.94
C5 PTY W . -5.74 -9.02 31.39
C6 PTY W . -6.59 -10.01 32.17
O7 PTY W . -7.95 -9.76 31.92
C8 PTY W . -8.51 -10.61 30.94
O10 PTY W . -7.80 -11.13 30.14
C11 PTY W . -10.02 -10.88 30.92
C12 PTY W . -10.65 -10.45 32.25
C13 PTY W . -11.52 -9.22 32.05
C14 PTY W . -12.11 -8.77 33.40
C15 PTY W . -13.45 -8.05 33.17
C16 PTY W . -14.19 -7.90 34.50
C17 PTY W . -15.65 -7.54 34.23
C18 PTY W . -16.54 -8.09 35.35
C19 PTY W . -17.94 -8.37 34.80
C20 PTY W . -18.97 -8.24 35.92
C30 PTY W . -6.37 -8.11 35.29
C31 PTY W . -7.80 -7.78 35.77
O30 PTY W . -5.47 -8.07 36.05
C32 PTY W . -7.74 -6.56 36.69
C33 PTY W . -9.17 -6.01 36.90
C34 PTY W . -9.76 -6.63 38.15
C35 PTY W . -10.62 -5.61 38.88
C36 PTY W . -11.87 -5.31 38.05
C37 PTY W . -12.42 -3.94 38.44
C38 PTY W . -13.60 -4.13 39.38
P1 PTY W . -4.94 -9.91 29.04
O11 PTY W . -4.82 -9.10 27.61
O12 PTY W . -3.59 -9.97 29.72
O13 PTY W . -5.44 -11.32 28.79
O14 PTY W . -6.03 -9.12 30.02
N1 PTY W . -5.06 -5.78 26.13
C1 PTY X . -39.27 6.85 17.31
O4 PTY X . -37.97 7.40 17.21
C5 PTY X . -41.42 7.10 18.55
C6 PTY X . -39.92 7.36 18.59
O7 PTY X . -39.68 8.74 18.72
C8 PTY X . -39.09 9.11 19.94
O10 PTY X . -39.11 8.36 20.86
C11 PTY X . -38.41 10.48 20.07
C12 PTY X . -36.91 10.35 19.77
C13 PTY X . -36.37 11.69 19.29
C14 PTY X . -34.92 11.51 18.80
C15 PTY X . -34.20 10.52 19.72
C16 PTY X . -33.22 9.68 18.89
C17 PTY X . -31.92 10.46 18.65
C18 PTY X . -31.79 11.58 19.69
C19 PTY X . -30.42 12.27 19.52
C20 PTY X . -29.44 11.70 20.55
C21 PTY X . -28.01 11.99 20.12
C22 PTY X . -27.94 13.31 19.35
C23 PTY X . -26.48 13.76 19.25
C24 PTY X . -26.29 14.65 18.03
C25 PTY X . -24.86 15.19 18.02
C26 PTY X . -24.63 16.06 16.79
C27 PTY X . -23.31 16.79 16.92
C28 PTY X . -23.15 17.78 15.77
C29 PTY X . -21.83 18.54 15.91
C30 PTY X . -36.98 6.44 16.91
C31 PTY X . -35.50 6.85 16.90
O30 PTY X . -37.28 5.32 16.68
C32 PTY X . -34.78 6.13 15.75
C33 PTY X . -33.38 6.73 15.57
C1 PTY Y . -40.23 -4.04 15.46
C2 PTY Y . -45.77 -3.17 17.41
C3 PTY Y . -44.75 -3.33 18.54
O4 PTY Y . -38.88 -3.74 15.51
C5 PTY Y . -41.76 -5.60 16.67
C6 PTY Y . -40.67 -4.53 16.83
O7 PTY Y . -41.14 -3.45 17.58
C8 PTY Y . -40.61 -3.37 18.88
O10 PTY Y . -41.16 -2.71 19.70
C11 PTY Y . -39.34 -4.12 19.24
C12 PTY Y . -38.19 -3.16 19.54
C13 PTY Y . -37.06 -3.99 20.16
C14 PTY Y . -35.72 -3.28 20.03
C15 PTY Y . -34.64 -4.27 20.48
C16 PTY Y . -33.25 -3.75 20.10
C17 PTY Y . -32.26 -4.90 20.30
C18 PTY Y . -30.89 -4.51 19.75
C19 PTY Y . -30.43 -3.21 20.41
C20 PTY Y . -28.93 -3.07 20.21
C21 PTY Y . -28.45 -1.81 20.93
C30 PTY Y . -38.48 -2.70 14.66
C31 PTY Y . -37.09 -2.10 14.80
O30 PTY Y . -39.22 -2.30 13.83
C32 PTY Y . -36.09 -3.23 15.07
C33 PTY Y . -34.69 -2.63 15.25
C34 PTY Y . -33.80 -3.68 15.93
P1 PTY Y . -43.72 -5.73 18.43
O11 PTY Y . -44.80 -4.65 19.03
O12 PTY Y . -42.67 -6.04 19.47
O13 PTY Y . -44.44 -6.99 18.04
O14 PTY Y . -42.99 -5.08 17.09
N1 PTY Y . -45.10 -2.58 16.25
O7 PTY Z . -43.03 2.04 14.81
C8 PTY Z . -42.10 1.94 13.75
O10 PTY Z . -42.36 2.39 12.68
C11 PTY Z . -40.75 1.23 13.98
C12 PTY Z . -39.63 2.27 14.05
C13 PTY Z . -38.27 1.55 14.01
C14 PTY Z . -37.14 2.58 14.19
O7 PTY AA . -0.73 -5.67 33.14
C8 PTY AA . -1.16 -6.37 31.98
O10 PTY AA . -0.37 -6.76 31.20
C11 PTY AA . -2.66 -6.64 31.76
C12 PTY AA . -3.49 -5.53 32.42
C13 PTY AA . -4.95 -5.66 31.97
C14 PTY AA . -5.72 -4.38 32.39
C15 PTY AA . -7.23 -4.67 32.38
C16 PTY AA . -7.93 -3.69 33.34
C17 PTY AA . -9.37 -3.46 32.90
C18 PTY AA . -10.23 -3.12 34.13
C19 PTY AA . -11.59 -2.59 33.67
C20 PTY AA . -12.65 -2.88 34.74
C21 PTY AA . -13.98 -2.24 34.33
C22 PTY AA . -15.14 -3.04 34.90
#